data_7PBH
#
_entry.id   7PBH
#
_entity_poly.entity_id   1
_entity_poly.type   'polypeptide(L)'
_entity_poly.pdbx_seq_one_letter_code
;GMAGYNLGTEWISLRSKLEMSDPVMEAYTQAYEASNQMVQAFGVIKADGSVLWQSNNWDLSADAQQLISAVNNQSASVKQ
NDVKYSTIRTSPESLVARNVQGNGTLILARIEDDKWVVAWASADAAPDSVYVDIDRAAKALKGKI
;
_entity_poly.pdbx_strand_id   A
#
# COMPACT_ATOMS: atom_id res chain seq x y z
N GLY A 1 -19.49 -24.30 27.73
CA GLY A 1 -19.55 -23.38 26.62
C GLY A 1 -20.96 -22.89 26.33
N MET A 2 -21.65 -23.58 25.42
CA MET A 2 -23.01 -23.22 25.07
C MET A 2 -23.09 -21.77 24.60
N ALA A 3 -22.06 -21.33 23.89
CA ALA A 3 -22.01 -19.96 23.38
C ALA A 3 -23.12 -19.72 22.37
N GLY A 4 -23.14 -18.51 21.81
CA GLY A 4 -24.15 -18.16 20.83
C GLY A 4 -23.56 -17.61 19.55
N TYR A 5 -23.87 -18.27 18.43
CA TYR A 5 -23.36 -17.84 17.14
C TYR A 5 -23.63 -16.35 16.91
N ASN A 6 -22.72 -15.70 16.17
CA ASN A 6 -22.85 -14.29 15.88
C ASN A 6 -22.91 -14.04 14.37
N LEU A 7 -22.80 -12.78 13.98
CA LEU A 7 -22.84 -12.41 12.57
C LEU A 7 -21.71 -13.11 11.80
N GLY A 8 -21.56 -12.75 10.53
CA GLY A 8 -20.52 -13.35 9.71
C GLY A 8 -21.01 -13.69 8.31
N THR A 9 -22.28 -14.06 8.21
CA THR A 9 -22.86 -14.42 6.92
C THR A 9 -23.17 -13.17 6.09
N GLU A 10 -22.37 -12.96 5.06
CA GLU A 10 -22.55 -11.80 4.18
C GLU A 10 -22.66 -10.52 4.99
N TRP A 11 -21.77 -10.37 5.97
CA TRP A 11 -21.77 -9.18 6.82
C TRP A 11 -20.39 -8.53 6.84
N ILE A 12 -19.35 -9.36 6.86
CA ILE A 12 -17.98 -8.86 6.88
C ILE A 12 -17.71 -8.04 8.13
N SER A 13 -18.34 -8.43 9.23
CA SER A 13 -18.17 -7.74 10.51
C SER A 13 -16.92 -8.22 11.22
N LEU A 14 -16.52 -9.46 10.95
CA LEU A 14 -15.33 -10.04 11.57
C LEU A 14 -14.19 -10.14 10.56
N ARG A 15 -13.89 -9.03 9.90
CA ARG A 15 -12.82 -9.00 8.91
C ARG A 15 -11.58 -9.73 9.43
N SER A 16 -11.33 -10.91 8.87
CA SER A 16 -10.18 -11.72 9.28
C SER A 16 -8.87 -11.00 8.94
N LYS A 17 -8.94 -10.06 8.01
CA LYS A 17 -7.77 -9.30 7.59
C LYS A 17 -6.80 -10.19 6.82
N LEU A 18 -7.33 -11.18 6.11
CA LEU A 18 -6.51 -12.10 5.34
C LEU A 18 -7.36 -13.16 4.66
N GLU A 19 -7.11 -13.37 3.37
CA GLU A 19 -7.87 -14.36 2.60
C GLU A 19 -9.34 -13.95 2.48
N MET A 20 -9.63 -12.70 2.80
CA MET A 20 -10.98 -12.19 2.72
C MET A 20 -11.23 -11.48 1.40
N SER A 21 -12.17 -12.00 0.62
CA SER A 21 -12.51 -11.42 -0.67
C SER A 21 -13.14 -10.05 -0.51
N ASP A 22 -12.30 -9.02 -0.42
CA ASP A 22 -12.78 -7.66 -0.26
C ASP A 22 -12.82 -6.93 -1.61
N PRO A 23 -13.64 -5.87 -1.69
CA PRO A 23 -13.77 -5.08 -2.91
C PRO A 23 -12.53 -4.26 -3.23
N VAL A 24 -11.76 -4.72 -4.21
CA VAL A 24 -10.53 -4.04 -4.61
C VAL A 24 -10.85 -2.72 -5.32
N MET A 25 -9.85 -1.84 -5.38
CA MET A 25 -10.01 -0.55 -6.04
C MET A 25 -10.83 0.40 -5.17
N GLU A 26 -11.17 -0.06 -3.97
CA GLU A 26 -11.94 0.76 -3.04
C GLU A 26 -11.04 1.62 -2.18
N ALA A 27 -9.86 1.10 -1.85
CA ALA A 27 -8.89 1.83 -1.04
C ALA A 27 -8.66 3.23 -1.59
N TYR A 28 -8.67 3.36 -2.92
CA TYR A 28 -8.47 4.64 -3.56
C TYR A 28 -9.36 5.71 -2.95
N THR A 29 -10.66 5.45 -2.93
CA THR A 29 -11.62 6.40 -2.36
C THR A 29 -11.53 6.44 -0.85
N GLN A 30 -11.20 5.30 -0.24
CA GLN A 30 -11.07 5.20 1.21
C GLN A 30 -10.09 6.25 1.73
N ALA A 31 -9.04 6.51 0.96
CA ALA A 31 -8.03 7.49 1.36
C ALA A 31 -8.25 8.82 0.65
N TYR A 32 -8.55 8.76 -0.64
CA TYR A 32 -8.79 9.96 -1.43
C TYR A 32 -9.86 10.83 -0.79
N GLU A 33 -10.84 10.19 -0.17
CA GLU A 33 -11.93 10.91 0.49
C GLU A 33 -11.39 11.99 1.41
N ALA A 34 -10.43 11.62 2.26
CA ALA A 34 -9.82 12.55 3.19
C ALA A 34 -8.62 13.26 2.57
N SER A 35 -8.04 12.64 1.55
CA SER A 35 -6.88 13.20 0.86
C SER A 35 -7.31 14.03 -0.34
N ASN A 36 -8.53 14.56 -0.28
CA ASN A 36 -9.07 15.37 -1.37
C ASN A 36 -8.11 16.51 -1.72
N GLN A 37 -7.26 16.87 -0.76
CA GLN A 37 -6.30 17.95 -0.96
C GLN A 37 -5.04 17.42 -1.66
N MET A 38 -4.69 16.18 -1.35
CA MET A 38 -3.50 15.56 -1.95
C MET A 38 -3.78 14.11 -2.31
N VAL A 39 -4.18 13.87 -3.54
CA VAL A 39 -4.47 12.52 -4.02
C VAL A 39 -3.21 11.68 -4.08
N GLN A 40 -3.28 10.46 -3.56
CA GLN A 40 -2.14 9.55 -3.56
C GLN A 40 -2.49 8.23 -4.24
N ALA A 41 -1.61 7.76 -5.12
CA ALA A 41 -1.83 6.51 -5.82
C ALA A 41 -1.73 5.31 -4.86
N PHE A 42 -2.39 4.22 -5.23
CA PHE A 42 -2.36 3.01 -4.40
C PHE A 42 -2.07 1.78 -5.25
N GLY A 43 -0.87 1.24 -5.10
CA GLY A 43 -0.48 0.07 -5.85
C GLY A 43 -0.07 -1.09 -4.96
N VAL A 44 -0.75 -2.23 -5.13
CA VAL A 44 -0.46 -3.42 -4.33
C VAL A 44 0.71 -4.20 -4.92
N ILE A 45 1.51 -4.80 -4.04
CA ILE A 45 2.66 -5.58 -4.48
C ILE A 45 2.69 -6.95 -3.81
N LYS A 46 2.59 -8.00 -4.60
CA LYS A 46 2.61 -9.37 -4.09
C LYS A 46 4.02 -9.96 -4.16
N ALA A 47 4.45 -10.55 -3.05
CA ALA A 47 5.77 -11.16 -2.98
C ALA A 47 6.01 -12.09 -4.16
N ASP A 48 4.92 -12.59 -4.73
CA ASP A 48 5.01 -13.49 -5.89
C ASP A 48 5.70 -12.82 -7.06
N GLY A 49 5.79 -11.49 -7.01
CA GLY A 49 6.43 -10.75 -8.07
C GLY A 49 5.43 -10.05 -8.97
N SER A 50 4.15 -10.21 -8.65
CA SER A 50 3.09 -9.59 -9.45
C SER A 50 2.38 -8.50 -8.65
N VAL A 51 1.78 -7.55 -9.37
CA VAL A 51 1.07 -6.45 -8.73
C VAL A 51 -0.38 -6.39 -9.20
N LEU A 52 -1.30 -6.17 -8.25
CA LEU A 52 -2.72 -6.08 -8.57
C LEU A 52 -3.29 -4.73 -8.17
N TRP A 53 -3.09 -3.73 -9.02
CA TRP A 53 -3.59 -2.39 -8.75
C TRP A 53 -4.01 -1.69 -10.04
N GLN A 54 -4.75 -0.60 -9.90
CA GLN A 54 -5.21 0.16 -11.06
C GLN A 54 -5.22 1.65 -10.77
N SER A 55 -4.04 2.23 -10.59
CA SER A 55 -3.91 3.65 -10.30
C SER A 55 -3.59 4.43 -11.56
N ASN A 56 -2.89 3.79 -12.49
CA ASN A 56 -2.52 4.43 -13.75
C ASN A 56 -1.71 5.70 -13.49
N ASN A 57 -1.05 5.75 -12.34
CA ASN A 57 -0.23 6.90 -11.98
C ASN A 57 1.26 6.55 -12.04
N TRP A 58 1.60 5.36 -11.57
CA TRP A 58 2.99 4.91 -11.57
C TRP A 58 3.09 3.47 -12.03
N ASP A 59 3.96 3.21 -13.00
CA ASP A 59 4.15 1.86 -13.53
C ASP A 59 4.71 0.94 -12.45
N LEU A 60 3.80 0.26 -11.74
CA LEU A 60 4.20 -0.66 -10.68
C LEU A 60 4.34 -2.07 -11.22
N SER A 61 3.63 -2.36 -12.30
CA SER A 61 3.67 -3.69 -12.91
C SER A 61 4.88 -3.82 -13.85
N ALA A 62 5.33 -2.68 -14.37
CA ALA A 62 6.48 -2.67 -15.27
C ALA A 62 7.62 -3.53 -14.73
N ASP A 63 7.90 -3.37 -13.44
CA ASP A 63 8.97 -4.14 -12.80
C ASP A 63 8.53 -4.64 -11.43
N ALA A 64 7.30 -5.15 -11.35
CA ALA A 64 6.76 -5.67 -10.10
C ALA A 64 7.79 -6.53 -9.38
N GLN A 65 8.61 -7.23 -10.14
CA GLN A 65 9.63 -8.10 -9.56
C GLN A 65 10.65 -7.28 -8.78
N GLN A 66 11.10 -6.18 -9.37
CA GLN A 66 12.08 -5.31 -8.72
C GLN A 66 11.42 -4.42 -7.68
N LEU A 67 10.18 -4.02 -7.96
CA LEU A 67 9.43 -3.16 -7.04
C LEU A 67 9.48 -3.71 -5.62
N ILE A 68 9.52 -5.03 -5.50
CA ILE A 68 9.58 -5.68 -4.19
C ILE A 68 11.02 -5.90 -3.76
N SER A 69 11.93 -5.98 -4.72
CA SER A 69 13.34 -6.20 -4.43
C SER A 69 13.90 -5.05 -3.59
N ALA A 70 13.40 -3.85 -3.84
CA ALA A 70 13.84 -2.66 -3.11
C ALA A 70 13.74 -2.89 -1.60
N VAL A 71 12.83 -3.77 -1.19
CA VAL A 71 12.64 -4.06 0.22
C VAL A 71 13.08 -5.48 0.55
N ASN A 72 12.86 -6.40 -0.39
CA ASN A 72 13.24 -7.79 -0.20
C ASN A 72 14.65 -7.91 0.36
N ASN A 73 15.53 -7.00 -0.06
CA ASN A 73 16.90 -7.00 0.40
C ASN A 73 17.32 -5.61 0.89
N GLN A 74 16.37 -4.88 1.46
CA GLN A 74 16.63 -3.54 1.96
C GLN A 74 17.50 -2.76 0.98
N SER A 75 17.10 -2.75 -0.28
CA SER A 75 17.86 -2.03 -1.31
C SER A 75 17.66 -0.52 -1.18
N ALA A 76 16.41 -0.08 -1.22
CA ALA A 76 16.10 1.33 -1.11
C ALA A 76 16.60 2.11 -2.31
N SER A 77 15.93 1.95 -3.45
CA SER A 77 16.32 2.63 -4.67
C SER A 77 15.61 2.02 -5.89
N VAL A 78 14.48 2.60 -6.25
CA VAL A 78 13.70 2.11 -7.39
C VAL A 78 13.04 3.26 -8.13
N LYS A 79 13.00 3.17 -9.45
CA LYS A 79 12.39 4.20 -10.28
C LYS A 79 11.15 3.67 -10.99
N GLN A 80 10.02 4.34 -10.79
CA GLN A 80 8.77 3.94 -11.41
C GLN A 80 8.13 5.11 -12.16
N ASN A 81 8.01 4.97 -13.47
CA ASN A 81 7.41 6.01 -14.29
C ASN A 81 8.29 7.27 -14.31
N ASP A 82 9.58 7.06 -14.52
CA ASP A 82 10.53 8.18 -14.57
C ASP A 82 10.58 8.89 -13.22
N VAL A 83 10.33 8.15 -12.15
CA VAL A 83 10.34 8.72 -10.80
C VAL A 83 11.16 7.85 -9.85
N LYS A 84 12.34 8.31 -9.50
CA LYS A 84 13.22 7.58 -8.59
C LYS A 84 12.92 7.94 -7.14
N TYR A 85 12.59 6.92 -6.35
CA TYR A 85 12.27 7.12 -4.94
C TYR A 85 13.01 6.11 -4.07
N SER A 86 13.88 6.61 -3.20
CA SER A 86 14.65 5.76 -2.31
C SER A 86 14.23 5.96 -0.85
N THR A 87 14.42 4.93 -0.04
CA THR A 87 14.06 5.00 1.38
C THR A 87 15.30 5.06 2.25
N ILE A 88 15.46 6.16 2.99
CA ILE A 88 16.60 6.33 3.88
C ILE A 88 16.34 5.71 5.24
N ARG A 89 15.71 4.54 5.25
CA ARG A 89 15.39 3.84 6.49
C ARG A 89 14.82 2.46 6.21
N THR A 90 15.69 1.47 6.07
CA THR A 90 15.27 0.10 5.80
C THR A 90 14.99 -0.65 7.09
N SER A 91 13.73 -0.71 7.49
CA SER A 91 13.32 -1.40 8.71
C SER A 91 12.56 -2.68 8.39
N PRO A 92 12.58 -3.64 9.33
CA PRO A 92 11.89 -4.92 9.16
C PRO A 92 10.37 -4.77 9.21
N GLU A 93 9.91 -3.53 9.35
CA GLU A 93 8.48 -3.25 9.41
C GLU A 93 8.00 -2.54 8.14
N SER A 94 8.74 -1.51 7.75
CA SER A 94 8.41 -0.74 6.56
C SER A 94 9.59 0.11 6.10
N LEU A 95 9.44 0.76 4.95
CA LEU A 95 10.50 1.60 4.40
C LEU A 95 9.92 2.93 3.90
N VAL A 96 10.41 4.03 4.47
CA VAL A 96 9.95 5.36 4.06
C VAL A 96 10.79 5.91 2.93
N ALA A 97 10.19 6.00 1.75
CA ALA A 97 10.88 6.52 0.57
C ALA A 97 10.66 8.02 0.42
N ARG A 98 11.71 8.73 0.03
CA ARG A 98 11.63 10.18 -0.15
C ARG A 98 12.64 10.65 -1.19
N ASN A 99 12.20 11.56 -2.06
CA ASN A 99 13.07 12.09 -3.11
C ASN A 99 13.94 13.22 -2.56
N VAL A 100 15.15 13.34 -3.12
CA VAL A 100 16.08 14.38 -2.69
C VAL A 100 15.43 15.76 -2.74
N GLN A 101 14.62 15.99 -3.77
CA GLN A 101 13.94 17.27 -3.92
C GLN A 101 12.53 17.21 -3.36
N GLY A 102 11.78 16.20 -3.76
CA GLY A 102 10.42 16.04 -3.27
C GLY A 102 9.44 15.67 -4.38
N ASN A 103 9.92 14.88 -5.33
CA ASN A 103 9.08 14.45 -6.45
C ASN A 103 8.88 12.93 -6.43
N GLY A 104 7.84 12.49 -5.72
CA GLY A 104 7.55 11.07 -5.64
C GLY A 104 7.64 10.54 -4.21
N THR A 105 6.57 10.75 -3.44
CA THR A 105 6.53 10.30 -2.06
C THR A 105 5.84 8.93 -1.94
N LEU A 106 6.64 7.89 -1.79
CA LEU A 106 6.10 6.53 -1.66
C LEU A 106 6.27 6.02 -0.24
N ILE A 107 5.20 5.44 0.30
CA ILE A 107 5.23 4.89 1.65
C ILE A 107 4.95 3.40 1.65
N LEU A 108 5.88 2.63 2.22
CA LEU A 108 5.73 1.18 2.28
C LEU A 108 4.99 0.77 3.55
N ALA A 109 4.19 -0.29 3.44
CA ALA A 109 3.42 -0.80 4.57
C ALA A 109 3.26 -2.31 4.49
N ARG A 110 3.79 -3.01 5.50
CA ARG A 110 3.69 -4.47 5.54
C ARG A 110 2.42 -4.91 6.25
N ILE A 111 1.32 -4.96 5.51
CA ILE A 111 0.04 -5.37 6.07
C ILE A 111 0.10 -6.81 6.58
N GLU A 112 0.96 -7.61 5.97
CA GLU A 112 1.11 -9.00 6.36
C GLU A 112 2.49 -9.53 5.97
N ASP A 113 2.66 -10.85 6.04
CA ASP A 113 3.93 -11.48 5.70
C ASP A 113 4.28 -11.21 4.24
N ASP A 114 3.65 -11.94 3.33
CA ASP A 114 3.91 -11.78 1.91
C ASP A 114 2.91 -10.80 1.28
N LYS A 115 2.36 -9.92 2.11
CA LYS A 115 1.39 -8.93 1.64
C LYS A 115 1.69 -7.56 2.23
N TRP A 116 1.91 -6.59 1.35
CA TRP A 116 2.21 -5.22 1.77
C TRP A 116 1.64 -4.21 0.80
N VAL A 117 0.99 -3.18 1.33
CA VAL A 117 0.41 -2.13 0.50
C VAL A 117 1.23 -0.85 0.54
N VAL A 118 1.31 -0.17 -0.59
CA VAL A 118 2.07 1.08 -0.68
C VAL A 118 1.31 2.14 -1.47
N ALA A 119 1.44 3.38 -1.06
CA ALA A 119 0.78 4.49 -1.74
C ALA A 119 1.77 5.56 -2.17
N TRP A 120 1.34 6.43 -3.08
CA TRP A 120 2.20 7.49 -3.57
C TRP A 120 1.52 8.85 -3.45
N ALA A 121 1.92 9.64 -2.45
CA ALA A 121 1.35 10.95 -2.23
C ALA A 121 2.06 12.01 -3.07
N SER A 122 1.29 12.96 -3.61
CA SER A 122 1.85 14.02 -4.42
C SER A 122 2.92 14.78 -3.67
N ALA A 123 3.78 15.49 -4.40
CA ALA A 123 4.86 16.26 -3.80
C ALA A 123 4.32 17.22 -2.74
N ASP A 124 3.16 17.81 -3.01
CA ASP A 124 2.54 18.74 -2.09
C ASP A 124 2.02 18.02 -0.85
N ALA A 125 1.75 16.72 -0.99
CA ALA A 125 1.26 15.92 0.11
C ALA A 125 2.33 15.72 1.17
N ALA A 126 1.93 15.78 2.44
CA ALA A 126 2.86 15.61 3.55
C ALA A 126 2.99 14.14 3.93
N PRO A 127 4.08 13.82 4.66
CA PRO A 127 4.35 12.44 5.11
C PRO A 127 3.36 11.97 6.16
N ASP A 128 3.17 12.78 7.20
CA ASP A 128 2.25 12.43 8.28
C ASP A 128 0.81 12.56 7.82
N SER A 129 0.60 13.23 6.69
CA SER A 129 -0.74 13.43 6.15
C SER A 129 -1.15 12.24 5.29
N VAL A 130 -0.17 11.62 4.63
CA VAL A 130 -0.43 10.46 3.78
C VAL A 130 -0.19 9.17 4.54
N TYR A 131 0.78 9.18 5.45
CA TYR A 131 1.11 8.01 6.24
C TYR A 131 -0.08 7.55 7.07
N VAL A 132 -0.99 8.48 7.35
CA VAL A 132 -2.18 8.18 8.14
C VAL A 132 -3.29 7.63 7.26
N ASP A 133 -3.36 8.11 6.03
CA ASP A 133 -4.39 7.66 5.09
C ASP A 133 -4.06 6.26 4.56
N ILE A 134 -2.81 6.06 4.17
CA ILE A 134 -2.37 4.77 3.65
C ILE A 134 -2.78 3.63 4.59
N ASP A 135 -2.72 3.89 5.88
CA ASP A 135 -3.08 2.89 6.89
C ASP A 135 -4.51 2.41 6.67
N ARG A 136 -5.38 3.31 6.22
CA ARG A 136 -6.78 2.97 5.98
C ARG A 136 -6.91 2.09 4.74
N ALA A 137 -6.03 2.30 3.77
CA ALA A 137 -6.06 1.53 2.53
C ALA A 137 -4.90 0.54 2.49
N ALA A 138 -4.43 0.13 3.66
CA ALA A 138 -3.33 -0.83 3.75
C ALA A 138 -3.70 -2.00 4.65
N LYS A 139 -3.67 -1.77 5.96
CA LYS A 139 -4.00 -2.81 6.92
C LYS A 139 -5.51 -2.90 7.14
N ALA A 140 -6.27 -2.61 6.10
CA ALA A 140 -7.72 -2.65 6.17
C ALA A 140 -8.29 -3.59 5.10
N LEU A 141 -7.59 -3.70 3.99
CA LEU A 141 -8.02 -4.57 2.89
C LEU A 141 -7.11 -5.78 2.76
N LYS A 142 -6.13 -5.89 3.65
CA LYS A 142 -5.19 -7.00 3.63
C LYS A 142 -5.93 -8.33 3.52
N GLY A 143 -5.57 -9.12 2.52
CA GLY A 143 -6.21 -10.42 2.34
C GLY A 143 -6.67 -10.63 0.91
N LYS A 144 -7.02 -9.55 0.23
CA LYS A 144 -7.48 -9.62 -1.15
C LYS A 144 -6.46 -8.99 -2.10
N ILE A 145 -5.27 -9.57 -2.17
CA ILE A 145 -4.21 -9.07 -3.04
C ILE A 145 -3.36 -10.21 -3.58
N GLY A 1 -22.90 -26.71 26.65
CA GLY A 1 -22.66 -25.64 25.71
C GLY A 1 -23.93 -25.00 25.20
N MET A 2 -24.32 -25.38 23.99
CA MET A 2 -25.54 -24.83 23.38
C MET A 2 -25.43 -23.32 23.20
N ALA A 3 -24.30 -22.87 22.68
CA ALA A 3 -24.06 -21.45 22.46
C ALA A 3 -25.02 -20.90 21.42
N GLY A 4 -24.82 -19.64 21.04
CA GLY A 4 -25.68 -19.01 20.05
C GLY A 4 -24.89 -18.38 18.91
N TYR A 5 -25.15 -18.84 17.69
CA TYR A 5 -24.46 -18.32 16.52
C TYR A 5 -24.52 -16.80 16.48
N ASN A 6 -23.48 -16.18 15.93
CA ASN A 6 -23.42 -14.73 15.82
C ASN A 6 -23.30 -14.30 14.37
N LEU A 7 -23.01 -13.02 14.16
CA LEU A 7 -22.86 -12.47 12.81
C LEU A 7 -21.75 -13.20 12.05
N GLY A 8 -21.43 -12.69 10.87
CA GLY A 8 -20.38 -13.29 10.07
C GLY A 8 -20.84 -13.59 8.65
N THR A 9 -22.12 -13.94 8.50
CA THR A 9 -22.67 -14.25 7.20
C THR A 9 -22.94 -12.99 6.39
N GLU A 10 -22.12 -12.75 5.37
CA GLU A 10 -22.28 -11.57 4.52
C GLU A 10 -22.38 -10.31 5.37
N TRP A 11 -21.50 -10.19 6.36
CA TRP A 11 -21.49 -9.02 7.24
C TRP A 11 -20.11 -8.39 7.29
N ILE A 12 -19.07 -9.22 7.27
CA ILE A 12 -17.70 -8.73 7.31
C ILE A 12 -17.43 -7.97 8.59
N SER A 13 -18.06 -8.40 9.68
CA SER A 13 -17.88 -7.75 10.98
C SER A 13 -16.62 -8.26 11.68
N LEU A 14 -16.23 -9.48 11.35
CA LEU A 14 -15.04 -10.08 11.94
C LEU A 14 -13.90 -10.15 10.93
N ARG A 15 -13.60 -9.01 10.32
CA ARG A 15 -12.53 -8.94 9.33
C ARG A 15 -11.28 -9.69 9.81
N SER A 16 -11.04 -10.85 9.22
CA SER A 16 -9.89 -11.67 9.60
C SER A 16 -8.59 -10.96 9.24
N LYS A 17 -8.67 -10.00 8.32
CA LYS A 17 -7.49 -9.25 7.90
C LYS A 17 -6.54 -10.13 7.12
N LEU A 18 -7.08 -11.13 6.43
CA LEU A 18 -6.27 -12.04 5.63
C LEU A 18 -7.14 -13.11 4.97
N GLU A 19 -6.92 -13.34 3.69
CA GLU A 19 -7.68 -14.33 2.94
C GLU A 19 -9.15 -13.92 2.84
N MET A 20 -9.43 -12.67 3.16
CA MET A 20 -10.80 -12.16 3.11
C MET A 20 -11.07 -11.46 1.77
N SER A 21 -12.03 -12.00 1.02
CA SER A 21 -12.38 -11.44 -0.28
C SER A 21 -13.02 -10.07 -0.13
N ASP A 22 -12.19 -9.04 -0.06
CA ASP A 22 -12.67 -7.66 0.09
C ASP A 22 -12.73 -6.97 -1.27
N PRO A 23 -13.55 -5.90 -1.35
CA PRO A 23 -13.72 -5.13 -2.57
C PRO A 23 -12.48 -4.31 -2.92
N VAL A 24 -11.72 -4.78 -3.91
CA VAL A 24 -10.51 -4.10 -4.34
C VAL A 24 -10.84 -2.79 -5.06
N MET A 25 -9.85 -1.92 -5.16
CA MET A 25 -10.03 -0.63 -5.83
C MET A 25 -10.83 0.33 -4.95
N GLU A 26 -11.16 -0.11 -3.74
CA GLU A 26 -11.92 0.71 -2.81
C GLU A 26 -10.99 1.59 -1.97
N ALA A 27 -9.81 1.08 -1.66
CA ALA A 27 -8.84 1.82 -0.88
C ALA A 27 -8.62 3.22 -1.45
N TYR A 28 -8.65 3.32 -2.78
CA TYR A 28 -8.46 4.60 -3.45
C TYR A 28 -9.34 5.68 -2.83
N THR A 29 -10.65 5.41 -2.78
CA THR A 29 -11.59 6.36 -2.21
C THR A 29 -11.48 6.43 -0.70
N GLN A 30 -11.13 5.29 -0.09
CA GLN A 30 -10.99 5.22 1.36
C GLN A 30 -10.00 6.28 1.86
N ALA A 31 -8.96 6.53 1.08
CA ALA A 31 -7.95 7.51 1.44
C ALA A 31 -8.19 8.83 0.71
N TYR A 32 -8.51 8.76 -0.57
CA TYR A 32 -8.76 9.95 -1.37
C TYR A 32 -9.83 10.82 -0.72
N GLU A 33 -10.79 10.19 -0.07
CA GLU A 33 -11.88 10.91 0.59
C GLU A 33 -11.32 12.01 1.49
N ALA A 34 -10.35 11.65 2.32
CA ALA A 34 -9.73 12.60 3.23
C ALA A 34 -8.55 13.31 2.58
N SER A 35 -7.98 12.66 1.56
CA SER A 35 -6.83 13.22 0.85
C SER A 35 -7.29 14.04 -0.36
N ASN A 36 -8.51 14.56 -0.28
CA ASN A 36 -9.07 15.36 -1.36
C ASN A 36 -8.12 16.50 -1.75
N GLN A 37 -7.26 16.88 -0.80
CA GLN A 37 -6.30 17.96 -1.04
C GLN A 37 -5.05 17.43 -1.75
N MET A 38 -4.69 16.19 -1.44
CA MET A 38 -3.51 15.57 -2.04
C MET A 38 -3.78 14.10 -2.37
N VAL A 39 -4.21 13.84 -3.61
CA VAL A 39 -4.51 12.48 -4.04
C VAL A 39 -3.23 11.65 -4.13
N GLN A 40 -3.29 10.44 -3.59
CA GLN A 40 -2.14 9.54 -3.60
C GLN A 40 -2.50 8.21 -4.25
N ALA A 41 -1.64 7.73 -5.13
CA ALA A 41 -1.87 6.46 -5.81
C ALA A 41 -1.75 5.29 -4.85
N PHE A 42 -2.40 4.18 -5.19
CA PHE A 42 -2.36 3.00 -4.36
C PHE A 42 -2.08 1.75 -5.19
N GLY A 43 -0.87 1.22 -5.05
CA GLY A 43 -0.48 0.04 -5.80
C GLY A 43 -0.07 -1.11 -4.90
N VAL A 44 -0.74 -2.25 -5.04
CA VAL A 44 -0.44 -3.43 -4.23
C VAL A 44 0.73 -4.21 -4.82
N ILE A 45 1.55 -4.81 -3.95
CA ILE A 45 2.69 -5.59 -4.39
C ILE A 45 2.73 -6.95 -3.69
N LYS A 46 2.62 -8.01 -4.49
CA LYS A 46 2.65 -9.37 -3.95
C LYS A 46 4.06 -9.96 -4.03
N ALA A 47 4.52 -10.53 -2.92
CA ALA A 47 5.84 -11.13 -2.86
C ALA A 47 6.07 -12.09 -4.04
N ASP A 48 4.97 -12.59 -4.60
CA ASP A 48 5.04 -13.51 -5.73
C ASP A 48 5.72 -12.84 -6.92
N GLY A 49 5.81 -11.52 -6.88
CA GLY A 49 6.43 -10.78 -7.97
C GLY A 49 5.41 -10.10 -8.86
N SER A 50 4.14 -10.26 -8.54
CA SER A 50 3.06 -9.66 -9.31
C SER A 50 2.36 -8.56 -8.52
N VAL A 51 1.75 -7.62 -9.24
CA VAL A 51 1.04 -6.51 -8.60
C VAL A 51 -0.42 -6.46 -9.06
N LEU A 52 -1.32 -6.24 -8.11
CA LEU A 52 -2.74 -6.17 -8.41
C LEU A 52 -3.32 -4.81 -8.01
N TRP A 53 -3.12 -3.82 -8.88
CA TRP A 53 -3.63 -2.48 -8.62
C TRP A 53 -4.07 -1.80 -9.91
N GLN A 54 -4.81 -0.70 -9.78
CA GLN A 54 -5.30 0.04 -10.93
C GLN A 54 -5.31 1.54 -10.65
N SER A 55 -4.12 2.12 -10.51
CA SER A 55 -4.00 3.55 -10.23
C SER A 55 -3.69 4.33 -11.51
N ASN A 56 -3.00 3.66 -12.43
CA ASN A 56 -2.65 4.29 -13.70
C ASN A 56 -1.84 5.57 -13.47
N ASN A 57 -1.16 5.63 -12.33
CA ASN A 57 -0.35 6.79 -11.99
C ASN A 57 1.13 6.45 -12.06
N TRP A 58 1.49 5.26 -11.59
CA TRP A 58 2.88 4.82 -11.60
C TRP A 58 2.98 3.37 -12.05
N ASP A 59 3.83 3.10 -13.03
CA ASP A 59 4.03 1.75 -13.54
C ASP A 59 4.60 0.84 -12.47
N LEU A 60 3.71 0.17 -11.74
CA LEU A 60 4.12 -0.73 -10.67
C LEU A 60 4.26 -2.16 -11.20
N SER A 61 3.54 -2.47 -12.27
CA SER A 61 3.57 -3.80 -12.87
C SER A 61 4.76 -3.94 -13.80
N ALA A 62 5.21 -2.80 -14.35
CA ALA A 62 6.34 -2.80 -15.27
C ALA A 62 7.49 -3.64 -14.74
N ASP A 63 7.80 -3.48 -13.45
CA ASP A 63 8.87 -4.23 -12.82
C ASP A 63 8.45 -4.71 -11.43
N ALA A 64 7.23 -5.22 -11.34
CA ALA A 64 6.71 -5.73 -10.07
C ALA A 64 7.75 -6.58 -9.34
N GLN A 65 8.56 -7.29 -10.12
CA GLN A 65 9.60 -8.14 -9.54
C GLN A 65 10.63 -7.31 -8.78
N GLN A 66 11.06 -6.21 -9.39
CA GLN A 66 12.05 -5.33 -8.77
C GLN A 66 11.39 -4.43 -7.73
N LEU A 67 10.15 -4.03 -7.99
CA LEU A 67 9.41 -3.17 -7.08
C LEU A 67 9.48 -3.69 -5.65
N ILE A 68 9.53 -5.02 -5.51
CA ILE A 68 9.61 -5.65 -4.21
C ILE A 68 11.06 -5.86 -3.78
N SER A 69 11.95 -5.95 -4.76
CA SER A 69 13.37 -6.15 -4.48
C SER A 69 13.94 -4.99 -3.68
N ALA A 70 13.42 -3.80 -3.92
CA ALA A 70 13.88 -2.60 -3.21
C ALA A 70 13.80 -2.80 -1.70
N VAL A 71 12.91 -3.69 -1.26
CA VAL A 71 12.73 -3.97 0.15
C VAL A 71 13.18 -5.39 0.49
N ASN A 72 12.95 -6.31 -0.44
CA ASN A 72 13.34 -7.70 -0.25
C ASN A 72 14.76 -7.80 0.31
N ASN A 73 15.62 -6.90 -0.13
CA ASN A 73 17.01 -6.88 0.32
C ASN A 73 17.43 -5.49 0.77
N GLN A 74 16.47 -4.76 1.34
CA GLN A 74 16.75 -3.40 1.83
C GLN A 74 17.59 -2.63 0.83
N SER A 75 17.18 -2.64 -0.43
CA SER A 75 17.91 -1.94 -1.49
C SER A 75 17.71 -0.43 -1.37
N ALA A 76 16.46 0.00 -1.39
CA ALA A 76 16.15 1.43 -1.29
C ALA A 76 16.64 2.19 -2.52
N SER A 77 15.95 2.01 -3.64
CA SER A 77 16.31 2.68 -4.88
C SER A 77 15.60 2.05 -6.07
N VAL A 78 14.45 2.63 -6.43
CA VAL A 78 13.67 2.12 -7.55
C VAL A 78 12.99 3.26 -8.29
N LYS A 79 12.93 3.14 -9.61
CA LYS A 79 12.30 4.16 -10.45
C LYS A 79 11.04 3.61 -11.13
N GLN A 80 9.92 4.29 -10.93
CA GLN A 80 8.66 3.87 -11.52
C GLN A 80 7.99 5.03 -12.27
N ASN A 81 7.87 4.88 -13.58
CA ASN A 81 7.25 5.90 -14.41
C ASN A 81 8.13 7.16 -14.46
N ASP A 82 9.42 6.96 -14.68
CA ASP A 82 10.36 8.07 -14.75
C ASP A 82 10.43 8.81 -13.42
N VAL A 83 10.19 8.08 -12.33
CA VAL A 83 10.23 8.67 -11.00
C VAL A 83 11.05 7.81 -10.05
N LYS A 84 12.25 8.28 -9.72
CA LYS A 84 13.15 7.57 -8.82
C LYS A 84 12.86 7.94 -7.37
N TYR A 85 12.55 6.93 -6.55
CA TYR A 85 12.25 7.15 -5.14
C TYR A 85 13.01 6.15 -4.27
N SER A 86 13.88 6.67 -3.41
CA SER A 86 14.67 5.83 -2.53
C SER A 86 14.27 6.06 -1.06
N THR A 87 14.47 5.03 -0.24
CA THR A 87 14.13 5.12 1.18
C THR A 87 15.39 5.19 2.03
N ILE A 88 15.54 6.30 2.76
CA ILE A 88 16.70 6.49 3.63
C ILE A 88 16.47 5.89 5.00
N ARG A 89 15.83 4.71 5.02
CA ARG A 89 15.55 4.02 6.28
C ARG A 89 14.97 2.65 6.02
N THR A 90 15.85 1.66 5.90
CA THR A 90 15.42 0.28 5.65
C THR A 90 15.17 -0.46 6.95
N SER A 91 13.91 -0.52 7.36
CA SER A 91 13.53 -1.20 8.60
C SER A 91 12.76 -2.48 8.30
N PRO A 92 12.80 -3.42 9.25
CA PRO A 92 12.11 -4.71 9.12
C PRO A 92 10.59 -4.57 9.17
N GLU A 93 10.12 -3.34 9.32
CA GLU A 93 8.69 -3.06 9.39
C GLU A 93 8.21 -2.37 8.12
N SER A 94 8.93 -1.34 7.70
CA SER A 94 8.58 -0.59 6.51
C SER A 94 9.74 0.27 6.03
N LEU A 95 9.58 0.89 4.86
CA LEU A 95 10.62 1.73 4.29
C LEU A 95 10.04 3.05 3.78
N VAL A 96 10.53 4.16 4.32
CA VAL A 96 10.06 5.48 3.92
C VAL A 96 10.89 6.03 2.77
N ALA A 97 10.26 6.10 1.59
CA ALA A 97 10.94 6.60 0.40
C ALA A 97 10.71 8.10 0.23
N ARG A 98 11.75 8.82 -0.18
CA ARG A 98 11.66 10.26 -0.38
C ARG A 98 12.65 10.73 -1.44
N ASN A 99 12.20 11.63 -2.31
CA ASN A 99 13.05 12.15 -3.38
C ASN A 99 13.93 13.29 -2.86
N VAL A 100 15.12 13.41 -3.43
CA VAL A 100 16.05 14.46 -3.03
C VAL A 100 15.39 15.83 -3.08
N GLN A 101 14.57 16.05 -4.11
CA GLN A 101 13.88 17.32 -4.28
C GLN A 101 12.48 17.26 -3.68
N GLY A 102 11.72 16.23 -4.06
CA GLY A 102 10.37 16.07 -3.55
C GLY A 102 9.39 15.69 -4.64
N ASN A 103 9.85 14.87 -5.60
CA ASN A 103 9.00 14.43 -6.69
C ASN A 103 8.81 12.93 -6.65
N GLY A 104 7.79 12.49 -5.93
CA GLY A 104 7.51 11.06 -5.82
C GLY A 104 7.61 10.56 -4.39
N THR A 105 6.55 10.77 -3.61
CA THR A 105 6.54 10.33 -2.23
C THR A 105 5.85 8.98 -2.08
N LEU A 106 6.66 7.93 -1.92
CA LEU A 106 6.14 6.58 -1.77
C LEU A 106 6.32 6.08 -0.34
N ILE A 107 5.25 5.50 0.23
CA ILE A 107 5.30 4.99 1.58
C ILE A 107 5.03 3.48 1.60
N LEU A 108 5.97 2.73 2.17
CA LEU A 108 5.83 1.27 2.25
C LEU A 108 5.10 0.87 3.53
N ALA A 109 4.31 -0.19 3.44
CA ALA A 109 3.57 -0.69 4.60
C ALA A 109 3.40 -2.19 4.54
N ARG A 110 3.95 -2.89 5.54
CA ARG A 110 3.86 -4.34 5.61
C ARG A 110 2.60 -4.78 6.34
N ILE A 111 1.49 -4.84 5.62
CA ILE A 111 0.21 -5.25 6.20
C ILE A 111 0.28 -6.68 6.72
N GLU A 112 1.13 -7.49 6.11
CA GLU A 112 1.29 -8.88 6.51
C GLU A 112 2.67 -9.41 6.11
N ASP A 113 2.84 -10.73 6.20
CA ASP A 113 4.10 -11.36 5.85
C ASP A 113 4.46 -11.10 4.39
N ASP A 114 3.81 -11.84 3.49
CA ASP A 114 4.04 -11.70 2.06
C ASP A 114 3.05 -10.72 1.44
N LYS A 115 2.48 -9.84 2.26
CA LYS A 115 1.51 -8.87 1.80
C LYS A 115 1.82 -7.48 2.36
N TRP A 116 2.02 -6.52 1.46
CA TRP A 116 2.32 -5.15 1.87
C TRP A 116 1.73 -4.15 0.88
N VAL A 117 1.09 -3.11 1.42
CA VAL A 117 0.49 -2.08 0.58
C VAL A 117 1.32 -0.80 0.60
N VAL A 118 1.37 -0.12 -0.54
CA VAL A 118 2.13 1.11 -0.66
C VAL A 118 1.35 2.16 -1.46
N ALA A 119 1.48 3.42 -1.06
CA ALA A 119 0.80 4.51 -1.74
C ALA A 119 1.80 5.57 -2.21
N TRP A 120 1.35 6.43 -3.12
CA TRP A 120 2.20 7.49 -3.64
C TRP A 120 1.50 8.85 -3.53
N ALA A 121 1.93 9.65 -2.56
CA ALA A 121 1.35 10.97 -2.34
C ALA A 121 2.05 12.02 -3.19
N SER A 122 1.27 12.95 -3.73
CA SER A 122 1.81 14.01 -4.57
C SER A 122 2.90 14.79 -3.84
N ALA A 123 3.74 15.48 -4.61
CA ALA A 123 4.82 16.26 -4.03
C ALA A 123 4.30 17.24 -2.97
N ASP A 124 3.14 17.81 -3.24
CA ASP A 124 2.52 18.77 -2.32
C ASP A 124 2.03 18.06 -1.06
N ALA A 125 1.76 16.76 -1.19
CA ALA A 125 1.28 15.97 -0.06
C ALA A 125 2.36 15.79 0.99
N ALA A 126 1.97 15.87 2.25
CA ALA A 126 2.91 15.72 3.36
C ALA A 126 3.06 14.26 3.76
N PRO A 127 4.15 13.94 4.49
CA PRO A 127 4.43 12.58 4.94
C PRO A 127 3.46 12.11 6.02
N ASP A 128 3.27 12.93 7.05
CA ASP A 128 2.38 12.61 8.14
C ASP A 128 0.92 12.71 7.69
N SER A 129 0.69 13.38 6.56
CA SER A 129 -0.65 13.55 6.02
C SER A 129 -1.06 12.34 5.18
N VAL A 130 -0.09 11.73 4.53
CA VAL A 130 -0.35 10.55 3.70
C VAL A 130 -0.09 9.27 4.46
N TYR A 131 0.88 9.30 5.37
CA TYR A 131 1.23 8.14 6.17
C TYR A 131 0.06 7.69 7.03
N VAL A 132 -0.86 8.62 7.30
CA VAL A 132 -2.03 8.33 8.11
C VAL A 132 -3.16 7.75 7.25
N ASP A 133 -3.24 8.22 6.01
CA ASP A 133 -4.27 7.75 5.09
C ASP A 133 -3.95 6.35 4.58
N ILE A 134 -2.70 6.14 4.19
CA ILE A 134 -2.27 4.84 3.68
C ILE A 134 -2.65 3.72 4.64
N ASP A 135 -2.58 4.00 5.93
CA ASP A 135 -2.93 3.02 6.96
C ASP A 135 -4.36 2.53 6.77
N ARG A 136 -5.23 3.41 6.31
CA ARG A 136 -6.63 3.07 6.09
C ARG A 136 -6.78 2.17 4.86
N ALA A 137 -5.92 2.38 3.88
CA ALA A 137 -5.96 1.59 2.65
C ALA A 137 -4.79 0.60 2.60
N ALA A 138 -4.31 0.20 3.77
CA ALA A 138 -3.21 -0.74 3.87
C ALA A 138 -3.55 -1.91 4.78
N LYS A 139 -3.51 -1.66 6.09
CA LYS A 139 -3.82 -2.69 7.07
C LYS A 139 -5.33 -2.78 7.31
N ALA A 140 -6.10 -2.50 6.27
CA ALA A 140 -7.55 -2.56 6.37
C ALA A 140 -8.14 -3.50 5.32
N LEU A 141 -7.44 -3.64 4.19
CA LEU A 141 -7.90 -4.51 3.12
C LEU A 141 -6.98 -5.72 2.98
N LYS A 142 -5.99 -5.82 3.87
CA LYS A 142 -5.05 -6.92 3.85
C LYS A 142 -5.78 -8.26 3.78
N GLY A 143 -5.43 -9.07 2.78
CA GLY A 143 -6.06 -10.37 2.62
C GLY A 143 -6.55 -10.61 1.20
N LYS A 144 -6.90 -9.52 0.51
CA LYS A 144 -7.38 -9.62 -0.86
C LYS A 144 -6.38 -8.99 -1.84
N ILE A 145 -5.19 -9.57 -1.91
CA ILE A 145 -4.16 -9.07 -2.80
C ILE A 145 -3.30 -10.21 -3.35
N GLY A 1 -22.27 -25.86 27.36
CA GLY A 1 -22.03 -24.89 26.30
C GLY A 1 -23.31 -24.31 25.76
N MET A 2 -23.74 -24.80 24.59
CA MET A 2 -24.96 -24.32 23.97
C MET A 2 -24.89 -22.82 23.70
N ALA A 3 -23.76 -22.37 23.13
CA ALA A 3 -23.57 -20.97 22.83
C ALA A 3 -24.57 -20.49 21.79
N GLY A 4 -24.40 -19.24 21.34
CA GLY A 4 -25.30 -18.68 20.35
C GLY A 4 -24.56 -18.10 19.15
N TYR A 5 -24.84 -18.63 17.97
CA TYR A 5 -24.20 -18.17 16.75
C TYR A 5 -24.30 -16.65 16.63
N ASN A 6 -23.29 -16.04 16.02
CA ASN A 6 -23.25 -14.60 15.84
C ASN A 6 -23.18 -14.23 14.36
N LEU A 7 -22.92 -12.96 14.07
CA LEU A 7 -22.82 -12.49 12.70
C LEU A 7 -21.72 -13.22 11.95
N GLY A 8 -21.43 -12.77 10.73
CA GLY A 8 -20.40 -13.40 9.93
C GLY A 8 -20.85 -13.70 8.51
N THR A 9 -22.13 -14.02 8.36
CA THR A 9 -22.69 -14.33 7.05
C THR A 9 -22.96 -13.05 6.26
N GLU A 10 -22.15 -12.81 5.24
CA GLU A 10 -22.31 -11.63 4.41
C GLU A 10 -22.41 -10.37 5.26
N TRP A 11 -21.53 -10.25 6.25
CA TRP A 11 -21.52 -9.10 7.14
C TRP A 11 -20.15 -8.45 7.19
N ILE A 12 -19.11 -9.29 7.17
CA ILE A 12 -17.74 -8.80 7.21
C ILE A 12 -17.46 -8.03 8.50
N SER A 13 -18.10 -8.47 9.59
CA SER A 13 -17.93 -7.84 10.88
C SER A 13 -16.67 -8.35 11.59
N LEU A 14 -16.27 -9.57 11.26
CA LEU A 14 -15.08 -10.17 11.85
C LEU A 14 -13.93 -10.23 10.83
N ARG A 15 -13.64 -9.09 10.22
CA ARG A 15 -12.57 -9.01 9.24
C ARG A 15 -11.33 -9.75 9.71
N SER A 16 -11.08 -10.92 9.12
CA SER A 16 -9.93 -11.74 9.49
C SER A 16 -8.63 -11.02 9.15
N LYS A 17 -8.71 -10.06 8.24
CA LYS A 17 -7.53 -9.30 7.82
C LYS A 17 -6.57 -10.18 7.03
N LEU A 18 -7.12 -11.17 6.32
CA LEU A 18 -6.30 -12.09 5.53
C LEU A 18 -7.17 -13.14 4.86
N GLU A 19 -6.94 -13.36 3.57
CA GLU A 19 -7.71 -14.35 2.81
C GLU A 19 -9.18 -13.94 2.71
N MET A 20 -9.46 -12.68 3.04
CA MET A 20 -10.82 -12.17 2.99
C MET A 20 -11.09 -11.48 1.65
N SER A 21 -12.04 -12.00 0.90
CA SER A 21 -12.40 -11.44 -0.40
C SER A 21 -13.04 -10.07 -0.23
N ASP A 22 -12.20 -9.04 -0.17
CA ASP A 22 -12.68 -7.67 -0.02
C ASP A 22 -12.74 -6.96 -1.36
N PRO A 23 -13.57 -5.90 -1.44
CA PRO A 23 -13.73 -5.11 -2.66
C PRO A 23 -12.48 -4.30 -3.00
N VAL A 24 -11.73 -4.76 -3.99
CA VAL A 24 -10.51 -4.08 -4.41
C VAL A 24 -10.84 -2.77 -5.13
N MET A 25 -9.85 -1.89 -5.22
CA MET A 25 -10.03 -0.60 -5.89
C MET A 25 -10.84 0.35 -5.00
N GLU A 26 -11.16 -0.09 -3.79
CA GLU A 26 -11.93 0.72 -2.86
C GLU A 26 -11.01 1.60 -2.02
N ALA A 27 -9.82 1.08 -1.71
CA ALA A 27 -8.85 1.82 -0.91
C ALA A 27 -8.63 3.22 -1.48
N TYR A 28 -8.67 3.34 -2.81
CA TYR A 28 -8.46 4.61 -3.48
C TYR A 28 -9.35 5.69 -2.86
N THR A 29 -10.65 5.42 -2.80
CA THR A 29 -11.60 6.37 -2.24
C THR A 29 -11.49 6.43 -0.72
N GLN A 30 -11.15 5.29 -0.12
CA GLN A 30 -11.01 5.21 1.34
C GLN A 30 -10.02 6.26 1.84
N ALA A 31 -8.98 6.52 1.05
CA ALA A 31 -7.98 7.51 1.42
C ALA A 31 -8.21 8.84 0.71
N TYR A 32 -8.53 8.76 -0.58
CA TYR A 32 -8.78 9.95 -1.39
C TYR A 32 -9.84 10.83 -0.73
N GLU A 33 -10.81 10.19 -0.08
CA GLU A 33 -11.89 10.91 0.59
C GLU A 33 -11.33 12.00 1.49
N ALA A 34 -10.36 11.64 2.32
CA ALA A 34 -9.75 12.59 3.24
C ALA A 34 -8.57 13.29 2.59
N SER A 35 -8.00 12.66 1.57
CA SER A 35 -6.85 13.21 0.87
C SER A 35 -7.30 14.03 -0.34
N ASN A 36 -8.51 14.57 -0.27
CA ASN A 36 -9.07 15.37 -1.35
C ASN A 36 -8.12 16.50 -1.72
N GLN A 37 -7.26 16.88 -0.78
CA GLN A 37 -6.30 17.95 -1.01
C GLN A 37 -5.06 17.43 -1.71
N MET A 38 -4.69 16.18 -1.41
CA MET A 38 -3.51 15.57 -2.01
C MET A 38 -3.78 14.10 -2.34
N VAL A 39 -4.21 13.84 -3.58
CA VAL A 39 -4.50 12.49 -4.02
C VAL A 39 -3.23 11.66 -4.11
N GLN A 40 -3.29 10.44 -3.57
CA GLN A 40 -2.14 9.54 -3.58
C GLN A 40 -2.51 8.21 -4.24
N ALA A 41 -1.64 7.74 -5.12
CA ALA A 41 -1.87 6.47 -5.82
C ALA A 41 -1.75 5.30 -4.85
N PHE A 42 -2.40 4.19 -5.20
CA PHE A 42 -2.37 2.99 -4.37
C PHE A 42 -2.08 1.75 -5.21
N GLY A 43 -0.87 1.22 -5.07
CA GLY A 43 -0.48 0.04 -5.81
C GLY A 43 -0.07 -1.11 -4.92
N VAL A 44 -0.74 -2.25 -5.07
CA VAL A 44 -0.44 -3.43 -4.26
C VAL A 44 0.73 -4.21 -4.85
N ILE A 45 1.53 -4.81 -3.99
CA ILE A 45 2.68 -5.59 -4.42
C ILE A 45 2.72 -6.95 -3.74
N LYS A 46 2.62 -8.01 -4.53
CA LYS A 46 2.65 -9.37 -4.00
C LYS A 46 4.05 -9.96 -4.07
N ALA A 47 4.50 -10.53 -2.96
CA ALA A 47 5.83 -11.14 -2.90
C ALA A 47 6.06 -12.08 -4.08
N ASP A 48 4.96 -12.58 -4.64
CA ASP A 48 5.05 -13.50 -5.78
C ASP A 48 5.72 -12.83 -6.97
N GLY A 49 5.82 -11.50 -6.92
CA GLY A 49 6.44 -10.76 -8.01
C GLY A 49 5.42 -10.08 -8.90
N SER A 50 4.15 -10.24 -8.57
CA SER A 50 3.07 -9.64 -9.36
C SER A 50 2.37 -8.54 -8.56
N VAL A 51 1.76 -7.60 -9.28
CA VAL A 51 1.06 -6.49 -8.64
C VAL A 51 -0.40 -6.44 -9.10
N LEU A 52 -1.31 -6.22 -8.15
CA LEU A 52 -2.73 -6.14 -8.47
C LEU A 52 -3.31 -4.78 -8.07
N TRP A 53 -3.12 -3.79 -8.92
CA TRP A 53 -3.62 -2.45 -8.66
C TRP A 53 -4.05 -1.77 -9.95
N GLN A 54 -4.79 -0.67 -9.81
CA GLN A 54 -5.28 0.07 -10.97
C GLN A 54 -5.29 1.58 -10.69
N SER A 55 -4.10 2.15 -10.53
CA SER A 55 -3.98 3.58 -10.25
C SER A 55 -3.67 4.36 -11.53
N ASN A 56 -2.98 3.71 -12.45
CA ASN A 56 -2.62 4.33 -13.72
C ASN A 56 -1.80 5.61 -13.48
N ASN A 57 -1.13 5.67 -12.33
CA ASN A 57 -0.32 6.82 -11.99
C ASN A 57 1.17 6.49 -12.06
N TRP A 58 1.52 5.30 -11.58
CA TRP A 58 2.91 4.85 -11.60
C TRP A 58 3.01 3.40 -12.05
N ASP A 59 3.86 3.15 -13.03
CA ASP A 59 4.05 1.79 -13.54
C ASP A 59 4.63 0.87 -12.47
N LEU A 60 3.73 0.20 -11.74
CA LEU A 60 4.14 -0.71 -10.68
C LEU A 60 4.29 -2.13 -11.21
N SER A 61 3.56 -2.43 -12.28
CA SER A 61 3.60 -3.77 -12.88
C SER A 61 4.80 -3.89 -13.82
N ALA A 62 5.24 -2.77 -14.37
CA ALA A 62 6.38 -2.76 -15.28
C ALA A 62 7.53 -3.61 -14.74
N ASP A 63 7.82 -3.45 -13.45
CA ASP A 63 8.90 -4.20 -12.82
C ASP A 63 8.47 -4.69 -11.44
N ALA A 64 7.25 -5.20 -11.35
CA ALA A 64 6.72 -5.71 -10.09
C ALA A 64 7.76 -6.56 -9.36
N GLN A 65 8.58 -7.27 -10.13
CA GLN A 65 9.61 -8.12 -9.56
C GLN A 65 10.63 -7.29 -8.79
N GLN A 66 11.07 -6.19 -9.39
CA GLN A 66 12.05 -5.31 -8.76
C GLN A 66 11.39 -4.42 -7.72
N LEU A 67 10.15 -4.02 -8.00
CA LEU A 67 9.41 -3.16 -7.07
C LEU A 67 9.48 -3.69 -5.65
N ILE A 68 9.53 -5.01 -5.52
CA ILE A 68 9.61 -5.65 -4.21
C ILE A 68 11.04 -5.87 -3.78
N SER A 69 11.95 -5.95 -4.76
CA SER A 69 13.37 -6.15 -4.48
C SER A 69 13.93 -5.00 -3.66
N ALA A 70 13.42 -3.80 -3.91
CA ALA A 70 13.87 -2.61 -3.19
C ALA A 70 13.79 -2.82 -1.68
N VAL A 71 12.89 -3.70 -1.25
CA VAL A 71 12.72 -3.99 0.17
C VAL A 71 13.16 -5.41 0.49
N ASN A 72 12.94 -6.33 -0.43
CA ASN A 72 13.32 -7.73 -0.24
C ASN A 72 14.74 -7.83 0.31
N ASN A 73 15.60 -6.92 -0.12
CA ASN A 73 16.99 -6.91 0.33
C ASN A 73 17.40 -5.51 0.79
N GLN A 74 16.45 -4.79 1.37
CA GLN A 74 16.72 -3.43 1.86
C GLN A 74 17.58 -2.65 0.86
N SER A 75 17.16 -2.66 -0.40
CA SER A 75 17.89 -1.95 -1.44
C SER A 75 17.71 -0.45 -1.33
N ALA A 76 16.45 -0.01 -1.36
CA ALA A 76 16.13 1.41 -1.24
C ALA A 76 16.63 2.17 -2.47
N SER A 77 15.95 2.00 -3.59
CA SER A 77 16.32 2.67 -4.83
C SER A 77 15.59 2.05 -6.02
N VAL A 78 14.46 2.62 -6.39
CA VAL A 78 13.68 2.13 -7.52
C VAL A 78 12.99 3.26 -8.26
N LYS A 79 12.95 3.16 -9.58
CA LYS A 79 12.32 4.18 -10.41
C LYS A 79 11.07 3.63 -11.10
N GLN A 80 9.95 4.32 -10.89
CA GLN A 80 8.68 3.90 -11.49
C GLN A 80 8.02 5.05 -12.24
N ASN A 81 7.89 4.91 -13.55
CA ASN A 81 7.29 5.94 -14.38
C ASN A 81 8.16 7.20 -14.42
N ASP A 82 9.46 7.00 -14.64
CA ASP A 82 10.40 8.11 -14.70
C ASP A 82 10.47 8.84 -13.37
N VAL A 83 10.22 8.11 -12.28
CA VAL A 83 10.25 8.69 -10.94
C VAL A 83 11.08 7.83 -10.00
N LYS A 84 12.27 8.30 -9.67
CA LYS A 84 13.16 7.58 -8.76
C LYS A 84 12.88 7.94 -7.31
N TYR A 85 12.55 6.93 -6.50
CA TYR A 85 12.25 7.15 -5.10
C TYR A 85 13.00 6.14 -4.23
N SER A 86 13.86 6.66 -3.36
CA SER A 86 14.65 5.81 -2.47
C SER A 86 14.25 6.03 -1.02
N THR A 87 14.45 5.01 -0.19
CA THR A 87 14.10 5.10 1.22
C THR A 87 15.35 5.16 2.08
N ILE A 88 15.51 6.26 2.81
CA ILE A 88 16.67 6.45 3.68
C ILE A 88 16.42 5.84 5.06
N ARG A 89 15.80 4.67 5.08
CA ARG A 89 15.50 3.99 6.33
C ARG A 89 14.92 2.60 6.07
N THR A 90 15.81 1.60 5.94
CA THR A 90 15.38 0.24 5.68
C THR A 90 15.13 -0.51 7.00
N SER A 91 13.86 -0.56 7.39
CA SER A 91 13.48 -1.25 8.62
C SER A 91 12.71 -2.53 8.32
N PRO A 92 12.74 -3.48 9.26
CA PRO A 92 12.06 -4.77 9.12
C PRO A 92 10.54 -4.63 9.19
N GLU A 93 10.07 -3.38 9.32
CA GLU A 93 8.64 -3.11 9.39
C GLU A 93 8.16 -2.41 8.12
N SER A 94 8.88 -1.39 7.71
CA SER A 94 8.53 -0.63 6.52
C SER A 94 9.70 0.23 6.05
N LEU A 95 9.54 0.86 4.88
CA LEU A 95 10.59 1.70 4.32
C LEU A 95 10.00 3.01 3.81
N VAL A 96 10.50 4.13 4.36
CA VAL A 96 10.03 5.44 3.96
C VAL A 96 10.85 6.00 2.80
N ALA A 97 10.24 6.07 1.62
CA ALA A 97 10.92 6.58 0.44
C ALA A 97 10.68 8.08 0.28
N ARG A 98 11.73 8.80 -0.13
CA ARG A 98 11.64 10.24 -0.32
C ARG A 98 12.64 10.71 -1.37
N ASN A 99 12.19 11.61 -2.25
CA ASN A 99 13.04 12.14 -3.31
C ASN A 99 13.92 13.27 -2.79
N VAL A 100 15.12 13.39 -3.35
CA VAL A 100 16.04 14.44 -2.94
C VAL A 100 15.40 15.82 -2.99
N GLN A 101 14.58 16.04 -4.02
CA GLN A 101 13.89 17.31 -4.18
C GLN A 101 12.48 17.25 -3.60
N GLY A 102 11.74 16.22 -3.98
CA GLY A 102 10.38 16.07 -3.48
C GLY A 102 9.40 15.68 -4.57
N ASN A 103 9.86 14.89 -5.53
CA ASN A 103 9.02 14.44 -6.62
C ASN A 103 8.82 12.93 -6.59
N GLY A 104 7.79 12.49 -5.88
CA GLY A 104 7.52 11.07 -5.77
C GLY A 104 7.61 10.56 -4.35
N THR A 105 6.55 10.76 -3.57
CA THR A 105 6.53 10.32 -2.19
C THR A 105 5.85 8.97 -2.05
N LEU A 106 6.65 7.92 -1.89
CA LEU A 106 6.12 6.57 -1.74
C LEU A 106 6.30 6.06 -0.31
N ILE A 107 5.24 5.49 0.24
CA ILE A 107 5.28 4.96 1.59
C ILE A 107 5.01 3.45 1.61
N LEU A 108 5.95 2.70 2.17
CA LEU A 108 5.80 1.25 2.25
C LEU A 108 5.07 0.84 3.53
N ALA A 109 4.27 -0.22 3.43
CA ALA A 109 3.53 -0.71 4.59
C ALA A 109 3.37 -2.22 4.52
N ARG A 110 3.90 -2.92 5.52
CA ARG A 110 3.82 -4.38 5.58
C ARG A 110 2.55 -4.82 6.31
N ILE A 111 1.44 -4.87 5.58
CA ILE A 111 0.16 -5.28 6.16
C ILE A 111 0.23 -6.72 6.68
N GLU A 112 1.09 -7.52 6.06
CA GLU A 112 1.25 -8.91 6.47
C GLU A 112 2.62 -9.44 6.07
N ASP A 113 2.79 -10.76 6.14
CA ASP A 113 4.06 -11.39 5.80
C ASP A 113 4.42 -11.13 4.34
N ASP A 114 3.77 -11.87 3.44
CA ASP A 114 4.01 -11.72 2.01
C ASP A 114 3.01 -10.75 1.38
N LYS A 115 2.45 -9.86 2.21
CA LYS A 115 1.48 -8.89 1.75
C LYS A 115 1.79 -7.51 2.31
N TRP A 116 1.99 -6.54 1.42
CA TRP A 116 2.29 -5.17 1.83
C TRP A 116 1.71 -4.17 0.85
N VAL A 117 1.06 -3.13 1.39
CA VAL A 117 0.46 -2.09 0.55
C VAL A 117 1.29 -0.82 0.58
N VAL A 118 1.35 -0.13 -0.56
CA VAL A 118 2.11 1.10 -0.67
C VAL A 118 1.34 2.15 -1.48
N ALA A 119 1.47 3.41 -1.07
CA ALA A 119 0.79 4.50 -1.74
C ALA A 119 1.78 5.57 -2.20
N TRP A 120 1.34 6.43 -3.12
CA TRP A 120 2.19 7.50 -3.63
C TRP A 120 1.50 8.85 -3.51
N ALA A 121 1.93 9.65 -2.53
CA ALA A 121 1.34 10.96 -2.31
C ALA A 121 2.05 12.02 -3.16
N SER A 122 1.27 12.96 -3.70
CA SER A 122 1.81 14.02 -4.54
C SER A 122 2.90 14.78 -3.79
N ALA A 123 3.74 15.48 -4.55
CA ALA A 123 4.82 16.27 -3.96
C ALA A 123 4.30 17.23 -2.91
N ASP A 124 3.14 17.82 -3.18
CA ASP A 124 2.53 18.77 -2.24
C ASP A 124 2.02 18.04 -1.00
N ALA A 125 1.75 16.75 -1.14
CA ALA A 125 1.27 15.96 -0.01
C ALA A 125 2.35 15.78 1.05
N ALA A 126 1.96 15.84 2.31
CA ALA A 126 2.90 15.69 3.42
C ALA A 126 3.04 14.22 3.81
N PRO A 127 4.13 13.91 4.54
CA PRO A 127 4.41 12.54 4.99
C PRO A 127 3.43 12.07 6.06
N ASP A 128 3.26 12.89 7.09
CA ASP A 128 2.34 12.56 8.18
C ASP A 128 0.89 12.67 7.73
N SER A 129 0.68 13.33 6.60
CA SER A 129 -0.67 13.52 6.06
C SER A 129 -1.09 12.31 5.21
N VAL A 130 -0.11 11.70 4.56
CA VAL A 130 -0.36 10.53 3.71
C VAL A 130 -0.11 9.24 4.48
N TYR A 131 0.85 9.27 5.39
CA TYR A 131 1.20 8.10 6.19
C TYR A 131 0.02 7.65 7.05
N VAL A 132 -0.89 8.58 7.31
CA VAL A 132 -2.07 8.29 8.12
C VAL A 132 -3.19 7.72 7.25
N ASP A 133 -3.27 8.19 6.02
CA ASP A 133 -4.30 7.72 5.09
C ASP A 133 -3.98 6.33 4.58
N ILE A 134 -2.73 6.12 4.18
CA ILE A 134 -2.30 4.82 3.68
C ILE A 134 -2.69 3.69 4.62
N ASP A 135 -2.62 3.97 5.92
CA ASP A 135 -2.97 2.99 6.94
C ASP A 135 -4.40 2.49 6.74
N ARG A 136 -5.27 3.38 6.29
CA ARG A 136 -6.67 3.04 6.06
C ARG A 136 -6.82 2.15 4.83
N ALA A 137 -5.95 2.36 3.84
CA ALA A 137 -5.98 1.57 2.62
C ALA A 137 -4.82 0.58 2.57
N ALA A 138 -4.35 0.18 3.74
CA ALA A 138 -3.24 -0.77 3.83
C ALA A 138 -3.59 -1.94 4.75
N LYS A 139 -3.56 -1.69 6.05
CA LYS A 139 -3.87 -2.72 7.03
C LYS A 139 -5.37 -2.82 7.26
N ALA A 140 -6.15 -2.53 6.21
CA ALA A 140 -7.60 -2.58 6.30
C ALA A 140 -8.18 -3.52 5.25
N LEU A 141 -7.48 -3.66 4.13
CA LEU A 141 -7.92 -4.53 3.05
C LEU A 141 -7.01 -5.74 2.91
N LYS A 142 -6.02 -5.83 3.80
CA LYS A 142 -5.08 -6.94 3.78
C LYS A 142 -5.82 -8.28 3.70
N GLY A 143 -5.46 -9.08 2.70
CA GLY A 143 -6.11 -10.38 2.53
C GLY A 143 -6.58 -10.62 1.11
N LYS A 144 -6.93 -9.53 0.42
CA LYS A 144 -7.41 -9.63 -0.96
C LYS A 144 -6.40 -8.99 -1.92
N ILE A 145 -5.21 -9.58 -2.00
CA ILE A 145 -4.17 -9.08 -2.88
C ILE A 145 -3.31 -10.21 -3.43
N GLY A 1 -21.45 -24.65 27.76
CA GLY A 1 -21.43 -23.96 26.48
C GLY A 1 -22.78 -23.34 26.13
N MET A 2 -23.45 -23.92 25.15
CA MET A 2 -24.76 -23.42 24.73
C MET A 2 -24.67 -21.96 24.32
N ALA A 3 -23.56 -21.59 23.68
CA ALA A 3 -23.36 -20.22 23.22
C ALA A 3 -24.37 -19.83 22.16
N GLY A 4 -24.25 -18.61 21.64
CA GLY A 4 -25.16 -18.14 20.62
C GLY A 4 -24.44 -17.63 19.39
N TYR A 5 -24.74 -18.23 18.24
CA TYR A 5 -24.11 -17.82 16.99
C TYR A 5 -24.23 -16.32 16.78
N ASN A 6 -23.23 -15.74 16.12
CA ASN A 6 -23.22 -14.30 15.86
C ASN A 6 -23.15 -14.03 14.36
N LEU A 7 -22.91 -12.77 14.00
CA LEU A 7 -22.82 -12.38 12.60
C LEU A 7 -21.72 -13.16 11.88
N GLY A 8 -21.47 -12.79 10.63
CA GLY A 8 -20.44 -13.47 9.85
C GLY A 8 -20.89 -13.80 8.45
N THR A 9 -22.18 -14.10 8.29
CA THR A 9 -22.74 -14.42 6.99
C THR A 9 -23.01 -13.17 6.18
N GLU A 10 -22.19 -12.95 5.15
CA GLU A 10 -22.34 -11.77 4.29
C GLU A 10 -22.45 -10.49 5.12
N TRP A 11 -21.56 -10.37 6.11
CA TRP A 11 -21.56 -9.19 6.98
C TRP A 11 -20.18 -8.55 7.02
N ILE A 12 -19.14 -9.39 7.01
CA ILE A 12 -17.77 -8.90 7.04
C ILE A 12 -17.50 -8.11 8.32
N SER A 13 -18.13 -8.54 9.41
CA SER A 13 -17.95 -7.87 10.69
C SER A 13 -16.69 -8.37 11.40
N LEU A 14 -16.30 -9.60 11.10
CA LEU A 14 -15.11 -10.20 11.70
C LEU A 14 -13.97 -10.27 10.68
N ARG A 15 -13.66 -9.14 10.06
CA ARG A 15 -12.59 -9.07 9.07
C ARG A 15 -11.37 -9.82 9.56
N SER A 16 -11.11 -10.99 8.99
CA SER A 16 -9.96 -11.80 9.37
C SER A 16 -8.65 -11.09 9.03
N LYS A 17 -8.73 -10.13 8.11
CA LYS A 17 -7.56 -9.37 7.70
C LYS A 17 -6.59 -10.25 6.92
N LEU A 18 -7.13 -11.23 6.22
CA LEU A 18 -6.30 -12.15 5.42
C LEU A 18 -7.18 -13.21 4.74
N GLU A 19 -6.94 -13.42 3.45
CA GLU A 19 -7.69 -14.41 2.69
C GLU A 19 -9.16 -14.00 2.59
N MET A 20 -9.45 -12.75 2.91
CA MET A 20 -10.82 -12.24 2.86
C MET A 20 -11.09 -11.54 1.53
N SER A 21 -12.03 -12.07 0.77
CA SER A 21 -12.38 -11.49 -0.53
C SER A 21 -13.02 -10.12 -0.36
N ASP A 22 -12.19 -9.09 -0.28
CA ASP A 22 -12.67 -7.73 -0.12
C ASP A 22 -12.72 -7.01 -1.46
N PRO A 23 -13.55 -5.95 -1.54
CA PRO A 23 -13.71 -5.15 -2.76
C PRO A 23 -12.47 -4.34 -3.09
N VAL A 24 -11.71 -4.79 -4.08
CA VAL A 24 -10.50 -4.10 -4.50
C VAL A 24 -10.82 -2.80 -5.20
N MET A 25 -9.83 -1.91 -5.29
CA MET A 25 -10.01 -0.62 -5.94
C MET A 25 -10.82 0.33 -5.06
N GLU A 26 -11.15 -0.13 -3.85
CA GLU A 26 -11.93 0.68 -2.91
C GLU A 26 -11.01 1.56 -2.07
N ALA A 27 -9.83 1.04 -1.75
CA ALA A 27 -8.86 1.77 -0.95
C ALA A 27 -8.64 3.18 -1.50
N TYR A 28 -8.67 3.31 -2.83
CA TYR A 28 -8.47 4.59 -3.49
C TYR A 28 -9.36 5.66 -2.86
N THR A 29 -10.67 5.39 -2.82
CA THR A 29 -11.62 6.32 -2.25
C THR A 29 -11.52 6.37 -0.73
N GLN A 30 -11.17 5.23 -0.13
CA GLN A 30 -11.03 5.14 1.31
C GLN A 30 -10.05 6.20 1.84
N ALA A 31 -9.01 6.46 1.06
CA ALA A 31 -8.01 7.45 1.43
C ALA A 31 -8.24 8.78 0.72
N TYR A 32 -8.55 8.70 -0.57
CA TYR A 32 -8.80 9.90 -1.36
C TYR A 32 -9.87 10.77 -0.71
N GLU A 33 -10.84 10.13 -0.07
CA GLU A 33 -11.92 10.84 0.60
C GLU A 33 -11.38 11.93 1.51
N ALA A 34 -10.41 11.56 2.35
CA ALA A 34 -9.81 12.52 3.28
C ALA A 34 -8.61 13.22 2.63
N SER A 35 -8.05 12.59 1.61
CA SER A 35 -6.89 13.16 0.91
C SER A 35 -7.34 13.99 -0.29
N ASN A 36 -8.56 14.51 -0.22
CA ASN A 36 -9.11 15.32 -1.30
C ASN A 36 -8.16 16.46 -1.65
N GLN A 37 -7.30 16.83 -0.71
CA GLN A 37 -6.35 17.91 -0.92
C GLN A 37 -5.10 17.39 -1.64
N MET A 38 -4.74 16.15 -1.34
CA MET A 38 -3.56 15.54 -1.94
C MET A 38 -3.82 14.08 -2.29
N VAL A 39 -4.24 13.83 -3.52
CA VAL A 39 -4.53 12.48 -3.98
C VAL A 39 -3.26 11.65 -4.06
N GLN A 40 -3.31 10.42 -3.54
CA GLN A 40 -2.17 9.52 -3.55
C GLN A 40 -2.52 8.20 -4.21
N ALA A 41 -1.65 7.74 -5.10
CA ALA A 41 -1.87 6.48 -5.80
C ALA A 41 -1.75 5.29 -4.85
N PHE A 42 -2.40 4.19 -5.20
CA PHE A 42 -2.37 2.99 -4.38
C PHE A 42 -2.07 1.75 -5.22
N GLY A 43 -0.85 1.22 -5.07
CA GLY A 43 -0.46 0.05 -5.84
C GLY A 43 -0.05 -1.10 -4.94
N VAL A 44 -0.71 -2.24 -5.10
CA VAL A 44 -0.41 -3.43 -4.31
C VAL A 44 0.76 -4.20 -4.90
N ILE A 45 1.56 -4.80 -4.03
CA ILE A 45 2.72 -5.58 -4.47
C ILE A 45 2.75 -6.95 -3.79
N LYS A 46 2.65 -8.00 -4.59
CA LYS A 46 2.68 -9.36 -4.07
C LYS A 46 4.09 -9.95 -4.15
N ALA A 47 4.54 -10.53 -3.04
CA ALA A 47 5.86 -11.13 -2.98
C ALA A 47 6.09 -12.08 -4.16
N ASP A 48 5.00 -12.58 -4.73
CA ASP A 48 5.09 -13.48 -5.88
C ASP A 48 5.76 -12.80 -7.06
N GLY A 49 5.86 -11.47 -7.00
CA GLY A 49 6.48 -10.73 -8.08
C GLY A 49 5.47 -10.03 -8.97
N SER A 50 4.19 -10.20 -8.65
CA SER A 50 3.13 -9.59 -9.44
C SER A 50 2.41 -8.51 -8.63
N VAL A 51 1.81 -7.56 -9.35
CA VAL A 51 1.09 -6.46 -8.70
C VAL A 51 -0.36 -6.41 -9.16
N LEU A 52 -1.27 -6.19 -8.22
CA LEU A 52 -2.69 -6.12 -8.52
C LEU A 52 -3.27 -4.77 -8.12
N TRP A 53 -3.09 -3.77 -8.97
CA TRP A 53 -3.58 -2.43 -8.70
C TRP A 53 -4.03 -1.74 -9.99
N GLN A 54 -4.77 -0.65 -9.85
CA GLN A 54 -5.25 0.10 -10.99
C GLN A 54 -5.27 1.60 -10.70
N SER A 55 -4.08 2.18 -10.54
CA SER A 55 -3.96 3.60 -10.25
C SER A 55 -3.66 4.40 -11.52
N ASN A 56 -2.96 3.75 -12.45
CA ASN A 56 -2.60 4.39 -13.72
C ASN A 56 -1.79 5.66 -13.47
N ASN A 57 -1.13 5.71 -12.32
CA ASN A 57 -0.31 6.87 -11.96
C ASN A 57 1.17 6.53 -12.03
N TRP A 58 1.52 5.35 -11.57
CA TRP A 58 2.92 4.91 -11.57
C TRP A 58 3.03 3.46 -12.03
N ASP A 59 3.88 3.22 -13.01
CA ASP A 59 4.07 1.87 -13.54
C ASP A 59 4.65 0.95 -12.46
N LEU A 60 3.76 0.26 -11.75
CA LEU A 60 4.17 -0.66 -10.69
C LEU A 60 4.32 -2.08 -11.22
N SER A 61 3.60 -2.37 -12.30
CA SER A 61 3.65 -3.70 -12.91
C SER A 61 4.85 -3.82 -13.85
N ALA A 62 5.29 -2.68 -14.38
CA ALA A 62 6.43 -2.66 -15.29
C ALA A 62 7.57 -3.51 -14.76
N ASP A 63 7.86 -3.36 -13.47
CA ASP A 63 8.95 -4.12 -12.84
C ASP A 63 8.51 -4.62 -11.47
N ALA A 64 7.29 -5.13 -11.38
CA ALA A 64 6.76 -5.65 -10.13
C ALA A 64 7.80 -6.51 -9.40
N GLN A 65 8.62 -7.20 -10.18
CA GLN A 65 9.65 -8.07 -9.62
C GLN A 65 10.68 -7.24 -8.83
N GLN A 66 11.11 -6.14 -9.42
CA GLN A 66 12.09 -5.27 -8.78
C GLN A 66 11.43 -4.38 -7.73
N LEU A 67 10.19 -3.98 -8.01
CA LEU A 67 9.44 -3.12 -7.09
C LEU A 67 9.50 -3.66 -5.67
N ILE A 68 9.56 -4.99 -5.54
CA ILE A 68 9.62 -5.64 -4.23
C ILE A 68 11.08 -5.85 -3.81
N SER A 69 11.97 -5.93 -4.78
CA SER A 69 13.39 -6.12 -4.51
C SER A 69 13.95 -4.97 -3.67
N ALA A 70 13.43 -3.78 -3.91
CA ALA A 70 13.89 -2.59 -3.19
C ALA A 70 13.79 -2.81 -1.68
N VAL A 71 12.90 -3.70 -1.26
CA VAL A 71 12.72 -4.00 0.15
C VAL A 71 13.16 -5.42 0.48
N ASN A 72 12.94 -6.33 -0.46
CA ASN A 72 13.33 -7.73 -0.28
C ASN A 72 14.74 -7.83 0.28
N ASN A 73 15.61 -6.92 -0.14
CA ASN A 73 17.00 -6.91 0.32
C ASN A 73 17.41 -5.52 0.78
N GLN A 74 16.45 -4.79 1.37
CA GLN A 74 16.71 -3.44 1.85
C GLN A 74 17.57 -2.66 0.87
N SER A 75 17.16 -2.65 -0.39
CA SER A 75 17.90 -1.94 -1.44
C SER A 75 17.71 -0.44 -1.30
N ALA A 76 16.44 0.00 -1.33
CA ALA A 76 16.13 1.42 -1.22
C ALA A 76 16.63 2.20 -2.44
N SER A 77 15.94 2.02 -3.57
CA SER A 77 16.31 2.71 -4.79
C SER A 77 15.61 2.08 -6.00
N VAL A 78 14.46 2.66 -6.36
CA VAL A 78 13.68 2.17 -7.48
C VAL A 78 13.00 3.31 -8.23
N LYS A 79 12.96 3.21 -9.55
CA LYS A 79 12.33 4.24 -10.37
C LYS A 79 11.08 3.69 -11.07
N GLN A 80 9.96 4.37 -10.87
CA GLN A 80 8.70 3.95 -11.46
C GLN A 80 8.05 5.11 -12.21
N ASN A 81 7.92 4.97 -13.52
CA ASN A 81 7.30 6.00 -14.34
C ASN A 81 8.18 7.26 -14.38
N ASP A 82 9.47 7.07 -14.59
CA ASP A 82 10.41 8.19 -14.65
C ASP A 82 10.48 8.90 -13.31
N VAL A 83 10.22 8.17 -12.23
CA VAL A 83 10.26 8.73 -10.89
C VAL A 83 11.08 7.88 -9.94
N LYS A 84 12.27 8.35 -9.60
CA LYS A 84 13.15 7.63 -8.70
C LYS A 84 12.86 7.98 -7.25
N TYR A 85 12.54 6.96 -6.45
CA TYR A 85 12.24 7.17 -5.04
C TYR A 85 12.99 6.17 -4.16
N SER A 86 13.86 6.69 -3.30
CA SER A 86 14.64 5.83 -2.42
C SER A 86 14.25 6.04 -0.96
N THR A 87 14.44 5.02 -0.14
CA THR A 87 14.09 5.09 1.27
C THR A 87 15.35 5.15 2.14
N ILE A 88 15.50 6.25 2.88
CA ILE A 88 16.64 6.43 3.75
C ILE A 88 16.40 5.82 5.12
N ARG A 89 15.78 4.63 5.14
CA ARG A 89 15.48 3.94 6.38
C ARG A 89 14.90 2.55 6.11
N THR A 90 15.79 1.57 5.97
CA THR A 90 15.36 0.20 5.71
C THR A 90 15.11 -0.56 7.00
N SER A 91 13.84 -0.62 7.40
CA SER A 91 13.46 -1.32 8.63
C SER A 91 12.69 -2.60 8.31
N PRO A 92 12.73 -3.55 9.25
CA PRO A 92 12.04 -4.83 9.10
C PRO A 92 10.52 -4.69 9.15
N GLU A 93 10.05 -3.46 9.30
CA GLU A 93 8.62 -3.19 9.37
C GLU A 93 8.14 -2.48 8.11
N SER A 94 8.87 -1.45 7.70
CA SER A 94 8.51 -0.68 6.51
C SER A 94 9.68 0.17 6.04
N LEU A 95 9.52 0.81 4.89
CA LEU A 95 10.57 1.67 4.33
C LEU A 95 9.99 2.99 3.84
N VAL A 96 10.48 4.09 4.38
CA VAL A 96 10.01 5.41 4.00
C VAL A 96 10.83 5.97 2.85
N ALA A 97 10.22 6.05 1.67
CA ALA A 97 10.90 6.58 0.49
C ALA A 97 10.66 8.08 0.34
N ARG A 98 11.72 8.79 -0.06
CA ARG A 98 11.63 10.23 -0.24
C ARG A 98 12.62 10.72 -1.29
N ASN A 99 12.17 11.62 -2.16
CA ASN A 99 13.02 12.16 -3.22
C ASN A 99 13.90 13.29 -2.69
N VAL A 100 15.09 13.42 -3.24
CA VAL A 100 16.02 14.46 -2.83
C VAL A 100 15.36 15.84 -2.87
N GLN A 101 14.55 16.06 -3.89
CA GLN A 101 13.86 17.34 -4.05
C GLN A 101 12.46 17.27 -3.47
N GLY A 102 11.69 16.25 -3.87
CA GLY A 102 10.35 16.09 -3.38
C GLY A 102 9.37 15.70 -4.47
N ASN A 103 9.84 14.90 -5.42
CA ASN A 103 9.00 14.47 -6.53
C ASN A 103 8.80 12.95 -6.50
N GLY A 104 7.77 12.51 -5.79
CA GLY A 104 7.49 11.09 -5.70
C GLY A 104 7.60 10.57 -4.28
N THR A 105 6.54 10.77 -3.50
CA THR A 105 6.51 10.32 -2.12
C THR A 105 5.83 8.96 -2.00
N LEU A 106 6.63 7.91 -1.84
CA LEU A 106 6.10 6.56 -1.71
C LEU A 106 6.28 6.04 -0.29
N ILE A 107 5.22 5.46 0.27
CA ILE A 107 5.26 4.92 1.62
C ILE A 107 5.00 3.42 1.63
N LEU A 108 5.93 2.66 2.18
CA LEU A 108 5.79 1.21 2.26
C LEU A 108 5.06 0.79 3.53
N ALA A 109 4.27 -0.27 3.42
CA ALA A 109 3.52 -0.77 4.56
C ALA A 109 3.36 -2.28 4.49
N ARG A 110 3.89 -2.98 5.49
CA ARG A 110 3.81 -4.44 5.54
C ARG A 110 2.54 -4.89 6.26
N ILE A 111 1.44 -4.94 5.53
CA ILE A 111 0.17 -5.36 6.11
C ILE A 111 0.24 -6.80 6.61
N GLU A 112 1.10 -7.59 5.99
CA GLU A 112 1.26 -8.99 6.38
C GLU A 112 2.63 -9.52 5.98
N ASP A 113 2.81 -10.83 6.07
CA ASP A 113 4.08 -11.46 5.71
C ASP A 113 4.43 -11.18 4.26
N ASP A 114 3.79 -11.91 3.35
CA ASP A 114 4.04 -11.75 1.93
C ASP A 114 3.03 -10.79 1.30
N LYS A 115 2.48 -9.91 2.13
CA LYS A 115 1.50 -8.93 1.67
C LYS A 115 1.80 -7.55 2.25
N TRP A 116 2.00 -6.58 1.37
CA TRP A 116 2.30 -5.21 1.79
C TRP A 116 1.71 -4.20 0.81
N VAL A 117 1.07 -3.17 1.35
CA VAL A 117 0.46 -2.14 0.52
C VAL A 117 1.29 -0.85 0.55
N VAL A 118 1.36 -0.16 -0.58
CA VAL A 118 2.11 1.08 -0.67
C VAL A 118 1.34 2.13 -1.47
N ALA A 119 1.46 3.38 -1.07
CA ALA A 119 0.78 4.49 -1.73
C ALA A 119 1.77 5.56 -2.17
N TRP A 120 1.33 6.42 -3.08
CA TRP A 120 2.19 7.49 -3.59
C TRP A 120 1.49 8.84 -3.47
N ALA A 121 1.90 9.63 -2.48
CA ALA A 121 1.32 10.95 -2.25
C ALA A 121 2.02 12.01 -3.10
N SER A 122 1.24 12.95 -3.62
CA SER A 122 1.79 14.01 -4.45
C SER A 122 2.87 14.78 -3.71
N ALA A 123 3.71 15.49 -4.46
CA ALA A 123 4.79 16.27 -3.86
C ALA A 123 4.26 17.23 -2.80
N ASP A 124 3.09 17.81 -3.07
CA ASP A 124 2.48 18.75 -2.15
C ASP A 124 1.98 18.03 -0.90
N ALA A 125 1.71 16.73 -1.04
CA ALA A 125 1.23 15.92 0.07
C ALA A 125 2.31 15.74 1.14
N ALA A 126 1.91 15.80 2.39
CA ALA A 126 2.84 15.63 3.50
C ALA A 126 3.00 14.17 3.89
N PRO A 127 4.07 13.85 4.61
CA PRO A 127 4.37 12.48 5.05
C PRO A 127 3.39 12.00 6.12
N ASP A 128 3.20 12.82 7.16
CA ASP A 128 2.30 12.48 8.24
C ASP A 128 0.83 12.58 7.79
N SER A 129 0.62 13.26 6.67
CA SER A 129 -0.72 13.44 6.13
C SER A 129 -1.13 12.24 5.28
N VAL A 130 -0.15 11.63 4.62
CA VAL A 130 -0.41 10.47 3.78
C VAL A 130 -0.15 9.17 4.52
N TYR A 131 0.82 9.20 5.43
CA TYR A 131 1.16 8.03 6.23
C TYR A 131 -0.02 7.57 7.07
N VAL A 132 -0.94 8.50 7.35
CA VAL A 132 -2.11 8.19 8.15
C VAL A 132 -3.24 7.63 7.28
N ASP A 133 -3.31 8.10 6.05
CA ASP A 133 -4.34 7.64 5.12
C ASP A 133 -4.01 6.25 4.59
N ILE A 134 -2.76 6.05 4.20
CA ILE A 134 -2.32 4.76 3.68
C ILE A 134 -2.71 3.63 4.62
N ASP A 135 -2.65 3.89 5.92
CA ASP A 135 -3.00 2.89 6.92
C ASP A 135 -4.43 2.40 6.72
N ARG A 136 -5.30 3.30 6.27
CA ARG A 136 -6.70 2.95 6.05
C ARG A 136 -6.83 2.06 4.80
N ALA A 137 -5.97 2.28 3.82
CA ALA A 137 -6.00 1.50 2.60
C ALA A 137 -4.84 0.52 2.54
N ALA A 138 -4.35 0.11 3.71
CA ALA A 138 -3.25 -0.84 3.81
C ALA A 138 -3.60 -2.01 4.71
N LYS A 139 -3.57 -1.78 6.01
CA LYS A 139 -3.88 -2.82 6.99
C LYS A 139 -5.39 -2.91 7.21
N ALA A 140 -6.16 -2.62 6.17
CA ALA A 140 -7.61 -2.69 6.25
C ALA A 140 -8.19 -3.62 5.19
N LEU A 141 -7.48 -3.74 4.07
CA LEU A 141 -7.92 -4.60 2.98
C LEU A 141 -7.01 -5.81 2.84
N LYS A 142 -6.02 -5.91 3.72
CA LYS A 142 -5.07 -7.02 3.70
C LYS A 142 -5.81 -8.35 3.61
N GLY A 143 -5.46 -9.14 2.60
CA GLY A 143 -6.08 -10.45 2.42
C GLY A 143 -6.55 -10.67 0.99
N LYS A 144 -6.91 -9.58 0.32
CA LYS A 144 -7.38 -9.66 -1.06
C LYS A 144 -6.38 -9.02 -2.01
N ILE A 145 -5.18 -9.61 -2.10
CA ILE A 145 -4.13 -9.09 -2.97
C ILE A 145 -3.28 -10.22 -3.53
N GLY A 1 -21.85 -24.49 28.04
CA GLY A 1 -21.77 -23.81 26.75
C GLY A 1 -23.10 -23.20 26.34
N MET A 2 -23.71 -23.78 25.31
CA MET A 2 -24.99 -23.29 24.82
C MET A 2 -24.89 -21.83 24.39
N ALA A 3 -23.76 -21.48 23.76
CA ALA A 3 -23.55 -20.12 23.30
C ALA A 3 -24.55 -19.73 22.22
N GLY A 4 -24.40 -18.52 21.69
CA GLY A 4 -25.30 -18.05 20.65
C GLY A 4 -24.56 -17.56 19.43
N TYR A 5 -24.86 -18.15 18.28
CA TYR A 5 -24.21 -17.77 17.03
C TYR A 5 -24.31 -16.27 16.81
N ASN A 6 -23.30 -15.70 16.16
CA ASN A 6 -23.26 -14.28 15.88
C ASN A 6 -23.18 -14.01 14.37
N LEU A 7 -22.92 -12.76 14.01
CA LEU A 7 -22.82 -12.38 12.62
C LEU A 7 -21.72 -13.17 11.91
N GLY A 8 -21.46 -12.83 10.65
CA GLY A 8 -20.43 -13.52 9.90
C GLY A 8 -20.89 -13.85 8.49
N THR A 9 -22.18 -14.14 8.32
CA THR A 9 -22.73 -14.48 7.02
C THR A 9 -23.01 -13.23 6.20
N GLU A 10 -22.18 -13.01 5.17
CA GLU A 10 -22.34 -11.85 4.30
C GLU A 10 -22.44 -10.57 5.12
N TRP A 11 -21.56 -10.43 6.11
CA TRP A 11 -21.55 -9.25 6.97
C TRP A 11 -20.17 -8.61 7.00
N ILE A 12 -19.14 -9.45 7.00
CA ILE A 12 -17.76 -8.96 7.03
C ILE A 12 -17.49 -8.17 8.31
N SER A 13 -18.11 -8.58 9.40
CA SER A 13 -17.94 -7.91 10.68
C SER A 13 -16.68 -8.40 11.39
N LEU A 14 -16.28 -9.64 11.08
CA LEU A 14 -15.09 -10.22 11.68
C LEU A 14 -13.95 -10.30 10.68
N ARG A 15 -13.66 -9.18 10.04
CA ARG A 15 -12.59 -9.12 9.05
C ARG A 15 -11.35 -9.86 9.54
N SER A 16 -11.09 -11.03 8.97
CA SER A 16 -9.94 -11.83 9.36
C SER A 16 -8.64 -11.12 9.01
N LYS A 17 -8.72 -10.16 8.09
CA LYS A 17 -7.55 -9.40 7.68
C LYS A 17 -6.57 -10.28 6.89
N LEU A 18 -7.11 -11.26 6.19
CA LEU A 18 -6.29 -12.17 5.40
C LEU A 18 -7.15 -13.23 4.72
N GLU A 19 -6.91 -13.44 3.43
CA GLU A 19 -7.67 -14.43 2.66
C GLU A 19 -9.14 -14.03 2.56
N MET A 20 -9.43 -12.77 2.89
CA MET A 20 -10.80 -12.28 2.84
C MET A 20 -11.06 -11.57 1.52
N SER A 21 -12.02 -12.10 0.75
CA SER A 21 -12.37 -11.52 -0.54
C SER A 21 -13.02 -10.15 -0.37
N ASP A 22 -12.18 -9.12 -0.29
CA ASP A 22 -12.67 -7.76 -0.13
C ASP A 22 -12.72 -7.04 -1.48
N PRO A 23 -13.54 -5.98 -1.55
CA PRO A 23 -13.71 -5.18 -2.77
C PRO A 23 -12.46 -4.36 -3.09
N VAL A 24 -11.71 -4.81 -4.09
CA VAL A 24 -10.50 -4.12 -4.50
C VAL A 24 -10.83 -2.81 -5.20
N MET A 25 -9.84 -1.92 -5.28
CA MET A 25 -10.02 -0.63 -5.93
C MET A 25 -10.83 0.32 -5.05
N GLU A 26 -11.16 -0.14 -3.85
CA GLU A 26 -11.93 0.66 -2.91
C GLU A 26 -11.01 1.54 -2.06
N ALA A 27 -9.83 1.01 -1.75
CA ALA A 27 -8.86 1.76 -0.95
C ALA A 27 -8.64 3.16 -1.50
N TYR A 28 -8.67 3.28 -2.83
CA TYR A 28 -8.47 4.57 -3.48
C TYR A 28 -9.36 5.64 -2.86
N THR A 29 -10.67 5.36 -2.82
CA THR A 29 -11.63 6.30 -2.24
C THR A 29 -11.51 6.35 -0.72
N GLN A 30 -11.17 5.21 -0.12
CA GLN A 30 -11.02 5.12 1.32
C GLN A 30 -10.05 6.17 1.84
N ALA A 31 -9.01 6.44 1.06
CA ALA A 31 -8.00 7.42 1.44
C ALA A 31 -8.24 8.76 0.73
N TYR A 32 -8.55 8.69 -0.55
CA TYR A 32 -8.80 9.88 -1.35
C TYR A 32 -9.87 10.75 -0.70
N GLU A 33 -10.85 10.11 -0.06
CA GLU A 33 -11.93 10.81 0.61
C GLU A 33 -11.39 11.90 1.53
N ALA A 34 -10.42 11.54 2.36
CA ALA A 34 -9.81 12.49 3.29
C ALA A 34 -8.61 13.20 2.65
N SER A 35 -8.05 12.58 1.62
CA SER A 35 -6.90 13.15 0.93
C SER A 35 -7.35 13.97 -0.27
N ASN A 36 -8.57 14.49 -0.20
CA ASN A 36 -9.12 15.30 -1.28
C ASN A 36 -8.17 16.45 -1.63
N GLN A 37 -7.32 16.81 -0.68
CA GLN A 37 -6.36 17.89 -0.90
C GLN A 37 -5.11 17.38 -1.61
N MET A 38 -4.75 16.14 -1.32
CA MET A 38 -3.56 15.53 -1.93
C MET A 38 -3.83 14.06 -2.27
N VAL A 39 -4.25 13.82 -3.51
CA VAL A 39 -4.54 12.47 -3.96
C VAL A 39 -3.26 11.64 -4.05
N GLN A 40 -3.33 10.42 -3.52
CA GLN A 40 -2.17 9.52 -3.53
C GLN A 40 -2.53 8.19 -4.20
N ALA A 41 -1.65 7.73 -5.09
CA ALA A 41 -1.87 6.47 -5.79
C ALA A 41 -1.75 5.29 -4.84
N PHE A 42 -2.40 4.18 -5.19
CA PHE A 42 -2.36 2.98 -4.38
C PHE A 42 -2.07 1.75 -5.22
N GLY A 43 -0.86 1.22 -5.08
CA GLY A 43 -0.47 0.04 -5.84
C GLY A 43 -0.05 -1.11 -4.96
N VAL A 44 -0.72 -2.25 -5.10
CA VAL A 44 -0.42 -3.43 -4.31
C VAL A 44 0.76 -4.20 -4.91
N ILE A 45 1.56 -4.81 -4.04
CA ILE A 45 2.72 -5.59 -4.48
C ILE A 45 2.75 -6.94 -3.81
N LYS A 46 2.66 -8.01 -4.61
CA LYS A 46 2.69 -9.37 -4.09
C LYS A 46 4.10 -9.95 -4.15
N ALA A 47 4.55 -10.54 -3.06
CA ALA A 47 5.87 -11.14 -3.00
C ALA A 47 6.10 -12.07 -4.18
N ASP A 48 5.02 -12.57 -4.76
CA ASP A 48 5.11 -13.48 -5.89
C ASP A 48 5.79 -12.80 -7.08
N GLY A 49 5.86 -11.47 -7.03
CA GLY A 49 6.49 -10.72 -8.10
C GLY A 49 5.48 -10.03 -8.99
N SER A 50 4.20 -10.19 -8.67
CA SER A 50 3.13 -9.59 -9.45
C SER A 50 2.42 -8.50 -8.65
N VAL A 51 1.81 -7.56 -9.36
CA VAL A 51 1.10 -6.47 -8.71
C VAL A 51 -0.36 -6.41 -9.18
N LEU A 52 -1.27 -6.20 -8.23
CA LEU A 52 -2.68 -6.13 -8.54
C LEU A 52 -3.27 -4.78 -8.13
N TRP A 53 -3.08 -3.77 -8.99
CA TRP A 53 -3.59 -2.44 -8.71
C TRP A 53 -4.02 -1.74 -9.99
N GLN A 54 -4.77 -0.65 -9.86
CA GLN A 54 -5.25 0.10 -11.01
C GLN A 54 -5.26 1.60 -10.71
N SER A 55 -4.08 2.18 -10.54
CA SER A 55 -3.96 3.60 -10.25
C SER A 55 -3.66 4.39 -11.52
N ASN A 56 -2.96 3.75 -12.45
CA ASN A 56 -2.59 4.39 -13.71
C ASN A 56 -1.79 5.66 -13.46
N ASN A 57 -1.13 5.72 -12.32
CA ASN A 57 -0.32 6.87 -11.95
C ASN A 57 1.17 6.55 -12.03
N TRP A 58 1.53 5.35 -11.56
CA TRP A 58 2.92 4.91 -11.57
C TRP A 58 3.02 3.47 -12.03
N ASP A 59 3.89 3.23 -13.01
CA ASP A 59 4.09 1.88 -13.54
C ASP A 59 4.65 0.95 -12.47
N LEU A 60 3.76 0.27 -11.76
CA LEU A 60 4.18 -0.64 -10.70
C LEU A 60 4.32 -2.06 -11.24
N SER A 61 3.59 -2.36 -12.32
CA SER A 61 3.64 -3.68 -12.93
C SER A 61 4.85 -3.80 -13.87
N ALA A 62 5.29 -2.67 -14.40
CA ALA A 62 6.43 -2.64 -15.31
C ALA A 62 7.58 -3.50 -14.78
N ASP A 63 7.87 -3.35 -13.49
CA ASP A 63 8.94 -4.10 -12.85
C ASP A 63 8.51 -4.60 -11.48
N ALA A 64 7.30 -5.13 -11.39
CA ALA A 64 6.76 -5.64 -10.14
C ALA A 64 7.81 -6.49 -9.42
N GLN A 65 8.63 -7.19 -10.19
CA GLN A 65 9.66 -8.05 -9.62
C GLN A 65 10.68 -7.22 -8.85
N GLN A 66 11.12 -6.12 -9.44
CA GLN A 66 12.09 -5.24 -8.79
C GLN A 66 11.43 -4.36 -7.75
N LEU A 67 10.19 -3.96 -8.02
CA LEU A 67 9.44 -3.11 -7.10
C LEU A 67 9.51 -3.66 -5.68
N ILE A 68 9.56 -4.98 -5.56
CA ILE A 68 9.64 -5.63 -4.25
C ILE A 68 11.08 -5.84 -3.82
N SER A 69 11.98 -5.91 -4.80
CA SER A 69 13.39 -6.12 -4.52
C SER A 69 13.95 -4.97 -3.69
N ALA A 70 13.44 -3.77 -3.93
CA ALA A 70 13.90 -2.58 -3.21
C ALA A 70 13.80 -2.80 -1.70
N VAL A 71 12.91 -3.68 -1.28
CA VAL A 71 12.73 -3.99 0.14
C VAL A 71 13.18 -5.41 0.46
N ASN A 72 12.96 -6.32 -0.47
CA ASN A 72 13.35 -7.71 -0.30
C ASN A 72 14.76 -7.82 0.27
N ASN A 73 15.63 -6.90 -0.17
CA ASN A 73 17.02 -6.89 0.29
C ASN A 73 17.42 -5.49 0.77
N GLN A 74 16.47 -4.78 1.35
CA GLN A 74 16.72 -3.43 1.85
C GLN A 74 17.59 -2.64 0.86
N SER A 75 17.18 -2.63 -0.40
CA SER A 75 17.91 -1.92 -1.45
C SER A 75 17.71 -0.41 -1.31
N ALA A 76 16.46 0.02 -1.34
CA ALA A 76 16.13 1.44 -1.22
C ALA A 76 16.63 2.21 -2.43
N SER A 77 15.94 2.05 -3.56
CA SER A 77 16.31 2.73 -4.79
C SER A 77 15.61 2.12 -5.99
N VAL A 78 14.46 2.68 -6.36
CA VAL A 78 13.68 2.20 -7.48
C VAL A 78 13.00 3.34 -8.22
N LYS A 79 12.96 3.25 -9.54
CA LYS A 79 12.33 4.28 -10.36
C LYS A 79 11.09 3.73 -11.07
N GLN A 80 9.96 4.40 -10.86
CA GLN A 80 8.70 3.98 -11.47
C GLN A 80 8.04 5.14 -12.21
N ASN A 81 7.91 5.01 -13.52
CA ASN A 81 7.30 6.04 -14.34
C ASN A 81 8.17 7.30 -14.36
N ASP A 82 9.46 7.11 -14.59
CA ASP A 82 10.40 8.23 -14.64
C ASP A 82 10.47 8.95 -13.30
N VAL A 83 10.21 8.20 -12.22
CA VAL A 83 10.24 8.77 -10.88
C VAL A 83 11.07 7.91 -9.93
N LYS A 84 12.26 8.39 -9.59
CA LYS A 84 13.15 7.66 -8.69
C LYS A 84 12.86 8.01 -7.24
N TYR A 85 12.55 6.99 -6.44
CA TYR A 85 12.24 7.20 -5.03
C TYR A 85 12.99 6.19 -4.16
N SER A 86 13.86 6.70 -3.29
CA SER A 86 14.65 5.85 -2.42
C SER A 86 14.24 6.06 -0.95
N THR A 87 14.44 5.02 -0.13
CA THR A 87 14.09 5.09 1.27
C THR A 87 15.34 5.16 2.14
N ILE A 88 15.49 6.26 2.88
CA ILE A 88 16.65 6.43 3.75
C ILE A 88 16.40 5.82 5.12
N ARG A 89 15.77 4.64 5.13
CA ARG A 89 15.48 3.94 6.38
C ARG A 89 14.91 2.56 6.10
N THR A 90 15.79 1.58 5.97
CA THR A 90 15.38 0.20 5.71
C THR A 90 15.12 -0.55 7.00
N SER A 91 13.84 -0.62 7.40
CA SER A 91 13.47 -1.32 8.62
C SER A 91 12.70 -2.60 8.31
N PRO A 92 12.74 -3.56 9.24
CA PRO A 92 12.05 -4.84 9.10
C PRO A 92 10.53 -4.70 9.15
N GLU A 93 10.06 -3.47 9.30
CA GLU A 93 8.63 -3.19 9.36
C GLU A 93 8.15 -2.49 8.10
N SER A 94 8.88 -1.45 7.69
CA SER A 94 8.52 -0.69 6.51
C SER A 94 9.70 0.18 6.04
N LEU A 95 9.53 0.81 4.88
CA LEU A 95 10.57 1.67 4.33
C LEU A 95 9.99 2.99 3.84
N VAL A 96 10.48 4.09 4.38
CA VAL A 96 10.01 5.41 4.00
C VAL A 96 10.83 5.98 2.84
N ALA A 97 10.22 6.06 1.68
CA ALA A 97 10.89 6.58 0.50
C ALA A 97 10.66 8.08 0.35
N ARG A 98 11.70 8.80 -0.05
CA ARG A 98 11.61 10.24 -0.23
C ARG A 98 12.61 10.73 -1.29
N ASN A 99 12.16 11.63 -2.15
CA ASN A 99 13.01 12.17 -3.20
C ASN A 99 13.88 13.32 -2.66
N VAL A 100 15.08 13.44 -3.22
CA VAL A 100 16.00 14.49 -2.80
C VAL A 100 15.35 15.86 -2.85
N GLN A 101 14.53 16.09 -3.88
CA GLN A 101 13.84 17.36 -4.03
C GLN A 101 12.42 17.28 -3.45
N GLY A 102 11.68 16.25 -3.84
CA GLY A 102 10.32 16.09 -3.34
C GLY A 102 9.35 15.71 -4.45
N ASN A 103 9.82 14.92 -5.41
CA ASN A 103 8.98 14.48 -6.51
C ASN A 103 8.79 12.98 -6.49
N GLY A 104 7.76 12.52 -5.78
CA GLY A 104 7.48 11.10 -5.69
C GLY A 104 7.58 10.58 -4.27
N THR A 105 6.52 10.78 -3.49
CA THR A 105 6.50 10.32 -2.11
C THR A 105 5.82 8.97 -1.98
N LEU A 106 6.63 7.92 -1.82
CA LEU A 106 6.10 6.56 -1.70
C LEU A 106 6.28 6.05 -0.27
N ILE A 107 5.22 5.46 0.27
CA ILE A 107 5.27 4.93 1.62
C ILE A 107 5.00 3.42 1.63
N LEU A 108 5.93 2.66 2.18
CA LEU A 108 5.80 1.21 2.25
C LEU A 108 5.07 0.79 3.52
N ALA A 109 4.28 -0.27 3.43
CA ALA A 109 3.52 -0.78 4.57
C ALA A 109 3.37 -2.29 4.49
N ARG A 110 3.90 -2.99 5.49
CA ARG A 110 3.82 -4.44 5.53
C ARG A 110 2.55 -4.89 6.26
N ILE A 111 1.44 -4.95 5.52
CA ILE A 111 0.17 -5.37 6.10
C ILE A 111 0.24 -6.80 6.60
N GLU A 112 1.10 -7.61 5.98
CA GLU A 112 1.27 -9.01 6.37
C GLU A 112 2.65 -9.53 5.98
N ASP A 113 2.82 -10.84 6.04
CA ASP A 113 4.09 -11.46 5.70
C ASP A 113 4.45 -11.19 4.24
N ASP A 114 3.81 -11.92 3.34
CA ASP A 114 4.06 -11.76 1.90
C ASP A 114 3.06 -10.79 1.29
N LYS A 115 2.49 -9.92 2.12
CA LYS A 115 1.52 -8.93 1.66
C LYS A 115 1.82 -7.56 2.24
N TRP A 116 2.02 -6.58 1.35
CA TRP A 116 2.31 -5.22 1.78
C TRP A 116 1.72 -4.21 0.80
N VAL A 117 1.08 -3.17 1.34
CA VAL A 117 0.47 -2.14 0.52
C VAL A 117 1.30 -0.85 0.55
N VAL A 118 1.36 -0.17 -0.59
CA VAL A 118 2.11 1.08 -0.68
C VAL A 118 1.34 2.13 -1.47
N ALA A 119 1.46 3.38 -1.07
CA ALA A 119 0.78 4.48 -1.74
C ALA A 119 1.77 5.56 -2.17
N TRP A 120 1.33 6.42 -3.08
CA TRP A 120 2.18 7.49 -3.58
C TRP A 120 1.48 8.84 -3.46
N ALA A 121 1.89 9.63 -2.47
CA ALA A 121 1.31 10.95 -2.25
C ALA A 121 2.01 12.01 -3.08
N SER A 122 1.22 12.95 -3.61
CA SER A 122 1.77 14.01 -4.44
C SER A 122 2.86 14.78 -3.69
N ALA A 123 3.69 15.49 -4.44
CA ALA A 123 4.77 16.27 -3.85
C ALA A 123 4.24 17.23 -2.79
N ASP A 124 3.08 17.81 -3.05
CA ASP A 124 2.46 18.75 -2.12
C ASP A 124 1.96 18.02 -0.87
N ALA A 125 1.70 16.73 -1.02
CA ALA A 125 1.21 15.92 0.10
C ALA A 125 2.29 15.74 1.15
N ALA A 126 1.89 15.79 2.42
CA ALA A 126 2.82 15.63 3.52
C ALA A 126 2.98 14.16 3.90
N PRO A 127 4.06 13.85 4.64
CA PRO A 127 4.35 12.49 5.07
C PRO A 127 3.37 12.01 6.14
N ASP A 128 3.18 12.81 7.18
CA ASP A 128 2.27 12.46 8.26
C ASP A 128 0.82 12.57 7.80
N SER A 129 0.61 13.24 6.68
CA SER A 129 -0.74 13.42 6.13
C SER A 129 -1.14 12.22 5.28
N VAL A 130 -0.16 11.62 4.63
CA VAL A 130 -0.41 10.45 3.77
C VAL A 130 -0.15 9.15 4.53
N TYR A 131 0.81 9.19 5.44
CA TYR A 131 1.16 8.01 6.22
C TYR A 131 -0.03 7.56 7.08
N VAL A 132 -0.94 8.48 7.35
CA VAL A 132 -2.12 8.18 8.15
C VAL A 132 -3.24 7.61 7.28
N ASP A 133 -3.32 8.09 6.05
CA ASP A 133 -4.34 7.62 5.12
C ASP A 133 -4.02 6.23 4.59
N ILE A 134 -2.76 6.03 4.20
CA ILE A 134 -2.31 4.75 3.68
C ILE A 134 -2.71 3.61 4.62
N ASP A 135 -2.64 3.87 5.92
CA ASP A 135 -2.99 2.87 6.93
C ASP A 135 -4.42 2.37 6.72
N ARG A 136 -5.29 3.28 6.27
CA ARG A 136 -6.69 2.93 6.04
C ARG A 136 -6.83 2.04 4.80
N ALA A 137 -5.96 2.27 3.83
CA ALA A 137 -5.99 1.49 2.59
C ALA A 137 -4.83 0.50 2.53
N ALA A 138 -4.36 0.09 3.71
CA ALA A 138 -3.24 -0.85 3.80
C ALA A 138 -3.59 -2.03 4.70
N LYS A 139 -3.55 -1.79 6.00
CA LYS A 139 -3.87 -2.84 6.97
C LYS A 139 -5.37 -2.93 7.20
N ALA A 140 -6.14 -2.64 6.16
CA ALA A 140 -7.60 -2.70 6.25
C ALA A 140 -8.17 -3.64 5.19
N LEU A 141 -7.48 -3.75 4.06
CA LEU A 141 -7.92 -4.62 2.97
C LEU A 141 -6.99 -5.83 2.83
N LYS A 142 -6.01 -5.92 3.72
CA LYS A 142 -5.07 -7.03 3.69
C LYS A 142 -5.79 -8.37 3.60
N GLY A 143 -5.44 -9.17 2.59
CA GLY A 143 -6.07 -10.46 2.41
C GLY A 143 -6.54 -10.68 0.99
N LYS A 144 -6.89 -9.60 0.30
CA LYS A 144 -7.36 -9.68 -1.08
C LYS A 144 -6.36 -9.04 -2.03
N ILE A 145 -5.17 -9.61 -2.11
CA ILE A 145 -4.13 -9.10 -2.99
C ILE A 145 -3.27 -10.23 -3.55
N GLY A 1 -21.48 -24.54 27.92
CA GLY A 1 -21.44 -23.88 26.63
C GLY A 1 -22.79 -23.28 26.24
N MET A 2 -23.43 -23.88 25.25
CA MET A 2 -24.73 -23.39 24.78
C MET A 2 -24.64 -21.93 24.36
N ALA A 3 -23.54 -21.55 23.73
CA ALA A 3 -23.34 -20.19 23.28
C ALA A 3 -24.36 -19.81 22.21
N GLY A 4 -24.23 -18.60 21.67
CA GLY A 4 -25.15 -18.13 20.65
C GLY A 4 -24.43 -17.62 19.42
N TYR A 5 -24.72 -18.22 18.28
CA TYR A 5 -24.09 -17.83 17.02
C TYR A 5 -24.21 -16.32 16.80
N ASN A 6 -23.21 -15.74 16.14
CA ASN A 6 -23.21 -14.31 15.87
C ASN A 6 -23.14 -14.04 14.38
N LEU A 7 -22.90 -12.79 14.01
CA LEU A 7 -22.80 -12.40 12.60
C LEU A 7 -21.71 -13.18 11.89
N GLY A 8 -21.46 -12.82 10.64
CA GLY A 8 -20.43 -13.50 9.86
C GLY A 8 -20.89 -13.83 8.46
N THR A 9 -22.17 -14.12 8.30
CA THR A 9 -22.73 -14.46 7.00
C THR A 9 -23.01 -13.20 6.18
N GLU A 10 -22.19 -12.99 5.16
CA GLU A 10 -22.34 -11.81 4.29
C GLU A 10 -22.45 -10.54 5.12
N TRP A 11 -21.57 -10.41 6.10
CA TRP A 11 -21.57 -9.23 6.97
C TRP A 11 -20.17 -8.59 7.01
N ILE A 12 -19.15 -9.42 7.00
CA ILE A 12 -17.77 -8.93 7.03
C ILE A 12 -17.50 -8.14 8.31
N SER A 13 -18.13 -8.56 9.41
CA SER A 13 -17.96 -7.88 10.69
C SER A 13 -16.69 -8.38 11.39
N LEU A 14 -16.30 -9.61 11.09
CA LEU A 14 -15.11 -10.20 11.69
C LEU A 14 -13.97 -10.28 10.68
N ARG A 15 -13.67 -9.16 10.05
CA ARG A 15 -12.60 -9.09 9.06
C ARG A 15 -11.36 -9.83 9.55
N SER A 16 -11.11 -11.01 8.99
CA SER A 16 -9.96 -11.82 9.37
C SER A 16 -8.65 -11.09 9.03
N LYS A 17 -8.74 -10.14 8.11
CA LYS A 17 -7.56 -9.38 7.69
C LYS A 17 -6.59 -10.25 6.91
N LEU A 18 -7.13 -11.24 6.20
CA LEU A 18 -6.32 -12.15 5.41
C LEU A 18 -7.18 -13.21 4.73
N GLU A 19 -6.94 -13.42 3.44
CA GLU A 19 -7.70 -14.41 2.67
C GLU A 19 -9.17 -14.00 2.57
N MET A 20 -9.46 -12.76 2.90
CA MET A 20 -10.82 -12.24 2.85
C MET A 20 -11.08 -11.54 1.52
N SER A 21 -12.04 -12.06 0.75
CA SER A 21 -12.38 -11.50 -0.55
C SER A 21 -13.03 -10.12 -0.37
N ASP A 22 -12.19 -9.09 -0.30
CA ASP A 22 -12.68 -7.73 -0.13
C ASP A 22 -12.73 -7.00 -1.48
N PRO A 23 -13.55 -5.95 -1.55
CA PRO A 23 -13.71 -5.16 -2.77
C PRO A 23 -12.47 -4.34 -3.10
N VAL A 24 -11.71 -4.79 -4.09
CA VAL A 24 -10.49 -4.10 -4.51
C VAL A 24 -10.82 -2.79 -5.22
N MET A 25 -9.84 -1.90 -5.30
CA MET A 25 -10.02 -0.61 -5.95
C MET A 25 -10.83 0.33 -5.07
N GLU A 26 -11.16 -0.12 -3.87
CA GLU A 26 -11.93 0.69 -2.93
C GLU A 26 -11.02 1.56 -2.08
N ALA A 27 -9.83 1.04 -1.77
CA ALA A 27 -8.87 1.78 -0.96
C ALA A 27 -8.64 3.18 -1.51
N TYR A 28 -8.67 3.30 -2.83
CA TYR A 28 -8.47 4.59 -3.50
C TYR A 28 -9.36 5.66 -2.87
N THR A 29 -10.66 5.38 -2.83
CA THR A 29 -11.62 6.33 -2.27
C THR A 29 -11.51 6.38 -0.74
N GLN A 30 -11.17 5.23 -0.15
CA GLN A 30 -11.04 5.15 1.30
C GLN A 30 -10.06 6.20 1.82
N ALA A 31 -9.02 6.46 1.05
CA ALA A 31 -8.00 7.45 1.42
C ALA A 31 -8.24 8.78 0.72
N TYR A 32 -8.55 8.71 -0.57
CA TYR A 32 -8.80 9.91 -1.37
C TYR A 32 -9.87 10.78 -0.71
N GLU A 33 -10.85 10.13 -0.07
CA GLU A 33 -11.93 10.84 0.59
C GLU A 33 -11.38 11.93 1.51
N ALA A 34 -10.41 11.56 2.35
CA ALA A 34 -9.81 12.50 3.27
C ALA A 34 -8.61 13.22 2.63
N SER A 35 -8.05 12.59 1.61
CA SER A 35 -6.89 13.16 0.91
C SER A 35 -7.33 13.99 -0.28
N ASN A 36 -8.56 14.51 -0.22
CA ASN A 36 -9.11 15.32 -1.30
C ASN A 36 -8.16 16.46 -1.65
N GLN A 37 -7.31 16.83 -0.70
CA GLN A 37 -6.35 17.91 -0.92
C GLN A 37 -5.09 17.39 -1.63
N MET A 38 -4.73 16.15 -1.33
CA MET A 38 -3.55 15.54 -1.93
C MET A 38 -3.82 14.07 -2.28
N VAL A 39 -4.24 13.83 -3.52
CA VAL A 39 -4.53 12.47 -3.97
C VAL A 39 -3.25 11.65 -4.06
N GLN A 40 -3.31 10.43 -3.53
CA GLN A 40 -2.16 9.53 -3.54
C GLN A 40 -2.52 8.20 -4.21
N ALA A 41 -1.65 7.73 -5.10
CA ALA A 41 -1.87 6.48 -5.80
C ALA A 41 -1.75 5.29 -4.85
N PHE A 42 -2.40 4.19 -5.20
CA PHE A 42 -2.37 2.99 -4.38
C PHE A 42 -2.07 1.76 -5.22
N GLY A 43 -0.86 1.22 -5.08
CA GLY A 43 -0.47 0.04 -5.84
C GLY A 43 -0.06 -1.11 -4.95
N VAL A 44 -0.72 -2.24 -5.11
CA VAL A 44 -0.42 -3.42 -4.32
C VAL A 44 0.75 -4.20 -4.90
N ILE A 45 1.56 -4.81 -4.03
CA ILE A 45 2.71 -5.59 -4.48
C ILE A 45 2.75 -6.94 -3.80
N LYS A 46 2.66 -8.01 -4.61
CA LYS A 46 2.68 -9.37 -4.08
C LYS A 46 4.08 -9.96 -4.16
N ALA A 47 4.53 -10.54 -3.05
CA ALA A 47 5.86 -11.14 -2.99
C ALA A 47 6.10 -12.07 -4.17
N ASP A 48 5.00 -12.57 -4.75
CA ASP A 48 5.09 -13.48 -5.89
C ASP A 48 5.77 -12.80 -7.07
N GLY A 49 5.86 -11.48 -7.02
CA GLY A 49 6.49 -10.72 -8.09
C GLY A 49 5.48 -10.03 -8.98
N SER A 50 4.19 -10.20 -8.67
CA SER A 50 3.12 -9.59 -9.45
C SER A 50 2.41 -8.51 -8.64
N VAL A 51 1.81 -7.56 -9.35
CA VAL A 51 1.09 -6.46 -8.70
C VAL A 51 -0.37 -6.41 -9.17
N LEU A 52 -1.27 -6.20 -8.23
CA LEU A 52 -2.69 -6.12 -8.54
C LEU A 52 -3.27 -4.77 -8.14
N TRP A 53 -3.08 -3.77 -8.99
CA TRP A 53 -3.58 -2.43 -8.72
C TRP A 53 -4.03 -1.73 -10.00
N GLN A 54 -4.76 -0.64 -9.86
CA GLN A 54 -5.24 0.11 -11.01
C GLN A 54 -5.26 1.61 -10.72
N SER A 55 -4.08 2.19 -10.55
CA SER A 55 -3.96 3.60 -10.26
C SER A 55 -3.65 4.40 -11.53
N ASN A 56 -2.96 3.76 -12.46
CA ASN A 56 -2.59 4.40 -13.72
C ASN A 56 -1.79 5.67 -13.48
N ASN A 57 -1.12 5.72 -12.32
CA ASN A 57 -0.31 6.88 -11.97
C ASN A 57 1.18 6.55 -12.04
N TRP A 58 1.54 5.35 -11.57
CA TRP A 58 2.92 4.91 -11.57
C TRP A 58 3.03 3.46 -12.04
N ASP A 59 3.89 3.22 -13.02
CA ASP A 59 4.09 1.87 -13.54
C ASP A 59 4.65 0.95 -12.47
N LEU A 60 3.77 0.26 -11.75
CA LEU A 60 4.17 -0.65 -10.69
C LEU A 60 4.32 -2.07 -11.23
N SER A 61 3.60 -2.37 -12.31
CA SER A 61 3.65 -3.69 -12.92
C SER A 61 4.85 -3.81 -13.86
N ALA A 62 5.29 -2.68 -14.38
CA ALA A 62 6.43 -2.66 -15.30
C ALA A 62 7.58 -3.50 -14.76
N ASP A 63 7.88 -3.35 -13.48
CA ASP A 63 8.95 -4.11 -12.84
C ASP A 63 8.51 -4.62 -11.47
N ALA A 64 7.29 -5.13 -11.39
CA ALA A 64 6.75 -5.64 -10.13
C ALA A 64 7.80 -6.50 -9.42
N GLN A 65 8.62 -7.20 -10.18
CA GLN A 65 9.65 -8.06 -9.62
C GLN A 65 10.68 -7.23 -8.84
N GLN A 66 11.11 -6.13 -9.43
CA GLN A 66 12.09 -5.26 -8.78
C GLN A 66 11.42 -4.37 -7.74
N LEU A 67 10.19 -3.97 -8.01
CA LEU A 67 9.44 -3.12 -7.09
C LEU A 67 9.50 -3.66 -5.67
N ILE A 68 9.55 -4.98 -5.55
CA ILE A 68 9.62 -5.63 -4.25
C ILE A 68 11.07 -5.85 -3.81
N SER A 69 11.97 -5.92 -4.79
CA SER A 69 13.39 -6.12 -4.51
C SER A 69 13.94 -4.98 -3.67
N ALA A 70 13.43 -3.78 -3.91
CA ALA A 70 13.88 -2.59 -3.18
C ALA A 70 13.79 -2.81 -1.68
N VAL A 71 12.90 -3.70 -1.26
CA VAL A 71 12.71 -4.00 0.15
C VAL A 71 13.16 -5.42 0.47
N ASN A 72 12.94 -6.33 -0.46
CA ASN A 72 13.33 -7.73 -0.28
C ASN A 72 14.74 -7.83 0.28
N ASN A 73 15.61 -6.92 -0.14
CA ASN A 73 16.99 -6.91 0.31
C ASN A 73 17.41 -5.52 0.78
N GLN A 74 16.45 -4.80 1.36
CA GLN A 74 16.71 -3.45 1.86
C GLN A 74 17.57 -2.66 0.87
N SER A 75 17.16 -2.65 -0.39
CA SER A 75 17.89 -1.94 -1.43
C SER A 75 17.70 -0.44 -1.29
N ALA A 76 16.45 -0.01 -1.33
CA ALA A 76 16.12 1.42 -1.21
C ALA A 76 16.62 2.19 -2.43
N SER A 77 15.94 2.02 -3.55
CA SER A 77 16.32 2.70 -4.79
C SER A 77 15.60 2.08 -5.98
N VAL A 78 14.45 2.66 -6.35
CA VAL A 78 13.69 2.17 -7.48
C VAL A 78 13.00 3.32 -8.21
N LYS A 79 12.96 3.22 -9.54
CA LYS A 79 12.34 4.25 -10.37
C LYS A 79 11.09 3.71 -11.07
N GLN A 80 9.96 4.38 -10.86
CA GLN A 80 8.70 3.96 -11.46
C GLN A 80 8.04 5.12 -12.20
N ASN A 81 7.91 4.99 -13.52
CA ASN A 81 7.31 6.03 -14.34
C ASN A 81 8.17 7.28 -14.37
N ASP A 82 9.47 7.08 -14.58
CA ASP A 82 10.41 8.19 -14.64
C ASP A 82 10.48 8.92 -13.30
N VAL A 83 10.23 8.18 -12.22
CA VAL A 83 10.26 8.75 -10.88
C VAL A 83 11.09 7.89 -9.93
N LYS A 84 12.28 8.36 -9.60
CA LYS A 84 13.17 7.63 -8.69
C LYS A 84 12.87 7.99 -7.24
N TYR A 85 12.55 6.97 -6.44
CA TYR A 85 12.24 7.18 -5.03
C TYR A 85 12.99 6.17 -4.16
N SER A 86 13.86 6.68 -3.30
CA SER A 86 14.65 5.83 -2.41
C SER A 86 14.24 6.03 -0.95
N THR A 87 14.43 5.01 -0.13
CA THR A 87 14.08 5.08 1.28
C THR A 87 15.34 5.14 2.15
N ILE A 88 15.49 6.24 2.89
CA ILE A 88 16.65 6.42 3.75
C ILE A 88 16.39 5.80 5.12
N ARG A 89 15.77 4.63 5.13
CA ARG A 89 15.47 3.94 6.39
C ARG A 89 14.90 2.55 6.11
N THR A 90 15.78 1.56 5.98
CA THR A 90 15.36 0.19 5.72
C THR A 90 15.10 -0.57 7.01
N SER A 91 13.84 -0.62 7.41
CA SER A 91 13.45 -1.32 8.64
C SER A 91 12.68 -2.60 8.33
N PRO A 92 12.71 -3.55 9.26
CA PRO A 92 12.03 -4.84 9.11
C PRO A 92 10.52 -4.70 9.16
N GLU A 93 10.05 -3.46 9.31
CA GLU A 93 8.61 -3.19 9.38
C GLU A 93 8.13 -2.49 8.11
N SER A 94 8.85 -1.45 7.71
CA SER A 94 8.50 -0.68 6.52
C SER A 94 9.68 0.17 6.05
N LEU A 95 9.51 0.81 4.90
CA LEU A 95 10.57 1.66 4.34
C LEU A 95 9.98 2.98 3.85
N VAL A 96 10.47 4.08 4.39
CA VAL A 96 10.00 5.41 4.00
C VAL A 96 10.83 5.97 2.85
N ALA A 97 10.21 6.05 1.67
CA ALA A 97 10.89 6.58 0.50
C ALA A 97 10.67 8.07 0.34
N ARG A 98 11.71 8.79 -0.05
CA ARG A 98 11.63 10.24 -0.23
C ARG A 98 12.62 10.71 -1.29
N ASN A 99 12.17 11.62 -2.15
CA ASN A 99 13.02 12.15 -3.20
C ASN A 99 13.90 13.30 -2.67
N VAL A 100 15.10 13.42 -3.23
CA VAL A 100 16.03 14.46 -2.81
C VAL A 100 15.36 15.84 -2.86
N GLN A 101 14.55 16.07 -3.88
CA GLN A 101 13.86 17.34 -4.04
C GLN A 101 12.46 17.27 -3.45
N GLY A 102 11.71 16.24 -3.85
CA GLY A 102 10.35 16.07 -3.36
C GLY A 102 9.38 15.70 -4.45
N ASN A 103 9.84 14.91 -5.41
CA ASN A 103 9.00 14.48 -6.51
C ASN A 103 8.81 12.96 -6.50
N GLY A 104 7.78 12.51 -5.78
CA GLY A 104 7.50 11.09 -5.70
C GLY A 104 7.60 10.57 -4.28
N THR A 105 6.54 10.77 -3.50
CA THR A 105 6.50 10.32 -2.11
C THR A 105 5.83 8.96 -1.99
N LEU A 106 6.63 7.91 -1.84
CA LEU A 106 6.11 6.56 -1.70
C LEU A 106 6.28 6.04 -0.28
N ILE A 107 5.22 5.46 0.27
CA ILE A 107 5.26 4.92 1.62
C ILE A 107 5.00 3.42 1.63
N LEU A 108 5.92 2.67 2.19
CA LEU A 108 5.79 1.21 2.26
C LEU A 108 5.06 0.79 3.53
N ALA A 109 4.26 -0.27 3.42
CA ALA A 109 3.51 -0.78 4.56
C ALA A 109 3.35 -2.29 4.49
N ARG A 110 3.88 -2.99 5.49
CA ARG A 110 3.80 -4.44 5.53
C ARG A 110 2.54 -4.89 6.25
N ILE A 111 1.43 -4.94 5.53
CA ILE A 111 0.16 -5.36 6.10
C ILE A 111 0.22 -6.80 6.60
N GLU A 112 1.09 -7.60 5.99
CA GLU A 112 1.25 -9.00 6.38
C GLU A 112 2.62 -9.51 5.97
N ASP A 113 2.80 -10.83 6.06
CA ASP A 113 4.07 -11.45 5.70
C ASP A 113 4.42 -11.19 4.25
N ASP A 114 3.78 -11.92 3.35
CA ASP A 114 4.03 -11.76 1.92
C ASP A 114 3.03 -10.79 1.30
N LYS A 115 2.47 -9.92 2.13
CA LYS A 115 1.50 -8.94 1.66
C LYS A 115 1.79 -7.55 2.24
N TRP A 116 2.00 -6.58 1.36
CA TRP A 116 2.29 -5.22 1.79
C TRP A 116 1.71 -4.20 0.81
N VAL A 117 1.06 -3.18 1.34
CA VAL A 117 0.46 -2.13 0.52
C VAL A 117 1.29 -0.85 0.55
N VAL A 118 1.35 -0.17 -0.58
CA VAL A 118 2.10 1.08 -0.68
C VAL A 118 1.34 2.13 -1.47
N ALA A 119 1.46 3.39 -1.06
CA ALA A 119 0.78 4.48 -1.74
C ALA A 119 1.77 5.56 -2.17
N TRP A 120 1.33 6.42 -3.08
CA TRP A 120 2.18 7.49 -3.58
C TRP A 120 1.49 8.84 -3.47
N ALA A 121 1.90 9.63 -2.48
CA ALA A 121 1.32 10.95 -2.25
C ALA A 121 2.02 12.01 -3.10
N SER A 122 1.24 12.95 -3.62
CA SER A 122 1.79 14.02 -4.45
C SER A 122 2.87 14.78 -3.70
N ALA A 123 3.71 15.49 -4.44
CA ALA A 123 4.79 16.28 -3.86
C ALA A 123 4.26 17.23 -2.80
N ASP A 124 3.10 17.81 -3.06
CA ASP A 124 2.48 18.75 -2.13
C ASP A 124 1.97 18.02 -0.89
N ALA A 125 1.71 16.73 -1.03
CA ALA A 125 1.23 15.92 0.09
C ALA A 125 2.31 15.74 1.14
N ALA A 126 1.91 15.80 2.41
CA ALA A 126 2.84 15.64 3.52
C ALA A 126 3.00 14.16 3.89
N PRO A 127 4.08 13.85 4.62
CA PRO A 127 4.36 12.49 5.06
C PRO A 127 3.38 12.00 6.13
N ASP A 128 3.19 12.82 7.16
CA ASP A 128 2.29 12.47 8.25
C ASP A 128 0.84 12.58 7.79
N SER A 129 0.62 13.26 6.67
CA SER A 129 -0.72 13.43 6.14
C SER A 129 -1.13 12.24 5.28
N VAL A 130 -0.15 11.62 4.62
CA VAL A 130 -0.41 10.47 3.78
C VAL A 130 -0.15 9.16 4.53
N TYR A 131 0.81 9.20 5.44
CA TYR A 131 1.17 8.02 6.23
C TYR A 131 -0.03 7.56 7.08
N VAL A 132 -0.93 8.49 7.36
CA VAL A 132 -2.12 8.19 8.16
C VAL A 132 -3.23 7.62 7.29
N ASP A 133 -3.31 8.10 6.05
CA ASP A 133 -4.34 7.64 5.12
C ASP A 133 -4.01 6.25 4.59
N ILE A 134 -2.76 6.05 4.20
CA ILE A 134 -2.32 4.76 3.68
C ILE A 134 -2.71 3.63 4.62
N ASP A 135 -2.64 3.89 5.91
CA ASP A 135 -2.99 2.89 6.92
C ASP A 135 -4.43 2.40 6.72
N ARG A 136 -5.30 3.29 6.27
CA ARG A 136 -6.69 2.95 6.04
C ARG A 136 -6.83 2.06 4.80
N ALA A 137 -5.97 2.29 3.82
CA ALA A 137 -6.00 1.51 2.59
C ALA A 137 -4.84 0.52 2.54
N ALA A 138 -4.36 0.10 3.70
CA ALA A 138 -3.25 -0.83 3.79
C ALA A 138 -3.60 -2.01 4.69
N LYS A 139 -3.57 -1.77 6.00
CA LYS A 139 -3.88 -2.82 6.97
C LYS A 139 -5.38 -2.92 7.20
N ALA A 140 -6.15 -2.62 6.16
CA ALA A 140 -7.61 -2.69 6.25
C ALA A 140 -8.19 -3.62 5.19
N LEU A 141 -7.49 -3.74 4.06
CA LEU A 141 -7.93 -4.60 2.97
C LEU A 141 -7.01 -5.81 2.83
N LYS A 142 -6.03 -5.90 3.72
CA LYS A 142 -5.08 -7.01 3.69
C LYS A 142 -5.81 -8.35 3.60
N GLY A 143 -5.46 -9.15 2.59
CA GLY A 143 -6.09 -10.44 2.41
C GLY A 143 -6.56 -10.67 0.98
N LYS A 144 -6.92 -9.58 0.31
CA LYS A 144 -7.38 -9.66 -1.08
C LYS A 144 -6.38 -9.02 -2.03
N ILE A 145 -5.18 -9.61 -2.11
CA ILE A 145 -4.14 -9.09 -2.98
C ILE A 145 -3.28 -10.23 -3.53
N GLY A 1 -20.94 -24.71 27.78
CA GLY A 1 -20.91 -23.84 26.62
C GLY A 1 -22.27 -23.26 26.29
N MET A 2 -22.93 -23.84 25.29
CA MET A 2 -24.26 -23.37 24.87
C MET A 2 -24.21 -21.90 24.44
N ALA A 3 -23.12 -21.53 23.78
CA ALA A 3 -22.96 -20.16 23.30
C ALA A 3 -24.01 -19.81 22.26
N GLY A 4 -23.92 -18.60 21.72
CA GLY A 4 -24.88 -18.16 20.71
C GLY A 4 -24.20 -17.63 19.47
N TYR A 5 -24.49 -18.25 18.33
CA TYR A 5 -23.91 -17.84 17.06
C TYR A 5 -24.06 -16.34 16.85
N ASN A 6 -23.09 -15.74 16.17
CA ASN A 6 -23.12 -14.31 15.89
C ASN A 6 -23.08 -14.03 14.39
N LEU A 7 -22.88 -12.77 14.03
CA LEU A 7 -22.82 -12.38 12.63
C LEU A 7 -21.72 -13.14 11.89
N GLY A 8 -21.50 -12.79 10.62
CA GLY A 8 -20.48 -13.44 9.83
C GLY A 8 -20.95 -13.76 8.44
N THR A 9 -22.24 -14.08 8.30
CA THR A 9 -22.81 -14.41 7.00
C THR A 9 -23.08 -13.16 6.18
N GLU A 10 -22.27 -12.94 5.15
CA GLU A 10 -22.43 -11.78 4.29
C GLU A 10 -22.54 -10.50 5.11
N TRP A 11 -21.65 -10.37 6.09
CA TRP A 11 -21.65 -9.19 6.96
C TRP A 11 -20.25 -8.54 6.99
N ILE A 12 -19.22 -9.38 6.98
CA ILE A 12 -17.85 -8.88 7.01
C ILE A 12 -17.57 -8.09 8.28
N SER A 13 -18.20 -8.50 9.37
CA SER A 13 -18.01 -7.83 10.66
C SER A 13 -16.76 -8.33 11.36
N LEU A 14 -16.37 -9.56 11.06
CA LEU A 14 -15.18 -10.15 11.67
C LEU A 14 -14.04 -10.24 10.65
N ARG A 15 -13.74 -9.11 10.01
CA ARG A 15 -12.67 -9.06 9.02
C ARG A 15 -11.43 -9.80 9.52
N SER A 16 -11.19 -10.97 8.95
CA SER A 16 -10.03 -11.78 9.34
C SER A 16 -8.73 -11.06 8.99
N LYS A 17 -8.81 -10.11 8.07
CA LYS A 17 -7.64 -9.34 7.66
C LYS A 17 -6.66 -10.23 6.88
N LEU A 18 -7.20 -11.21 6.18
CA LEU A 18 -6.38 -12.13 5.39
C LEU A 18 -7.24 -13.18 4.71
N GLU A 19 -7.00 -13.40 3.41
CA GLU A 19 -7.76 -14.39 2.65
C GLU A 19 -9.23 -13.97 2.54
N MET A 20 -9.51 -12.72 2.87
CA MET A 20 -10.87 -12.21 2.80
C MET A 20 -11.13 -11.51 1.47
N SER A 21 -12.08 -12.04 0.71
CA SER A 21 -12.42 -11.47 -0.60
C SER A 21 -13.06 -10.09 -0.43
N ASP A 22 -12.23 -9.06 -0.35
CA ASP A 22 -12.71 -7.70 -0.19
C ASP A 22 -12.76 -6.98 -1.54
N PRO A 23 -13.58 -5.92 -1.62
CA PRO A 23 -13.73 -5.13 -2.84
C PRO A 23 -12.48 -4.31 -3.16
N VAL A 24 -11.72 -4.77 -4.15
CA VAL A 24 -10.50 -4.08 -4.55
C VAL A 24 -10.82 -2.78 -5.26
N MET A 25 -9.82 -1.90 -5.34
CA MET A 25 -10.00 -0.59 -5.99
C MET A 25 -10.81 0.35 -5.11
N GLU A 26 -11.14 -0.11 -3.92
CA GLU A 26 -11.92 0.70 -2.97
C GLU A 26 -11.00 1.58 -2.13
N ALA A 27 -9.82 1.06 -1.81
CA ALA A 27 -8.86 1.79 -1.00
C ALA A 27 -8.64 3.19 -1.55
N TYR A 28 -8.67 3.32 -2.88
CA TYR A 28 -8.47 4.61 -3.53
C TYR A 28 -9.36 5.68 -2.90
N THR A 29 -10.66 5.41 -2.88
CA THR A 29 -11.62 6.34 -2.31
C THR A 29 -11.52 6.39 -0.79
N GLN A 30 -11.18 5.26 -0.19
CA GLN A 30 -11.05 5.17 1.26
C GLN A 30 -10.07 6.21 1.78
N ALA A 31 -9.02 6.48 1.01
CA ALA A 31 -8.01 7.46 1.39
C ALA A 31 -8.24 8.79 0.68
N TYR A 32 -8.55 8.72 -0.60
CA TYR A 32 -8.79 9.92 -1.40
C TYR A 32 -9.86 10.80 -0.75
N GLU A 33 -10.84 10.14 -0.12
CA GLU A 33 -11.93 10.86 0.54
C GLU A 33 -11.39 11.95 1.46
N ALA A 34 -10.43 11.58 2.30
CA ALA A 34 -9.82 12.52 3.22
C ALA A 34 -8.63 13.23 2.59
N SER A 35 -8.04 12.61 1.58
CA SER A 35 -6.90 13.18 0.89
C SER A 35 -7.33 14.01 -0.31
N ASN A 36 -8.56 14.53 -0.25
CA ASN A 36 -9.10 15.33 -1.33
C ASN A 36 -8.15 16.47 -1.69
N GLN A 37 -7.29 16.85 -0.73
CA GLN A 37 -6.34 17.92 -0.94
C GLN A 37 -5.08 17.41 -1.65
N MET A 38 -4.72 16.17 -1.35
CA MET A 38 -3.54 15.55 -1.95
C MET A 38 -3.81 14.09 -2.29
N VAL A 39 -4.22 13.85 -3.54
CA VAL A 39 -4.51 12.49 -4.00
C VAL A 39 -3.23 11.66 -4.08
N GLN A 40 -3.30 10.45 -3.55
CA GLN A 40 -2.15 9.55 -3.56
C GLN A 40 -2.51 8.22 -4.23
N ALA A 41 -1.63 7.75 -5.11
CA ALA A 41 -1.85 6.49 -5.81
C ALA A 41 -1.74 5.31 -4.86
N PHE A 42 -2.40 4.21 -5.22
CA PHE A 42 -2.36 3.00 -4.39
C PHE A 42 -2.07 1.76 -5.24
N GLY A 43 -0.86 1.24 -5.09
CA GLY A 43 -0.47 0.05 -5.85
C GLY A 43 -0.06 -1.10 -4.95
N VAL A 44 -0.73 -2.24 -5.12
CA VAL A 44 -0.43 -3.42 -4.33
C VAL A 44 0.74 -4.20 -4.91
N ILE A 45 1.55 -4.81 -4.04
CA ILE A 45 2.70 -5.58 -4.47
C ILE A 45 2.73 -6.95 -3.80
N LYS A 46 2.64 -8.00 -4.60
CA LYS A 46 2.66 -9.36 -4.08
C LYS A 46 4.06 -9.95 -4.15
N ALA A 47 4.52 -10.53 -3.05
CA ALA A 47 5.84 -11.14 -2.98
C ALA A 47 6.07 -12.07 -4.16
N ASP A 48 4.99 -12.57 -4.74
CA ASP A 48 5.07 -13.49 -5.88
C ASP A 48 5.75 -12.81 -7.07
N GLY A 49 5.84 -11.48 -7.01
CA GLY A 49 6.47 -10.73 -8.08
C GLY A 49 5.46 -10.04 -8.98
N SER A 50 4.18 -10.21 -8.66
CA SER A 50 3.11 -9.59 -9.45
C SER A 50 2.40 -8.51 -8.65
N VAL A 51 1.81 -7.56 -9.36
CA VAL A 51 1.09 -6.46 -8.72
C VAL A 51 -0.36 -6.40 -9.18
N LEU A 52 -1.27 -6.18 -8.25
CA LEU A 52 -2.70 -6.11 -8.56
C LEU A 52 -3.27 -4.75 -8.15
N TRP A 53 -3.08 -3.76 -9.00
CA TRP A 53 -3.58 -2.42 -8.73
C TRP A 53 -4.01 -1.72 -10.02
N GLN A 54 -4.75 -0.62 -9.88
CA GLN A 54 -5.23 0.13 -11.03
C GLN A 54 -5.25 1.62 -10.74
N SER A 55 -4.06 2.20 -10.56
CA SER A 55 -3.94 3.62 -10.27
C SER A 55 -3.63 4.41 -11.53
N ASN A 56 -2.92 3.77 -12.47
CA ASN A 56 -2.57 4.42 -13.73
C ASN A 56 -1.75 5.68 -13.47
N ASN A 57 -1.09 5.74 -12.31
CA ASN A 57 -0.27 6.89 -11.96
C ASN A 57 1.21 6.55 -12.02
N TRP A 58 1.57 5.35 -11.56
CA TRP A 58 2.95 4.92 -11.56
C TRP A 58 3.06 3.47 -12.02
N ASP A 59 3.92 3.22 -13.01
CA ASP A 59 4.12 1.88 -13.53
C ASP A 59 4.68 0.95 -12.46
N LEU A 60 3.79 0.27 -11.74
CA LEU A 60 4.19 -0.65 -10.68
C LEU A 60 4.34 -2.07 -11.22
N SER A 61 3.62 -2.37 -12.30
CA SER A 61 3.67 -3.68 -12.92
C SER A 61 4.87 -3.81 -13.84
N ALA A 62 5.31 -2.67 -14.39
CA ALA A 62 6.45 -2.66 -15.29
C ALA A 62 7.60 -3.51 -14.75
N ASP A 63 7.89 -3.37 -13.46
CA ASP A 63 8.96 -4.13 -12.83
C ASP A 63 8.52 -4.62 -11.46
N ALA A 64 7.30 -5.14 -11.37
CA ALA A 64 6.77 -5.65 -10.12
C ALA A 64 7.80 -6.52 -9.40
N GLN A 65 8.63 -7.22 -10.17
CA GLN A 65 9.66 -8.08 -9.60
C GLN A 65 10.68 -7.26 -8.82
N GLN A 66 11.11 -6.16 -9.41
CA GLN A 66 12.09 -5.28 -8.76
C GLN A 66 11.42 -4.39 -7.72
N LEU A 67 10.20 -3.99 -7.99
CA LEU A 67 9.45 -3.14 -7.07
C LEU A 67 9.50 -3.68 -5.65
N ILE A 68 9.56 -5.00 -5.54
CA ILE A 68 9.61 -5.65 -4.23
C ILE A 68 11.06 -5.87 -3.79
N SER A 69 11.97 -5.95 -4.77
CA SER A 69 13.38 -6.15 -4.48
C SER A 69 13.95 -5.00 -3.65
N ALA A 70 13.43 -3.80 -3.90
CA ALA A 70 13.88 -2.62 -3.16
C ALA A 70 13.78 -2.83 -1.66
N VAL A 71 12.88 -3.72 -1.24
CA VAL A 71 12.69 -4.02 0.17
C VAL A 71 13.14 -5.44 0.50
N ASN A 72 12.92 -6.35 -0.44
CA ASN A 72 13.31 -7.75 -0.25
C ASN A 72 14.72 -7.85 0.31
N ASN A 73 15.59 -6.94 -0.12
CA ASN A 73 16.97 -6.93 0.34
C ASN A 73 17.38 -5.54 0.82
N GLN A 74 16.42 -4.82 1.39
CA GLN A 74 16.69 -3.47 1.89
C GLN A 74 17.55 -2.68 0.91
N SER A 75 17.15 -2.67 -0.35
CA SER A 75 17.88 -1.97 -1.39
C SER A 75 17.70 -0.46 -1.26
N ALA A 76 16.44 -0.02 -1.29
CA ALA A 76 16.12 1.40 -1.17
C ALA A 76 16.62 2.17 -2.38
N SER A 77 15.94 2.00 -3.51
CA SER A 77 16.33 2.69 -4.74
C SER A 77 15.62 2.08 -5.95
N VAL A 78 14.47 2.65 -6.31
CA VAL A 78 13.70 2.15 -7.45
C VAL A 78 13.02 3.30 -8.19
N LYS A 79 12.98 3.20 -9.51
CA LYS A 79 12.36 4.23 -10.33
C LYS A 79 11.11 3.69 -11.03
N GLN A 80 9.99 4.37 -10.83
CA GLN A 80 8.73 3.96 -11.44
C GLN A 80 8.08 5.12 -12.18
N ASN A 81 7.96 4.98 -13.51
CA ASN A 81 7.35 6.03 -14.33
C ASN A 81 8.23 7.28 -14.35
N ASP A 82 9.52 7.08 -14.57
CA ASP A 82 10.46 8.19 -14.62
C ASP A 82 10.52 8.92 -13.27
N VAL A 83 10.26 8.18 -12.20
CA VAL A 83 10.29 8.75 -10.86
C VAL A 83 11.11 7.88 -9.91
N LYS A 84 12.30 8.35 -9.55
CA LYS A 84 13.18 7.62 -8.66
C LYS A 84 12.89 7.97 -7.20
N TYR A 85 12.56 6.96 -6.40
CA TYR A 85 12.25 7.16 -5.00
C TYR A 85 13.00 6.15 -4.13
N SER A 86 13.87 6.66 -3.26
CA SER A 86 14.65 5.81 -2.37
C SER A 86 14.24 6.03 -0.92
N THR A 87 14.43 4.99 -0.10
CA THR A 87 14.09 5.06 1.32
C THR A 87 15.33 5.13 2.19
N ILE A 88 15.48 6.23 2.92
CA ILE A 88 16.63 6.40 3.79
C ILE A 88 16.38 5.78 5.16
N ARG A 89 15.75 4.61 5.18
CA ARG A 89 15.45 3.91 6.42
C ARG A 89 14.87 2.53 6.14
N THR A 90 15.74 1.54 6.01
CA THR A 90 15.32 0.17 5.73
C THR A 90 15.06 -0.59 7.03
N SER A 91 13.80 -0.65 7.43
CA SER A 91 13.41 -1.34 8.66
C SER A 91 12.65 -2.63 8.33
N PRO A 92 12.67 -3.57 9.28
CA PRO A 92 11.98 -4.86 9.12
C PRO A 92 10.47 -4.72 9.17
N GLU A 93 10.00 -3.49 9.32
CA GLU A 93 8.57 -3.21 9.38
C GLU A 93 8.09 -2.50 8.11
N SER A 94 8.82 -1.47 7.71
CA SER A 94 8.48 -0.70 6.52
C SER A 94 9.65 0.16 6.07
N LEU A 95 9.50 0.79 4.91
CA LEU A 95 10.54 1.64 4.36
C LEU A 95 9.97 2.97 3.86
N VAL A 96 10.45 4.07 4.42
CA VAL A 96 9.99 5.39 4.02
C VAL A 96 10.82 5.95 2.87
N ALA A 97 10.21 6.04 1.70
CA ALA A 97 10.90 6.56 0.52
C ALA A 97 10.66 8.06 0.37
N ARG A 98 11.72 8.77 -0.03
CA ARG A 98 11.63 10.22 -0.20
C ARG A 98 12.63 10.70 -1.26
N ASN A 99 12.18 11.61 -2.12
CA ASN A 99 13.05 12.14 -3.17
C ASN A 99 13.91 13.27 -2.63
N VAL A 100 15.12 13.40 -3.18
CA VAL A 100 16.05 14.44 -2.76
C VAL A 100 15.39 15.82 -2.81
N GLN A 101 14.58 16.05 -3.83
CA GLN A 101 13.89 17.33 -3.99
C GLN A 101 12.48 17.25 -3.41
N GLY A 102 11.73 16.24 -3.81
CA GLY A 102 10.37 16.07 -3.33
C GLY A 102 9.39 15.69 -4.42
N ASN A 103 9.86 14.91 -5.38
CA ASN A 103 9.03 14.47 -6.50
C ASN A 103 8.84 12.95 -6.47
N GLY A 104 7.80 12.50 -5.77
CA GLY A 104 7.52 11.09 -5.67
C GLY A 104 7.62 10.56 -4.26
N THR A 105 6.55 10.77 -3.48
CA THR A 105 6.52 10.31 -2.09
C THR A 105 5.84 8.95 -1.97
N LEU A 106 6.64 7.91 -1.81
CA LEU A 106 6.11 6.55 -1.68
C LEU A 106 6.28 6.03 -0.26
N ILE A 107 5.22 5.46 0.28
CA ILE A 107 5.25 4.91 1.63
C ILE A 107 4.98 3.41 1.64
N LEU A 108 5.91 2.65 2.19
CA LEU A 108 5.77 1.20 2.27
C LEU A 108 5.03 0.78 3.53
N ALA A 109 4.24 -0.28 3.43
CA ALA A 109 3.49 -0.78 4.57
C ALA A 109 3.32 -2.30 4.49
N ARG A 110 3.86 -3.00 5.49
CA ARG A 110 3.78 -4.45 5.53
C ARG A 110 2.51 -4.90 6.25
N ILE A 111 1.40 -4.95 5.51
CA ILE A 111 0.12 -5.36 6.08
C ILE A 111 0.18 -6.80 6.59
N GLU A 112 1.05 -7.60 5.98
CA GLU A 112 1.21 -8.99 6.37
C GLU A 112 2.59 -9.52 5.98
N ASP A 113 2.75 -10.83 6.05
CA ASP A 113 4.02 -11.46 5.71
C ASP A 113 4.39 -11.19 4.24
N ASP A 114 3.75 -11.92 3.34
CA ASP A 114 4.00 -11.76 1.91
C ASP A 114 3.00 -10.79 1.29
N LYS A 115 2.44 -9.92 2.12
CA LYS A 115 1.46 -8.93 1.65
C LYS A 115 1.77 -7.56 2.23
N TRP A 116 1.98 -6.58 1.35
CA TRP A 116 2.27 -5.22 1.78
C TRP A 116 1.69 -4.21 0.80
N VAL A 117 1.05 -3.17 1.34
CA VAL A 117 0.45 -2.14 0.50
C VAL A 117 1.28 -0.85 0.54
N VAL A 118 1.34 -0.16 -0.59
CA VAL A 118 2.10 1.08 -0.68
C VAL A 118 1.33 2.13 -1.48
N ALA A 119 1.46 3.39 -1.07
CA ALA A 119 0.78 4.49 -1.75
C ALA A 119 1.77 5.55 -2.19
N TRP A 120 1.34 6.42 -3.09
CA TRP A 120 2.19 7.50 -3.58
C TRP A 120 1.50 8.85 -3.47
N ALA A 121 1.92 9.63 -2.48
CA ALA A 121 1.33 10.95 -2.25
C ALA A 121 2.03 12.01 -3.09
N SER A 122 1.25 12.95 -3.62
CA SER A 122 1.80 14.02 -4.45
C SER A 122 2.89 14.79 -3.69
N ALA A 123 3.73 15.50 -4.44
CA ALA A 123 4.81 16.28 -3.84
C ALA A 123 4.28 17.23 -2.77
N ASP A 124 3.11 17.81 -3.05
CA ASP A 124 2.50 18.75 -2.12
C ASP A 124 1.99 18.02 -0.88
N ALA A 125 1.72 16.73 -1.02
CA ALA A 125 1.23 15.92 0.09
C ALA A 125 2.31 15.73 1.14
N ALA A 126 1.91 15.80 2.41
CA ALA A 126 2.84 15.63 3.52
C ALA A 126 2.99 14.16 3.90
N PRO A 127 4.07 13.84 4.64
CA PRO A 127 4.34 12.47 5.07
C PRO A 127 3.36 11.99 6.14
N ASP A 128 3.18 12.80 7.17
CA ASP A 128 2.27 12.46 8.26
C ASP A 128 0.82 12.57 7.80
N SER A 129 0.60 13.25 6.67
CA SER A 129 -0.74 13.43 6.13
C SER A 129 -1.14 12.25 5.28
N VAL A 130 -0.16 11.63 4.62
CA VAL A 130 -0.42 10.47 3.77
C VAL A 130 -0.17 9.17 4.52
N TYR A 131 0.79 9.19 5.43
CA TYR A 131 1.14 8.02 6.22
C TYR A 131 -0.05 7.56 7.06
N VAL A 132 -0.96 8.50 7.34
CA VAL A 132 -2.15 8.19 8.14
C VAL A 132 -3.26 7.63 7.26
N ASP A 133 -3.34 8.11 6.03
CA ASP A 133 -4.36 7.65 5.09
C ASP A 133 -4.03 6.25 4.57
N ILE A 134 -2.78 6.05 4.19
CA ILE A 134 -2.35 4.76 3.67
C ILE A 134 -2.74 3.63 4.61
N ASP A 135 -2.67 3.89 5.91
CA ASP A 135 -3.04 2.89 6.91
C ASP A 135 -4.46 2.40 6.71
N ARG A 136 -5.33 3.30 6.25
CA ARG A 136 -6.73 2.96 6.01
C ARG A 136 -6.87 2.07 4.77
N ALA A 137 -5.99 2.28 3.80
CA ALA A 137 -6.02 1.51 2.56
C ALA A 137 -4.85 0.53 2.52
N ALA A 138 -4.38 0.11 3.69
CA ALA A 138 -3.27 -0.83 3.78
C ALA A 138 -3.63 -2.01 4.67
N LYS A 139 -3.60 -1.78 5.98
CA LYS A 139 -3.92 -2.82 6.96
C LYS A 139 -5.43 -2.92 7.18
N ALA A 140 -6.20 -2.62 6.14
CA ALA A 140 -7.65 -2.68 6.22
C ALA A 140 -8.22 -3.61 5.16
N LEU A 141 -7.51 -3.73 4.03
CA LEU A 141 -7.95 -4.59 2.94
C LEU A 141 -7.04 -5.80 2.80
N LYS A 142 -6.05 -5.90 3.68
CA LYS A 142 -5.11 -7.01 3.67
C LYS A 142 -5.85 -8.35 3.56
N GLY A 143 -5.49 -9.14 2.56
CA GLY A 143 -6.11 -10.43 2.38
C GLY A 143 -6.58 -10.65 0.95
N LYS A 144 -6.94 -9.56 0.27
CA LYS A 144 -7.40 -9.65 -1.11
C LYS A 144 -6.39 -9.01 -2.05
N ILE A 145 -5.21 -9.60 -2.13
CA ILE A 145 -4.15 -9.09 -3.00
C ILE A 145 -3.30 -10.23 -3.55
N GLY A 1 -20.76 -24.32 27.89
CA GLY A 1 -20.81 -23.69 26.58
C GLY A 1 -22.18 -23.12 26.26
N MET A 2 -22.87 -23.75 25.32
CA MET A 2 -24.20 -23.30 24.91
C MET A 2 -24.16 -21.84 24.47
N ALA A 3 -23.08 -21.45 23.81
CA ALA A 3 -22.93 -20.09 23.33
C ALA A 3 -23.98 -19.75 22.28
N GLY A 4 -23.90 -18.54 21.73
CA GLY A 4 -24.85 -18.12 20.71
C GLY A 4 -24.17 -17.60 19.47
N TYR A 5 -24.46 -18.23 18.33
CA TYR A 5 -23.87 -17.83 17.06
C TYR A 5 -24.03 -16.32 16.83
N ASN A 6 -23.07 -15.72 16.16
CA ASN A 6 -23.11 -14.29 15.86
C ASN A 6 -23.07 -14.03 14.36
N LEU A 7 -22.88 -12.77 13.98
CA LEU A 7 -22.83 -12.40 12.58
C LEU A 7 -21.72 -13.15 11.85
N GLY A 8 -21.50 -12.81 10.59
CA GLY A 8 -20.48 -13.46 9.80
C GLY A 8 -20.93 -13.80 8.40
N THR A 9 -22.22 -14.11 8.26
CA THR A 9 -22.78 -14.45 6.96
C THR A 9 -23.07 -13.20 6.14
N GLU A 10 -22.25 -12.98 5.11
CA GLU A 10 -22.42 -11.81 4.24
C GLU A 10 -22.53 -10.54 5.06
N TRP A 11 -21.64 -10.40 6.04
CA TRP A 11 -21.64 -9.21 6.90
C TRP A 11 -20.26 -8.57 6.93
N ILE A 12 -19.22 -9.40 6.94
CA ILE A 12 -17.85 -8.90 6.96
C ILE A 12 -17.58 -8.10 8.24
N SER A 13 -18.21 -8.51 9.33
CA SER A 13 -18.04 -7.83 10.61
C SER A 13 -16.78 -8.31 11.32
N LEU A 14 -16.39 -9.56 11.03
CA LEU A 14 -15.20 -10.13 11.65
C LEU A 14 -14.06 -10.23 10.63
N ARG A 15 -13.76 -9.11 9.98
CA ARG A 15 -12.69 -9.06 9.00
C ARG A 15 -11.45 -9.79 9.50
N SER A 16 -11.19 -10.97 8.94
CA SER A 16 -10.04 -11.77 9.34
C SER A 16 -8.74 -11.06 9.00
N LYS A 17 -8.81 -10.11 8.07
CA LYS A 17 -7.64 -9.35 7.66
C LYS A 17 -6.67 -10.24 6.89
N LEU A 18 -7.21 -11.22 6.17
CA LEU A 18 -6.39 -12.13 5.38
C LEU A 18 -7.25 -13.20 4.71
N GLU A 19 -7.00 -13.40 3.41
CA GLU A 19 -7.76 -14.40 2.65
C GLU A 19 -9.23 -13.99 2.54
N MET A 20 -9.52 -12.73 2.87
CA MET A 20 -10.88 -12.22 2.81
C MET A 20 -11.14 -11.52 1.48
N SER A 21 -12.08 -12.04 0.71
CA SER A 21 -12.43 -11.47 -0.59
C SER A 21 -13.07 -10.10 -0.42
N ASP A 22 -12.23 -9.07 -0.34
CA ASP A 22 -12.72 -7.70 -0.18
C ASP A 22 -12.76 -6.98 -1.53
N PRO A 23 -13.58 -5.92 -1.60
CA PRO A 23 -13.74 -5.13 -2.83
C PRO A 23 -12.48 -4.31 -3.15
N VAL A 24 -11.72 -4.77 -4.14
CA VAL A 24 -10.51 -4.08 -4.55
C VAL A 24 -10.83 -2.78 -5.25
N MET A 25 -9.83 -1.89 -5.32
CA MET A 25 -10.01 -0.60 -5.98
C MET A 25 -10.82 0.35 -5.11
N GLU A 26 -11.16 -0.11 -3.90
CA GLU A 26 -11.93 0.70 -2.97
C GLU A 26 -11.02 1.58 -2.12
N ALA A 27 -9.84 1.06 -1.80
CA ALA A 27 -8.87 1.79 -0.99
C ALA A 27 -8.65 3.19 -1.55
N TYR A 28 -8.67 3.31 -2.86
CA TYR A 28 -8.47 4.60 -3.52
C TYR A 28 -9.37 5.68 -2.90
N THR A 29 -10.66 5.40 -2.86
CA THR A 29 -11.62 6.35 -2.30
C THR A 29 -11.52 6.39 -0.77
N GLN A 30 -11.17 5.25 -0.18
CA GLN A 30 -11.05 5.16 1.27
C GLN A 30 -10.07 6.21 1.80
N ALA A 31 -9.02 6.48 1.02
CA ALA A 31 -8.01 7.45 1.40
C ALA A 31 -8.24 8.79 0.70
N TYR A 32 -8.55 8.72 -0.59
CA TYR A 32 -8.79 9.92 -1.39
C TYR A 32 -9.86 10.79 -0.73
N GLU A 33 -10.84 10.15 -0.10
CA GLU A 33 -11.93 10.86 0.56
C GLU A 33 -11.38 11.95 1.47
N ALA A 34 -10.41 11.58 2.31
CA ALA A 34 -9.80 12.53 3.25
C ALA A 34 -8.61 13.23 2.61
N SER A 35 -8.04 12.61 1.59
CA SER A 35 -6.88 13.17 0.90
C SER A 35 -7.32 14.01 -0.30
N ASN A 36 -8.55 14.52 -0.24
CA ASN A 36 -9.09 15.34 -1.32
C ASN A 36 -8.14 16.48 -1.67
N GLN A 37 -7.29 16.84 -0.72
CA GLN A 37 -6.33 17.92 -0.93
C GLN A 37 -5.08 17.40 -1.64
N MET A 38 -4.71 16.16 -1.34
CA MET A 38 -3.54 15.55 -1.95
C MET A 38 -3.80 14.08 -2.29
N VAL A 39 -4.22 13.84 -3.53
CA VAL A 39 -4.51 12.50 -3.99
C VAL A 39 -3.24 11.66 -4.07
N GLN A 40 -3.30 10.44 -3.54
CA GLN A 40 -2.16 9.54 -3.55
C GLN A 40 -2.50 8.21 -4.22
N ALA A 41 -1.63 7.74 -5.10
CA ALA A 41 -1.86 6.48 -5.80
C ALA A 41 -1.74 5.30 -4.85
N PHE A 42 -2.39 4.20 -5.21
CA PHE A 42 -2.36 2.99 -4.39
C PHE A 42 -2.07 1.77 -5.23
N GLY A 43 -0.86 1.23 -5.08
CA GLY A 43 -0.47 0.05 -5.85
C GLY A 43 -0.06 -1.10 -4.95
N VAL A 44 -0.73 -2.24 -5.12
CA VAL A 44 -0.43 -3.43 -4.32
C VAL A 44 0.73 -4.20 -4.91
N ILE A 45 1.54 -4.80 -4.04
CA ILE A 45 2.69 -5.58 -4.48
C ILE A 45 2.72 -6.95 -3.80
N LYS A 46 2.63 -8.01 -4.59
CA LYS A 46 2.65 -9.37 -4.07
C LYS A 46 4.06 -9.95 -4.14
N ALA A 47 4.50 -10.54 -3.03
CA ALA A 47 5.83 -11.14 -2.97
C ALA A 47 6.06 -12.08 -4.15
N ASP A 48 4.98 -12.58 -4.73
CA ASP A 48 5.06 -13.49 -5.88
C ASP A 48 5.74 -12.80 -7.05
N GLY A 49 5.83 -11.47 -7.00
CA GLY A 49 6.46 -10.73 -8.07
C GLY A 49 5.46 -10.05 -8.97
N SER A 50 4.18 -10.21 -8.65
CA SER A 50 3.11 -9.60 -9.44
C SER A 50 2.40 -8.50 -8.64
N VAL A 51 1.80 -7.55 -9.36
CA VAL A 51 1.08 -6.46 -8.71
C VAL A 51 -0.37 -6.40 -9.17
N LEU A 52 -1.28 -6.19 -8.23
CA LEU A 52 -2.70 -6.12 -8.55
C LEU A 52 -3.28 -4.75 -8.14
N TRP A 53 -3.09 -3.76 -9.00
CA TRP A 53 -3.59 -2.42 -8.72
C TRP A 53 -4.02 -1.73 -10.01
N GLN A 54 -4.76 -0.63 -9.87
CA GLN A 54 -5.23 0.13 -11.02
C GLN A 54 -5.25 1.62 -10.72
N SER A 55 -4.07 2.20 -10.55
CA SER A 55 -3.94 3.62 -10.27
C SER A 55 -3.63 4.41 -11.53
N ASN A 56 -2.93 3.77 -12.47
CA ASN A 56 -2.56 4.41 -13.72
C ASN A 56 -1.75 5.67 -13.47
N ASN A 57 -1.09 5.73 -12.32
CA ASN A 57 -0.28 6.88 -11.96
C ASN A 57 1.21 6.55 -12.03
N TRP A 58 1.57 5.35 -11.56
CA TRP A 58 2.95 4.91 -11.57
C TRP A 58 3.06 3.46 -12.02
N ASP A 59 3.92 3.21 -13.01
CA ASP A 59 4.10 1.87 -13.53
C ASP A 59 4.67 0.94 -12.47
N LEU A 60 3.78 0.26 -11.75
CA LEU A 60 4.19 -0.66 -10.69
C LEU A 60 4.33 -2.08 -11.23
N SER A 61 3.61 -2.37 -12.31
CA SER A 61 3.65 -3.69 -12.92
C SER A 61 4.86 -3.82 -13.86
N ALA A 62 5.30 -2.69 -14.39
CA ALA A 62 6.45 -2.66 -15.29
C ALA A 62 7.58 -3.52 -14.75
N ASP A 63 7.87 -3.37 -13.46
CA ASP A 63 8.95 -4.13 -12.83
C ASP A 63 8.51 -4.62 -11.45
N ALA A 64 7.29 -5.14 -11.38
CA ALA A 64 6.76 -5.66 -10.12
C ALA A 64 7.79 -6.52 -9.39
N GLN A 65 8.62 -7.22 -10.17
CA GLN A 65 9.65 -8.08 -9.59
C GLN A 65 10.67 -7.26 -8.81
N GLN A 66 11.11 -6.14 -9.40
CA GLN A 66 12.08 -5.27 -8.76
C GLN A 66 11.42 -4.39 -7.71
N LEU A 67 10.18 -3.98 -7.98
CA LEU A 67 9.43 -3.14 -7.07
C LEU A 67 9.49 -3.68 -5.65
N ILE A 68 9.54 -5.00 -5.53
CA ILE A 68 9.61 -5.65 -4.22
C ILE A 68 11.05 -5.87 -3.79
N SER A 69 11.96 -5.95 -4.76
CA SER A 69 13.37 -6.15 -4.48
C SER A 69 13.93 -5.01 -3.65
N ALA A 70 13.42 -3.80 -3.89
CA ALA A 70 13.87 -2.62 -3.16
C ALA A 70 13.78 -2.84 -1.65
N VAL A 71 12.88 -3.73 -1.24
CA VAL A 71 12.70 -4.03 0.18
C VAL A 71 13.15 -5.45 0.50
N ASN A 72 12.92 -6.36 -0.44
CA ASN A 72 13.30 -7.76 -0.25
C ASN A 72 14.72 -7.86 0.30
N ASN A 73 15.59 -6.95 -0.12
CA ASN A 73 16.98 -6.94 0.34
C ASN A 73 17.39 -5.55 0.82
N GLN A 74 16.43 -4.83 1.39
CA GLN A 74 16.69 -3.47 1.89
C GLN A 74 17.55 -2.69 0.91
N SER A 75 17.14 -2.68 -0.36
CA SER A 75 17.88 -1.97 -1.39
C SER A 75 17.70 -0.46 -1.26
N ALA A 76 16.44 -0.03 -1.29
CA ALA A 76 16.12 1.39 -1.18
C ALA A 76 16.62 2.17 -2.38
N SER A 77 15.94 2.00 -3.52
CA SER A 77 16.32 2.68 -4.75
C SER A 77 15.61 2.08 -5.95
N VAL A 78 14.47 2.65 -6.31
CA VAL A 78 13.69 2.16 -7.45
C VAL A 78 13.01 3.31 -8.19
N LYS A 79 12.97 3.21 -9.50
CA LYS A 79 12.35 4.24 -10.33
C LYS A 79 11.11 3.70 -11.04
N GLN A 80 9.98 4.38 -10.83
CA GLN A 80 8.72 3.97 -11.44
C GLN A 80 8.07 5.13 -12.18
N ASN A 81 7.94 4.99 -13.50
CA ASN A 81 7.34 6.03 -14.32
C ASN A 81 8.21 7.28 -14.34
N ASP A 82 9.52 7.08 -14.56
CA ASP A 82 10.45 8.20 -14.60
C ASP A 82 10.52 8.92 -13.26
N VAL A 83 10.26 8.18 -12.19
CA VAL A 83 10.29 8.75 -10.85
C VAL A 83 11.11 7.88 -9.90
N LYS A 84 12.30 8.36 -9.56
CA LYS A 84 13.19 7.62 -8.65
C LYS A 84 12.89 7.97 -7.20
N TYR A 85 12.56 6.96 -6.40
CA TYR A 85 12.25 7.16 -5.00
C TYR A 85 13.00 6.15 -4.13
N SER A 86 13.87 6.66 -3.26
CA SER A 86 14.64 5.80 -2.37
C SER A 86 14.24 6.01 -0.92
N THR A 87 14.43 4.98 -0.10
CA THR A 87 14.08 5.05 1.32
C THR A 87 15.33 5.12 2.18
N ILE A 88 15.48 6.21 2.92
CA ILE A 88 16.63 6.39 3.80
C ILE A 88 16.38 5.77 5.17
N ARG A 89 15.76 4.60 5.18
CA ARG A 89 15.46 3.91 6.42
C ARG A 89 14.88 2.52 6.14
N THR A 90 15.76 1.53 6.01
CA THR A 90 15.34 0.16 5.74
C THR A 90 15.07 -0.60 7.04
N SER A 91 13.80 -0.66 7.43
CA SER A 91 13.41 -1.34 8.66
C SER A 91 12.65 -2.62 8.34
N PRO A 92 12.68 -3.58 9.28
CA PRO A 92 11.99 -4.87 9.13
C PRO A 92 10.47 -4.72 9.17
N GLU A 93 10.01 -3.48 9.33
CA GLU A 93 8.57 -3.21 9.39
C GLU A 93 8.09 -2.50 8.13
N SER A 94 8.82 -1.46 7.72
CA SER A 94 8.48 -0.70 6.54
C SER A 94 9.66 0.16 6.08
N LEU A 95 9.49 0.79 4.92
CA LEU A 95 10.54 1.64 4.36
C LEU A 95 9.96 2.96 3.87
N VAL A 96 10.45 4.07 4.42
CA VAL A 96 9.99 5.39 4.02
C VAL A 96 10.82 5.95 2.89
N ALA A 97 10.21 6.03 1.70
CA ALA A 97 10.90 6.56 0.52
C ALA A 97 10.67 8.05 0.37
N ARG A 98 11.71 8.77 -0.02
CA ARG A 98 11.63 10.22 -0.20
C ARG A 98 12.63 10.69 -1.25
N ASN A 99 12.18 11.61 -2.12
CA ASN A 99 13.04 12.14 -3.16
C ASN A 99 13.91 13.27 -2.63
N VAL A 100 15.12 13.40 -3.19
CA VAL A 100 16.05 14.44 -2.76
C VAL A 100 15.39 15.82 -2.81
N GLN A 101 14.57 16.05 -3.84
CA GLN A 101 13.88 17.32 -4.00
C GLN A 101 12.48 17.25 -3.41
N GLY A 102 11.73 16.23 -3.81
CA GLY A 102 10.36 16.07 -3.32
C GLY A 102 9.40 15.69 -4.42
N ASN A 103 9.87 14.90 -5.38
CA ASN A 103 9.02 14.47 -6.49
C ASN A 103 8.83 12.96 -6.47
N GLY A 104 7.80 12.51 -5.75
CA GLY A 104 7.52 11.09 -5.67
C GLY A 104 7.61 10.56 -4.25
N THR A 105 6.55 10.76 -3.47
CA THR A 105 6.52 10.31 -2.09
C THR A 105 5.84 8.95 -1.97
N LEU A 106 6.64 7.90 -1.81
CA LEU A 106 6.11 6.55 -1.68
C LEU A 106 6.28 6.03 -0.26
N ILE A 107 5.21 5.46 0.29
CA ILE A 107 5.24 4.91 1.64
C ILE A 107 4.98 3.42 1.64
N LEU A 108 5.91 2.66 2.21
CA LEU A 108 5.77 1.20 2.27
C LEU A 108 5.03 0.79 3.54
N ALA A 109 4.24 -0.28 3.43
CA ALA A 109 3.49 -0.78 4.57
C ALA A 109 3.32 -2.29 4.50
N ARG A 110 3.85 -2.99 5.49
CA ARG A 110 3.77 -4.45 5.54
C ARG A 110 2.50 -4.90 6.26
N ILE A 111 1.39 -4.96 5.52
CA ILE A 111 0.12 -5.37 6.09
C ILE A 111 0.18 -6.80 6.60
N GLU A 112 1.04 -7.60 5.99
CA GLU A 112 1.20 -9.00 6.38
C GLU A 112 2.57 -9.53 5.98
N ASP A 113 2.75 -10.84 6.06
CA ASP A 113 4.02 -11.46 5.72
C ASP A 113 4.38 -11.20 4.26
N ASP A 114 3.74 -11.93 3.35
CA ASP A 114 3.99 -11.76 1.92
C ASP A 114 2.99 -10.79 1.30
N LYS A 115 2.44 -9.92 2.13
CA LYS A 115 1.46 -8.94 1.66
C LYS A 115 1.76 -7.56 2.24
N TRP A 116 1.97 -6.59 1.36
CA TRP A 116 2.26 -5.23 1.79
C TRP A 116 1.68 -4.21 0.80
N VAL A 117 1.04 -3.17 1.34
CA VAL A 117 0.44 -2.14 0.51
C VAL A 117 1.28 -0.86 0.55
N VAL A 118 1.34 -0.17 -0.58
CA VAL A 118 2.10 1.08 -0.68
C VAL A 118 1.33 2.13 -1.47
N ALA A 119 1.46 3.39 -1.06
CA ALA A 119 0.78 4.48 -1.74
C ALA A 119 1.77 5.56 -2.17
N TRP A 120 1.34 6.43 -3.08
CA TRP A 120 2.19 7.50 -3.58
C TRP A 120 1.49 8.85 -3.46
N ALA A 121 1.91 9.63 -2.47
CA ALA A 121 1.33 10.95 -2.25
C ALA A 121 2.04 12.02 -3.08
N SER A 122 1.26 12.95 -3.61
CA SER A 122 1.81 14.02 -4.44
C SER A 122 2.89 14.78 -3.69
N ALA A 123 3.73 15.49 -4.43
CA ALA A 123 4.81 16.27 -3.83
C ALA A 123 4.28 17.23 -2.77
N ASP A 124 3.11 17.81 -3.05
CA ASP A 124 2.50 18.75 -2.12
C ASP A 124 1.99 18.02 -0.87
N ALA A 125 1.73 16.73 -1.02
CA ALA A 125 1.23 15.92 0.09
C ALA A 125 2.31 15.73 1.16
N ALA A 126 1.90 15.80 2.42
CA ALA A 126 2.84 15.63 3.53
C ALA A 126 2.99 14.17 3.91
N PRO A 127 4.06 13.84 4.64
CA PRO A 127 4.35 12.48 5.09
C PRO A 127 3.36 12.00 6.15
N ASP A 128 3.17 12.81 7.19
CA ASP A 128 2.25 12.47 8.27
C ASP A 128 0.80 12.58 7.80
N SER A 129 0.59 13.25 6.68
CA SER A 129 -0.74 13.43 6.12
C SER A 129 -1.15 12.23 5.27
N VAL A 130 -0.16 11.63 4.62
CA VAL A 130 -0.42 10.46 3.78
C VAL A 130 -0.17 9.17 4.52
N TYR A 131 0.80 9.20 5.44
CA TYR A 131 1.14 8.02 6.22
C TYR A 131 -0.04 7.57 7.07
N VAL A 132 -0.96 8.49 7.35
CA VAL A 132 -2.15 8.19 8.14
C VAL A 132 -3.26 7.63 7.26
N ASP A 133 -3.34 8.11 6.03
CA ASP A 133 -4.35 7.65 5.10
C ASP A 133 -4.03 6.25 4.57
N ILE A 134 -2.78 6.05 4.19
CA ILE A 134 -2.33 4.76 3.67
C ILE A 134 -2.73 3.63 4.61
N ASP A 135 -2.67 3.89 5.91
CA ASP A 135 -3.03 2.89 6.91
C ASP A 135 -4.46 2.40 6.70
N ARG A 136 -5.33 3.30 6.25
CA ARG A 136 -6.73 2.96 6.01
C ARG A 136 -6.87 2.08 4.78
N ALA A 137 -5.99 2.29 3.79
CA ALA A 137 -6.02 1.51 2.56
C ALA A 137 -4.86 0.53 2.51
N ALA A 138 -4.39 0.12 3.68
CA ALA A 138 -3.28 -0.83 3.77
C ALA A 138 -3.64 -2.01 4.68
N LYS A 139 -3.60 -1.77 5.98
CA LYS A 139 -3.92 -2.81 6.95
C LYS A 139 -5.42 -2.90 7.18
N ALA A 140 -6.20 -2.61 6.13
CA ALA A 140 -7.65 -2.67 6.21
C ALA A 140 -8.23 -3.60 5.15
N LEU A 141 -7.52 -3.72 4.03
CA LEU A 141 -7.96 -4.58 2.94
C LEU A 141 -7.05 -5.80 2.81
N LYS A 142 -6.06 -5.90 3.69
CA LYS A 142 -5.12 -7.01 3.67
C LYS A 142 -5.86 -8.34 3.58
N GLY A 143 -5.50 -9.14 2.57
CA GLY A 143 -6.14 -10.43 2.39
C GLY A 143 -6.60 -10.65 0.96
N LYS A 144 -6.95 -9.56 0.28
CA LYS A 144 -7.41 -9.65 -1.10
C LYS A 144 -6.40 -9.00 -2.05
N ILE A 145 -5.22 -9.59 -2.13
CA ILE A 145 -4.16 -9.08 -3.00
C ILE A 145 -3.31 -10.22 -3.55
N GLY A 1 -20.50 -24.80 27.60
CA GLY A 1 -20.50 -23.86 26.50
C GLY A 1 -21.87 -23.31 26.19
N MET A 2 -22.54 -23.91 25.20
CA MET A 2 -23.88 -23.47 24.82
C MET A 2 -23.88 -22.01 24.39
N ALA A 3 -22.80 -21.60 23.72
CA ALA A 3 -22.68 -20.22 23.25
C ALA A 3 -23.74 -19.89 22.21
N GLY A 4 -23.69 -18.66 21.69
CA GLY A 4 -24.65 -18.25 20.69
C GLY A 4 -23.99 -17.71 19.44
N TYR A 5 -24.30 -18.33 18.30
CA TYR A 5 -23.72 -17.90 17.02
C TYR A 5 -23.92 -16.40 16.82
N ASN A 6 -22.96 -15.78 16.13
CA ASN A 6 -23.03 -14.35 15.86
C ASN A 6 -23.02 -14.07 14.35
N LEU A 7 -22.84 -12.81 13.99
CA LEU A 7 -22.81 -12.42 12.59
C LEU A 7 -21.70 -13.15 11.84
N GLY A 8 -21.50 -12.79 10.58
CA GLY A 8 -20.47 -13.42 9.78
C GLY A 8 -20.94 -13.74 8.38
N THR A 9 -22.22 -14.07 8.24
CA THR A 9 -22.79 -14.40 6.94
C THR A 9 -23.08 -13.14 6.13
N GLU A 10 -22.27 -12.92 5.10
CA GLU A 10 -22.45 -11.76 4.24
C GLU A 10 -22.54 -10.48 5.07
N TRP A 11 -21.66 -10.34 6.05
CA TRP A 11 -21.66 -9.17 6.93
C TRP A 11 -20.27 -8.52 6.96
N ILE A 12 -19.24 -9.35 6.95
CA ILE A 12 -17.87 -8.86 6.98
C ILE A 12 -17.60 -8.07 8.26
N SER A 13 -18.22 -8.48 9.34
CA SER A 13 -18.05 -7.80 10.63
C SER A 13 -16.80 -8.30 11.34
N LEU A 14 -16.40 -9.53 11.04
CA LEU A 14 -15.21 -10.13 11.65
C LEU A 14 -14.07 -10.21 10.65
N ARG A 15 -13.77 -9.08 10.00
CA ARG A 15 -12.70 -9.04 9.01
C ARG A 15 -11.47 -9.78 9.51
N SER A 16 -11.22 -10.95 8.94
CA SER A 16 -10.06 -11.76 9.33
C SER A 16 -8.75 -11.05 8.99
N LYS A 17 -8.83 -10.09 8.08
CA LYS A 17 -7.66 -9.33 7.67
C LYS A 17 -6.69 -10.21 6.89
N LEU A 18 -7.23 -11.20 6.17
CA LEU A 18 -6.41 -12.11 5.38
C LEU A 18 -7.27 -13.17 4.71
N GLU A 19 -7.03 -13.39 3.42
CA GLU A 19 -7.79 -14.37 2.66
C GLU A 19 -9.26 -13.96 2.54
N MET A 20 -9.55 -12.71 2.87
CA MET A 20 -10.90 -12.19 2.81
C MET A 20 -11.17 -11.49 1.48
N SER A 21 -12.12 -12.01 0.72
CA SER A 21 -12.45 -11.45 -0.58
C SER A 21 -13.09 -10.06 -0.42
N ASP A 22 -12.25 -9.04 -0.34
CA ASP A 22 -12.74 -7.67 -0.18
C ASP A 22 -12.78 -6.95 -1.53
N PRO A 23 -13.59 -5.89 -1.60
CA PRO A 23 -13.75 -5.10 -2.82
C PRO A 23 -12.50 -4.28 -3.14
N VAL A 24 -11.74 -4.74 -4.13
CA VAL A 24 -10.52 -4.06 -4.55
C VAL A 24 -10.84 -2.74 -5.25
N MET A 25 -9.85 -1.86 -5.33
CA MET A 25 -10.02 -0.58 -5.99
C MET A 25 -10.83 0.38 -5.11
N GLU A 26 -11.16 -0.08 -3.91
CA GLU A 26 -11.93 0.73 -2.97
C GLU A 26 -11.02 1.61 -2.12
N ALA A 27 -9.84 1.09 -1.80
CA ALA A 27 -8.87 1.82 -1.00
C ALA A 27 -8.64 3.22 -1.56
N TYR A 28 -8.67 3.34 -2.88
CA TYR A 28 -8.47 4.63 -3.53
C TYR A 28 -9.36 5.69 -2.92
N THR A 29 -10.65 5.43 -2.88
CA THR A 29 -11.61 6.37 -2.32
C THR A 29 -11.52 6.42 -0.80
N GLN A 30 -11.18 5.28 -0.19
CA GLN A 30 -11.05 5.19 1.25
C GLN A 30 -10.07 6.24 1.78
N ALA A 31 -9.02 6.50 1.00
CA ALA A 31 -8.02 7.48 1.38
C ALA A 31 -8.24 8.81 0.68
N TYR A 32 -8.54 8.74 -0.61
CA TYR A 32 -8.78 9.94 -1.41
C TYR A 32 -9.85 10.81 -0.77
N GLU A 33 -10.83 10.17 -0.13
CA GLU A 33 -11.92 10.89 0.53
C GLU A 33 -11.37 11.99 1.45
N ALA A 34 -10.40 11.61 2.29
CA ALA A 34 -9.80 12.56 3.21
C ALA A 34 -8.61 13.26 2.59
N SER A 35 -8.03 12.63 1.56
CA SER A 35 -6.88 13.20 0.88
C SER A 35 -7.31 14.03 -0.32
N ASN A 36 -8.54 14.55 -0.27
CA ASN A 36 -9.08 15.37 -1.35
C ASN A 36 -8.12 16.50 -1.70
N GLN A 37 -7.27 16.87 -0.74
CA GLN A 37 -6.31 17.95 -0.95
C GLN A 37 -5.05 17.42 -1.66
N MET A 38 -4.69 16.18 -1.36
CA MET A 38 -3.51 15.56 -1.96
C MET A 38 -3.78 14.11 -2.31
N VAL A 39 -4.20 13.86 -3.55
CA VAL A 39 -4.48 12.51 -4.00
C VAL A 39 -3.22 11.67 -4.08
N GLN A 40 -3.28 10.45 -3.55
CA GLN A 40 -2.14 9.55 -3.56
C GLN A 40 -2.50 8.22 -4.23
N ALA A 41 -1.63 7.75 -5.11
CA ALA A 41 -1.85 6.50 -5.81
C ALA A 41 -1.73 5.31 -4.86
N PHE A 42 -2.39 4.21 -5.21
CA PHE A 42 -2.37 3.01 -4.40
C PHE A 42 -2.07 1.78 -5.24
N GLY A 43 -0.86 1.24 -5.09
CA GLY A 43 -0.48 0.07 -5.84
C GLY A 43 -0.07 -1.09 -4.95
N VAL A 44 -0.74 -2.23 -5.11
CA VAL A 44 -0.45 -3.41 -4.32
C VAL A 44 0.73 -4.20 -4.90
N ILE A 45 1.52 -4.79 -4.03
CA ILE A 45 2.68 -5.58 -4.47
C ILE A 45 2.70 -6.95 -3.79
N LYS A 46 2.61 -8.00 -4.59
CA LYS A 46 2.63 -9.36 -4.06
C LYS A 46 4.04 -9.96 -4.13
N ALA A 47 4.48 -10.54 -3.03
CA ALA A 47 5.80 -11.15 -2.96
C ALA A 47 6.03 -12.08 -4.14
N ASP A 48 4.94 -12.58 -4.71
CA ASP A 48 5.03 -13.50 -5.85
C ASP A 48 5.71 -12.82 -7.04
N GLY A 49 5.80 -11.49 -6.99
CA GLY A 49 6.44 -10.75 -8.06
C GLY A 49 5.42 -10.05 -8.96
N SER A 50 4.15 -10.21 -8.64
CA SER A 50 3.08 -9.60 -9.43
C SER A 50 2.37 -8.51 -8.63
N VAL A 51 1.77 -7.57 -9.34
CA VAL A 51 1.06 -6.46 -8.70
C VAL A 51 -0.39 -6.40 -9.17
N LEU A 52 -1.30 -6.18 -8.22
CA LEU A 52 -2.72 -6.10 -8.53
C LEU A 52 -3.29 -4.75 -8.12
N TRP A 53 -3.10 -3.74 -8.98
CA TRP A 53 -3.60 -2.41 -8.72
C TRP A 53 -4.03 -1.72 -10.00
N GLN A 54 -4.77 -0.62 -9.86
CA GLN A 54 -5.24 0.14 -11.02
C GLN A 54 -5.25 1.63 -10.73
N SER A 55 -4.07 2.21 -10.56
CA SER A 55 -3.94 3.63 -10.28
C SER A 55 -3.63 4.42 -11.55
N ASN A 56 -2.93 3.77 -12.47
CA ASN A 56 -2.56 4.40 -13.73
C ASN A 56 -1.74 5.67 -13.49
N ASN A 57 -1.08 5.72 -12.33
CA ASN A 57 -0.26 6.88 -11.98
C ASN A 57 1.22 6.54 -12.04
N TRP A 58 1.57 5.35 -11.57
CA TRP A 58 2.96 4.90 -11.57
C TRP A 58 3.06 3.44 -12.03
N ASP A 59 3.92 3.20 -13.00
CA ASP A 59 4.12 1.85 -13.53
C ASP A 59 4.68 0.92 -12.46
N LEU A 60 3.77 0.26 -11.74
CA LEU A 60 4.18 -0.67 -10.69
C LEU A 60 4.33 -2.09 -11.22
N SER A 61 3.61 -2.38 -12.30
CA SER A 61 3.65 -3.71 -12.91
C SER A 61 4.85 -3.84 -13.84
N ALA A 62 5.30 -2.70 -14.37
CA ALA A 62 6.44 -2.68 -15.27
C ALA A 62 7.58 -3.54 -14.74
N ASP A 63 7.87 -3.39 -13.45
CA ASP A 63 8.94 -4.15 -12.81
C ASP A 63 8.50 -4.64 -11.44
N ALA A 64 7.28 -5.16 -11.36
CA ALA A 64 6.75 -5.68 -10.10
C ALA A 64 7.78 -6.52 -9.37
N GLN A 65 8.60 -7.24 -10.14
CA GLN A 65 9.63 -8.10 -9.57
C GLN A 65 10.66 -7.28 -8.79
N GLN A 66 11.09 -6.17 -9.38
CA GLN A 66 12.07 -5.30 -8.74
C GLN A 66 11.41 -4.41 -7.69
N LEU A 67 10.17 -4.00 -7.98
CA LEU A 67 9.43 -3.15 -7.06
C LEU A 67 9.48 -3.70 -5.63
N ILE A 68 9.53 -5.02 -5.51
CA ILE A 68 9.60 -5.67 -4.20
C ILE A 68 11.03 -5.88 -3.76
N SER A 69 11.94 -5.96 -4.74
CA SER A 69 13.35 -6.17 -4.46
C SER A 69 13.92 -5.02 -3.62
N ALA A 70 13.40 -3.82 -3.86
CA ALA A 70 13.86 -2.64 -3.14
C ALA A 70 13.76 -2.85 -1.64
N VAL A 71 12.86 -3.74 -1.22
CA VAL A 71 12.67 -4.03 0.19
C VAL A 71 13.12 -5.45 0.52
N ASN A 72 12.90 -6.37 -0.42
CA ASN A 72 13.27 -7.76 -0.23
C ASN A 72 14.69 -7.87 0.34
N ASN A 73 15.56 -6.97 -0.09
CA ASN A 73 16.94 -6.96 0.37
C ASN A 73 17.35 -5.57 0.85
N GLN A 74 16.40 -4.85 1.42
CA GLN A 74 16.66 -3.50 1.92
C GLN A 74 17.53 -2.71 0.94
N SER A 75 17.12 -2.70 -0.32
CA SER A 75 17.87 -2.00 -1.36
C SER A 75 17.68 -0.48 -1.23
N ALA A 76 16.43 -0.05 -1.27
CA ALA A 76 16.11 1.37 -1.16
C ALA A 76 16.61 2.14 -2.37
N SER A 77 15.93 1.97 -3.50
CA SER A 77 16.32 2.66 -4.73
C SER A 77 15.62 2.04 -5.93
N VAL A 78 14.47 2.62 -6.30
CA VAL A 78 13.69 2.12 -7.43
C VAL A 78 13.03 3.28 -8.18
N LYS A 79 12.98 3.17 -9.50
CA LYS A 79 12.37 4.21 -10.32
C LYS A 79 11.13 3.67 -11.03
N GLN A 80 9.99 4.35 -10.82
CA GLN A 80 8.74 3.93 -11.44
C GLN A 80 8.09 5.10 -12.18
N ASN A 81 7.97 4.95 -13.50
CA ASN A 81 7.37 6.00 -14.32
C ASN A 81 8.24 7.25 -14.35
N ASP A 82 9.54 7.06 -14.56
CA ASP A 82 10.48 8.16 -14.61
C ASP A 82 10.54 8.88 -13.27
N VAL A 83 10.28 8.14 -12.19
CA VAL A 83 10.31 8.72 -10.86
C VAL A 83 11.12 7.85 -9.90
N LYS A 84 12.33 8.32 -9.55
CA LYS A 84 13.20 7.59 -8.66
C LYS A 84 12.90 7.94 -7.20
N TYR A 85 12.56 6.93 -6.40
CA TYR A 85 12.26 7.14 -4.99
C TYR A 85 13.01 6.13 -4.12
N SER A 86 13.88 6.63 -3.25
CA SER A 86 14.65 5.78 -2.36
C SER A 86 14.24 6.00 -0.91
N THR A 87 14.43 4.97 -0.09
CA THR A 87 14.08 5.04 1.32
C THR A 87 15.32 5.10 2.20
N ILE A 88 15.47 6.19 2.93
CA ILE A 88 16.63 6.38 3.81
C ILE A 88 16.38 5.76 5.18
N ARG A 89 15.74 4.59 5.19
CA ARG A 89 15.43 3.89 6.44
C ARG A 89 14.85 2.51 6.16
N THR A 90 15.73 1.52 6.03
CA THR A 90 15.31 0.15 5.76
C THR A 90 15.05 -0.61 7.06
N SER A 91 13.77 -0.66 7.46
CA SER A 91 13.38 -1.35 8.69
C SER A 91 12.62 -2.63 8.36
N PRO A 92 12.64 -3.58 9.30
CA PRO A 92 11.95 -4.87 9.15
C PRO A 92 10.43 -4.72 9.20
N GLU A 93 9.97 -3.48 9.34
CA GLU A 93 8.54 -3.20 9.40
C GLU A 93 8.06 -2.50 8.14
N SER A 94 8.80 -1.47 7.73
CA SER A 94 8.45 -0.70 6.54
C SER A 94 9.63 0.15 6.09
N LEU A 95 9.48 0.79 4.92
CA LEU A 95 10.53 1.64 4.38
C LEU A 95 9.95 2.96 3.87
N VAL A 96 10.45 4.07 4.43
CA VAL A 96 9.98 5.39 4.04
C VAL A 96 10.81 5.94 2.89
N ALA A 97 10.20 6.03 1.71
CA ALA A 97 10.89 6.55 0.53
C ALA A 97 10.67 8.04 0.38
N ARG A 98 11.72 8.76 -0.02
CA ARG A 98 11.64 10.20 -0.20
C ARG A 98 12.64 10.67 -1.25
N ASN A 99 12.19 11.59 -2.12
CA ASN A 99 13.06 12.12 -3.17
C ASN A 99 13.94 13.24 -2.63
N VAL A 100 15.13 13.38 -3.19
CA VAL A 100 16.07 14.41 -2.76
C VAL A 100 15.41 15.79 -2.81
N GLN A 101 14.61 16.02 -3.84
CA GLN A 101 13.92 17.30 -4.00
C GLN A 101 12.51 17.24 -3.42
N GLY A 102 11.76 16.21 -3.82
CA GLY A 102 10.40 16.06 -3.33
C GLY A 102 9.43 15.67 -4.43
N ASN A 103 9.90 14.88 -5.39
CA ASN A 103 9.06 14.45 -6.50
C ASN A 103 8.85 12.94 -6.47
N GLY A 104 7.82 12.50 -5.76
CA GLY A 104 7.53 11.08 -5.67
C GLY A 104 7.62 10.56 -4.24
N THR A 105 6.55 10.76 -3.48
CA THR A 105 6.53 10.31 -2.09
C THR A 105 5.84 8.95 -1.97
N LEU A 106 6.65 7.90 -1.82
CA LEU A 106 6.11 6.55 -1.68
C LEU A 106 6.28 6.03 -0.26
N ILE A 107 5.21 5.46 0.28
CA ILE A 107 5.24 4.91 1.64
C ILE A 107 4.97 3.41 1.64
N LEU A 108 5.90 2.65 2.20
CA LEU A 108 5.76 1.20 2.28
C LEU A 108 5.02 0.78 3.54
N ALA A 109 4.22 -0.27 3.44
CA ALA A 109 3.47 -0.77 4.58
C ALA A 109 3.30 -2.29 4.50
N ARG A 110 3.83 -2.98 5.50
CA ARG A 110 3.74 -4.44 5.55
C ARG A 110 2.47 -4.89 6.27
N ILE A 111 1.37 -4.94 5.53
CA ILE A 111 0.09 -5.35 6.09
C ILE A 111 0.15 -6.78 6.61
N GLU A 112 1.01 -7.59 5.98
CA GLU A 112 1.17 -8.99 6.38
C GLU A 112 2.55 -9.51 5.99
N ASP A 113 2.72 -10.82 6.07
CA ASP A 113 3.98 -11.46 5.72
C ASP A 113 4.34 -11.18 4.26
N ASP A 114 3.70 -11.92 3.36
CA ASP A 114 3.96 -11.76 1.93
C ASP A 114 2.96 -10.78 1.31
N LYS A 115 2.40 -9.91 2.14
CA LYS A 115 1.43 -8.92 1.67
C LYS A 115 1.73 -7.55 2.24
N TRP A 116 1.95 -6.57 1.36
CA TRP A 116 2.24 -5.21 1.79
C TRP A 116 1.67 -4.20 0.81
N VAL A 117 1.02 -3.17 1.34
CA VAL A 117 0.43 -2.13 0.51
C VAL A 117 1.25 -0.85 0.56
N VAL A 118 1.33 -0.16 -0.58
CA VAL A 118 2.09 1.09 -0.67
C VAL A 118 1.33 2.14 -1.47
N ALA A 119 1.45 3.39 -1.06
CA ALA A 119 0.78 4.50 -1.73
C ALA A 119 1.78 5.56 -2.18
N TRP A 120 1.34 6.43 -3.08
CA TRP A 120 2.20 7.50 -3.59
C TRP A 120 1.50 8.85 -3.47
N ALA A 121 1.92 9.64 -2.47
CA ALA A 121 1.35 10.95 -2.25
C ALA A 121 2.05 12.02 -3.09
N SER A 122 1.28 12.96 -3.63
CA SER A 122 1.83 14.02 -4.45
C SER A 122 2.92 14.79 -3.69
N ALA A 123 3.76 15.49 -4.44
CA ALA A 123 4.84 16.27 -3.85
C ALA A 123 4.30 17.22 -2.79
N ASP A 124 3.14 17.81 -3.06
CA ASP A 124 2.53 18.75 -2.13
C ASP A 124 2.02 18.03 -0.89
N ALA A 125 1.75 16.73 -1.03
CA ALA A 125 1.26 15.93 0.08
C ALA A 125 2.34 15.73 1.15
N ALA A 126 1.93 15.80 2.40
CA ALA A 126 2.87 15.63 3.52
C ALA A 126 3.00 14.17 3.90
N PRO A 127 4.08 13.84 4.63
CA PRO A 127 4.36 12.48 5.07
C PRO A 127 3.38 12.00 6.14
N ASP A 128 3.19 12.82 7.17
CA ASP A 128 2.27 12.47 8.25
C ASP A 128 0.82 12.58 7.79
N SER A 129 0.61 13.26 6.66
CA SER A 129 -0.73 13.45 6.13
C SER A 129 -1.14 12.25 5.27
N VAL A 130 -0.16 11.64 4.61
CA VAL A 130 -0.42 10.48 3.76
C VAL A 130 -0.16 9.18 4.52
N TYR A 131 0.80 9.20 5.44
CA TYR A 131 1.13 8.03 6.22
C TYR A 131 -0.05 7.57 7.07
N VAL A 132 -0.96 8.51 7.34
CA VAL A 132 -2.15 8.21 8.14
C VAL A 132 -3.26 7.65 7.26
N ASP A 133 -3.33 8.12 6.03
CA ASP A 133 -4.36 7.67 5.09
C ASP A 133 -4.04 6.27 4.57
N ILE A 134 -2.79 6.07 4.18
CA ILE A 134 -2.35 4.77 3.66
C ILE A 134 -2.75 3.64 4.60
N ASP A 135 -2.69 3.91 5.91
CA ASP A 135 -3.04 2.92 6.90
C ASP A 135 -4.48 2.42 6.69
N ARG A 136 -5.35 3.32 6.25
CA ARG A 136 -6.74 2.98 6.00
C ARG A 136 -6.88 2.10 4.76
N ALA A 137 -6.00 2.31 3.79
CA ALA A 137 -6.03 1.53 2.56
C ALA A 137 -4.87 0.54 2.51
N ALA A 138 -4.40 0.13 3.69
CA ALA A 138 -3.30 -0.82 3.78
C ALA A 138 -3.65 -1.99 4.68
N LYS A 139 -3.62 -1.75 5.99
CA LYS A 139 -3.95 -2.79 6.95
C LYS A 139 -5.45 -2.88 7.17
N ALA A 140 -6.22 -2.60 6.13
CA ALA A 140 -7.67 -2.65 6.20
C ALA A 140 -8.25 -3.58 5.15
N LEU A 141 -7.54 -3.71 4.03
CA LEU A 141 -7.98 -4.57 2.94
C LEU A 141 -7.06 -5.78 2.80
N LYS A 142 -6.08 -5.88 3.69
CA LYS A 142 -5.15 -6.99 3.67
C LYS A 142 -5.88 -8.33 3.58
N GLY A 143 -5.53 -9.12 2.57
CA GLY A 143 -6.16 -10.41 2.39
C GLY A 143 -6.62 -10.64 0.96
N LYS A 144 -6.97 -9.55 0.28
CA LYS A 144 -7.43 -9.63 -1.10
C LYS A 144 -6.43 -8.99 -2.05
N ILE A 145 -5.23 -9.58 -2.12
CA ILE A 145 -4.19 -9.07 -3.00
C ILE A 145 -3.33 -10.21 -3.55
N GLY A 1 -20.16 -24.21 27.97
CA GLY A 1 -20.24 -23.60 26.65
C GLY A 1 -21.63 -23.06 26.35
N MET A 2 -22.33 -23.71 25.43
CA MET A 2 -23.67 -23.29 25.04
C MET A 2 -23.68 -21.83 24.58
N ALA A 3 -22.62 -21.44 23.89
CA ALA A 3 -22.50 -20.07 23.39
C ALA A 3 -23.57 -19.78 22.35
N GLY A 4 -23.54 -18.56 21.80
CA GLY A 4 -24.52 -18.18 20.81
C GLY A 4 -23.88 -17.65 19.54
N TYR A 5 -24.19 -18.28 18.42
CA TYR A 5 -23.63 -17.86 17.13
C TYR A 5 -23.84 -16.37 16.90
N ASN A 6 -22.91 -15.75 16.20
CA ASN A 6 -22.99 -14.32 15.91
C ASN A 6 -22.99 -14.07 14.40
N LEU A 7 -22.83 -12.81 14.02
CA LEU A 7 -22.82 -12.43 12.61
C LEU A 7 -21.70 -13.17 11.86
N GLY A 8 -21.52 -12.81 10.59
CA GLY A 8 -20.49 -13.45 9.79
C GLY A 8 -20.96 -13.79 8.40
N THR A 9 -22.24 -14.12 8.28
CA THR A 9 -22.82 -14.48 6.98
C THR A 9 -23.11 -13.23 6.15
N GLU A 10 -22.31 -13.02 5.12
CA GLU A 10 -22.49 -11.87 4.25
C GLU A 10 -22.59 -10.57 5.06
N TRP A 11 -21.70 -10.43 6.04
CA TRP A 11 -21.70 -9.24 6.90
C TRP A 11 -20.32 -8.59 6.91
N ILE A 12 -19.28 -9.43 6.91
CA ILE A 12 -17.91 -8.92 6.94
C ILE A 12 -17.63 -8.11 8.20
N SER A 13 -18.26 -8.52 9.30
CA SER A 13 -18.09 -7.83 10.57
C SER A 13 -16.83 -8.30 11.28
N LEU A 14 -16.44 -9.54 11.00
CA LEU A 14 -15.24 -10.12 11.61
C LEU A 14 -14.10 -10.21 10.61
N ARG A 15 -13.81 -9.09 9.95
CA ARG A 15 -12.73 -9.05 8.96
C ARG A 15 -11.49 -9.78 9.46
N SER A 16 -11.25 -10.96 8.91
CA SER A 16 -10.09 -11.76 9.31
C SER A 16 -8.79 -11.05 8.96
N LYS A 17 -8.87 -10.10 8.03
CA LYS A 17 -7.69 -9.34 7.61
C LYS A 17 -6.73 -10.22 6.84
N LEU A 18 -7.26 -11.20 6.13
CA LEU A 18 -6.44 -12.12 5.34
C LEU A 18 -7.30 -13.18 4.66
N GLU A 19 -7.05 -13.39 3.38
CA GLU A 19 -7.81 -14.38 2.60
C GLU A 19 -9.28 -13.97 2.49
N MET A 20 -9.56 -12.71 2.82
CA MET A 20 -10.93 -12.20 2.74
C MET A 20 -11.18 -11.49 1.41
N SER A 21 -12.13 -12.01 0.65
CA SER A 21 -12.47 -11.44 -0.65
C SER A 21 -13.10 -10.06 -0.48
N ASP A 22 -12.27 -9.03 -0.40
CA ASP A 22 -12.75 -7.67 -0.24
C ASP A 22 -12.79 -6.94 -1.58
N PRO A 23 -13.61 -5.88 -1.65
CA PRO A 23 -13.75 -5.09 -2.88
C PRO A 23 -12.50 -4.27 -3.19
N VAL A 24 -11.74 -4.74 -4.18
CA VAL A 24 -10.52 -4.04 -4.58
C VAL A 24 -10.84 -2.74 -5.29
N MET A 25 -9.83 -1.85 -5.36
CA MET A 25 -10.01 -0.56 -6.02
C MET A 25 -10.82 0.39 -5.14
N GLU A 26 -11.16 -0.07 -3.94
CA GLU A 26 -11.93 0.74 -3.01
C GLU A 26 -11.02 1.62 -2.16
N ALA A 27 -9.84 1.09 -1.83
CA ALA A 27 -8.88 1.82 -1.02
C ALA A 27 -8.65 3.23 -1.57
N TYR A 28 -8.67 3.35 -2.90
CA TYR A 28 -8.47 4.63 -3.55
C TYR A 28 -9.36 5.71 -2.93
N THR A 29 -10.66 5.44 -2.89
CA THR A 29 -11.62 6.38 -2.33
C THR A 29 -11.52 6.43 -0.80
N GLN A 30 -11.18 5.28 -0.21
CA GLN A 30 -11.05 5.19 1.24
C GLN A 30 -10.07 6.24 1.76
N ALA A 31 -9.02 6.51 0.99
CA ALA A 31 -8.01 7.48 1.38
C ALA A 31 -8.24 8.81 0.67
N TYR A 32 -8.55 8.75 -0.62
CA TYR A 32 -8.79 9.95 -1.42
C TYR A 32 -9.86 10.82 -0.77
N GLU A 33 -10.84 10.17 -0.13
CA GLU A 33 -11.92 10.90 0.53
C GLU A 33 -11.37 11.99 1.45
N ALA A 34 -10.42 11.61 2.29
CA ALA A 34 -9.81 12.56 3.22
C ALA A 34 -8.61 13.26 2.59
N SER A 35 -8.03 12.62 1.56
CA SER A 35 -6.88 13.20 0.88
C SER A 35 -7.31 14.03 -0.32
N ASN A 36 -8.54 14.55 -0.27
CA ASN A 36 -9.08 15.36 -1.34
C ASN A 36 -8.12 16.50 -1.70
N GLN A 37 -7.28 16.87 -0.74
CA GLN A 37 -6.31 17.94 -0.96
C GLN A 37 -5.06 17.42 -1.65
N MET A 38 -4.69 16.18 -1.36
CA MET A 38 -3.52 15.56 -1.96
C MET A 38 -3.78 14.11 -2.31
N VAL A 39 -4.20 13.86 -3.55
CA VAL A 39 -4.48 12.51 -4.00
C VAL A 39 -3.22 11.67 -4.08
N GLN A 40 -3.29 10.44 -3.56
CA GLN A 40 -2.14 9.55 -3.57
C GLN A 40 -2.49 8.22 -4.23
N ALA A 41 -1.62 7.75 -5.12
CA ALA A 41 -1.84 6.50 -5.82
C ALA A 41 -1.74 5.31 -4.87
N PHE A 42 -2.39 4.22 -5.23
CA PHE A 42 -2.37 3.01 -4.40
C PHE A 42 -2.07 1.77 -5.25
N GLY A 43 -0.87 1.23 -5.09
CA GLY A 43 -0.47 0.06 -5.85
C GLY A 43 -0.07 -1.09 -4.96
N VAL A 44 -0.74 -2.23 -5.13
CA VAL A 44 -0.44 -3.41 -4.32
C VAL A 44 0.73 -4.20 -4.92
N ILE A 45 1.53 -4.80 -4.05
CA ILE A 45 2.68 -5.59 -4.48
C ILE A 45 2.71 -6.95 -3.80
N LYS A 46 2.62 -8.01 -4.61
CA LYS A 46 2.63 -9.37 -4.08
C LYS A 46 4.04 -9.95 -4.15
N ALA A 47 4.48 -10.54 -3.04
CA ALA A 47 5.80 -11.16 -2.99
C ALA A 47 6.03 -12.09 -4.17
N ASP A 48 4.95 -12.59 -4.75
CA ASP A 48 5.04 -13.49 -5.89
C ASP A 48 5.72 -12.81 -7.07
N GLY A 49 5.82 -11.48 -7.01
CA GLY A 49 6.45 -10.74 -8.08
C GLY A 49 5.45 -10.04 -8.98
N SER A 50 4.17 -10.20 -8.66
CA SER A 50 3.10 -9.59 -9.45
C SER A 50 2.39 -8.50 -8.65
N VAL A 51 1.80 -7.55 -9.36
CA VAL A 51 1.08 -6.45 -8.72
C VAL A 51 -0.38 -6.39 -9.19
N LEU A 52 -1.28 -6.17 -8.25
CA LEU A 52 -2.70 -6.09 -8.57
C LEU A 52 -3.27 -4.73 -8.16
N TRP A 53 -3.08 -3.74 -9.01
CA TRP A 53 -3.59 -2.39 -8.74
C TRP A 53 -4.02 -1.70 -10.02
N GLN A 54 -4.75 -0.60 -9.89
CA GLN A 54 -5.22 0.15 -11.04
C GLN A 54 -5.24 1.65 -10.75
N SER A 55 -4.06 2.23 -10.58
CA SER A 55 -3.93 3.64 -10.29
C SER A 55 -3.61 4.43 -11.56
N ASN A 56 -2.91 3.79 -12.49
CA ASN A 56 -2.54 4.43 -13.74
C ASN A 56 -1.73 5.69 -13.49
N ASN A 57 -1.07 5.74 -12.34
CA ASN A 57 -0.25 6.90 -11.97
C ASN A 57 1.24 6.55 -12.03
N TRP A 58 1.58 5.37 -11.57
CA TRP A 58 2.98 4.92 -11.57
C TRP A 58 3.08 3.47 -12.02
N ASP A 59 3.94 3.21 -13.00
CA ASP A 59 4.13 1.87 -13.53
C ASP A 59 4.69 0.94 -12.45
N LEU A 60 3.80 0.26 -11.74
CA LEU A 60 4.19 -0.65 -10.68
C LEU A 60 4.34 -2.07 -11.22
N SER A 61 3.63 -2.37 -12.31
CA SER A 61 3.67 -3.69 -12.92
C SER A 61 4.88 -3.81 -13.85
N ALA A 62 5.32 -2.69 -14.38
CA ALA A 62 6.47 -2.66 -15.28
C ALA A 62 7.61 -3.52 -14.74
N ASP A 63 7.89 -3.37 -13.45
CA ASP A 63 8.97 -4.13 -12.82
C ASP A 63 8.53 -4.64 -11.44
N ALA A 64 7.29 -5.14 -11.37
CA ALA A 64 6.76 -5.65 -10.11
C ALA A 64 7.79 -6.52 -9.39
N GLN A 65 8.61 -7.22 -10.16
CA GLN A 65 9.64 -8.09 -9.59
C GLN A 65 10.66 -7.27 -8.81
N GLN A 66 11.10 -6.16 -9.39
CA GLN A 66 12.08 -5.30 -8.74
C GLN A 66 11.41 -4.41 -7.70
N LEU A 67 10.19 -4.00 -7.97
CA LEU A 67 9.43 -3.15 -7.07
C LEU A 67 9.49 -3.69 -5.64
N ILE A 68 9.54 -5.01 -5.52
CA ILE A 68 9.59 -5.66 -4.22
C ILE A 68 11.04 -5.88 -3.77
N SER A 69 11.94 -5.96 -4.74
CA SER A 69 13.35 -6.18 -4.45
C SER A 69 13.92 -5.03 -3.62
N ALA A 70 13.40 -3.82 -3.86
CA ALA A 70 13.85 -2.64 -3.13
C ALA A 70 13.75 -2.86 -1.63
N VAL A 71 12.86 -3.75 -1.21
CA VAL A 71 12.66 -4.04 0.20
C VAL A 71 13.11 -5.46 0.53
N ASN A 72 12.89 -6.37 -0.42
CA ASN A 72 13.27 -7.77 -0.23
C ASN A 72 14.68 -7.89 0.34
N ASN A 73 15.55 -6.98 -0.08
CA ASN A 73 16.93 -6.98 0.39
C ASN A 73 17.35 -5.58 0.86
N GLN A 74 16.39 -4.85 1.43
CA GLN A 74 16.66 -3.51 1.93
C GLN A 74 17.53 -2.73 0.95
N SER A 75 17.12 -2.71 -0.31
CA SER A 75 17.86 -2.00 -1.35
C SER A 75 17.68 -0.50 -1.22
N ALA A 76 16.42 -0.06 -1.26
CA ALA A 76 16.10 1.36 -1.15
C ALA A 76 16.61 2.14 -2.36
N SER A 77 15.93 1.97 -3.48
CA SER A 77 16.31 2.65 -4.71
C SER A 77 15.60 2.03 -5.92
N VAL A 78 14.47 2.61 -6.28
CA VAL A 78 13.69 2.13 -7.42
C VAL A 78 13.03 3.28 -8.17
N LYS A 79 12.98 3.18 -9.49
CA LYS A 79 12.37 4.21 -10.31
C LYS A 79 11.12 3.67 -11.02
N GLN A 80 10.00 4.35 -10.82
CA GLN A 80 8.74 3.95 -11.43
C GLN A 80 8.09 5.10 -12.17
N ASN A 81 7.98 4.97 -13.49
CA ASN A 81 7.37 6.02 -14.31
C ASN A 81 8.25 7.26 -14.33
N ASP A 82 9.55 7.06 -14.55
CA ASP A 82 10.49 8.17 -14.60
C ASP A 82 10.55 8.89 -13.25
N VAL A 83 10.29 8.15 -12.18
CA VAL A 83 10.32 8.72 -10.83
C VAL A 83 11.13 7.86 -9.89
N LYS A 84 12.32 8.33 -9.54
CA LYS A 84 13.21 7.59 -8.63
C LYS A 84 12.91 7.94 -7.18
N TYR A 85 12.58 6.93 -6.39
CA TYR A 85 12.27 7.14 -4.98
C TYR A 85 13.01 6.13 -4.11
N SER A 86 13.87 6.64 -3.24
CA SER A 86 14.65 5.78 -2.34
C SER A 86 14.24 5.99 -0.89
N THR A 87 14.42 4.96 -0.08
CA THR A 87 14.08 5.04 1.34
C THR A 87 15.32 5.10 2.22
N ILE A 88 15.47 6.19 2.95
CA ILE A 88 16.62 6.36 3.83
C ILE A 88 16.36 5.75 5.20
N ARG A 89 15.74 4.57 5.20
CA ARG A 89 15.43 3.88 6.45
C ARG A 89 14.85 2.49 6.17
N THR A 90 15.73 1.50 6.04
CA THR A 90 15.29 0.14 5.77
C THR A 90 15.03 -0.62 7.07
N SER A 91 13.76 -0.68 7.46
CA SER A 91 13.37 -1.37 8.68
C SER A 91 12.60 -2.65 8.36
N PRO A 92 12.62 -3.60 9.30
CA PRO A 92 11.93 -4.89 9.15
C PRO A 92 10.42 -4.74 9.19
N GLU A 93 9.95 -3.50 9.34
CA GLU A 93 8.52 -3.23 9.40
C GLU A 93 8.05 -2.52 8.14
N SER A 94 8.78 -1.48 7.74
CA SER A 94 8.44 -0.71 6.54
C SER A 94 9.62 0.14 6.09
N LEU A 95 9.47 0.78 4.93
CA LEU A 95 10.52 1.63 4.38
C LEU A 95 9.95 2.95 3.88
N VAL A 96 10.44 4.04 4.43
CA VAL A 96 9.98 5.38 4.05
C VAL A 96 10.81 5.93 2.90
N ALA A 97 10.20 6.03 1.72
CA ALA A 97 10.88 6.54 0.54
C ALA A 97 10.67 8.04 0.40
N ARG A 98 11.71 8.75 0.00
CA ARG A 98 11.63 10.20 -0.18
C ARG A 98 12.64 10.67 -1.23
N ASN A 99 12.20 11.58 -2.09
CA ASN A 99 13.06 12.11 -3.14
C ASN A 99 13.94 13.24 -2.60
N VAL A 100 15.14 13.37 -3.16
CA VAL A 100 16.07 14.41 -2.74
C VAL A 100 15.41 15.78 -2.78
N GLN A 101 14.61 16.02 -3.82
CA GLN A 101 13.93 17.30 -3.97
C GLN A 101 12.51 17.22 -3.40
N GLY A 102 11.76 16.21 -3.80
CA GLY A 102 10.40 16.05 -3.31
C GLY A 102 9.43 15.68 -4.40
N ASN A 103 9.90 14.88 -5.36
CA ASN A 103 9.07 14.45 -6.48
C ASN A 103 8.87 12.94 -6.45
N GLY A 104 7.83 12.50 -5.75
CA GLY A 104 7.55 11.08 -5.65
C GLY A 104 7.63 10.56 -4.23
N THR A 105 6.56 10.75 -3.47
CA THR A 105 6.52 10.30 -2.08
C THR A 105 5.84 8.95 -1.96
N LEU A 106 6.64 7.90 -1.81
CA LEU A 106 6.11 6.54 -1.67
C LEU A 106 6.27 6.02 -0.25
N ILE A 107 5.21 5.45 0.29
CA ILE A 107 5.23 4.90 1.64
C ILE A 107 4.96 3.41 1.63
N LEU A 108 5.89 2.64 2.20
CA LEU A 108 5.75 1.19 2.27
C LEU A 108 5.01 0.77 3.54
N ALA A 109 4.21 -0.28 3.43
CA ALA A 109 3.46 -0.79 4.57
C ALA A 109 3.29 -2.30 4.49
N ARG A 110 3.82 -3.00 5.49
CA ARG A 110 3.73 -4.45 5.54
C ARG A 110 2.46 -4.90 6.25
N ILE A 111 1.36 -4.95 5.52
CA ILE A 111 0.08 -5.36 6.08
C ILE A 111 0.13 -6.80 6.59
N GLU A 112 1.00 -7.60 5.97
CA GLU A 112 1.15 -9.00 6.36
C GLU A 112 2.53 -9.52 5.97
N ASP A 113 2.70 -10.84 6.05
CA ASP A 113 3.97 -11.47 5.70
C ASP A 113 4.32 -11.20 4.24
N ASP A 114 3.68 -11.93 3.34
CA ASP A 114 3.95 -11.77 1.91
C ASP A 114 2.95 -10.79 1.29
N LYS A 115 2.38 -9.92 2.11
CA LYS A 115 1.42 -8.93 1.65
C LYS A 115 1.72 -7.55 2.23
N TRP A 116 1.94 -6.58 1.35
CA TRP A 116 2.24 -5.22 1.77
C TRP A 116 1.66 -4.20 0.80
N VAL A 117 1.02 -3.17 1.33
CA VAL A 117 0.42 -2.13 0.50
C VAL A 117 1.25 -0.85 0.54
N VAL A 118 1.32 -0.17 -0.59
CA VAL A 118 2.09 1.08 -0.68
C VAL A 118 1.32 2.14 -1.48
N ALA A 119 1.45 3.39 -1.07
CA ALA A 119 0.78 4.49 -1.74
C ALA A 119 1.78 5.56 -2.18
N TRP A 120 1.34 6.43 -3.08
CA TRP A 120 2.20 7.50 -3.59
C TRP A 120 1.51 8.85 -3.46
N ALA A 121 1.92 9.63 -2.47
CA ALA A 121 1.34 10.95 -2.24
C ALA A 121 2.05 12.01 -3.08
N SER A 122 1.28 12.95 -3.62
CA SER A 122 1.83 14.02 -4.44
C SER A 122 2.92 14.78 -3.69
N ALA A 123 3.76 15.49 -4.43
CA ALA A 123 4.85 16.26 -3.83
C ALA A 123 4.31 17.22 -2.78
N ASP A 124 3.15 17.81 -3.05
CA ASP A 124 2.54 18.75 -2.12
C ASP A 124 2.02 18.02 -0.88
N ALA A 125 1.75 16.72 -1.02
CA ALA A 125 1.26 15.92 0.09
C ALA A 125 2.33 15.74 1.15
N ALA A 126 1.92 15.79 2.41
CA ALA A 126 2.85 15.62 3.53
C ALA A 126 3.00 14.16 3.91
N PRO A 127 4.07 13.83 4.64
CA PRO A 127 4.35 12.46 5.08
C PRO A 127 3.37 11.98 6.14
N ASP A 128 3.18 12.79 7.18
CA ASP A 128 2.26 12.46 8.26
C ASP A 128 0.81 12.57 7.79
N SER A 129 0.60 13.25 6.67
CA SER A 129 -0.75 13.44 6.12
C SER A 129 -1.15 12.24 5.27
N VAL A 130 -0.17 11.62 4.62
CA VAL A 130 -0.42 10.47 3.77
C VAL A 130 -0.18 9.16 4.52
N TYR A 131 0.79 9.19 5.44
CA TYR A 131 1.12 8.02 6.22
C TYR A 131 -0.07 7.57 7.06
N VAL A 132 -0.97 8.49 7.34
CA VAL A 132 -2.16 8.19 8.13
C VAL A 132 -3.28 7.64 7.26
N ASP A 133 -3.35 8.11 6.02
CA ASP A 133 -4.37 7.66 5.08
C ASP A 133 -4.05 6.27 4.56
N ILE A 134 -2.80 6.05 4.17
CA ILE A 134 -2.36 4.77 3.66
C ILE A 134 -2.76 3.64 4.59
N ASP A 135 -2.70 3.90 5.89
CA ASP A 135 -3.06 2.90 6.90
C ASP A 135 -4.49 2.41 6.69
N ARG A 136 -5.36 3.31 6.23
CA ARG A 136 -6.76 2.97 5.99
C ARG A 136 -6.89 2.09 4.76
N ALA A 137 -6.02 2.30 3.78
CA ALA A 137 -6.04 1.52 2.54
C ALA A 137 -4.88 0.53 2.50
N ALA A 138 -4.41 0.12 3.67
CA ALA A 138 -3.31 -0.83 3.76
C ALA A 138 -3.67 -2.00 4.66
N LYS A 139 -3.64 -1.77 5.97
CA LYS A 139 -3.95 -2.81 6.94
C LYS A 139 -5.47 -2.90 7.16
N ALA A 140 -6.23 -2.61 6.11
CA ALA A 140 -7.69 -2.66 6.19
C ALA A 140 -8.26 -3.59 5.13
N LEU A 141 -7.56 -3.71 4.01
CA LEU A 141 -7.99 -4.57 2.92
C LEU A 141 -7.08 -5.79 2.78
N LYS A 142 -6.10 -5.88 3.66
CA LYS A 142 -5.15 -7.00 3.64
C LYS A 142 -5.89 -8.33 3.54
N GLY A 143 -5.53 -9.13 2.54
CA GLY A 143 -6.17 -10.41 2.36
C GLY A 143 -6.63 -10.64 0.92
N LYS A 144 -6.98 -9.54 0.24
CA LYS A 144 -7.44 -9.62 -1.14
C LYS A 144 -6.43 -8.99 -2.08
N ILE A 145 -5.24 -9.58 -2.16
CA ILE A 145 -4.19 -9.08 -3.03
C ILE A 145 -3.33 -10.22 -3.58
N GLY A 1 -20.21 -24.40 27.82
CA GLY A 1 -20.27 -23.70 26.56
C GLY A 1 -21.65 -23.16 26.26
N MET A 2 -22.35 -23.80 25.31
CA MET A 2 -23.69 -23.38 24.94
C MET A 2 -23.70 -21.92 24.50
N ALA A 3 -22.63 -21.51 23.81
CA ALA A 3 -22.52 -20.14 23.33
C ALA A 3 -23.60 -19.82 22.30
N GLY A 4 -23.56 -18.61 21.76
CA GLY A 4 -24.54 -18.21 20.77
C GLY A 4 -23.90 -17.67 19.50
N TYR A 5 -24.20 -18.30 18.38
CA TYR A 5 -23.64 -17.88 17.09
C TYR A 5 -23.86 -16.38 16.87
N ASN A 6 -22.91 -15.76 16.18
CA ASN A 6 -22.99 -14.33 15.89
C ASN A 6 -22.99 -14.07 14.39
N LEU A 7 -22.83 -12.80 14.01
CA LEU A 7 -22.81 -12.43 12.60
C LEU A 7 -21.70 -13.16 11.85
N GLY A 8 -21.51 -12.80 10.58
CA GLY A 8 -20.48 -13.43 9.79
C GLY A 8 -20.96 -13.77 8.38
N THR A 9 -22.23 -14.10 8.26
CA THR A 9 -22.81 -14.45 6.97
C THR A 9 -23.10 -13.20 6.14
N GLU A 10 -22.29 -12.98 5.11
CA GLU A 10 -22.46 -11.83 4.24
C GLU A 10 -22.57 -10.55 5.06
N TRP A 11 -21.68 -10.40 6.04
CA TRP A 11 -21.69 -9.22 6.90
C TRP A 11 -20.30 -8.57 6.93
N ILE A 12 -19.27 -9.39 6.93
CA ILE A 12 -17.90 -8.90 6.95
C ILE A 12 -17.62 -8.10 8.21
N SER A 13 -18.25 -8.51 9.31
CA SER A 13 -18.08 -7.82 10.59
C SER A 13 -16.82 -8.30 11.30
N LEU A 14 -16.42 -9.54 11.01
CA LEU A 14 -15.23 -10.12 11.62
C LEU A 14 -14.09 -10.21 10.62
N ARG A 15 -13.79 -9.09 9.97
CA ARG A 15 -12.73 -9.05 8.98
C ARG A 15 -11.49 -9.78 9.49
N SER A 16 -11.23 -10.96 8.92
CA SER A 16 -10.09 -11.76 9.32
C SER A 16 -8.78 -11.05 8.98
N LYS A 17 -8.85 -10.09 8.06
CA LYS A 17 -7.69 -9.34 7.63
C LYS A 17 -6.71 -10.22 6.86
N LEU A 18 -7.25 -11.20 6.15
CA LEU A 18 -6.43 -12.12 5.36
C LEU A 18 -7.29 -13.17 4.68
N GLU A 19 -7.05 -13.38 3.38
CA GLU A 19 -7.81 -14.36 2.61
C GLU A 19 -9.27 -13.96 2.50
N MET A 20 -9.56 -12.70 2.84
CA MET A 20 -10.92 -12.18 2.77
C MET A 20 -11.18 -11.48 1.45
N SER A 21 -12.13 -12.00 0.67
CA SER A 21 -12.47 -11.43 -0.62
C SER A 21 -13.10 -10.06 -0.45
N ASP A 22 -12.26 -9.03 -0.37
CA ASP A 22 -12.74 -7.66 -0.21
C ASP A 22 -12.78 -6.94 -1.56
N PRO A 23 -13.60 -5.87 -1.64
CA PRO A 23 -13.75 -5.08 -2.86
C PRO A 23 -12.50 -4.27 -3.18
N VAL A 24 -11.74 -4.73 -4.17
CA VAL A 24 -10.53 -4.04 -4.57
C VAL A 24 -10.83 -2.72 -5.28
N MET A 25 -9.84 -1.85 -5.36
CA MET A 25 -10.02 -0.55 -6.02
C MET A 25 -10.82 0.39 -5.13
N GLU A 26 -11.17 -0.06 -3.93
CA GLU A 26 -11.94 0.74 -3.00
C GLU A 26 -11.02 1.62 -2.14
N ALA A 27 -9.85 1.10 -1.83
CA ALA A 27 -8.88 1.82 -1.02
C ALA A 27 -8.65 3.23 -1.57
N TYR A 28 -8.67 3.35 -2.90
CA TYR A 28 -8.47 4.64 -3.55
C TYR A 28 -9.35 5.71 -2.93
N THR A 29 -10.66 5.45 -2.89
CA THR A 29 -11.62 6.39 -2.33
C THR A 29 -11.51 6.44 -0.81
N GLN A 30 -11.18 5.30 -0.20
CA GLN A 30 -11.05 5.21 1.24
C GLN A 30 -10.07 6.25 1.77
N ALA A 31 -9.02 6.52 0.99
CA ALA A 31 -8.01 7.49 1.37
C ALA A 31 -8.24 8.82 0.67
N TYR A 32 -8.54 8.76 -0.63
CA TYR A 32 -8.79 9.96 -1.41
C TYR A 32 -9.85 10.84 -0.77
N GLU A 33 -10.83 10.19 -0.13
CA GLU A 33 -11.91 10.91 0.53
C GLU A 33 -11.36 12.00 1.44
N ALA A 34 -10.40 11.62 2.28
CA ALA A 34 -9.79 12.56 3.21
C ALA A 34 -8.60 13.26 2.59
N SER A 35 -8.02 12.64 1.56
CA SER A 35 -6.87 13.21 0.86
C SER A 35 -7.31 14.04 -0.33
N ASN A 36 -8.53 14.56 -0.27
CA ASN A 36 -9.07 15.38 -1.35
C ASN A 36 -8.11 16.51 -1.70
N GLN A 37 -7.26 16.88 -0.75
CA GLN A 37 -6.29 17.96 -0.96
C GLN A 37 -5.04 17.42 -1.66
N MET A 38 -4.68 16.18 -1.36
CA MET A 38 -3.50 15.57 -1.96
C MET A 38 -3.77 14.11 -2.31
N VAL A 39 -4.19 13.86 -3.55
CA VAL A 39 -4.48 12.51 -4.01
C VAL A 39 -3.21 11.67 -4.09
N GLN A 40 -3.28 10.45 -3.56
CA GLN A 40 -2.14 9.55 -3.56
C GLN A 40 -2.49 8.22 -4.23
N ALA A 41 -1.62 7.75 -5.12
CA ALA A 41 -1.84 6.50 -5.82
C ALA A 41 -1.73 5.31 -4.86
N PHE A 42 -2.39 4.22 -5.23
CA PHE A 42 -2.37 3.01 -4.40
C PHE A 42 -2.07 1.77 -5.25
N GLY A 43 -0.87 1.23 -5.09
CA GLY A 43 -0.47 0.06 -5.85
C GLY A 43 -0.07 -1.09 -4.96
N VAL A 44 -0.74 -2.23 -5.13
CA VAL A 44 -0.44 -3.42 -4.33
C VAL A 44 0.73 -4.20 -4.92
N ILE A 45 1.52 -4.80 -4.04
CA ILE A 45 2.68 -5.59 -4.48
C ILE A 45 2.69 -6.95 -3.80
N LYS A 46 2.61 -8.01 -4.60
CA LYS A 46 2.62 -9.37 -4.08
C LYS A 46 4.02 -9.96 -4.15
N ALA A 47 4.47 -10.54 -3.04
CA ALA A 47 5.79 -11.15 -2.97
C ALA A 47 6.03 -12.09 -4.15
N ASP A 48 4.94 -12.59 -4.73
CA ASP A 48 5.03 -13.49 -5.87
C ASP A 48 5.71 -12.82 -7.06
N GLY A 49 5.81 -11.49 -7.00
CA GLY A 49 6.44 -10.74 -8.07
C GLY A 49 5.43 -10.05 -8.97
N SER A 50 4.16 -10.21 -8.64
CA SER A 50 3.10 -9.60 -9.44
C SER A 50 2.38 -8.51 -8.65
N VAL A 51 1.79 -7.56 -9.36
CA VAL A 51 1.07 -6.47 -8.72
C VAL A 51 -0.38 -6.39 -9.19
N LEU A 52 -1.29 -6.18 -8.26
CA LEU A 52 -2.71 -6.10 -8.57
C LEU A 52 -3.28 -4.75 -8.16
N TRP A 53 -3.09 -3.74 -9.02
CA TRP A 53 -3.59 -2.41 -8.74
C TRP A 53 -4.02 -1.71 -10.03
N GLN A 54 -4.75 -0.61 -9.89
CA GLN A 54 -5.22 0.14 -11.05
C GLN A 54 -5.24 1.63 -10.76
N SER A 55 -4.05 2.22 -10.58
CA SER A 55 -3.93 3.63 -10.29
C SER A 55 -3.61 4.42 -11.55
N ASN A 56 -2.90 3.78 -12.49
CA ASN A 56 -2.53 4.42 -13.74
C ASN A 56 -1.72 5.68 -13.49
N ASN A 57 -1.06 5.73 -12.34
CA ASN A 57 -0.25 6.89 -11.98
C ASN A 57 1.24 6.54 -12.04
N TRP A 58 1.59 5.36 -11.57
CA TRP A 58 2.97 4.91 -11.57
C TRP A 58 3.08 3.45 -12.03
N ASP A 59 3.94 3.20 -13.01
CA ASP A 59 4.13 1.85 -13.53
C ASP A 59 4.69 0.93 -12.46
N LEU A 60 3.80 0.26 -11.75
CA LEU A 60 4.19 -0.66 -10.69
C LEU A 60 4.33 -2.09 -11.22
N SER A 61 3.62 -2.38 -12.30
CA SER A 61 3.66 -3.70 -12.92
C SER A 61 4.86 -3.82 -13.85
N ALA A 62 5.32 -2.69 -14.38
CA ALA A 62 6.46 -2.68 -15.28
C ALA A 62 7.60 -3.53 -14.74
N ASP A 63 7.89 -3.38 -13.45
CA ASP A 63 8.96 -4.15 -12.81
C ASP A 63 8.52 -4.65 -11.44
N ALA A 64 7.30 -5.16 -11.36
CA ALA A 64 6.76 -5.68 -10.11
C ALA A 64 7.79 -6.52 -9.38
N GLN A 65 8.62 -7.24 -10.15
CA GLN A 65 9.64 -8.10 -9.57
C GLN A 65 10.66 -7.28 -8.79
N GLN A 66 11.11 -6.17 -9.38
CA GLN A 66 12.08 -5.30 -8.74
C GLN A 66 11.41 -4.41 -7.70
N LEU A 67 10.18 -4.00 -7.97
CA LEU A 67 9.43 -3.15 -7.06
C LEU A 67 9.48 -3.70 -5.63
N ILE A 68 9.53 -5.01 -5.52
CA ILE A 68 9.59 -5.66 -4.22
C ILE A 68 11.02 -5.88 -3.77
N SER A 69 11.94 -5.96 -4.74
CA SER A 69 13.35 -6.17 -4.46
C SER A 69 13.91 -5.02 -3.62
N ALA A 70 13.40 -3.82 -3.86
CA ALA A 70 13.85 -2.64 -3.13
C ALA A 70 13.75 -2.86 -1.63
N VAL A 71 12.85 -3.74 -1.21
CA VAL A 71 12.66 -4.04 0.20
C VAL A 71 13.11 -5.46 0.53
N ASN A 72 12.89 -6.37 -0.42
CA ASN A 72 13.26 -7.77 -0.22
C ASN A 72 14.67 -7.88 0.34
N ASN A 73 15.55 -6.97 -0.09
CA ASN A 73 16.93 -6.97 0.38
C ASN A 73 17.34 -5.58 0.86
N GLN A 74 16.39 -4.85 1.43
CA GLN A 74 16.65 -3.51 1.94
C GLN A 74 17.52 -2.73 0.96
N SER A 75 17.12 -2.71 -0.31
CA SER A 75 17.87 -2.00 -1.34
C SER A 75 17.67 -0.49 -1.22
N ALA A 76 16.41 -0.07 -1.26
CA ALA A 76 16.09 1.36 -1.15
C ALA A 76 16.60 2.13 -2.36
N SER A 77 15.92 1.96 -3.49
CA SER A 77 16.31 2.65 -4.72
C SER A 77 15.60 2.03 -5.93
N VAL A 78 14.47 2.61 -6.30
CA VAL A 78 13.69 2.12 -7.43
C VAL A 78 13.02 3.28 -8.17
N LYS A 79 12.98 3.17 -9.50
CA LYS A 79 12.37 4.21 -10.32
C LYS A 79 11.12 3.67 -11.03
N GLN A 80 9.99 4.35 -10.82
CA GLN A 80 8.74 3.94 -11.43
C GLN A 80 8.09 5.11 -12.17
N ASN A 81 7.97 4.97 -13.49
CA ASN A 81 7.36 6.01 -14.31
C ASN A 81 8.25 7.26 -14.34
N ASP A 82 9.54 7.06 -14.56
CA ASP A 82 10.49 8.16 -14.60
C ASP A 82 10.55 8.89 -13.27
N VAL A 83 10.29 8.15 -12.19
CA VAL A 83 10.32 8.72 -10.84
C VAL A 83 11.14 7.85 -9.90
N LYS A 84 12.33 8.32 -9.55
CA LYS A 84 13.21 7.59 -8.65
C LYS A 84 12.91 7.94 -7.19
N TYR A 85 12.58 6.93 -6.40
CA TYR A 85 12.27 7.14 -4.99
C TYR A 85 13.01 6.13 -4.11
N SER A 86 13.88 6.63 -3.24
CA SER A 86 14.65 5.77 -2.36
C SER A 86 14.23 5.99 -0.90
N THR A 87 14.42 4.95 -0.08
CA THR A 87 14.07 5.03 1.33
C THR A 87 15.31 5.08 2.21
N ILE A 88 15.47 6.18 2.93
CA ILE A 88 16.62 6.35 3.82
C ILE A 88 16.36 5.74 5.19
N ARG A 89 15.73 4.57 5.20
CA ARG A 89 15.42 3.88 6.44
C ARG A 89 14.84 2.49 6.16
N THR A 90 15.72 1.51 6.05
CA THR A 90 15.30 0.13 5.78
C THR A 90 15.03 -0.62 7.08
N SER A 91 13.76 -0.68 7.46
CA SER A 91 13.37 -1.36 8.69
C SER A 91 12.60 -2.65 8.37
N PRO A 92 12.61 -3.60 9.32
CA PRO A 92 11.93 -4.88 9.16
C PRO A 92 10.42 -4.73 9.20
N GLU A 93 9.94 -3.50 9.35
CA GLU A 93 8.51 -3.22 9.40
C GLU A 93 8.05 -2.52 8.14
N SER A 94 8.78 -1.49 7.73
CA SER A 94 8.44 -0.72 6.54
C SER A 94 9.62 0.13 6.08
N LEU A 95 9.47 0.78 4.93
CA LEU A 95 10.52 1.63 4.38
C LEU A 95 9.94 2.94 3.88
N VAL A 96 10.44 4.05 4.43
CA VAL A 96 9.97 5.37 4.04
C VAL A 96 10.80 5.93 2.89
N ALA A 97 10.19 6.02 1.71
CA ALA A 97 10.88 6.54 0.54
C ALA A 97 10.66 8.04 0.38
N ARG A 98 11.71 8.75 0.00
CA ARG A 98 11.63 10.20 -0.18
C ARG A 98 12.64 10.67 -1.23
N ASN A 99 12.20 11.58 -2.09
CA ASN A 99 13.07 12.11 -3.14
C ASN A 99 13.94 13.24 -2.60
N VAL A 100 15.14 13.37 -3.16
CA VAL A 100 16.06 14.41 -2.74
C VAL A 100 15.41 15.78 -2.78
N GLN A 101 14.60 16.02 -3.82
CA GLN A 101 13.91 17.29 -3.98
C GLN A 101 12.51 17.22 -3.39
N GLY A 102 11.76 16.20 -3.80
CA GLY A 102 10.39 16.05 -3.32
C GLY A 102 9.43 15.67 -4.41
N ASN A 103 9.90 14.87 -5.37
CA ASN A 103 9.07 14.44 -6.48
C ASN A 103 8.86 12.93 -6.46
N GLY A 104 7.82 12.49 -5.76
CA GLY A 104 7.54 11.07 -5.66
C GLY A 104 7.63 10.55 -4.25
N THR A 105 6.57 10.75 -3.48
CA THR A 105 6.53 10.30 -2.09
C THR A 105 5.85 8.95 -1.97
N LEU A 106 6.65 7.90 -1.81
CA LEU A 106 6.11 6.54 -1.69
C LEU A 106 6.28 6.02 -0.26
N ILE A 107 5.21 5.45 0.29
CA ILE A 107 5.24 4.91 1.64
C ILE A 107 4.96 3.41 1.63
N LEU A 108 5.89 2.64 2.20
CA LEU A 108 5.75 1.19 2.27
C LEU A 108 5.01 0.78 3.53
N ALA A 109 4.21 -0.28 3.43
CA ALA A 109 3.45 -0.78 4.57
C ALA A 109 3.28 -2.30 4.49
N ARG A 110 3.81 -2.99 5.49
CA ARG A 110 3.72 -4.44 5.54
C ARG A 110 2.45 -4.89 6.26
N ILE A 111 1.35 -4.95 5.52
CA ILE A 111 0.07 -5.35 6.08
C ILE A 111 0.13 -6.79 6.58
N GLU A 112 0.99 -7.60 5.98
CA GLU A 112 1.14 -8.99 6.36
C GLU A 112 2.52 -9.52 5.98
N ASP A 113 2.68 -10.84 6.06
CA ASP A 113 3.95 -11.47 5.72
C ASP A 113 4.32 -11.20 4.25
N ASP A 114 3.68 -11.92 3.35
CA ASP A 114 3.94 -11.77 1.92
C ASP A 114 2.94 -10.79 1.30
N LYS A 115 2.38 -9.91 2.13
CA LYS A 115 1.41 -8.93 1.65
C LYS A 115 1.72 -7.55 2.24
N TRP A 116 1.93 -6.58 1.36
CA TRP A 116 2.23 -5.22 1.78
C TRP A 116 1.66 -4.20 0.81
N VAL A 117 1.01 -3.17 1.34
CA VAL A 117 0.41 -2.12 0.51
C VAL A 117 1.25 -0.85 0.55
N VAL A 118 1.32 -0.16 -0.59
CA VAL A 118 2.09 1.08 -0.68
C VAL A 118 1.32 2.14 -1.48
N ALA A 119 1.45 3.39 -1.07
CA ALA A 119 0.78 4.49 -1.74
C ALA A 119 1.78 5.56 -2.18
N TRP A 120 1.34 6.43 -3.08
CA TRP A 120 2.20 7.50 -3.59
C TRP A 120 1.52 8.85 -3.46
N ALA A 121 1.93 9.64 -2.48
CA ALA A 121 1.35 10.95 -2.25
C ALA A 121 2.05 12.01 -3.09
N SER A 122 1.29 12.95 -3.63
CA SER A 122 1.84 14.02 -4.45
C SER A 122 2.92 14.79 -3.70
N ALA A 123 3.77 15.48 -4.45
CA ALA A 123 4.85 16.26 -3.85
C ALA A 123 4.31 17.22 -2.79
N ASP A 124 3.16 17.81 -3.07
CA ASP A 124 2.54 18.75 -2.13
C ASP A 124 2.03 18.02 -0.89
N ALA A 125 1.77 16.73 -1.04
CA ALA A 125 1.27 15.93 0.07
C ALA A 125 2.35 15.73 1.14
N ALA A 126 1.94 15.80 2.40
CA ALA A 126 2.87 15.63 3.52
C ALA A 126 3.01 14.17 3.89
N PRO A 127 4.08 13.84 4.62
CA PRO A 127 4.36 12.47 5.08
C PRO A 127 3.37 11.99 6.13
N ASP A 128 3.18 12.80 7.17
CA ASP A 128 2.27 12.47 8.25
C ASP A 128 0.82 12.59 7.79
N SER A 129 0.62 13.26 6.66
CA SER A 129 -0.72 13.44 6.11
C SER A 129 -1.14 12.25 5.25
N VAL A 130 -0.15 11.64 4.61
CA VAL A 130 -0.41 10.48 3.75
C VAL A 130 -0.17 9.18 4.51
N TYR A 131 0.80 9.20 5.42
CA TYR A 131 1.13 8.03 6.22
C TYR A 131 -0.06 7.58 7.06
N VAL A 132 -0.96 8.51 7.34
CA VAL A 132 -2.15 8.21 8.13
C VAL A 132 -3.27 7.65 7.25
N ASP A 133 -3.34 8.12 6.02
CA ASP A 133 -4.37 7.67 5.08
C ASP A 133 -4.04 6.28 4.55
N ILE A 134 -2.79 6.07 4.16
CA ILE A 134 -2.35 4.78 3.65
C ILE A 134 -2.75 3.65 4.59
N ASP A 135 -2.69 3.91 5.88
CA ASP A 135 -3.06 2.92 6.88
C ASP A 135 -4.48 2.43 6.68
N ARG A 136 -5.36 3.33 6.22
CA ARG A 136 -6.74 2.99 5.99
C ARG A 136 -6.89 2.11 4.75
N ALA A 137 -6.02 2.32 3.78
CA ALA A 137 -6.04 1.54 2.54
C ALA A 137 -4.88 0.55 2.49
N ALA A 138 -4.41 0.14 3.67
CA ALA A 138 -3.31 -0.81 3.75
C ALA A 138 -3.67 -1.98 4.66
N LYS A 139 -3.64 -1.75 5.97
CA LYS A 139 -3.97 -2.79 6.94
C LYS A 139 -5.47 -2.88 7.16
N ALA A 140 -6.23 -2.59 6.11
CA ALA A 140 -7.69 -2.64 6.18
C ALA A 140 -8.26 -3.57 5.12
N LEU A 141 -7.56 -3.69 4.00
CA LEU A 141 -8.00 -4.55 2.91
C LEU A 141 -7.08 -5.77 2.77
N LYS A 142 -6.10 -5.87 3.67
CA LYS A 142 -5.17 -6.98 3.64
C LYS A 142 -5.91 -8.31 3.55
N GLY A 143 -5.54 -9.11 2.55
CA GLY A 143 -6.19 -10.40 2.37
C GLY A 143 -6.64 -10.62 0.94
N LYS A 144 -6.99 -9.54 0.26
CA LYS A 144 -7.45 -9.62 -1.13
C LYS A 144 -6.44 -8.98 -2.08
N ILE A 145 -5.25 -9.57 -2.14
CA ILE A 145 -4.20 -9.07 -3.02
C ILE A 145 -3.35 -10.21 -3.57
N GLY A 1 -20.58 -23.79 28.20
CA GLY A 1 -20.64 -23.21 26.87
C GLY A 1 -22.00 -22.63 26.54
N MET A 2 -22.72 -23.29 25.64
CA MET A 2 -24.05 -22.85 25.24
C MET A 2 -24.01 -21.41 24.75
N ALA A 3 -22.93 -21.06 24.04
CA ALA A 3 -22.78 -19.71 23.51
C ALA A 3 -23.85 -19.41 22.47
N GLY A 4 -23.78 -18.21 21.89
CA GLY A 4 -24.75 -17.83 20.88
C GLY A 4 -24.09 -17.33 19.60
N TYR A 5 -24.41 -17.98 18.49
CA TYR A 5 -23.85 -17.60 17.20
C TYR A 5 -24.01 -16.10 16.94
N ASN A 6 -23.06 -15.51 16.24
CA ASN A 6 -23.09 -14.09 15.92
C ASN A 6 -23.08 -13.87 14.42
N LEU A 7 -22.89 -12.61 14.01
CA LEU A 7 -22.85 -12.27 12.60
C LEU A 7 -21.75 -13.04 11.88
N GLY A 8 -21.54 -12.70 10.60
CA GLY A 8 -20.53 -13.38 9.82
C GLY A 8 -21.00 -13.74 8.42
N THR A 9 -22.28 -14.07 8.30
CA THR A 9 -22.87 -14.43 7.03
C THR A 9 -23.15 -13.19 6.16
N GLU A 10 -22.33 -13.01 5.13
CA GLU A 10 -22.48 -11.87 4.23
C GLU A 10 -22.58 -10.56 5.03
N TRP A 11 -21.70 -10.41 6.01
CA TRP A 11 -21.67 -9.21 6.84
C TRP A 11 -20.29 -8.58 6.85
N ILE A 12 -19.26 -9.42 6.86
CA ILE A 12 -17.88 -8.94 6.88
C ILE A 12 -17.60 -8.11 8.13
N SER A 13 -18.22 -8.49 9.24
CA SER A 13 -18.05 -7.78 10.49
C SER A 13 -16.79 -8.26 11.21
N LEU A 14 -16.40 -9.51 10.94
CA LEU A 14 -15.21 -10.09 11.57
C LEU A 14 -14.08 -10.21 10.56
N ARG A 15 -13.77 -9.10 9.89
CA ARG A 15 -12.71 -9.08 8.90
C ARG A 15 -11.47 -9.81 9.40
N SER A 16 -11.22 -10.99 8.86
CA SER A 16 -10.07 -11.80 9.27
C SER A 16 -8.76 -11.09 8.94
N LYS A 17 -8.84 -10.14 8.00
CA LYS A 17 -7.66 -9.38 7.59
C LYS A 17 -6.68 -10.26 6.82
N LEU A 18 -7.22 -11.26 6.11
CA LEU A 18 -6.39 -12.17 5.33
C LEU A 18 -7.25 -13.23 4.66
N GLU A 19 -7.01 -13.45 3.36
CA GLU A 19 -7.76 -14.44 2.61
C GLU A 19 -9.22 -14.03 2.48
N MET A 20 -9.51 -12.78 2.80
CA MET A 20 -10.88 -12.26 2.73
C MET A 20 -11.13 -11.56 1.40
N SER A 21 -12.07 -12.10 0.63
CA SER A 21 -12.42 -11.52 -0.67
C SER A 21 -13.06 -10.14 -0.50
N ASP A 22 -12.23 -9.12 -0.42
CA ASP A 22 -12.72 -7.75 -0.26
C ASP A 22 -12.76 -7.03 -1.60
N PRO A 23 -13.57 -5.96 -1.68
CA PRO A 23 -13.71 -5.17 -2.90
C PRO A 23 -12.47 -4.35 -3.21
N VAL A 24 -11.69 -4.81 -4.20
CA VAL A 24 -10.47 -4.11 -4.60
C VAL A 24 -10.79 -2.81 -5.30
N MET A 25 -9.79 -1.92 -5.37
CA MET A 25 -9.97 -0.63 -6.01
C MET A 25 -10.78 0.31 -5.14
N GLU A 26 -11.13 -0.14 -3.95
CA GLU A 26 -11.91 0.66 -3.01
C GLU A 26 -11.01 1.54 -2.15
N ALA A 27 -9.83 1.02 -1.83
CA ALA A 27 -8.86 1.75 -1.02
C ALA A 27 -8.64 3.16 -1.56
N TYR A 28 -8.67 3.28 -2.88
CA TYR A 28 -8.47 4.58 -3.53
C TYR A 28 -9.37 5.64 -2.90
N THR A 29 -10.67 5.37 -2.86
CA THR A 29 -11.64 6.30 -2.30
C THR A 29 -11.53 6.33 -0.78
N GLN A 30 -11.19 5.20 -0.18
CA GLN A 30 -11.05 5.10 1.27
C GLN A 30 -10.07 6.15 1.80
N ALA A 31 -9.03 6.43 1.03
CA ALA A 31 -8.03 7.41 1.41
C ALA A 31 -8.27 8.74 0.71
N TYR A 32 -8.57 8.68 -0.58
CA TYR A 32 -8.82 9.88 -1.37
C TYR A 32 -9.89 10.75 -0.72
N GLU A 33 -10.86 10.09 -0.09
CA GLU A 33 -11.95 10.81 0.58
C GLU A 33 -11.40 11.89 1.51
N ALA A 34 -10.44 11.52 2.34
CA ALA A 34 -9.85 12.46 3.28
C ALA A 34 -8.64 13.17 2.65
N SER A 35 -8.06 12.55 1.62
CA SER A 35 -6.92 13.12 0.93
C SER A 35 -7.36 13.96 -0.26
N ASN A 36 -8.59 14.48 -0.19
CA ASN A 36 -9.13 15.30 -1.27
C ASN A 36 -8.19 16.44 -1.62
N GLN A 37 -7.33 16.80 -0.66
CA GLN A 37 -6.37 17.88 -0.87
C GLN A 37 -5.12 17.37 -1.58
N MET A 38 -4.75 16.13 -1.28
CA MET A 38 -3.57 15.52 -1.89
C MET A 38 -3.83 14.06 -2.25
N VAL A 39 -4.25 13.83 -3.49
CA VAL A 39 -4.53 12.47 -3.95
C VAL A 39 -3.26 11.64 -4.03
N GLN A 40 -3.32 10.42 -3.51
CA GLN A 40 -2.17 9.52 -3.53
C GLN A 40 -2.52 8.20 -4.20
N ALA A 41 -1.64 7.74 -5.09
CA ALA A 41 -1.86 6.49 -5.79
C ALA A 41 -1.74 5.30 -4.84
N PHE A 42 -2.39 4.20 -5.21
CA PHE A 42 -2.37 2.99 -4.40
C PHE A 42 -2.06 1.76 -5.24
N GLY A 43 -0.86 1.22 -5.10
CA GLY A 43 -0.46 0.05 -5.85
C GLY A 43 -0.05 -1.10 -4.97
N VAL A 44 -0.72 -2.24 -5.14
CA VAL A 44 -0.42 -3.43 -4.35
C VAL A 44 0.76 -4.21 -4.94
N ILE A 45 1.56 -4.81 -4.06
CA ILE A 45 2.71 -5.59 -4.51
C ILE A 45 2.74 -6.95 -3.84
N LYS A 46 2.66 -8.00 -4.65
CA LYS A 46 2.69 -9.37 -4.12
C LYS A 46 4.10 -9.95 -4.20
N ALA A 47 4.54 -10.55 -3.10
CA ALA A 47 5.87 -11.15 -3.04
C ALA A 47 6.10 -12.08 -4.22
N ASP A 48 5.02 -12.58 -4.79
CA ASP A 48 5.11 -13.48 -5.94
C ASP A 48 5.80 -12.79 -7.12
N GLY A 49 5.88 -11.46 -7.06
CA GLY A 49 6.51 -10.72 -8.13
C GLY A 49 5.50 -10.01 -9.03
N SER A 50 4.22 -10.18 -8.71
CA SER A 50 3.16 -9.57 -9.49
C SER A 50 2.44 -8.49 -8.69
N VAL A 51 1.84 -7.54 -9.40
CA VAL A 51 1.12 -6.45 -8.76
C VAL A 51 -0.32 -6.39 -9.23
N LEU A 52 -1.24 -6.18 -8.28
CA LEU A 52 -2.67 -6.10 -8.60
C LEU A 52 -3.23 -4.76 -8.19
N TRP A 53 -3.06 -3.75 -9.04
CA TRP A 53 -3.56 -2.42 -8.76
C TRP A 53 -3.99 -1.72 -10.04
N GLN A 54 -4.73 -0.62 -9.90
CA GLN A 54 -5.21 0.13 -11.05
C GLN A 54 -5.24 1.63 -10.74
N SER A 55 -4.05 2.21 -10.57
CA SER A 55 -3.93 3.63 -10.27
C SER A 55 -3.62 4.43 -11.53
N ASN A 56 -2.92 3.80 -12.47
CA ASN A 56 -2.56 4.44 -13.72
C ASN A 56 -1.75 5.72 -13.47
N ASN A 57 -1.09 5.76 -12.32
CA ASN A 57 -0.28 6.92 -11.95
C ASN A 57 1.21 6.59 -12.02
N TRP A 58 1.56 5.39 -11.55
CA TRP A 58 2.96 4.95 -11.56
C TRP A 58 3.06 3.50 -12.02
N ASP A 59 3.93 3.26 -13.00
CA ASP A 59 4.13 1.91 -13.53
C ASP A 59 4.69 0.98 -12.46
N LEU A 60 3.80 0.30 -11.75
CA LEU A 60 4.21 -0.62 -10.70
C LEU A 60 4.35 -2.04 -11.24
N SER A 61 3.64 -2.33 -12.33
CA SER A 61 3.69 -3.65 -12.94
C SER A 61 4.90 -3.76 -13.87
N ALA A 62 5.34 -2.63 -14.40
CA ALA A 62 6.49 -2.60 -15.30
C ALA A 62 7.62 -3.46 -14.77
N ASP A 63 7.92 -3.32 -13.47
CA ASP A 63 8.98 -4.09 -12.85
C ASP A 63 8.55 -4.59 -11.47
N ALA A 64 7.33 -5.12 -11.40
CA ALA A 64 6.79 -5.64 -10.15
C ALA A 64 7.83 -6.50 -9.42
N GLN A 65 8.66 -7.19 -10.20
CA GLN A 65 9.69 -8.05 -9.63
C GLN A 65 10.71 -7.23 -8.84
N GLN A 66 11.15 -6.12 -9.43
CA GLN A 66 12.12 -5.25 -8.78
C GLN A 66 11.45 -4.36 -7.73
N LEU A 67 10.21 -3.96 -8.01
CA LEU A 67 9.46 -3.12 -7.08
C LEU A 67 9.52 -3.67 -5.66
N ILE A 68 9.57 -4.99 -5.56
CA ILE A 68 9.63 -5.64 -4.25
C ILE A 68 11.08 -5.85 -3.81
N SER A 69 11.98 -5.93 -4.78
CA SER A 69 13.40 -6.13 -4.49
C SER A 69 13.95 -4.98 -3.66
N ALA A 70 13.44 -3.78 -3.90
CA ALA A 70 13.89 -2.60 -3.17
C ALA A 70 13.79 -2.82 -1.67
N VAL A 71 12.89 -3.71 -1.25
CA VAL A 71 12.70 -4.01 0.16
C VAL A 71 13.15 -5.43 0.48
N ASN A 72 12.95 -6.34 -0.46
CA ASN A 72 13.32 -7.74 -0.28
C ASN A 72 14.74 -7.85 0.29
N ASN A 73 15.61 -6.93 -0.13
CA ASN A 73 16.99 -6.92 0.33
C ASN A 73 17.39 -5.53 0.81
N GLN A 74 16.44 -4.81 1.40
CA GLN A 74 16.69 -3.47 1.89
C GLN A 74 17.56 -2.68 0.92
N SER A 75 17.15 -2.66 -0.34
CA SER A 75 17.89 -1.94 -1.38
C SER A 75 17.70 -0.43 -1.23
N ALA A 76 16.44 -0.01 -1.28
CA ALA A 76 16.10 1.41 -1.17
C ALA A 76 16.61 2.20 -2.36
N SER A 77 15.94 2.03 -3.51
CA SER A 77 16.32 2.72 -4.73
C SER A 77 15.61 2.10 -5.94
N VAL A 78 14.47 2.67 -6.30
CA VAL A 78 13.70 2.19 -7.44
C VAL A 78 13.02 3.34 -8.17
N LYS A 79 12.98 3.24 -9.50
CA LYS A 79 12.36 4.27 -10.32
C LYS A 79 11.11 3.74 -11.02
N GLN A 80 9.99 4.41 -10.82
CA GLN A 80 8.73 4.00 -11.43
C GLN A 80 8.07 5.16 -12.16
N ASN A 81 7.96 5.03 -13.48
CA ASN A 81 7.35 6.07 -14.30
C ASN A 81 8.22 7.32 -14.32
N ASP A 82 9.52 7.13 -14.53
CA ASP A 82 10.46 8.24 -14.58
C ASP A 82 10.52 8.97 -13.23
N VAL A 83 10.26 8.22 -12.16
CA VAL A 83 10.28 8.79 -10.82
C VAL A 83 11.11 7.91 -9.87
N LYS A 84 12.30 8.39 -9.53
CA LYS A 84 13.18 7.65 -8.62
C LYS A 84 12.88 8.01 -7.17
N TYR A 85 12.56 6.99 -6.38
CA TYR A 85 12.24 7.18 -4.96
C TYR A 85 12.99 6.18 -4.09
N SER A 86 13.86 6.68 -3.23
CA SER A 86 14.64 5.83 -2.34
C SER A 86 14.23 6.02 -0.89
N THR A 87 14.41 5.00 -0.08
CA THR A 87 14.07 5.06 1.34
C THR A 87 15.30 5.11 2.22
N ILE A 88 15.46 6.21 2.95
CA ILE A 88 16.61 6.39 3.83
C ILE A 88 16.35 5.77 5.20
N ARG A 89 15.74 4.59 5.20
CA ARG A 89 15.43 3.89 6.44
C ARG A 89 14.85 2.50 6.16
N THR A 90 15.73 1.52 6.03
CA THR A 90 15.33 0.15 5.76
C THR A 90 15.05 -0.61 7.05
N SER A 91 13.78 -0.68 7.44
CA SER A 91 13.40 -1.37 8.67
C SER A 91 12.64 -2.66 8.34
N PRO A 92 12.66 -3.61 9.28
CA PRO A 92 11.98 -4.90 9.11
C PRO A 92 10.47 -4.76 9.17
N GLU A 93 10.00 -3.52 9.32
CA GLU A 93 8.55 -3.25 9.37
C GLU A 93 8.08 -2.54 8.11
N SER A 94 8.82 -1.50 7.71
CA SER A 94 8.47 -0.74 6.53
C SER A 94 9.64 0.13 6.07
N LEU A 95 9.49 0.77 4.92
CA LEU A 95 10.53 1.62 4.38
C LEU A 95 9.96 2.95 3.88
N VAL A 96 10.44 4.04 4.43
CA VAL A 96 9.97 5.37 4.06
C VAL A 96 10.80 5.93 2.90
N ALA A 97 10.19 6.03 1.73
CA ALA A 97 10.87 6.55 0.56
C ALA A 97 10.64 8.05 0.41
N ARG A 98 11.69 8.78 0.02
CA ARG A 98 11.60 10.22 -0.15
C ARG A 98 12.60 10.71 -1.20
N ASN A 99 12.16 11.61 -2.06
CA ASN A 99 13.03 12.16 -3.10
C ASN A 99 13.89 13.28 -2.56
N VAL A 100 15.09 13.42 -3.11
CA VAL A 100 16.01 14.47 -2.68
C VAL A 100 15.35 15.84 -2.72
N GLN A 101 14.55 16.07 -3.74
CA GLN A 101 13.86 17.34 -3.90
C GLN A 101 12.44 17.27 -3.32
N GLY A 102 11.70 16.25 -3.74
CA GLY A 102 10.34 16.08 -3.25
C GLY A 102 9.37 15.70 -4.36
N ASN A 103 9.84 14.92 -5.31
CA ASN A 103 9.01 14.49 -6.43
C ASN A 103 8.82 12.98 -6.41
N GLY A 104 7.78 12.53 -5.70
CA GLY A 104 7.51 11.10 -5.62
C GLY A 104 7.60 10.57 -4.20
N THR A 105 6.53 10.76 -3.43
CA THR A 105 6.50 10.31 -2.05
C THR A 105 5.82 8.95 -1.94
N LEU A 106 6.62 7.90 -1.78
CA LEU A 106 6.10 6.54 -1.67
C LEU A 106 6.27 6.02 -0.24
N ILE A 107 5.20 5.44 0.30
CA ILE A 107 5.23 4.89 1.65
C ILE A 107 4.97 3.39 1.64
N LEU A 108 5.90 2.62 2.21
CA LEU A 108 5.76 1.17 2.27
C LEU A 108 5.02 0.75 3.53
N ALA A 109 4.24 -0.31 3.43
CA ALA A 109 3.48 -0.82 4.55
C ALA A 109 3.32 -2.34 4.47
N ARG A 110 3.86 -3.04 5.47
CA ARG A 110 3.78 -4.49 5.52
C ARG A 110 2.50 -4.95 6.22
N ILE A 111 1.40 -5.00 5.49
CA ILE A 111 0.12 -5.42 6.05
C ILE A 111 0.19 -6.85 6.55
N GLU A 112 1.06 -7.65 5.93
CA GLU A 112 1.21 -9.06 6.32
C GLU A 112 2.60 -9.57 5.91
N ASP A 113 2.77 -10.88 6.00
CA ASP A 113 4.05 -11.51 5.65
C ASP A 113 4.40 -11.23 4.19
N ASP A 114 3.77 -11.96 3.28
CA ASP A 114 4.02 -11.79 1.85
C ASP A 114 3.02 -10.82 1.24
N LYS A 115 2.46 -9.95 2.06
CA LYS A 115 1.48 -8.97 1.61
C LYS A 115 1.78 -7.59 2.19
N TRP A 116 1.99 -6.62 1.32
CA TRP A 116 2.28 -5.25 1.75
C TRP A 116 1.70 -4.24 0.78
N VAL A 117 1.05 -3.20 1.31
CA VAL A 117 0.45 -2.17 0.49
C VAL A 117 1.27 -0.88 0.53
N VAL A 118 1.34 -0.18 -0.59
CA VAL A 118 2.10 1.06 -0.68
C VAL A 118 1.33 2.12 -1.47
N ALA A 119 1.46 3.36 -1.06
CA ALA A 119 0.78 4.47 -1.72
C ALA A 119 1.77 5.54 -2.16
N TRP A 120 1.33 6.42 -3.07
CA TRP A 120 2.18 7.49 -3.55
C TRP A 120 1.48 8.84 -3.43
N ALA A 121 1.90 9.62 -2.44
CA ALA A 121 1.31 10.94 -2.21
C ALA A 121 2.02 12.00 -3.04
N SER A 122 1.23 12.95 -3.57
CA SER A 122 1.78 14.01 -4.39
C SER A 122 2.86 14.78 -3.63
N ALA A 123 3.71 15.49 -4.37
CA ALA A 123 4.78 16.27 -3.77
C ALA A 123 4.25 17.22 -2.71
N ASP A 124 3.09 17.80 -2.98
CA ASP A 124 2.47 18.74 -2.04
C ASP A 124 1.96 18.01 -0.81
N ALA A 125 1.69 16.71 -0.95
CA ALA A 125 1.20 15.89 0.15
C ALA A 125 2.28 15.70 1.22
N ALA A 126 1.87 15.76 2.48
CA ALA A 126 2.80 15.59 3.58
C ALA A 126 2.96 14.11 3.96
N PRO A 127 4.03 13.79 4.69
CA PRO A 127 4.32 12.42 5.13
C PRO A 127 3.34 11.94 6.18
N ASP A 128 3.14 12.75 7.23
CA ASP A 128 2.23 12.40 8.30
C ASP A 128 0.77 12.51 7.85
N SER A 129 0.57 13.19 6.72
CA SER A 129 -0.77 13.37 6.17
C SER A 129 -1.18 12.18 5.32
N VAL A 130 -0.20 11.58 4.66
CA VAL A 130 -0.45 10.42 3.81
C VAL A 130 -0.20 9.11 4.55
N TYR A 131 0.77 9.14 5.46
CA TYR A 131 1.11 7.96 6.26
C TYR A 131 -0.08 7.50 7.09
N VAL A 132 -0.99 8.42 7.37
CA VAL A 132 -2.17 8.12 8.16
C VAL A 132 -3.29 7.56 7.29
N ASP A 133 -3.36 8.04 6.05
CA ASP A 133 -4.38 7.59 5.12
C ASP A 133 -4.05 6.20 4.58
N ILE A 134 -2.80 5.99 4.20
CA ILE A 134 -2.35 4.71 3.68
C ILE A 134 -2.75 3.56 4.60
N ASP A 135 -2.69 3.83 5.91
CA ASP A 135 -3.05 2.83 6.90
C ASP A 135 -4.47 2.33 6.70
N ARG A 136 -5.35 3.23 6.25
CA ARG A 136 -6.74 2.89 6.01
C ARG A 136 -6.88 2.00 4.77
N ALA A 137 -6.00 2.23 3.79
CA ALA A 137 -6.02 1.45 2.56
C ALA A 137 -4.86 0.47 2.50
N ALA A 138 -4.39 0.06 3.67
CA ALA A 138 -3.28 -0.89 3.75
C ALA A 138 -3.64 -2.07 4.65
N LYS A 139 -3.61 -1.85 5.96
CA LYS A 139 -3.92 -2.89 6.92
C LYS A 139 -5.43 -2.99 7.14
N ALA A 140 -6.20 -2.70 6.10
CA ALA A 140 -7.65 -2.75 6.18
C ALA A 140 -8.22 -3.69 5.12
N LEU A 141 -7.52 -3.80 4.00
CA LEU A 141 -7.95 -4.66 2.90
C LEU A 141 -7.03 -5.86 2.75
N LYS A 142 -6.05 -5.96 3.64
CA LYS A 142 -5.10 -7.07 3.62
C LYS A 142 -5.84 -8.41 3.51
N GLY A 143 -5.48 -9.19 2.51
CA GLY A 143 -6.11 -10.49 2.31
C GLY A 143 -6.57 -10.70 0.89
N LYS A 144 -6.93 -9.62 0.21
CA LYS A 144 -7.39 -9.69 -1.17
C LYS A 144 -6.39 -9.05 -2.11
N ILE A 145 -5.20 -9.62 -2.19
CA ILE A 145 -4.15 -9.11 -3.06
C ILE A 145 -3.29 -10.23 -3.62
N GLY A 1 -20.12 -24.29 27.90
CA GLY A 1 -20.20 -23.67 26.59
C GLY A 1 -21.58 -23.13 26.28
N MET A 2 -22.28 -23.79 25.36
CA MET A 2 -23.62 -23.36 24.97
C MET A 2 -23.62 -21.91 24.51
N ALA A 3 -22.56 -21.50 23.82
CA ALA A 3 -22.44 -20.14 23.33
C ALA A 3 -23.53 -19.83 22.30
N GLY A 4 -23.50 -18.61 21.76
CA GLY A 4 -24.48 -18.22 20.77
C GLY A 4 -23.85 -17.68 19.50
N TYR A 5 -24.16 -18.30 18.37
CA TYR A 5 -23.60 -17.88 17.09
C TYR A 5 -23.82 -16.38 16.88
N ASN A 6 -22.88 -15.75 16.17
CA ASN A 6 -22.95 -14.32 15.90
C ASN A 6 -22.96 -14.06 14.40
N LEU A 7 -22.81 -12.79 14.03
CA LEU A 7 -22.80 -12.40 12.62
C LEU A 7 -21.70 -13.13 11.86
N GLY A 8 -21.51 -12.76 10.60
CA GLY A 8 -20.48 -13.39 9.79
C GLY A 8 -20.96 -13.72 8.39
N THR A 9 -22.25 -14.06 8.27
CA THR A 9 -22.83 -14.40 6.97
C THR A 9 -23.13 -13.14 6.16
N GLU A 10 -22.32 -12.92 5.12
CA GLU A 10 -22.49 -11.76 4.26
C GLU A 10 -22.59 -10.48 5.09
N TRP A 11 -21.70 -10.34 6.06
CA TRP A 11 -21.69 -9.17 6.93
C TRP A 11 -20.31 -8.52 6.96
N ILE A 12 -19.27 -9.35 6.95
CA ILE A 12 -17.89 -8.86 6.97
C ILE A 12 -17.63 -8.06 8.24
N SER A 13 -18.25 -8.47 9.33
CA SER A 13 -18.06 -7.79 10.61
C SER A 13 -16.80 -8.29 11.32
N LEU A 14 -16.41 -9.52 11.02
CA LEU A 14 -15.23 -10.12 11.63
C LEU A 14 -14.09 -10.21 10.62
N ARG A 15 -13.79 -9.08 9.96
CA ARG A 15 -12.72 -9.04 8.97
C ARG A 15 -11.48 -9.78 9.48
N SER A 16 -11.23 -10.96 8.91
CA SER A 16 -10.09 -11.77 9.30
C SER A 16 -8.78 -11.06 8.96
N LYS A 17 -8.86 -10.10 8.04
CA LYS A 17 -7.68 -9.34 7.63
C LYS A 17 -6.71 -10.22 6.85
N LEU A 18 -7.26 -11.20 6.14
CA LEU A 18 -6.43 -12.11 5.34
C LEU A 18 -7.29 -13.17 4.67
N GLU A 19 -7.05 -13.38 3.38
CA GLU A 19 -7.80 -14.37 2.61
C GLU A 19 -9.27 -13.96 2.50
N MET A 20 -9.56 -12.71 2.82
CA MET A 20 -10.92 -12.19 2.76
C MET A 20 -11.17 -11.48 1.43
N SER A 21 -12.12 -12.01 0.66
CA SER A 21 -12.45 -11.44 -0.64
C SER A 21 -13.09 -10.06 -0.47
N ASP A 22 -12.26 -9.03 -0.38
CA ASP A 22 -12.74 -7.67 -0.23
C ASP A 22 -12.78 -6.95 -1.57
N PRO A 23 -13.60 -5.88 -1.66
CA PRO A 23 -13.74 -5.09 -2.88
C PRO A 23 -12.50 -4.27 -3.19
N VAL A 24 -11.73 -4.74 -4.19
CA VAL A 24 -10.51 -4.05 -4.59
C VAL A 24 -10.83 -2.74 -5.29
N MET A 25 -9.83 -1.86 -5.38
CA MET A 25 -10.00 -0.57 -6.02
C MET A 25 -10.81 0.38 -5.15
N GLU A 26 -11.15 -0.08 -3.94
CA GLU A 26 -11.93 0.74 -3.01
C GLU A 26 -11.01 1.61 -2.16
N ALA A 27 -9.83 1.09 -1.84
CA ALA A 27 -8.87 1.82 -1.03
C ALA A 27 -8.63 3.22 -1.58
N TYR A 28 -8.68 3.34 -2.90
CA TYR A 28 -8.47 4.63 -3.56
C TYR A 28 -9.36 5.71 -2.94
N THR A 29 -10.65 5.43 -2.90
CA THR A 29 -11.62 6.37 -2.34
C THR A 29 -11.52 6.42 -0.82
N GLN A 30 -11.19 5.28 -0.23
CA GLN A 30 -11.06 5.20 1.23
C GLN A 30 -10.08 6.24 1.75
N ALA A 31 -9.03 6.50 0.98
CA ALA A 31 -8.02 7.48 1.37
C ALA A 31 -8.25 8.80 0.66
N TYR A 32 -8.55 8.74 -0.64
CA TYR A 32 -8.78 9.95 -1.42
C TYR A 32 -9.86 10.82 -0.78
N GLU A 33 -10.84 10.18 -0.14
CA GLU A 33 -11.92 10.89 0.50
C GLU A 33 -11.38 11.98 1.43
N ALA A 34 -10.42 11.61 2.27
CA ALA A 34 -9.82 12.54 3.21
C ALA A 34 -8.62 13.25 2.57
N SER A 35 -8.03 12.62 1.56
CA SER A 35 -6.89 13.19 0.87
C SER A 35 -7.32 14.02 -0.33
N ASN A 36 -8.54 14.55 -0.27
CA ASN A 36 -9.08 15.35 -1.35
C ASN A 36 -8.13 16.50 -1.71
N GLN A 37 -7.28 16.87 -0.75
CA GLN A 37 -6.31 17.94 -0.96
C GLN A 37 -5.07 17.42 -1.66
N MET A 38 -4.70 16.18 -1.36
CA MET A 38 -3.52 15.56 -1.95
C MET A 38 -3.78 14.09 -2.31
N VAL A 39 -4.20 13.86 -3.55
CA VAL A 39 -4.49 12.50 -4.01
C VAL A 39 -3.21 11.67 -4.09
N GLN A 40 -3.28 10.45 -3.57
CA GLN A 40 -2.14 9.55 -3.57
C GLN A 40 -2.49 8.22 -4.23
N ALA A 41 -1.62 7.76 -5.12
CA ALA A 41 -1.83 6.50 -5.82
C ALA A 41 -1.73 5.31 -4.86
N PHE A 42 -2.38 4.21 -5.23
CA PHE A 42 -2.36 3.01 -4.40
C PHE A 42 -2.07 1.77 -5.25
N GLY A 43 -0.86 1.23 -5.10
CA GLY A 43 -0.47 0.06 -5.85
C GLY A 43 -0.07 -1.09 -4.96
N VAL A 44 -0.74 -2.23 -5.13
CA VAL A 44 -0.44 -3.42 -4.33
C VAL A 44 0.73 -4.20 -4.92
N ILE A 45 1.52 -4.81 -4.05
CA ILE A 45 2.68 -5.59 -4.48
C ILE A 45 2.71 -6.96 -3.80
N LYS A 46 2.62 -8.01 -4.61
CA LYS A 46 2.63 -9.37 -4.08
C LYS A 46 4.03 -9.96 -4.15
N ALA A 47 4.48 -10.54 -3.04
CA ALA A 47 5.80 -11.16 -2.98
C ALA A 47 6.03 -12.09 -4.16
N ASP A 48 4.94 -12.59 -4.74
CA ASP A 48 5.03 -13.49 -5.88
C ASP A 48 5.72 -12.81 -7.07
N GLY A 49 5.81 -11.50 -7.01
CA GLY A 49 6.44 -10.75 -8.08
C GLY A 49 5.44 -10.06 -8.98
N SER A 50 4.16 -10.22 -8.66
CA SER A 50 3.10 -9.60 -9.46
C SER A 50 2.38 -8.51 -8.65
N VAL A 51 1.79 -7.56 -9.36
CA VAL A 51 1.07 -6.47 -8.72
C VAL A 51 -0.37 -6.40 -9.20
N LEU A 52 -1.28 -6.19 -8.25
CA LEU A 52 -2.71 -6.10 -8.57
C LEU A 52 -3.28 -4.75 -8.17
N TRP A 53 -3.09 -3.75 -9.01
CA TRP A 53 -3.58 -2.41 -8.75
C TRP A 53 -4.02 -1.71 -10.03
N GLN A 54 -4.75 -0.62 -9.90
CA GLN A 54 -5.22 0.14 -11.05
C GLN A 54 -5.24 1.63 -10.76
N SER A 55 -4.04 2.21 -10.58
CA SER A 55 -3.93 3.63 -10.29
C SER A 55 -3.61 4.42 -11.55
N ASN A 56 -2.91 3.78 -12.48
CA ASN A 56 -2.54 4.42 -13.74
C ASN A 56 -1.72 5.68 -13.48
N ASN A 57 -1.07 5.74 -12.32
CA ASN A 57 -0.25 6.89 -11.96
C ASN A 57 1.23 6.55 -12.02
N TRP A 58 1.59 5.36 -11.55
CA TRP A 58 2.97 4.91 -11.56
C TRP A 58 3.07 3.47 -12.02
N ASP A 59 3.94 3.22 -12.99
CA ASP A 59 4.14 1.87 -13.52
C ASP A 59 4.69 0.94 -12.45
N LEU A 60 3.79 0.26 -11.74
CA LEU A 60 4.20 -0.66 -10.68
C LEU A 60 4.34 -2.07 -11.22
N SER A 61 3.63 -2.37 -12.31
CA SER A 61 3.67 -3.69 -12.92
C SER A 61 4.88 -3.81 -13.85
N ALA A 62 5.33 -2.67 -14.37
CA ALA A 62 6.48 -2.66 -15.28
C ALA A 62 7.61 -3.51 -14.73
N ASP A 63 7.89 -3.37 -13.45
CA ASP A 63 8.96 -4.13 -12.81
C ASP A 63 8.52 -4.64 -11.43
N ALA A 64 7.30 -5.15 -11.37
CA ALA A 64 6.76 -5.66 -10.11
C ALA A 64 7.79 -6.52 -9.39
N GLN A 65 8.61 -7.23 -10.16
CA GLN A 65 9.64 -8.09 -9.58
C GLN A 65 10.67 -7.28 -8.80
N GLN A 66 11.11 -6.17 -9.38
CA GLN A 66 12.09 -5.30 -8.73
C GLN A 66 11.42 -4.42 -7.69
N LEU A 67 10.18 -4.01 -7.96
CA LEU A 67 9.43 -3.15 -7.05
C LEU A 67 9.48 -3.70 -5.63
N ILE A 68 9.54 -5.02 -5.51
CA ILE A 68 9.59 -5.67 -4.21
C ILE A 68 11.04 -5.90 -3.77
N SER A 69 11.94 -5.97 -4.73
CA SER A 69 13.35 -6.19 -4.45
C SER A 69 13.92 -5.03 -3.62
N ALA A 70 13.41 -3.83 -3.86
CA ALA A 70 13.86 -2.65 -3.13
C ALA A 70 13.75 -2.86 -1.63
N VAL A 71 12.86 -3.75 -1.21
CA VAL A 71 12.66 -4.04 0.20
C VAL A 71 13.10 -5.46 0.53
N ASN A 72 12.88 -6.38 -0.41
CA ASN A 72 13.26 -7.78 -0.21
C ASN A 72 14.67 -7.89 0.35
N ASN A 73 15.54 -6.98 -0.08
CA ASN A 73 16.93 -6.97 0.38
C ASN A 73 17.34 -5.58 0.86
N GLN A 74 16.39 -4.85 1.43
CA GLN A 74 16.65 -3.51 1.94
C GLN A 74 17.52 -2.73 0.96
N SER A 75 17.12 -2.71 -0.31
CA SER A 75 17.87 -2.00 -1.34
C SER A 75 17.67 -0.50 -1.21
N ALA A 76 16.42 -0.06 -1.25
CA ALA A 76 16.09 1.36 -1.15
C ALA A 76 16.60 2.13 -2.36
N SER A 77 15.92 1.96 -3.49
CA SER A 77 16.32 2.64 -4.72
C SER A 77 15.61 2.03 -5.92
N VAL A 78 14.47 2.61 -6.29
CA VAL A 78 13.70 2.13 -7.43
C VAL A 78 13.03 3.27 -8.16
N LYS A 79 12.98 3.18 -9.49
CA LYS A 79 12.37 4.21 -10.32
C LYS A 79 11.12 3.67 -11.02
N GLN A 80 10.00 4.35 -10.82
CA GLN A 80 8.74 3.94 -11.44
C GLN A 80 8.10 5.11 -12.18
N ASN A 81 7.98 4.97 -13.49
CA ASN A 81 7.39 6.02 -14.32
C ASN A 81 8.27 7.26 -14.35
N ASP A 82 9.56 7.06 -14.56
CA ASP A 82 10.51 8.17 -14.60
C ASP A 82 10.56 8.89 -13.26
N VAL A 83 10.30 8.15 -12.19
CA VAL A 83 10.32 8.72 -10.84
C VAL A 83 11.14 7.85 -9.89
N LYS A 84 12.33 8.32 -9.54
CA LYS A 84 13.20 7.59 -8.64
C LYS A 84 12.90 7.94 -7.18
N TYR A 85 12.57 6.93 -6.39
CA TYR A 85 12.27 7.14 -4.98
C TYR A 85 13.01 6.13 -4.11
N SER A 86 13.88 6.63 -3.23
CA SER A 86 14.65 5.78 -2.34
C SER A 86 14.23 5.99 -0.90
N THR A 87 14.43 4.96 -0.08
CA THR A 87 14.06 5.03 1.33
C THR A 87 15.31 5.08 2.21
N ILE A 88 15.47 6.18 2.94
CA ILE A 88 16.61 6.35 3.82
C ILE A 88 16.36 5.74 5.19
N ARG A 89 15.73 4.57 5.20
CA ARG A 89 15.41 3.88 6.45
C ARG A 89 14.83 2.49 6.17
N THR A 90 15.72 1.51 6.04
CA THR A 90 15.29 0.14 5.77
C THR A 90 15.03 -0.62 7.07
N SER A 91 13.75 -0.68 7.46
CA SER A 91 13.36 -1.37 8.69
C SER A 91 12.60 -2.65 8.37
N PRO A 92 12.62 -3.60 9.31
CA PRO A 92 11.92 -4.89 9.15
C PRO A 92 10.41 -4.73 9.21
N GLU A 93 9.94 -3.50 9.35
CA GLU A 93 8.51 -3.22 9.40
C GLU A 93 8.04 -2.51 8.13
N SER A 94 8.78 -1.49 7.73
CA SER A 94 8.44 -0.72 6.53
C SER A 94 9.61 0.14 6.08
N LEU A 95 9.46 0.77 4.92
CA LEU A 95 10.52 1.63 4.38
C LEU A 95 9.94 2.94 3.88
N VAL A 96 10.43 4.05 4.44
CA VAL A 96 9.97 5.37 4.04
C VAL A 96 10.80 5.93 2.89
N ALA A 97 10.19 6.02 1.71
CA ALA A 97 10.88 6.54 0.54
C ALA A 97 10.66 8.03 0.38
N ARG A 98 11.71 8.75 0.00
CA ARG A 98 11.63 10.19 -0.19
C ARG A 98 12.64 10.67 -1.23
N ASN A 99 12.20 11.58 -2.09
CA ASN A 99 13.07 12.11 -3.14
C ASN A 99 13.94 13.24 -2.60
N VAL A 100 15.14 13.36 -3.15
CA VAL A 100 16.06 14.40 -2.72
C VAL A 100 15.41 15.78 -2.76
N GLN A 101 14.61 16.01 -3.80
CA GLN A 101 13.93 17.28 -3.96
C GLN A 101 12.51 17.22 -3.38
N GLY A 102 11.76 16.20 -3.79
CA GLY A 102 10.40 16.04 -3.30
C GLY A 102 9.43 15.67 -4.41
N ASN A 103 9.90 14.88 -5.36
CA ASN A 103 9.06 14.45 -6.49
C ASN A 103 8.86 12.93 -6.46
N GLY A 104 7.83 12.50 -5.75
CA GLY A 104 7.54 11.07 -5.66
C GLY A 104 7.63 10.55 -4.24
N THR A 105 6.56 10.75 -3.47
CA THR A 105 6.53 10.30 -2.09
C THR A 105 5.85 8.95 -1.97
N LEU A 106 6.64 7.90 -1.81
CA LEU A 106 6.12 6.54 -1.68
C LEU A 106 6.27 6.03 -0.25
N ILE A 107 5.20 5.44 0.28
CA ILE A 107 5.24 4.90 1.64
C ILE A 107 4.96 3.41 1.63
N LEU A 108 5.89 2.64 2.20
CA LEU A 108 5.75 1.19 2.27
C LEU A 108 5.01 0.78 3.53
N ALA A 109 4.21 -0.29 3.43
CA ALA A 109 3.46 -0.79 4.57
C ALA A 109 3.29 -2.30 4.49
N ARG A 110 3.82 -3.00 5.49
CA ARG A 110 3.73 -4.46 5.53
C ARG A 110 2.45 -4.91 6.25
N ILE A 111 1.35 -4.95 5.51
CA ILE A 111 0.07 -5.36 6.07
C ILE A 111 0.13 -6.80 6.59
N GLU A 112 1.00 -7.60 5.96
CA GLU A 112 1.15 -8.99 6.36
C GLU A 112 2.53 -9.52 5.97
N ASP A 113 2.69 -10.84 6.05
CA ASP A 113 3.96 -11.47 5.71
C ASP A 113 4.33 -11.20 4.25
N ASP A 114 3.69 -11.93 3.35
CA ASP A 114 3.95 -11.78 1.92
C ASP A 114 2.95 -10.79 1.29
N LYS A 115 2.39 -9.92 2.12
CA LYS A 115 1.42 -8.94 1.65
C LYS A 115 1.72 -7.55 2.23
N TRP A 116 1.94 -6.58 1.35
CA TRP A 116 2.23 -5.23 1.78
C TRP A 116 1.66 -4.21 0.79
N VAL A 117 1.02 -3.17 1.33
CA VAL A 117 0.43 -2.14 0.49
C VAL A 117 1.26 -0.86 0.54
N VAL A 118 1.33 -0.16 -0.60
CA VAL A 118 2.09 1.08 -0.68
C VAL A 118 1.32 2.14 -1.48
N ALA A 119 1.45 3.39 -1.07
CA ALA A 119 0.78 4.49 -1.75
C ALA A 119 1.78 5.56 -2.18
N TRP A 120 1.34 6.43 -3.08
CA TRP A 120 2.20 7.50 -3.59
C TRP A 120 1.50 8.85 -3.47
N ALA A 121 1.92 9.63 -2.48
CA ALA A 121 1.35 10.95 -2.25
C ALA A 121 2.06 12.02 -3.09
N SER A 122 1.28 12.95 -3.62
CA SER A 122 1.83 14.02 -4.44
C SER A 122 2.92 14.79 -3.69
N ALA A 123 3.76 15.49 -4.43
CA ALA A 123 4.84 16.27 -3.83
C ALA A 123 4.31 17.23 -2.77
N ASP A 124 3.14 17.81 -3.04
CA ASP A 124 2.53 18.75 -2.11
C ASP A 124 2.01 18.02 -0.87
N ALA A 125 1.74 16.72 -1.02
CA ALA A 125 1.25 15.92 0.10
C ALA A 125 2.33 15.73 1.16
N ALA A 126 1.92 15.79 2.41
CA ALA A 126 2.86 15.62 3.53
C ALA A 126 3.00 14.16 3.91
N PRO A 127 4.07 13.83 4.64
CA PRO A 127 4.36 12.46 5.09
C PRO A 127 3.36 11.98 6.15
N ASP A 128 3.18 12.79 7.18
CA ASP A 128 2.26 12.46 8.26
C ASP A 128 0.81 12.58 7.80
N SER A 129 0.60 13.25 6.67
CA SER A 129 -0.73 13.44 6.12
C SER A 129 -1.15 12.25 5.27
N VAL A 130 -0.16 11.63 4.62
CA VAL A 130 -0.42 10.47 3.77
C VAL A 130 -0.17 9.18 4.52
N TYR A 131 0.78 9.20 5.44
CA TYR A 131 1.12 8.02 6.22
C TYR A 131 -0.07 7.57 7.07
N VAL A 132 -0.98 8.50 7.34
CA VAL A 132 -2.16 8.20 8.13
C VAL A 132 -3.29 7.65 7.25
N ASP A 133 -3.36 8.12 6.02
CA ASP A 133 -4.37 7.68 5.08
C ASP A 133 -4.05 6.28 4.56
N ILE A 134 -2.79 6.06 4.17
CA ILE A 134 -2.36 4.77 3.66
C ILE A 134 -2.77 3.64 4.60
N ASP A 135 -2.71 3.90 5.90
CA ASP A 135 -3.06 2.91 6.89
C ASP A 135 -4.50 2.41 6.68
N ARG A 136 -5.37 3.32 6.22
CA ARG A 136 -6.76 2.97 5.99
C ARG A 136 -6.89 2.09 4.75
N ALA A 137 -6.02 2.31 3.77
CA ALA A 137 -6.04 1.53 2.54
C ALA A 137 -4.87 0.54 2.49
N ALA A 138 -4.41 0.13 3.67
CA ALA A 138 -3.31 -0.82 3.76
C ALA A 138 -3.67 -2.00 4.66
N LYS A 139 -3.64 -1.77 5.97
CA LYS A 139 -3.97 -2.81 6.94
C LYS A 139 -5.47 -2.89 7.15
N ALA A 140 -6.23 -2.60 6.11
CA ALA A 140 -7.69 -2.66 6.18
C ALA A 140 -8.26 -3.60 5.12
N LEU A 141 -7.56 -3.71 4.00
CA LEU A 141 -8.00 -4.58 2.91
C LEU A 141 -7.08 -5.78 2.77
N LYS A 142 -6.10 -5.88 3.66
CA LYS A 142 -5.16 -6.99 3.64
C LYS A 142 -5.89 -8.32 3.54
N GLY A 143 -5.54 -9.12 2.53
CA GLY A 143 -6.17 -10.41 2.36
C GLY A 143 -6.63 -10.64 0.92
N LYS A 144 -6.97 -9.55 0.25
CA LYS A 144 -7.44 -9.63 -1.13
C LYS A 144 -6.42 -9.00 -2.08
N ILE A 145 -5.24 -9.59 -2.16
CA ILE A 145 -4.18 -9.09 -3.03
C ILE A 145 -3.33 -10.22 -3.57
N GLY A 1 -18.91 -25.42 26.74
CA GLY A 1 -19.04 -24.38 25.74
C GLY A 1 -20.48 -23.96 25.52
N MET A 2 -21.12 -24.54 24.51
CA MET A 2 -22.50 -24.22 24.19
C MET A 2 -22.67 -22.73 23.91
N ALA A 3 -21.67 -22.14 23.26
CA ALA A 3 -21.70 -20.73 22.92
C ALA A 3 -22.83 -20.41 21.95
N GLY A 4 -22.87 -19.18 21.46
CA GLY A 4 -23.90 -18.78 20.53
C GLY A 4 -23.34 -18.15 19.28
N TYR A 5 -23.66 -18.75 18.12
CA TYR A 5 -23.16 -18.24 16.85
C TYR A 5 -23.46 -16.75 16.70
N ASN A 6 -22.59 -16.05 15.99
CA ASN A 6 -22.75 -14.62 15.77
C ASN A 6 -22.83 -14.30 14.28
N LEU A 7 -22.75 -13.02 13.95
CA LEU A 7 -22.81 -12.57 12.57
C LEU A 7 -21.69 -13.20 11.75
N GLY A 8 -21.54 -12.74 10.51
CA GLY A 8 -20.49 -13.26 9.64
C GLY A 8 -20.99 -13.53 8.23
N THR A 9 -22.26 -13.93 8.11
CA THR A 9 -22.85 -14.22 6.82
C THR A 9 -23.15 -12.94 6.05
N GLU A 10 -22.35 -12.67 5.01
CA GLU A 10 -22.53 -11.47 4.21
C GLU A 10 -22.64 -10.23 5.08
N TRP A 11 -21.75 -10.12 6.06
CA TRP A 11 -21.75 -8.99 6.97
C TRP A 11 -20.37 -8.33 7.03
N ILE A 12 -19.33 -9.17 7.00
CA ILE A 12 -17.97 -8.67 7.04
C ILE A 12 -17.70 -7.91 8.35
N SER A 13 -18.33 -8.34 9.42
CA SER A 13 -18.18 -7.71 10.73
C SER A 13 -16.92 -8.22 11.43
N LEU A 14 -16.53 -9.44 11.10
CA LEU A 14 -15.34 -10.05 11.71
C LEU A 14 -14.19 -10.11 10.70
N ARG A 15 -13.89 -8.98 10.09
CA ARG A 15 -12.81 -8.91 9.11
C ARG A 15 -11.58 -9.66 9.60
N SER A 16 -11.33 -10.83 9.00
CA SER A 16 -10.19 -11.65 9.37
C SER A 16 -8.88 -10.95 9.04
N LYS A 17 -8.95 -9.98 8.13
CA LYS A 17 -7.77 -9.23 7.72
C LYS A 17 -6.81 -10.11 6.94
N LEU A 18 -7.36 -11.10 6.23
CA LEU A 18 -6.55 -12.01 5.43
C LEU A 18 -7.42 -13.07 4.76
N GLU A 19 -7.17 -13.28 3.46
CA GLU A 19 -7.94 -14.26 2.70
C GLU A 19 -9.40 -13.85 2.58
N MET A 20 -9.68 -12.58 2.91
CA MET A 20 -11.03 -12.06 2.84
C MET A 20 -11.28 -11.36 1.51
N SER A 21 -12.25 -11.88 0.75
CA SER A 21 -12.58 -11.31 -0.55
C SER A 21 -13.20 -9.93 -0.40
N ASP A 22 -12.35 -8.91 -0.32
CA ASP A 22 -12.82 -7.54 -0.17
C ASP A 22 -12.86 -6.82 -1.52
N PRO A 23 -13.67 -5.75 -1.60
CA PRO A 23 -13.81 -4.96 -2.83
C PRO A 23 -12.56 -4.16 -3.15
N VAL A 24 -11.80 -4.63 -4.14
CA VAL A 24 -10.57 -3.96 -4.54
C VAL A 24 -10.88 -2.65 -5.27
N MET A 25 -9.88 -1.78 -5.34
CA MET A 25 -10.05 -0.49 -6.01
C MET A 25 -10.85 0.48 -5.14
N GLU A 26 -11.19 0.03 -3.94
CA GLU A 26 -11.97 0.85 -3.01
C GLU A 26 -11.05 1.72 -2.16
N ALA A 27 -9.87 1.20 -1.84
CA ALA A 27 -8.89 1.93 -1.04
C ALA A 27 -8.66 3.32 -1.60
N TYR A 28 -8.69 3.44 -2.92
CA TYR A 28 -8.47 4.72 -3.58
C TYR A 28 -9.35 5.81 -2.98
N THR A 29 -10.65 5.54 -2.94
CA THR A 29 -11.61 6.50 -2.38
C THR A 29 -11.51 6.55 -0.86
N GLN A 30 -11.19 5.41 -0.25
CA GLN A 30 -11.05 5.33 1.19
C GLN A 30 -10.07 6.38 1.71
N ALA A 31 -9.02 6.62 0.94
CA ALA A 31 -8.00 7.60 1.32
C ALA A 31 -8.22 8.92 0.60
N TYR A 32 -8.52 8.86 -0.69
CA TYR A 32 -8.75 10.05 -1.49
C TYR A 32 -9.81 10.94 -0.86
N GLU A 33 -10.80 10.30 -0.22
CA GLU A 33 -11.88 11.03 0.43
C GLU A 33 -11.33 12.12 1.35
N ALA A 34 -10.37 11.76 2.19
CA ALA A 34 -9.76 12.70 3.11
C ALA A 34 -8.56 13.39 2.48
N SER A 35 -7.98 12.74 1.47
CA SER A 35 -6.82 13.29 0.78
C SER A 35 -7.25 14.12 -0.43
N ASN A 36 -8.46 14.66 -0.38
CA ASN A 36 -8.99 15.46 -1.47
C ASN A 36 -8.03 16.60 -1.82
N GLN A 37 -7.18 16.96 -0.86
CA GLN A 37 -6.20 18.02 -1.08
C GLN A 37 -4.95 17.49 -1.77
N MET A 38 -4.60 16.25 -1.47
CA MET A 38 -3.43 15.62 -2.06
C MET A 38 -3.70 14.16 -2.39
N VAL A 39 -4.12 13.91 -3.64
CA VAL A 39 -4.42 12.56 -4.09
C VAL A 39 -3.15 11.71 -4.15
N GLN A 40 -3.23 10.49 -3.62
CA GLN A 40 -2.09 9.58 -3.62
C GLN A 40 -2.46 8.26 -4.27
N ALA A 41 -1.58 7.78 -5.15
CA ALA A 41 -1.82 6.52 -5.85
C ALA A 41 -1.72 5.34 -4.89
N PHE A 42 -2.38 4.24 -5.23
CA PHE A 42 -2.38 3.04 -4.41
C PHE A 42 -2.08 1.80 -5.24
N GLY A 43 -0.88 1.26 -5.08
CA GLY A 43 -0.50 0.07 -5.84
C GLY A 43 -0.10 -1.08 -4.93
N VAL A 44 -0.78 -2.22 -5.09
CA VAL A 44 -0.50 -3.40 -4.28
C VAL A 44 0.66 -4.19 -4.87
N ILE A 45 1.45 -4.80 -3.99
CA ILE A 45 2.60 -5.59 -4.41
C ILE A 45 2.62 -6.95 -3.72
N LYS A 46 2.52 -8.01 -4.52
CA LYS A 46 2.53 -9.37 -3.99
C LYS A 46 3.93 -9.97 -4.05
N ALA A 47 4.36 -10.55 -2.94
CA ALA A 47 5.68 -11.17 -2.86
C ALA A 47 5.91 -12.12 -4.03
N ASP A 48 4.82 -12.61 -4.61
CA ASP A 48 4.90 -13.52 -5.75
C ASP A 48 5.60 -12.86 -6.93
N GLY A 49 5.70 -11.53 -6.88
CA GLY A 49 6.34 -10.80 -7.96
C GLY A 49 5.35 -10.11 -8.86
N SER A 50 4.06 -10.25 -8.55
CA SER A 50 3.01 -9.64 -9.34
C SER A 50 2.30 -8.54 -8.56
N VAL A 51 1.71 -7.59 -9.27
CA VAL A 51 1.00 -6.48 -8.65
C VAL A 51 -0.44 -6.42 -9.12
N LEU A 52 -1.36 -6.18 -8.18
CA LEU A 52 -2.77 -6.09 -8.51
C LEU A 52 -3.34 -4.74 -8.11
N TRP A 53 -3.13 -3.74 -8.97
CA TRP A 53 -3.62 -2.39 -8.71
C TRP A 53 -4.04 -1.70 -10.01
N GLN A 54 -4.77 -0.60 -9.88
CA GLN A 54 -5.23 0.14 -11.05
C GLN A 54 -5.24 1.64 -10.76
N SER A 55 -4.04 2.22 -10.59
CA SER A 55 -3.91 3.64 -10.30
C SER A 55 -3.58 4.42 -11.57
N ASN A 56 -2.89 3.76 -12.50
CA ASN A 56 -2.51 4.38 -13.76
C ASN A 56 -1.69 5.65 -13.52
N ASN A 57 -1.02 5.70 -12.36
CA ASN A 57 -0.21 6.85 -12.00
C ASN A 57 1.28 6.50 -12.06
N TRP A 58 1.61 5.31 -11.58
CA TRP A 58 3.00 4.85 -11.58
C TRP A 58 3.09 3.40 -12.03
N ASP A 59 3.96 3.13 -13.00
CA ASP A 59 4.14 1.78 -13.52
C ASP A 59 4.69 0.86 -12.44
N LEU A 60 3.78 0.19 -11.71
CA LEU A 60 4.18 -0.72 -10.65
C LEU A 60 4.31 -2.14 -11.18
N SER A 61 3.59 -2.44 -12.26
CA SER A 61 3.63 -3.77 -12.86
C SER A 61 4.83 -3.91 -13.79
N ALA A 62 5.29 -2.79 -14.33
CA ALA A 62 6.45 -2.78 -15.23
C ALA A 62 7.58 -3.64 -14.67
N ASP A 63 7.86 -3.49 -13.39
CA ASP A 63 8.92 -4.25 -12.74
C ASP A 63 8.47 -4.74 -11.36
N ALA A 64 7.25 -5.24 -11.29
CA ALA A 64 6.70 -5.74 -10.03
C ALA A 64 7.72 -6.61 -9.30
N GLN A 65 8.54 -7.32 -10.06
CA GLN A 65 9.56 -8.19 -9.47
C GLN A 65 10.59 -7.38 -8.70
N GLN A 66 11.04 -6.28 -9.30
CA GLN A 66 12.02 -5.41 -8.65
C GLN A 66 11.36 -4.50 -7.62
N LEU A 67 10.13 -4.09 -7.89
CA LEU A 67 9.39 -3.22 -6.99
C LEU A 67 9.43 -3.76 -5.56
N ILE A 68 9.47 -5.09 -5.44
CA ILE A 68 9.51 -5.72 -4.13
C ILE A 68 10.95 -5.95 -3.68
N SER A 69 11.87 -6.05 -4.65
CA SER A 69 13.28 -6.26 -4.35
C SER A 69 13.84 -5.11 -3.52
N ALA A 70 13.34 -3.91 -3.77
CA ALA A 70 13.79 -2.72 -3.05
C ALA A 70 13.70 -2.93 -1.55
N VAL A 71 12.78 -3.80 -1.14
CA VAL A 71 12.59 -4.09 0.28
C VAL A 71 13.02 -5.51 0.62
N ASN A 72 12.80 -6.43 -0.32
CA ASN A 72 13.16 -7.83 -0.11
C ASN A 72 14.57 -7.95 0.46
N ASN A 73 15.46 -7.05 0.03
CA ASN A 73 16.83 -7.05 0.49
C ASN A 73 17.25 -5.66 0.96
N GLN A 74 16.31 -4.93 1.53
CA GLN A 74 16.57 -3.58 2.02
C GLN A 74 17.46 -2.81 1.04
N SER A 75 17.05 -2.80 -0.23
CA SER A 75 17.81 -2.11 -1.27
C SER A 75 17.63 -0.59 -1.14
N ALA A 76 16.38 -0.15 -1.19
CA ALA A 76 16.07 1.27 -1.08
C ALA A 76 16.59 2.03 -2.30
N SER A 77 15.92 1.86 -3.43
CA SER A 77 16.32 2.54 -4.67
C SER A 77 15.61 1.92 -5.87
N VAL A 78 14.47 2.50 -6.24
CA VAL A 78 13.70 2.01 -7.38
C VAL A 78 13.03 3.16 -8.13
N LYS A 79 13.00 3.05 -9.45
CA LYS A 79 12.40 4.08 -10.29
C LYS A 79 11.15 3.55 -10.99
N GLN A 80 10.03 4.23 -10.80
CA GLN A 80 8.77 3.83 -11.41
C GLN A 80 8.13 4.99 -12.17
N ASN A 81 8.02 4.85 -13.48
CA ASN A 81 7.43 5.88 -14.32
C ASN A 81 8.31 7.12 -14.35
N ASP A 82 9.61 6.92 -14.55
CA ASP A 82 10.56 8.03 -14.60
C ASP A 82 10.61 8.75 -13.27
N VAL A 83 10.35 8.03 -12.19
CA VAL A 83 10.37 8.60 -10.85
C VAL A 83 11.17 7.73 -9.89
N LYS A 84 12.38 8.20 -9.55
CA LYS A 84 13.24 7.47 -8.63
C LYS A 84 12.95 7.84 -7.18
N TYR A 85 12.60 6.83 -6.38
CA TYR A 85 12.29 7.05 -4.97
C TYR A 85 13.03 6.04 -4.09
N SER A 86 13.89 6.55 -3.22
CA SER A 86 14.66 5.70 -2.33
C SER A 86 14.24 5.92 -0.88
N THR A 87 14.42 4.90 -0.05
CA THR A 87 14.06 4.98 1.37
C THR A 87 15.30 5.03 2.24
N ILE A 88 15.47 6.13 2.98
CA ILE A 88 16.62 6.31 3.85
C ILE A 88 16.35 5.70 5.23
N ARG A 89 15.71 4.53 5.24
CA ARG A 89 15.39 3.85 6.48
C ARG A 89 14.80 2.47 6.21
N THR A 90 15.67 1.47 6.10
CA THR A 90 15.23 0.10 5.84
C THR A 90 14.96 -0.64 7.14
N SER A 91 13.69 -0.68 7.53
CA SER A 91 13.29 -1.36 8.76
C SER A 91 12.51 -2.64 8.44
N PRO A 92 12.52 -3.58 9.39
CA PRO A 92 11.83 -4.87 9.24
C PRO A 92 10.31 -4.71 9.27
N GLU A 93 9.85 -3.46 9.42
CA GLU A 93 8.42 -3.18 9.46
C GLU A 93 7.96 -2.47 8.20
N SER A 94 8.70 -1.45 7.79
CA SER A 94 8.37 -0.69 6.59
C SER A 94 9.55 0.15 6.14
N LEU A 95 9.42 0.78 4.97
CA LEU A 95 10.47 1.62 4.42
C LEU A 95 9.91 2.94 3.91
N VAL A 96 10.41 4.05 4.46
CA VAL A 96 9.96 5.37 4.05
C VAL A 96 10.80 5.91 2.90
N ALA A 97 10.20 6.00 1.72
CA ALA A 97 10.90 6.50 0.54
C ALA A 97 10.69 8.01 0.39
N ARG A 98 11.74 8.71 -0.02
CA ARG A 98 11.67 10.15 -0.21
C ARG A 98 12.68 10.60 -1.25
N ASN A 99 12.25 11.51 -2.12
CA ASN A 99 13.12 12.04 -3.17
C ASN A 99 14.00 13.17 -2.65
N VAL A 100 15.21 13.27 -3.19
CA VAL A 100 16.15 14.31 -2.77
C VAL A 100 15.50 15.69 -2.83
N GLN A 101 14.70 15.93 -3.86
CA GLN A 101 14.03 17.20 -4.04
C GLN A 101 12.61 17.16 -3.46
N GLY A 102 11.85 16.14 -3.86
CA GLY A 102 10.49 15.99 -3.38
C GLY A 102 9.52 15.61 -4.48
N ASN A 103 9.99 14.81 -5.43
CA ASN A 103 9.15 14.37 -6.54
C ASN A 103 8.93 12.87 -6.51
N GLY A 104 7.89 12.44 -5.80
CA GLY A 104 7.60 11.02 -5.70
C GLY A 104 7.68 10.51 -4.27
N THR A 105 6.61 10.72 -3.50
CA THR A 105 6.57 10.28 -2.12
C THR A 105 5.87 8.93 -2.00
N LEU A 106 6.66 7.88 -1.83
CA LEU A 106 6.12 6.53 -1.69
C LEU A 106 6.28 6.02 -0.26
N ILE A 107 5.21 5.46 0.28
CA ILE A 107 5.23 4.92 1.64
C ILE A 107 4.94 3.43 1.65
N LEU A 108 5.87 2.66 2.22
CA LEU A 108 5.71 1.21 2.30
C LEU A 108 4.96 0.81 3.57
N ALA A 109 4.16 -0.25 3.47
CA ALA A 109 3.39 -0.74 4.61
C ALA A 109 3.21 -2.24 4.54
N ARG A 110 3.73 -2.94 5.54
CA ARG A 110 3.63 -4.40 5.60
C ARG A 110 2.36 -4.83 6.32
N ILE A 111 1.26 -4.87 5.58
CA ILE A 111 -0.03 -5.27 6.14
C ILE A 111 0.02 -6.70 6.66
N GLU A 112 0.88 -7.52 6.05
CA GLU A 112 1.01 -8.91 6.46
C GLU A 112 2.39 -9.45 6.07
N ASP A 113 2.55 -10.77 6.16
CA ASP A 113 3.81 -11.41 5.82
C ASP A 113 4.18 -11.15 4.36
N ASP A 114 3.54 -11.88 3.46
CA ASP A 114 3.80 -11.74 2.03
C ASP A 114 2.81 -10.76 1.39
N LYS A 115 2.26 -9.87 2.22
CA LYS A 115 1.31 -8.88 1.74
C LYS A 115 1.61 -7.50 2.31
N TRP A 116 1.84 -6.53 1.43
CA TRP A 116 2.15 -5.18 1.85
C TRP A 116 1.58 -4.16 0.85
N VAL A 117 0.94 -3.12 1.38
CA VAL A 117 0.36 -2.08 0.54
C VAL A 117 1.19 -0.81 0.57
N VAL A 118 1.28 -0.13 -0.56
CA VAL A 118 2.05 1.10 -0.66
C VAL A 118 1.31 2.16 -1.47
N ALA A 119 1.44 3.41 -1.06
CA ALA A 119 0.78 4.52 -1.75
C ALA A 119 1.78 5.57 -2.19
N TRP A 120 1.36 6.44 -3.11
CA TRP A 120 2.22 7.50 -3.61
C TRP A 120 1.54 8.86 -3.49
N ALA A 121 1.97 9.65 -2.51
CA ALA A 121 1.40 10.97 -2.30
C ALA A 121 2.11 12.02 -3.15
N SER A 122 1.35 12.96 -3.69
CA SER A 122 1.91 14.02 -4.52
C SER A 122 3.00 14.78 -3.77
N ALA A 123 3.85 15.47 -4.52
CA ALA A 123 4.93 16.24 -3.92
C ALA A 123 4.41 17.21 -2.87
N ASP A 124 3.26 17.81 -3.15
CA ASP A 124 2.64 18.76 -2.23
C ASP A 124 2.12 18.04 -0.99
N ALA A 125 1.84 16.75 -1.12
CA ALA A 125 1.34 15.96 0.00
C ALA A 125 2.41 15.77 1.06
N ALA A 126 1.99 15.84 2.32
CA ALA A 126 2.92 15.68 3.44
C ALA A 126 3.05 14.21 3.83
N PRO A 127 4.13 13.88 4.56
CA PRO A 127 4.39 12.52 5.02
C PRO A 127 3.40 12.06 6.08
N ASP A 128 3.22 12.88 7.10
CA ASP A 128 2.30 12.56 8.19
C ASP A 128 0.85 12.67 7.72
N SER A 129 0.64 13.34 6.59
CA SER A 129 -0.69 13.53 6.04
C SER A 129 -1.10 12.33 5.20
N VAL A 130 -0.13 11.71 4.55
CA VAL A 130 -0.39 10.54 3.71
C VAL A 130 -0.16 9.25 4.47
N TYR A 131 0.81 9.28 5.39
CA TYR A 131 1.13 8.10 6.18
C TYR A 131 -0.06 7.67 7.03
N VAL A 132 -0.97 8.60 7.29
CA VAL A 132 -2.16 8.32 8.08
C VAL A 132 -3.27 7.76 7.21
N ASP A 133 -3.34 8.23 5.98
CA ASP A 133 -4.36 7.78 5.03
C ASP A 133 -4.05 6.38 4.53
N ILE A 134 -2.80 6.16 4.14
CA ILE A 134 -2.37 4.86 3.63
C ILE A 134 -2.78 3.74 4.58
N ASP A 135 -2.72 4.01 5.88
CA ASP A 135 -3.10 3.02 6.89
C ASP A 135 -4.53 2.55 6.68
N ARG A 136 -5.39 3.45 6.21
CA ARG A 136 -6.78 3.12 5.98
C ARG A 136 -6.93 2.23 4.74
N ALA A 137 -6.05 2.43 3.76
CA ALA A 137 -6.08 1.65 2.53
C ALA A 137 -4.93 0.64 2.50
N ALA A 138 -4.47 0.24 3.67
CA ALA A 138 -3.37 -0.72 3.77
C ALA A 138 -3.74 -1.89 4.69
N LYS A 139 -3.72 -1.65 5.99
CA LYS A 139 -4.05 -2.68 6.96
C LYS A 139 -5.56 -2.75 7.18
N ALA A 140 -6.31 -2.46 6.12
CA ALA A 140 -7.77 -2.51 6.20
C ALA A 140 -8.34 -3.44 5.14
N LEU A 141 -7.64 -3.58 4.03
CA LEU A 141 -8.08 -4.44 2.93
C LEU A 141 -7.18 -5.66 2.81
N LYS A 142 -6.20 -5.76 3.70
CA LYS A 142 -5.27 -6.88 3.70
C LYS A 142 -6.01 -8.21 3.61
N GLY A 143 -5.66 -9.02 2.61
CA GLY A 143 -6.29 -10.31 2.44
C GLY A 143 -6.76 -10.54 1.01
N LYS A 144 -7.09 -9.46 0.32
CA LYS A 144 -7.55 -9.53 -1.06
C LYS A 144 -6.54 -8.91 -2.01
N ILE A 145 -5.35 -9.51 -2.08
CA ILE A 145 -4.29 -9.02 -2.95
C ILE A 145 -3.44 -10.17 -3.49
N GLY A 1 -27.90 -21.03 29.90
CA GLY A 1 -27.12 -20.65 28.74
C GLY A 1 -27.99 -20.14 27.60
N MET A 2 -28.09 -20.93 26.53
CA MET A 2 -28.89 -20.55 25.38
C MET A 2 -28.44 -19.21 24.82
N ALA A 3 -27.17 -19.13 24.45
CA ALA A 3 -26.60 -17.90 23.90
C ALA A 3 -27.26 -17.55 22.57
N GLY A 4 -26.82 -16.45 21.97
CA GLY A 4 -27.37 -16.01 20.70
C GLY A 4 -26.30 -15.78 19.65
N TYR A 5 -26.40 -16.48 18.54
CA TYR A 5 -25.43 -16.34 17.45
C TYR A 5 -25.25 -14.89 17.06
N ASN A 6 -24.07 -14.56 16.52
CA ASN A 6 -23.78 -13.20 16.11
C ASN A 6 -23.56 -13.12 14.60
N LEU A 7 -23.06 -11.98 14.14
CA LEU A 7 -22.81 -11.78 12.71
C LEU A 7 -21.81 -12.79 12.19
N GLY A 8 -21.36 -12.60 10.95
CA GLY A 8 -20.40 -13.51 10.36
C GLY A 8 -20.84 -14.02 9.00
N THR A 9 -22.14 -14.20 8.84
CA THR A 9 -22.69 -14.69 7.58
C THR A 9 -22.84 -13.56 6.57
N GLU A 10 -21.97 -13.55 5.56
CA GLU A 10 -22.01 -12.53 4.53
C GLU A 10 -22.05 -11.13 5.15
N TRP A 11 -21.21 -10.92 6.15
CA TRP A 11 -21.14 -9.62 6.83
C TRP A 11 -19.71 -9.10 6.85
N ILE A 12 -18.74 -9.99 6.98
CA ILE A 12 -17.34 -9.60 7.01
C ILE A 12 -17.02 -8.76 8.24
N SER A 13 -17.64 -9.11 9.36
CA SER A 13 -17.44 -8.38 10.60
C SER A 13 -16.17 -8.85 11.30
N LEU A 14 -15.77 -10.09 11.03
CA LEU A 14 -14.57 -10.66 11.64
C LEU A 14 -13.45 -10.77 10.61
N ARG A 15 -13.17 -9.67 9.93
CA ARG A 15 -12.11 -9.64 8.92
C ARG A 15 -10.86 -10.34 9.43
N SER A 16 -10.60 -11.52 8.89
CA SER A 16 -9.43 -12.30 9.29
C SER A 16 -8.13 -11.56 8.95
N LYS A 17 -8.24 -10.60 8.04
CA LYS A 17 -7.09 -9.81 7.63
C LYS A 17 -6.10 -10.66 6.83
N LEU A 18 -6.63 -11.65 6.11
CA LEU A 18 -5.79 -12.53 5.30
C LEU A 18 -6.64 -13.61 4.62
N GLU A 19 -6.42 -13.80 3.33
CA GLU A 19 -7.17 -14.79 2.57
C GLU A 19 -8.65 -14.42 2.49
N MET A 20 -8.96 -13.18 2.83
CA MET A 20 -10.34 -12.71 2.81
C MET A 20 -10.64 -11.99 1.49
N SER A 21 -11.59 -12.53 0.73
CA SER A 21 -11.98 -11.95 -0.55
C SER A 21 -12.64 -10.60 -0.35
N ASP A 22 -11.84 -9.55 -0.27
CA ASP A 22 -12.36 -8.20 -0.07
C ASP A 22 -12.45 -7.46 -1.41
N PRO A 23 -13.30 -6.42 -1.46
CA PRO A 23 -13.50 -5.61 -2.66
C PRO A 23 -12.27 -4.76 -2.99
N VAL A 24 -11.51 -5.18 -4.00
CA VAL A 24 -10.32 -4.45 -4.41
C VAL A 24 -10.68 -3.14 -5.10
N MET A 25 -9.72 -2.22 -5.18
CA MET A 25 -9.94 -0.92 -5.80
C MET A 25 -10.76 -0.01 -4.89
N GLU A 26 -11.07 -0.51 -3.69
CA GLU A 26 -11.84 0.27 -2.73
C GLU A 26 -10.93 1.16 -1.89
N ALA A 27 -9.74 0.67 -1.60
CA ALA A 27 -8.78 1.41 -0.79
C ALA A 27 -8.61 2.83 -1.33
N TYR A 28 -8.67 2.98 -2.65
CA TYR A 28 -8.51 4.27 -3.28
C TYR A 28 -9.42 5.31 -2.64
N THR A 29 -10.72 5.00 -2.58
CA THR A 29 -11.69 5.90 -1.98
C THR A 29 -11.57 5.93 -0.46
N GLN A 30 -11.18 4.79 0.12
CA GLN A 30 -11.02 4.68 1.55
C GLN A 30 -10.06 5.75 2.08
N ALA A 31 -9.04 6.05 1.28
CA ALA A 31 -8.05 7.05 1.67
C ALA A 31 -8.33 8.39 1.00
N TYR A 32 -8.66 8.34 -0.29
CA TYR A 32 -8.95 9.54 -1.06
C TYR A 32 -10.03 10.37 -0.38
N GLU A 33 -10.98 9.69 0.27
CA GLU A 33 -12.07 10.36 0.96
C GLU A 33 -11.54 11.45 1.88
N ALA A 34 -10.56 11.10 2.69
CA ALA A 34 -9.95 12.04 3.63
C ALA A 34 -8.80 12.79 2.99
N SER A 35 -8.22 12.20 1.95
CA SER A 35 -7.09 12.81 1.25
C SER A 35 -7.58 13.65 0.07
N ASN A 36 -8.82 14.12 0.17
CA ASN A 36 -9.40 14.94 -0.89
C ASN A 36 -8.49 16.12 -1.24
N GLN A 37 -7.63 16.49 -0.31
CA GLN A 37 -6.71 17.60 -0.52
C GLN A 37 -5.46 17.12 -1.24
N MET A 38 -5.04 15.89 -0.98
CA MET A 38 -3.86 15.32 -1.61
C MET A 38 -4.09 13.86 -1.98
N VAL A 39 -4.53 13.63 -3.21
CA VAL A 39 -4.79 12.27 -3.69
C VAL A 39 -3.49 11.47 -3.81
N GLN A 40 -3.51 10.25 -3.30
CA GLN A 40 -2.34 9.38 -3.35
C GLN A 40 -2.67 8.05 -4.03
N ALA A 41 -1.80 7.63 -4.94
CA ALA A 41 -2.00 6.38 -5.66
C ALA A 41 -1.84 5.18 -4.73
N PHE A 42 -2.46 4.07 -5.10
CA PHE A 42 -2.39 2.85 -4.28
C PHE A 42 -2.07 1.64 -5.16
N GLY A 43 -0.85 1.13 -5.05
CA GLY A 43 -0.44 -0.01 -5.83
C GLY A 43 0.02 -1.17 -4.97
N VAL A 44 -0.62 -2.33 -5.13
CA VAL A 44 -0.27 -3.52 -4.37
C VAL A 44 0.91 -4.25 -4.99
N ILE A 45 1.75 -4.84 -4.15
CA ILE A 45 2.92 -5.58 -4.62
C ILE A 45 3.00 -6.95 -3.96
N LYS A 46 2.92 -7.99 -4.78
CA LYS A 46 2.99 -9.36 -4.29
C LYS A 46 4.41 -9.91 -4.39
N ALA A 47 4.90 -10.50 -3.31
CA ALA A 47 6.24 -11.07 -3.28
C ALA A 47 6.48 -11.98 -4.49
N ASP A 48 5.40 -12.50 -5.05
CA ASP A 48 5.48 -13.38 -6.21
C ASP A 48 6.12 -12.67 -7.39
N GLY A 49 6.18 -11.33 -7.31
CA GLY A 49 6.76 -10.55 -8.38
C GLY A 49 5.72 -9.88 -9.25
N SER A 50 4.45 -10.08 -8.91
CA SER A 50 3.35 -9.49 -9.66
C SER A 50 2.63 -8.44 -8.83
N VAL A 51 1.99 -7.49 -9.51
CA VAL A 51 1.25 -6.43 -8.84
C VAL A 51 -0.21 -6.40 -9.29
N LEU A 52 -1.11 -6.24 -8.32
CA LEU A 52 -2.54 -6.18 -8.61
C LEU A 52 -3.15 -4.86 -8.17
N TRP A 53 -2.99 -3.83 -9.00
CA TRP A 53 -3.54 -2.52 -8.70
C TRP A 53 -4.01 -1.82 -9.97
N GLN A 54 -4.77 -0.74 -9.80
CA GLN A 54 -5.30 0.02 -10.93
C GLN A 54 -5.35 1.51 -10.60
N SER A 55 -4.18 2.11 -10.45
CA SER A 55 -4.09 3.54 -10.13
C SER A 55 -3.83 4.36 -11.40
N ASN A 56 -3.12 3.76 -12.35
CA ASN A 56 -2.80 4.43 -13.60
C ASN A 56 -2.02 5.71 -13.34
N ASN A 57 -1.33 5.76 -12.20
CA ASN A 57 -0.55 6.94 -11.84
C ASN A 57 0.95 6.64 -11.93
N TRP A 58 1.34 5.45 -11.50
CA TRP A 58 2.74 5.05 -11.53
C TRP A 58 2.88 3.60 -12.02
N ASP A 59 3.73 3.40 -13.01
CA ASP A 59 3.95 2.07 -13.56
C ASP A 59 4.56 1.14 -12.52
N LEU A 60 3.70 0.43 -11.80
CA LEU A 60 4.15 -0.50 -10.77
C LEU A 60 4.33 -1.91 -11.34
N SER A 61 3.59 -2.21 -12.41
CA SER A 61 3.67 -3.51 -13.04
C SER A 61 4.86 -3.59 -14.00
N ALA A 62 5.26 -2.43 -14.52
CA ALA A 62 6.38 -2.36 -15.44
C ALA A 62 7.56 -3.19 -14.94
N ASP A 63 7.87 -3.06 -13.66
CA ASP A 63 8.97 -3.79 -13.05
C ASP A 63 8.58 -4.33 -11.68
N ALA A 64 7.37 -4.88 -11.58
CA ALA A 64 6.88 -5.43 -10.34
C ALA A 64 7.95 -6.27 -9.64
N GLN A 65 8.78 -6.94 -10.45
CA GLN A 65 9.85 -7.78 -9.91
C GLN A 65 10.86 -6.94 -9.13
N GLN A 66 11.25 -5.81 -9.70
CA GLN A 66 12.21 -4.93 -9.07
C GLN A 66 11.54 -4.08 -7.99
N LEU A 67 10.29 -3.71 -8.23
CA LEU A 67 9.54 -2.89 -7.29
C LEU A 67 9.63 -3.46 -5.87
N ILE A 68 9.73 -4.79 -5.79
CA ILE A 68 9.84 -5.45 -4.50
C ILE A 68 11.29 -5.63 -4.08
N SER A 69 12.18 -5.66 -5.07
CA SER A 69 13.60 -5.84 -4.82
C SER A 69 14.14 -4.69 -3.97
N ALA A 70 13.60 -3.50 -4.19
CA ALA A 70 14.02 -2.32 -3.45
C ALA A 70 13.96 -2.55 -1.94
N VAL A 71 13.10 -3.48 -1.54
CA VAL A 71 12.94 -3.80 -0.13
C VAL A 71 13.43 -5.22 0.18
N ASN A 72 13.23 -6.12 -0.78
CA ASN A 72 13.66 -7.51 -0.62
C ASN A 72 15.07 -7.58 -0.08
N ASN A 73 15.91 -6.64 -0.51
CA ASN A 73 17.30 -6.61 -0.07
C ASN A 73 17.68 -5.21 0.41
N GLN A 74 16.72 -4.52 1.02
CA GLN A 74 16.95 -3.18 1.53
C GLN A 74 17.77 -2.35 0.56
N SER A 75 17.34 -2.33 -0.70
CA SER A 75 18.04 -1.59 -1.74
C SER A 75 17.81 -0.09 -1.58
N ALA A 76 16.54 0.32 -1.58
CA ALA A 76 16.19 1.72 -1.43
C ALA A 76 16.65 2.53 -2.64
N SER A 77 15.94 2.36 -3.76
CA SER A 77 16.28 3.08 -4.99
C SER A 77 15.58 2.46 -6.19
N VAL A 78 14.41 3.01 -6.52
CA VAL A 78 13.63 2.52 -7.65
C VAL A 78 12.91 3.66 -8.35
N LYS A 79 12.85 3.59 -9.68
CA LYS A 79 12.17 4.61 -10.48
C LYS A 79 10.94 4.05 -11.16
N GLN A 80 9.80 4.69 -10.93
CA GLN A 80 8.54 4.25 -11.52
C GLN A 80 7.84 5.41 -12.23
N ASN A 81 7.70 5.29 -13.55
CA ASN A 81 7.05 6.33 -14.34
C ASN A 81 7.89 7.61 -14.36
N ASP A 82 9.19 7.45 -14.61
CA ASP A 82 10.10 8.59 -14.65
C ASP A 82 10.17 9.29 -13.29
N VAL A 83 9.95 8.53 -12.23
CA VAL A 83 9.98 9.07 -10.87
C VAL A 83 10.84 8.21 -9.95
N LYS A 84 12.03 8.71 -9.63
CA LYS A 84 12.94 7.98 -8.75
C LYS A 84 12.67 8.31 -7.29
N TYR A 85 12.38 7.27 -6.51
CA TYR A 85 12.09 7.45 -5.09
C TYR A 85 12.89 6.44 -4.24
N SER A 86 13.76 6.96 -3.39
CA SER A 86 14.58 6.11 -2.53
C SER A 86 14.19 6.30 -1.06
N THR A 87 14.43 5.26 -0.27
CA THR A 87 14.10 5.29 1.15
C THR A 87 15.37 5.37 2.01
N ILE A 88 15.50 6.46 2.76
CA ILE A 88 16.66 6.65 3.61
C ILE A 88 16.46 6.00 4.98
N ARG A 89 15.86 4.81 4.97
CA ARG A 89 15.60 4.09 6.21
C ARG A 89 15.05 2.69 5.91
N THR A 90 15.95 1.72 5.76
CA THR A 90 15.56 0.35 5.47
C THR A 90 15.35 -0.44 6.75
N SER A 91 14.09 -0.55 7.17
CA SER A 91 13.75 -1.27 8.40
C SER A 91 13.01 -2.57 8.06
N PRO A 92 13.08 -3.54 8.98
CA PRO A 92 12.42 -4.83 8.81
C PRO A 92 10.91 -4.73 8.90
N GLU A 93 10.41 -3.51 9.08
CA GLU A 93 8.97 -3.28 9.17
C GLU A 93 8.45 -2.56 7.92
N SER A 94 9.15 -1.50 7.53
CA SER A 94 8.75 -0.72 6.36
C SER A 94 9.90 0.18 5.91
N LEU A 95 9.70 0.83 4.76
CA LEU A 95 10.72 1.72 4.20
C LEU A 95 10.09 3.03 3.74
N VAL A 96 10.56 4.14 4.31
CA VAL A 96 10.05 5.46 3.94
C VAL A 96 10.84 6.06 2.79
N ALA A 97 10.21 6.15 1.63
CA ALA A 97 10.86 6.71 0.45
C ALA A 97 10.58 8.20 0.33
N ARG A 98 11.60 8.96 -0.07
CA ARG A 98 11.48 10.40 -0.23
C ARG A 98 12.44 10.93 -1.28
N ASN A 99 11.96 11.83 -2.12
CA ASN A 99 12.79 12.41 -3.18
C ASN A 99 13.63 13.56 -2.63
N VAL A 100 14.82 13.73 -3.21
CA VAL A 100 15.73 14.79 -2.78
C VAL A 100 15.03 16.15 -2.79
N GLN A 101 14.20 16.37 -3.80
CA GLN A 101 13.47 17.62 -3.93
C GLN A 101 12.07 17.51 -3.32
N GLY A 102 11.34 16.47 -3.74
CA GLY A 102 10.00 16.27 -3.22
C GLY A 102 9.02 15.89 -4.31
N ASN A 103 9.49 15.11 -5.29
CA ASN A 103 8.65 14.68 -6.40
C ASN A 103 8.49 13.16 -6.39
N GLY A 104 7.49 12.68 -5.68
CA GLY A 104 7.25 11.25 -5.61
C GLY A 104 7.38 10.70 -4.19
N THR A 105 6.33 10.86 -3.40
CA THR A 105 6.33 10.38 -2.03
C THR A 105 5.69 9.00 -1.92
N LEU A 106 6.52 7.98 -1.79
CA LEU A 106 6.03 6.61 -1.68
C LEU A 106 6.24 6.06 -0.26
N ILE A 107 5.21 5.45 0.29
CA ILE A 107 5.28 4.89 1.63
C ILE A 107 5.06 3.38 1.61
N LEU A 108 6.02 2.63 2.14
CA LEU A 108 5.93 1.17 2.18
C LEU A 108 5.22 0.72 3.46
N ALA A 109 4.46 -0.37 3.35
CA ALA A 109 3.74 -0.91 4.49
C ALA A 109 3.61 -2.43 4.39
N ARG A 110 4.18 -3.13 5.37
CA ARG A 110 4.14 -4.59 5.39
C ARG A 110 2.90 -5.09 6.13
N ILE A 111 1.79 -5.15 5.41
CA ILE A 111 0.52 -5.61 5.99
C ILE A 111 0.64 -7.05 6.48
N GLU A 112 1.51 -7.82 5.82
CA GLU A 112 1.72 -9.21 6.19
C GLU A 112 3.11 -9.69 5.76
N ASP A 113 3.31 -11.00 5.82
CA ASP A 113 4.59 -11.59 5.43
C ASP A 113 4.91 -11.29 3.97
N ASP A 114 4.28 -12.01 3.07
CA ASP A 114 4.50 -11.83 1.63
C ASP A 114 3.46 -10.87 1.05
N LYS A 115 2.89 -10.02 1.91
CA LYS A 115 1.89 -9.06 1.47
C LYS A 115 2.16 -7.68 2.07
N TRP A 116 2.33 -6.69 1.20
CA TRP A 116 2.60 -5.33 1.65
C TRP A 116 1.96 -4.32 0.70
N VAL A 117 1.30 -3.31 1.26
CA VAL A 117 0.65 -2.27 0.47
C VAL A 117 1.46 -0.97 0.51
N VAL A 118 1.48 -0.26 -0.61
CA VAL A 118 2.20 1.01 -0.70
C VAL A 118 1.39 2.04 -1.45
N ALA A 119 1.49 3.30 -1.03
CA ALA A 119 0.76 4.38 -1.67
C ALA A 119 1.72 5.49 -2.10
N TRP A 120 1.25 6.37 -2.99
CA TRP A 120 2.06 7.46 -3.49
C TRP A 120 1.33 8.80 -3.33
N ALA A 121 1.74 9.58 -2.34
CA ALA A 121 1.12 10.87 -2.08
C ALA A 121 1.78 11.97 -2.91
N SER A 122 0.97 12.89 -3.41
CA SER A 122 1.47 13.99 -4.24
C SER A 122 2.56 14.77 -3.48
N ALA A 123 3.36 15.51 -4.24
CA ALA A 123 4.43 16.31 -3.65
C ALA A 123 3.90 17.24 -2.56
N ASP A 124 2.71 17.79 -2.80
CA ASP A 124 2.09 18.70 -1.84
C ASP A 124 1.62 17.94 -0.60
N ALA A 125 1.38 16.64 -0.76
CA ALA A 125 0.94 15.80 0.34
C ALA A 125 2.04 15.63 1.38
N ALA A 126 1.66 15.66 2.65
CA ALA A 126 2.62 15.50 3.74
C ALA A 126 2.81 14.03 4.10
N PRO A 127 3.91 13.73 4.80
CA PRO A 127 4.24 12.36 5.21
C PRO A 127 3.29 11.83 6.28
N ASP A 128 3.10 12.62 7.33
CA ASP A 128 2.21 12.24 8.43
C ASP A 128 0.76 12.31 8.00
N SER A 129 0.50 13.01 6.88
CA SER A 129 -0.85 13.16 6.37
C SER A 129 -1.24 11.97 5.51
N VAL A 130 -0.26 11.39 4.82
CA VAL A 130 -0.50 10.24 3.96
C VAL A 130 -0.19 8.94 4.69
N TYR A 131 0.79 8.97 5.59
CA TYR A 131 1.17 7.79 6.35
C TYR A 131 0.02 7.29 7.20
N VAL A 132 -0.91 8.19 7.51
CA VAL A 132 -2.08 7.85 8.33
C VAL A 132 -3.19 7.27 7.46
N ASP A 133 -3.31 7.77 6.23
CA ASP A 133 -4.33 7.30 5.31
C ASP A 133 -3.98 5.92 4.75
N ILE A 134 -2.72 5.75 4.34
CA ILE A 134 -2.26 4.49 3.80
C ILE A 134 -2.61 3.32 4.73
N ASP A 135 -2.53 3.57 6.02
CA ASP A 135 -2.84 2.54 7.02
C ASP A 135 -4.26 2.02 6.83
N ARG A 136 -5.16 2.89 6.41
CA ARG A 136 -6.54 2.51 6.19
C ARG A 136 -6.69 1.65 4.94
N ALA A 137 -5.83 1.91 3.95
CA ALA A 137 -5.86 1.16 2.70
C ALA A 137 -4.67 0.20 2.62
N ALA A 138 -4.17 -0.22 3.77
CA ALA A 138 -3.03 -1.13 3.82
C ALA A 138 -3.34 -2.33 4.71
N LYS A 139 -3.29 -2.12 6.02
CA LYS A 139 -3.56 -3.19 6.98
C LYS A 139 -5.06 -3.33 7.23
N ALA A 140 -5.85 -3.04 6.21
CA ALA A 140 -7.30 -3.14 6.32
C ALA A 140 -7.88 -4.07 5.25
N LEU A 141 -7.19 -4.16 4.11
CA LEU A 141 -7.62 -5.01 3.01
C LEU A 141 -6.68 -6.19 2.84
N LYS A 142 -5.67 -6.28 3.70
CA LYS A 142 -4.70 -7.36 3.64
C LYS A 142 -5.40 -8.71 3.54
N GLY A 143 -5.04 -9.49 2.52
CA GLY A 143 -5.64 -10.79 2.32
C GLY A 143 -6.12 -11.00 0.91
N LYS A 144 -6.52 -9.91 0.25
CA LYS A 144 -7.01 -9.99 -1.12
C LYS A 144 -6.05 -9.31 -2.08
N ILE A 145 -4.84 -9.86 -2.19
CA ILE A 145 -3.82 -9.31 -3.08
C ILE A 145 -2.95 -10.41 -3.66
N GLY A 1 -19.56 -24.50 27.64
CA GLY A 1 -19.64 -23.72 26.43
C GLY A 1 -21.05 -23.22 26.16
N MET A 2 -21.74 -23.88 25.23
CA MET A 2 -23.10 -23.50 24.88
C MET A 2 -23.17 -22.03 24.45
N ALA A 3 -22.13 -21.58 23.74
CA ALA A 3 -22.06 -20.21 23.27
C ALA A 3 -23.17 -19.92 22.26
N GLY A 4 -23.18 -18.71 21.72
CA GLY A 4 -24.19 -18.33 20.75
C GLY A 4 -23.59 -17.77 19.48
N TYR A 5 -23.89 -18.40 18.35
CA TYR A 5 -23.38 -17.96 17.06
C TYR A 5 -23.63 -16.47 16.85
N ASN A 6 -22.73 -15.81 16.14
CA ASN A 6 -22.85 -14.39 15.86
C ASN A 6 -22.88 -14.12 14.36
N LEU A 7 -22.78 -12.85 13.99
CA LEU A 7 -22.80 -12.46 12.58
C LEU A 7 -21.68 -13.16 11.80
N GLY A 8 -21.53 -12.78 10.54
CA GLY A 8 -20.49 -13.38 9.72
C GLY A 8 -20.97 -13.70 8.32
N THR A 9 -22.25 -14.07 8.20
CA THR A 9 -22.83 -14.40 6.91
C THR A 9 -23.14 -13.15 6.10
N GLU A 10 -22.34 -12.92 5.06
CA GLU A 10 -22.51 -11.76 4.21
C GLU A 10 -22.62 -10.48 5.04
N TRP A 11 -21.74 -10.34 6.01
CA TRP A 11 -21.74 -9.17 6.88
C TRP A 11 -20.36 -8.51 6.91
N ILE A 12 -19.32 -9.34 6.91
CA ILE A 12 -17.95 -8.85 6.93
C ILE A 12 -17.68 -8.04 8.21
N SER A 13 -18.30 -8.45 9.31
CA SER A 13 -18.14 -7.78 10.58
C SER A 13 -16.88 -8.26 11.29
N LEU A 14 -16.48 -9.49 11.00
CA LEU A 14 -15.29 -10.08 11.61
C LEU A 14 -14.16 -10.18 10.60
N ARG A 15 -13.85 -9.05 9.95
CA ARG A 15 -12.78 -9.00 8.96
C ARG A 15 -11.54 -9.74 9.48
N SER A 16 -11.29 -10.92 8.90
CA SER A 16 -10.14 -11.73 9.30
C SER A 16 -8.84 -11.02 8.95
N LYS A 17 -8.91 -10.06 8.04
CA LYS A 17 -7.73 -9.31 7.62
C LYS A 17 -6.77 -10.18 6.85
N LEU A 18 -7.31 -11.17 6.13
CA LEU A 18 -6.48 -12.08 5.35
C LEU A 18 -7.35 -13.14 4.67
N GLU A 19 -7.10 -13.35 3.38
CA GLU A 19 -7.87 -14.33 2.61
C GLU A 19 -9.32 -13.92 2.49
N MET A 20 -9.61 -12.67 2.82
CA MET A 20 -10.97 -12.15 2.75
C MET A 20 -11.22 -11.45 1.42
N SER A 21 -12.17 -11.97 0.66
CA SER A 21 -12.51 -11.39 -0.65
C SER A 21 -13.15 -10.01 -0.48
N ASP A 22 -12.30 -8.99 -0.39
CA ASP A 22 -12.78 -7.62 -0.23
C ASP A 22 -12.82 -6.89 -1.58
N PRO A 23 -13.64 -5.84 -1.66
CA PRO A 23 -13.78 -5.04 -2.88
C PRO A 23 -12.53 -4.23 -3.20
N VAL A 24 -11.77 -4.69 -4.19
CA VAL A 24 -10.55 -4.01 -4.59
C VAL A 24 -10.86 -2.70 -5.30
N MET A 25 -9.86 -1.82 -5.38
CA MET A 25 -10.03 -0.53 -6.03
C MET A 25 -10.84 0.43 -5.15
N GLU A 26 -11.18 -0.03 -3.95
CA GLU A 26 -11.95 0.79 -3.02
C GLU A 26 -11.03 1.66 -2.17
N ALA A 27 -9.86 1.12 -1.84
CA ALA A 27 -8.89 1.85 -1.03
C ALA A 27 -8.65 3.26 -1.59
N TYR A 28 -8.68 3.38 -2.91
CA TYR A 28 -8.46 4.66 -3.56
C TYR A 28 -9.35 5.74 -2.95
N THR A 29 -10.65 5.48 -2.92
CA THR A 29 -11.61 6.42 -2.36
C THR A 29 -11.52 6.47 -0.84
N GLN A 30 -11.18 5.33 -0.23
CA GLN A 30 -11.06 5.24 1.21
C GLN A 30 -10.07 6.28 1.74
N ALA A 31 -9.02 6.54 0.97
CA ALA A 31 -8.01 7.52 1.36
C ALA A 31 -8.24 8.84 0.64
N TYR A 32 -8.53 8.78 -0.65
CA TYR A 32 -8.77 9.98 -1.44
C TYR A 32 -9.84 10.86 -0.81
N GLU A 33 -10.82 10.22 -0.17
CA GLU A 33 -11.90 10.94 0.49
C GLU A 33 -11.36 12.02 1.40
N ALA A 34 -10.40 11.66 2.24
CA ALA A 34 -9.80 12.60 3.17
C ALA A 34 -8.60 13.29 2.55
N SER A 35 -8.02 12.67 1.53
CA SER A 35 -6.86 13.22 0.84
C SER A 35 -7.29 14.07 -0.36
N ASN A 36 -8.51 14.59 -0.30
CA ASN A 36 -9.04 15.41 -1.39
C ASN A 36 -8.08 16.54 -1.73
N GLN A 37 -7.24 16.90 -0.77
CA GLN A 37 -6.26 17.97 -0.98
C GLN A 37 -5.01 17.45 -1.67
N MET A 38 -4.65 16.20 -1.38
CA MET A 38 -3.48 15.59 -1.98
C MET A 38 -3.76 14.13 -2.33
N VAL A 39 -4.17 13.88 -3.57
CA VAL A 39 -4.46 12.53 -4.02
C VAL A 39 -3.19 11.68 -4.10
N GLN A 40 -3.26 10.47 -3.57
CA GLN A 40 -2.13 9.57 -3.58
C GLN A 40 -2.47 8.24 -4.25
N ALA A 41 -1.60 7.77 -5.13
CA ALA A 41 -1.82 6.52 -5.83
C ALA A 41 -1.73 5.32 -4.87
N PHE A 42 -2.38 4.23 -5.23
CA PHE A 42 -2.36 3.02 -4.41
C PHE A 42 -2.07 1.79 -5.26
N GLY A 43 -0.86 1.25 -5.09
CA GLY A 43 -0.48 0.07 -5.85
C GLY A 43 -0.08 -1.09 -4.96
N VAL A 44 -0.76 -2.22 -5.12
CA VAL A 44 -0.46 -3.41 -4.32
C VAL A 44 0.71 -4.19 -4.91
N ILE A 45 1.50 -4.80 -4.04
CA ILE A 45 2.65 -5.59 -4.46
C ILE A 45 2.67 -6.95 -3.79
N LYS A 46 2.58 -8.00 -4.59
CA LYS A 46 2.59 -9.36 -4.07
C LYS A 46 3.99 -9.96 -4.13
N ALA A 47 4.43 -10.55 -3.03
CA ALA A 47 5.75 -11.16 -2.96
C ALA A 47 5.98 -12.10 -4.14
N ASP A 48 4.90 -12.59 -4.72
CA ASP A 48 4.98 -13.50 -5.85
C ASP A 48 5.67 -12.82 -7.03
N GLY A 49 5.78 -11.50 -6.97
CA GLY A 49 6.41 -10.76 -8.05
C GLY A 49 5.40 -10.07 -8.95
N SER A 50 4.13 -10.21 -8.63
CA SER A 50 3.06 -9.60 -9.42
C SER A 50 2.36 -8.51 -8.63
N VAL A 51 1.76 -7.56 -9.34
CA VAL A 51 1.05 -6.46 -8.70
C VAL A 51 -0.40 -6.40 -9.18
N LEU A 52 -1.31 -6.18 -8.24
CA LEU A 52 -2.73 -6.09 -8.56
C LEU A 52 -3.31 -4.73 -8.15
N TRP A 53 -3.10 -3.73 -9.00
CA TRP A 53 -3.60 -2.38 -8.74
C TRP A 53 -4.02 -1.70 -10.02
N GLN A 54 -4.75 -0.60 -9.89
CA GLN A 54 -5.23 0.16 -11.04
C GLN A 54 -5.24 1.66 -10.76
N SER A 55 -4.05 2.23 -10.58
CA SER A 55 -3.92 3.65 -10.29
C SER A 55 -3.59 4.43 -11.56
N ASN A 56 -2.90 3.79 -12.48
CA ASN A 56 -2.52 4.42 -13.75
C ASN A 56 -1.70 5.69 -13.49
N ASN A 57 -1.05 5.74 -12.33
CA ASN A 57 -0.24 6.89 -11.97
C ASN A 57 1.25 6.55 -12.03
N TRP A 58 1.60 5.35 -11.56
CA TRP A 58 2.99 4.90 -11.57
C TRP A 58 3.08 3.44 -12.02
N ASP A 59 3.95 3.20 -13.00
CA ASP A 59 4.14 1.85 -13.52
C ASP A 59 4.70 0.92 -12.45
N LEU A 60 3.80 0.26 -11.73
CA LEU A 60 4.19 -0.67 -10.67
C LEU A 60 4.34 -2.09 -11.21
N SER A 61 3.62 -2.39 -12.29
CA SER A 61 3.66 -3.71 -12.89
C SER A 61 4.87 -3.84 -13.83
N ALA A 62 5.31 -2.70 -14.36
CA ALA A 62 6.46 -2.69 -15.26
C ALA A 62 7.60 -3.55 -14.71
N ASP A 63 7.88 -3.41 -13.43
CA ASP A 63 8.95 -4.17 -12.79
C ASP A 63 8.51 -4.67 -11.42
N ALA A 64 7.29 -5.17 -11.34
CA ALA A 64 6.74 -5.68 -10.08
C ALA A 64 7.76 -6.55 -9.36
N GLN A 65 8.59 -7.25 -10.12
CA GLN A 65 9.62 -8.13 -9.55
C GLN A 65 10.64 -7.31 -8.77
N GLN A 66 11.08 -6.20 -9.35
CA GLN A 66 12.07 -5.33 -8.71
C GLN A 66 11.40 -4.44 -7.66
N LEU A 67 10.16 -4.04 -7.94
CA LEU A 67 9.42 -3.17 -7.03
C LEU A 67 9.47 -3.72 -5.60
N ILE A 68 9.51 -5.04 -5.49
CA ILE A 68 9.56 -5.69 -4.18
C ILE A 68 11.01 -5.92 -3.74
N SER A 69 11.91 -5.99 -4.71
CA SER A 69 13.33 -6.20 -4.42
C SER A 69 13.90 -5.06 -3.58
N ALA A 70 13.39 -3.85 -3.83
CA ALA A 70 13.83 -2.68 -3.10
C ALA A 70 13.74 -2.89 -1.60
N VAL A 71 12.82 -3.77 -1.18
CA VAL A 71 12.63 -4.07 0.23
C VAL A 71 13.07 -5.49 0.56
N ASN A 72 12.86 -6.40 -0.38
CA ASN A 72 13.23 -7.80 -0.18
C ASN A 72 14.64 -7.92 0.38
N ASN A 73 15.52 -7.00 -0.04
CA ASN A 73 16.90 -7.01 0.42
C ASN A 73 17.31 -5.62 0.90
N GLN A 74 16.36 -4.88 1.48
CA GLN A 74 16.62 -3.54 1.97
C GLN A 74 17.50 -2.76 0.99
N SER A 75 17.10 -2.75 -0.27
CA SER A 75 17.84 -2.04 -1.31
C SER A 75 17.65 -0.54 -1.19
N ALA A 76 16.40 -0.09 -1.23
CA ALA A 76 16.08 1.32 -1.12
C ALA A 76 16.59 2.10 -2.33
N SER A 77 15.93 1.93 -3.46
CA SER A 77 16.31 2.60 -4.69
C SER A 77 15.61 2.00 -5.90
N VAL A 78 14.48 2.58 -6.27
CA VAL A 78 13.70 2.09 -7.41
C VAL A 78 13.04 3.24 -8.15
N LYS A 79 12.99 3.14 -9.47
CA LYS A 79 12.38 4.18 -10.30
C LYS A 79 11.13 3.64 -11.00
N GLN A 80 10.02 4.33 -10.81
CA GLN A 80 8.76 3.92 -11.42
C GLN A 80 8.12 5.09 -12.17
N ASN A 81 8.00 4.95 -13.49
CA ASN A 81 7.40 5.99 -14.32
C ASN A 81 8.28 7.24 -14.33
N ASP A 82 9.58 7.03 -14.54
CA ASP A 82 10.52 8.14 -14.59
C ASP A 82 10.59 8.86 -13.25
N VAL A 83 10.32 8.13 -12.17
CA VAL A 83 10.35 8.70 -10.83
C VAL A 83 11.16 7.82 -9.88
N LYS A 84 12.36 8.29 -9.53
CA LYS A 84 13.23 7.56 -8.62
C LYS A 84 12.92 7.92 -7.17
N TYR A 85 12.59 6.90 -6.38
CA TYR A 85 12.27 7.11 -4.97
C TYR A 85 13.01 6.10 -4.09
N SER A 86 13.88 6.60 -3.22
CA SER A 86 14.65 5.75 -2.33
C SER A 86 14.24 5.97 -0.87
N THR A 87 14.42 4.93 -0.05
CA THR A 87 14.06 5.00 1.35
C THR A 87 15.30 5.05 2.23
N ILE A 88 15.46 6.15 2.97
CA ILE A 88 16.61 6.33 3.84
C ILE A 88 16.34 5.72 5.22
N ARG A 89 15.71 4.54 5.23
CA ARG A 89 15.40 3.86 6.47
C ARG A 89 14.82 2.47 6.19
N THR A 90 15.69 1.48 6.08
CA THR A 90 15.27 0.11 5.80
C THR A 90 14.99 -0.64 7.11
N SER A 91 13.72 -0.70 7.50
CA SER A 91 13.33 -1.38 8.72
C SER A 91 12.56 -2.66 8.40
N PRO A 92 12.57 -3.61 9.35
CA PRO A 92 11.87 -4.89 9.19
C PRO A 92 10.36 -4.74 9.23
N GLU A 93 9.90 -3.50 9.37
CA GLU A 93 8.47 -3.22 9.43
C GLU A 93 8.01 -2.51 8.15
N SER A 94 8.75 -1.48 7.75
CA SER A 94 8.40 -0.72 6.55
C SER A 94 9.59 0.14 6.10
N LEU A 95 9.45 0.76 4.94
CA LEU A 95 10.50 1.62 4.40
C LEU A 95 9.93 2.94 3.89
N VAL A 96 10.42 4.04 4.45
CA VAL A 96 9.96 5.36 4.05
C VAL A 96 10.80 5.92 2.91
N ALA A 97 10.19 6.00 1.73
CA ALA A 97 10.88 6.52 0.56
C ALA A 97 10.67 8.02 0.40
N ARG A 98 11.72 8.73 0.01
CA ARG A 98 11.64 10.18 -0.17
C ARG A 98 12.65 10.64 -1.22
N ASN A 99 12.22 11.55 -2.08
CA ASN A 99 13.09 12.09 -3.13
C ASN A 99 13.96 13.21 -2.60
N VAL A 100 15.16 13.33 -3.14
CA VAL A 100 16.10 14.37 -2.73
C VAL A 100 15.44 15.75 -2.77
N GLN A 101 14.64 15.98 -3.81
CA GLN A 101 13.96 17.25 -3.97
C GLN A 101 12.55 17.20 -3.40
N GLY A 102 11.79 16.18 -3.80
CA GLY A 102 10.44 16.03 -3.31
C GLY A 102 9.46 15.66 -4.42
N ASN A 103 9.93 14.85 -5.37
CA ASN A 103 9.10 14.43 -6.49
C ASN A 103 8.89 12.91 -6.46
N GLY A 104 7.86 12.47 -5.75
CA GLY A 104 7.57 11.06 -5.66
C GLY A 104 7.65 10.54 -4.24
N THR A 105 6.59 10.74 -3.47
CA THR A 105 6.55 10.29 -2.08
C THR A 105 5.85 8.94 -1.96
N LEU A 106 6.65 7.89 -1.81
CA LEU A 106 6.12 6.53 -1.68
C LEU A 106 6.28 6.01 -0.25
N ILE A 107 5.21 5.45 0.29
CA ILE A 107 5.23 4.91 1.64
C ILE A 107 4.96 3.41 1.64
N LEU A 108 5.88 2.64 2.21
CA LEU A 108 5.73 1.19 2.28
C LEU A 108 4.99 0.78 3.55
N ALA A 109 4.19 -0.27 3.44
CA ALA A 109 3.42 -0.77 4.57
C ALA A 109 3.26 -2.29 4.50
N ARG A 110 3.78 -2.99 5.50
CA ARG A 110 3.69 -4.44 5.55
C ARG A 110 2.42 -4.89 6.27
N ILE A 111 1.31 -4.93 5.53
CA ILE A 111 0.03 -5.34 6.09
C ILE A 111 0.09 -6.77 6.59
N GLU A 112 0.94 -7.59 5.99
CA GLU A 112 1.09 -8.98 6.38
C GLU A 112 2.47 -9.51 5.99
N ASP A 113 2.63 -10.82 6.08
CA ASP A 113 3.90 -11.45 5.73
C ASP A 113 4.27 -11.19 4.27
N ASP A 114 3.63 -11.92 3.36
CA ASP A 114 3.88 -11.76 1.95
C ASP A 114 2.89 -10.79 1.32
N LYS A 115 2.33 -9.91 2.14
CA LYS A 115 1.37 -8.92 1.67
C LYS A 115 1.67 -7.53 2.25
N TRP A 116 1.90 -6.57 1.36
CA TRP A 116 2.19 -5.21 1.79
C TRP A 116 1.62 -4.19 0.81
N VAL A 117 0.98 -3.16 1.34
CA VAL A 117 0.40 -2.12 0.50
C VAL A 117 1.23 -0.84 0.55
N VAL A 118 1.30 -0.15 -0.58
CA VAL A 118 2.08 1.09 -0.68
C VAL A 118 1.32 2.14 -1.48
N ALA A 119 1.45 3.40 -1.07
CA ALA A 119 0.78 4.50 -1.75
C ALA A 119 1.78 5.57 -2.18
N TRP A 120 1.35 6.43 -3.09
CA TRP A 120 2.21 7.50 -3.59
C TRP A 120 1.52 8.85 -3.47
N ALA A 121 1.94 9.64 -2.48
CA ALA A 121 1.37 10.96 -2.26
C ALA A 121 2.08 12.01 -3.09
N SER A 122 1.31 12.95 -3.63
CA SER A 122 1.87 14.02 -4.46
C SER A 122 2.96 14.78 -3.71
N ALA A 123 3.80 15.48 -4.45
CA ALA A 123 4.88 16.26 -3.86
C ALA A 123 4.35 17.21 -2.80
N ASP A 124 3.19 17.82 -3.07
CA ASP A 124 2.58 18.75 -2.14
C ASP A 124 2.07 18.03 -0.90
N ALA A 125 1.79 16.73 -1.05
CA ALA A 125 1.29 15.94 0.06
C ALA A 125 2.37 15.75 1.13
N ALA A 126 1.96 15.80 2.39
CA ALA A 126 2.88 15.63 3.50
C ALA A 126 3.02 14.16 3.88
N PRO A 127 4.09 13.84 4.62
CA PRO A 127 4.37 12.47 5.07
C PRO A 127 3.37 12.00 6.13
N ASP A 128 3.19 12.81 7.16
CA ASP A 128 2.27 12.48 8.24
C ASP A 128 0.82 12.60 7.78
N SER A 129 0.61 13.28 6.65
CA SER A 129 -0.72 13.46 6.10
C SER A 129 -1.13 12.27 5.25
N VAL A 130 -0.15 11.65 4.60
CA VAL A 130 -0.41 10.49 3.75
C VAL A 130 -0.17 9.19 4.51
N TYR A 131 0.79 9.22 5.42
CA TYR A 131 1.12 8.03 6.22
C TYR A 131 -0.07 7.59 7.05
N VAL A 132 -0.98 8.53 7.32
CA VAL A 132 -2.16 8.23 8.12
C VAL A 132 -3.28 7.68 7.24
N ASP A 133 -3.35 8.15 6.01
CA ASP A 133 -4.37 7.70 5.07
C ASP A 133 -4.05 6.30 4.54
N ILE A 134 -2.80 6.09 4.16
CA ILE A 134 -2.36 4.80 3.64
C ILE A 134 -2.78 3.67 4.58
N ASP A 135 -2.72 3.94 5.88
CA ASP A 135 -3.08 2.94 6.88
C ASP A 135 -4.51 2.46 6.68
N ARG A 136 -5.37 3.36 6.22
CA ARG A 136 -6.78 3.02 5.98
C ARG A 136 -6.91 2.14 4.74
N ALA A 137 -6.04 2.34 3.76
CA ALA A 137 -6.06 1.57 2.53
C ALA A 137 -4.90 0.58 2.48
N ALA A 138 -4.44 0.17 3.67
CA ALA A 138 -3.33 -0.79 3.76
C ALA A 138 -3.70 -1.96 4.66
N LYS A 139 -3.68 -1.73 5.97
CA LYS A 139 -4.01 -2.77 6.93
C LYS A 139 -5.51 -2.85 7.15
N ALA A 140 -6.27 -2.56 6.10
CA ALA A 140 -7.73 -2.61 6.18
C ALA A 140 -8.30 -3.54 5.12
N LEU A 141 -7.59 -3.66 3.99
CA LEU A 141 -8.03 -4.52 2.90
C LEU A 141 -7.12 -5.73 2.77
N LYS A 142 -6.15 -5.84 3.66
CA LYS A 142 -5.20 -6.96 3.64
C LYS A 142 -5.94 -8.29 3.55
N GLY A 143 -5.59 -9.09 2.54
CA GLY A 143 -6.23 -10.38 2.36
C GLY A 143 -6.69 -10.60 0.93
N LYS A 144 -7.03 -9.51 0.24
CA LYS A 144 -7.49 -9.59 -1.14
C LYS A 144 -6.48 -8.96 -2.08
N ILE A 145 -5.29 -9.56 -2.16
CA ILE A 145 -4.23 -9.05 -3.02
C ILE A 145 -3.38 -10.18 -3.57
N GLY A 1 -19.59 -24.14 27.90
CA GLY A 1 -19.72 -23.52 26.58
C GLY A 1 -21.12 -23.02 26.30
N MET A 2 -21.81 -23.70 25.40
CA MET A 2 -23.18 -23.31 25.03
C MET A 2 -23.22 -21.86 24.58
N ALA A 3 -22.18 -21.42 23.87
CA ALA A 3 -22.12 -20.06 23.37
C ALA A 3 -23.22 -19.79 22.36
N GLY A 4 -23.22 -18.57 21.79
CA GLY A 4 -24.23 -18.21 20.82
C GLY A 4 -23.63 -17.66 19.55
N TYR A 5 -23.94 -18.30 18.43
CA TYR A 5 -23.42 -17.87 17.13
C TYR A 5 -23.67 -16.39 16.91
N ASN A 6 -22.75 -15.74 16.18
CA ASN A 6 -22.87 -14.32 15.90
C ASN A 6 -22.91 -14.07 14.39
N LEU A 7 -22.79 -12.80 14.00
CA LEU A 7 -22.81 -12.43 12.60
C LEU A 7 -21.69 -13.13 11.83
N GLY A 8 -21.54 -12.77 10.57
CA GLY A 8 -20.50 -13.38 9.74
C GLY A 8 -20.99 -13.71 8.35
N THR A 9 -22.27 -14.08 8.24
CA THR A 9 -22.86 -14.42 6.95
C THR A 9 -23.15 -13.18 6.13
N GLU A 10 -22.35 -12.95 5.08
CA GLU A 10 -22.52 -11.80 4.21
C GLU A 10 -22.63 -10.51 5.03
N TRP A 11 -21.74 -10.37 6.02
CA TRP A 11 -21.73 -9.18 6.87
C TRP A 11 -20.35 -8.54 6.89
N ILE A 12 -19.32 -9.38 6.90
CA ILE A 12 -17.94 -8.88 6.92
C ILE A 12 -17.67 -8.07 8.19
N SER A 13 -18.30 -8.47 9.28
CA SER A 13 -18.12 -7.78 10.55
C SER A 13 -16.86 -8.26 11.26
N LEU A 14 -16.47 -9.50 10.98
CA LEU A 14 -15.28 -10.09 11.59
C LEU A 14 -14.15 -10.18 10.58
N ARG A 15 -13.84 -9.07 9.93
CA ARG A 15 -12.77 -9.03 8.95
C ARG A 15 -11.54 -9.76 9.44
N SER A 16 -11.29 -10.95 8.89
CA SER A 16 -10.14 -11.76 9.28
C SER A 16 -8.83 -11.04 8.95
N LYS A 17 -8.90 -10.09 8.02
CA LYS A 17 -7.73 -9.34 7.61
C LYS A 17 -6.76 -10.22 6.83
N LEU A 18 -7.30 -11.20 6.12
CA LEU A 18 -6.48 -12.11 5.33
C LEU A 18 -7.34 -13.17 4.65
N GLU A 19 -7.10 -13.38 3.35
CA GLU A 19 -7.86 -14.37 2.58
C GLU A 19 -9.33 -13.95 2.48
N MET A 20 -9.61 -12.70 2.80
CA MET A 20 -10.97 -12.18 2.74
C MET A 20 -11.22 -11.47 1.41
N SER A 21 -12.17 -11.99 0.63
CA SER A 21 -12.50 -11.42 -0.67
C SER A 21 -13.14 -10.03 -0.50
N ASP A 22 -12.30 -9.01 -0.41
CA ASP A 22 -12.78 -7.64 -0.25
C ASP A 22 -12.81 -6.92 -1.60
N PRO A 23 -13.62 -5.85 -1.67
CA PRO A 23 -13.77 -5.06 -2.90
C PRO A 23 -12.52 -4.25 -3.21
N VAL A 24 -11.75 -4.71 -4.20
CA VAL A 24 -10.53 -4.02 -4.60
C VAL A 24 -10.84 -2.71 -5.31
N MET A 25 -9.85 -1.83 -5.38
CA MET A 25 -10.01 -0.54 -6.04
C MET A 25 -10.82 0.41 -5.16
N GLU A 26 -11.17 -0.05 -3.97
CA GLU A 26 -11.94 0.76 -3.03
C GLU A 26 -11.02 1.64 -2.17
N ALA A 27 -9.85 1.11 -1.85
CA ALA A 27 -8.88 1.84 -1.04
C ALA A 27 -8.65 3.24 -1.59
N TYR A 28 -8.67 3.37 -2.91
CA TYR A 28 -8.47 4.65 -3.56
C TYR A 28 -9.35 5.73 -2.95
N THR A 29 -10.66 5.46 -2.91
CA THR A 29 -11.62 6.40 -2.35
C THR A 29 -11.51 6.44 -0.83
N GLN A 30 -11.18 5.31 -0.23
CA GLN A 30 -11.06 5.21 1.21
C GLN A 30 -10.08 6.25 1.75
N ALA A 31 -9.03 6.52 0.98
CA ALA A 31 -8.02 7.49 1.36
C ALA A 31 -8.25 8.83 0.65
N TYR A 32 -8.55 8.76 -0.64
CA TYR A 32 -8.79 9.96 -1.43
C TYR A 32 -9.85 10.84 -0.79
N GLU A 33 -10.83 10.19 -0.16
CA GLU A 33 -11.92 10.92 0.50
C GLU A 33 -11.37 12.00 1.43
N ALA A 34 -10.42 11.63 2.27
CA ALA A 34 -9.81 12.57 3.20
C ALA A 34 -8.61 13.27 2.57
N SER A 35 -8.04 12.64 1.55
CA SER A 35 -6.87 13.21 0.87
C SER A 35 -7.31 14.04 -0.33
N ASN A 36 -8.53 14.56 -0.28
CA ASN A 36 -9.07 15.38 -1.36
C ASN A 36 -8.10 16.51 -1.71
N GLN A 37 -7.26 16.88 -0.75
CA GLN A 37 -6.30 17.95 -0.97
C GLN A 37 -5.04 17.43 -1.66
N MET A 38 -4.68 16.19 -1.36
CA MET A 38 -3.50 15.57 -1.96
C MET A 38 -3.77 14.11 -2.31
N VAL A 39 -4.19 13.86 -3.55
CA VAL A 39 -4.48 12.52 -4.01
C VAL A 39 -3.20 11.67 -4.09
N GLN A 40 -3.28 10.46 -3.56
CA GLN A 40 -2.13 9.56 -3.57
C GLN A 40 -2.48 8.23 -4.24
N ALA A 41 -1.62 7.76 -5.13
CA ALA A 41 -1.83 6.50 -5.82
C ALA A 41 -1.73 5.32 -4.87
N PHE A 42 -2.38 4.21 -5.23
CA PHE A 42 -2.37 3.02 -4.41
C PHE A 42 -2.07 1.78 -5.25
N GLY A 43 -0.86 1.24 -5.10
CA GLY A 43 -0.48 0.06 -5.86
C GLY A 43 -0.07 -1.10 -4.97
N VAL A 44 -0.75 -2.23 -5.14
CA VAL A 44 -0.45 -3.42 -4.34
C VAL A 44 0.72 -4.20 -4.92
N ILE A 45 1.52 -4.80 -4.05
CA ILE A 45 2.67 -5.59 -4.48
C ILE A 45 2.69 -6.95 -3.81
N LYS A 46 2.60 -8.00 -4.61
CA LYS A 46 2.61 -9.37 -4.09
C LYS A 46 4.02 -9.96 -4.16
N ALA A 47 4.45 -10.55 -3.05
CA ALA A 47 5.78 -11.16 -2.98
C ALA A 47 6.01 -12.09 -4.16
N ASP A 48 4.93 -12.60 -4.75
CA ASP A 48 5.01 -13.50 -5.88
C ASP A 48 5.70 -12.82 -7.06
N GLY A 49 5.80 -11.50 -7.01
CA GLY A 49 6.43 -10.75 -8.07
C GLY A 49 5.44 -10.06 -8.98
N SER A 50 4.15 -10.21 -8.66
CA SER A 50 3.09 -9.60 -9.45
C SER A 50 2.39 -8.50 -8.66
N VAL A 51 1.79 -7.56 -9.37
CA VAL A 51 1.07 -6.46 -8.72
C VAL A 51 -0.38 -6.39 -9.20
N LEU A 52 -1.29 -6.17 -8.26
CA LEU A 52 -2.71 -6.08 -8.58
C LEU A 52 -3.29 -4.73 -8.17
N TRP A 53 -3.08 -3.74 -9.03
CA TRP A 53 -3.59 -2.39 -8.75
C TRP A 53 -4.01 -1.70 -10.05
N GLN A 54 -4.74 -0.60 -9.91
CA GLN A 54 -5.21 0.16 -11.07
C GLN A 54 -5.22 1.65 -10.77
N SER A 55 -4.03 2.23 -10.60
CA SER A 55 -3.91 3.65 -10.30
C SER A 55 -3.59 4.44 -11.57
N ASN A 56 -2.88 3.80 -12.49
CA ASN A 56 -2.50 4.44 -13.75
C ASN A 56 -1.69 5.70 -13.49
N ASN A 57 -1.04 5.75 -12.34
CA ASN A 57 -0.23 6.91 -11.97
C ASN A 57 1.26 6.56 -12.03
N TRP A 58 1.61 5.37 -11.56
CA TRP A 58 3.00 4.92 -11.56
C TRP A 58 3.10 3.47 -12.02
N ASP A 59 3.96 3.21 -12.99
CA ASP A 59 4.15 1.88 -13.52
C ASP A 59 4.71 0.94 -12.45
N LEU A 60 3.81 0.27 -11.74
CA LEU A 60 4.21 -0.66 -10.68
C LEU A 60 4.34 -2.07 -11.22
N SER A 61 3.63 -2.36 -12.30
CA SER A 61 3.68 -3.68 -12.92
C SER A 61 4.88 -3.82 -13.84
N ALA A 62 5.34 -2.68 -14.37
CA ALA A 62 6.48 -2.67 -15.27
C ALA A 62 7.62 -3.53 -14.73
N ASP A 63 7.90 -3.38 -13.45
CA ASP A 63 8.96 -4.15 -12.80
C ASP A 63 8.53 -4.64 -11.43
N ALA A 64 7.30 -5.16 -11.36
CA ALA A 64 6.76 -5.67 -10.10
C ALA A 64 7.79 -6.53 -9.38
N GLN A 65 8.61 -7.24 -10.14
CA GLN A 65 9.64 -8.10 -9.57
C GLN A 65 10.65 -7.28 -8.78
N GLN A 66 11.10 -6.19 -9.37
CA GLN A 66 12.08 -5.31 -8.72
C GLN A 66 11.41 -4.43 -7.68
N LEU A 67 10.18 -4.02 -7.96
CA LEU A 67 9.44 -3.16 -7.05
C LEU A 67 9.49 -3.71 -5.62
N ILE A 68 9.52 -5.03 -5.50
CA ILE A 68 9.58 -5.68 -4.19
C ILE A 68 11.02 -5.90 -3.76
N SER A 69 11.93 -5.98 -4.72
CA SER A 69 13.34 -6.20 -4.43
C SER A 69 13.90 -5.05 -3.59
N ALA A 70 13.39 -3.84 -3.84
CA ALA A 70 13.84 -2.66 -3.11
C ALA A 70 13.74 -2.88 -1.61
N VAL A 71 12.84 -3.76 -1.20
CA VAL A 71 12.65 -4.06 0.21
C VAL A 71 13.08 -5.48 0.55
N ASN A 72 12.87 -6.39 -0.39
CA ASN A 72 13.25 -7.79 -0.21
C ASN A 72 14.65 -7.90 0.36
N ASN A 73 15.53 -7.00 -0.06
CA ASN A 73 16.92 -6.99 0.41
C ASN A 73 17.32 -5.60 0.89
N GLN A 74 16.36 -4.87 1.47
CA GLN A 74 16.63 -3.53 1.96
C GLN A 74 17.51 -2.74 0.99
N SER A 75 17.10 -2.73 -0.27
CA SER A 75 17.85 -2.02 -1.30
C SER A 75 17.66 -0.51 -1.18
N ALA A 76 16.41 -0.08 -1.23
CA ALA A 76 16.09 1.34 -1.12
C ALA A 76 16.60 2.11 -2.32
N SER A 77 15.92 1.95 -3.46
CA SER A 77 16.32 2.63 -4.69
C SER A 77 15.61 2.03 -5.89
N VAL A 78 14.48 2.60 -6.27
CA VAL A 78 13.71 2.12 -7.40
C VAL A 78 13.04 3.27 -8.14
N LYS A 79 13.00 3.17 -9.47
CA LYS A 79 12.39 4.20 -10.29
C LYS A 79 11.14 3.67 -11.00
N GLN A 80 10.01 4.36 -10.80
CA GLN A 80 8.76 3.95 -11.41
C GLN A 80 8.12 5.12 -12.16
N ASN A 81 8.01 4.98 -13.47
CA ASN A 81 7.41 6.02 -14.30
C ASN A 81 8.29 7.26 -14.32
N ASP A 82 9.59 7.07 -14.53
CA ASP A 82 10.53 8.18 -14.58
C ASP A 82 10.59 8.89 -13.23
N VAL A 83 10.32 8.16 -12.16
CA VAL A 83 10.35 8.73 -10.82
C VAL A 83 11.16 7.85 -9.87
N LYS A 84 12.35 8.32 -9.52
CA LYS A 84 13.22 7.58 -8.61
C LYS A 84 12.92 7.93 -7.15
N TYR A 85 12.59 6.93 -6.36
CA TYR A 85 12.28 7.13 -4.95
C TYR A 85 13.01 6.12 -4.08
N SER A 86 13.88 6.62 -3.20
CA SER A 86 14.64 5.76 -2.32
C SER A 86 14.23 5.98 -0.86
N THR A 87 14.41 4.94 -0.04
CA THR A 87 14.05 5.01 1.37
C THR A 87 15.29 5.07 2.25
N ILE A 88 15.45 6.16 2.97
CA ILE A 88 16.60 6.33 3.86
C ILE A 88 16.33 5.72 5.23
N ARG A 89 15.71 4.54 5.23
CA ARG A 89 15.39 3.86 6.48
C ARG A 89 14.82 2.47 6.20
N THR A 90 15.69 1.48 6.08
CA THR A 90 15.26 0.11 5.81
C THR A 90 14.99 -0.65 7.10
N SER A 91 13.72 -0.70 7.49
CA SER A 91 13.33 -1.39 8.71
C SER A 91 12.55 -2.66 8.39
N PRO A 92 12.58 -3.62 9.34
CA PRO A 92 11.88 -4.90 9.18
C PRO A 92 10.36 -4.76 9.22
N GLU A 93 9.90 -3.52 9.35
CA GLU A 93 8.47 -3.24 9.41
C GLU A 93 8.00 -2.53 8.15
N SER A 94 8.74 -1.50 7.74
CA SER A 94 8.40 -0.73 6.55
C SER A 94 9.59 0.12 6.10
N LEU A 95 9.43 0.75 4.94
CA LEU A 95 10.49 1.61 4.40
C LEU A 95 9.92 2.92 3.90
N VAL A 96 10.40 4.03 4.46
CA VAL A 96 9.95 5.36 4.06
C VAL A 96 10.79 5.92 2.92
N ALA A 97 10.19 6.01 1.74
CA ALA A 97 10.87 6.52 0.56
C ALA A 97 10.66 8.02 0.42
N ARG A 98 11.71 8.74 0.03
CA ARG A 98 11.63 10.18 -0.15
C ARG A 98 12.64 10.65 -1.19
N ASN A 99 12.20 11.57 -2.06
CA ASN A 99 13.07 12.09 -3.11
C ASN A 99 13.94 13.23 -2.57
N VAL A 100 15.15 13.34 -3.12
CA VAL A 100 16.08 14.39 -2.68
C VAL A 100 15.43 15.76 -2.73
N GLN A 101 14.63 16.00 -3.77
CA GLN A 101 13.95 17.28 -3.93
C GLN A 101 12.53 17.21 -3.36
N GLY A 102 11.78 16.20 -3.76
CA GLY A 102 10.42 16.03 -3.28
C GLY A 102 9.45 15.67 -4.38
N ASN A 103 9.92 14.87 -5.34
CA ASN A 103 9.09 14.45 -6.46
C ASN A 103 8.88 12.93 -6.43
N GLY A 104 7.84 12.49 -5.73
CA GLY A 104 7.55 11.07 -5.64
C GLY A 104 7.64 10.55 -4.22
N THR A 105 6.57 10.75 -3.46
CA THR A 105 6.53 10.29 -2.07
C THR A 105 5.85 8.94 -1.95
N LEU A 106 6.64 7.89 -1.79
CA LEU A 106 6.11 6.53 -1.67
C LEU A 106 6.27 6.02 -0.24
N ILE A 107 5.20 5.44 0.30
CA ILE A 107 5.22 4.90 1.65
C ILE A 107 4.95 3.40 1.65
N LEU A 108 5.87 2.64 2.21
CA LEU A 108 5.73 1.18 2.27
C LEU A 108 4.99 0.76 3.54
N ALA A 109 4.19 -0.29 3.43
CA ALA A 109 3.42 -0.79 4.57
C ALA A 109 3.26 -2.30 4.49
N ARG A 110 3.79 -3.00 5.49
CA ARG A 110 3.69 -4.47 5.54
C ARG A 110 2.42 -4.91 6.24
N ILE A 111 1.32 -4.95 5.51
CA ILE A 111 0.04 -5.37 6.07
C ILE A 111 0.10 -6.80 6.58
N GLU A 112 0.96 -7.60 5.97
CA GLU A 112 1.11 -9.00 6.36
C GLU A 112 2.49 -9.52 5.96
N ASP A 113 2.65 -10.84 6.04
CA ASP A 113 3.92 -11.47 5.70
C ASP A 113 4.29 -11.20 4.24
N ASP A 114 3.65 -11.94 3.33
CA ASP A 114 3.92 -11.77 1.91
C ASP A 114 2.93 -10.79 1.28
N LYS A 115 2.36 -9.92 2.11
CA LYS A 115 1.39 -8.93 1.64
C LYS A 115 1.69 -7.55 2.22
N TRP A 116 1.91 -6.58 1.35
CA TRP A 116 2.21 -5.22 1.77
C TRP A 116 1.64 -4.20 0.80
N VAL A 117 1.00 -3.17 1.32
CA VAL A 117 0.40 -2.13 0.50
C VAL A 117 1.24 -0.85 0.54
N VAL A 118 1.31 -0.16 -0.60
CA VAL A 118 2.07 1.08 -0.68
C VAL A 118 1.32 2.13 -1.49
N ALA A 119 1.45 3.39 -1.07
CA ALA A 119 0.77 4.49 -1.75
C ALA A 119 1.78 5.56 -2.18
N TRP A 120 1.35 6.43 -3.09
CA TRP A 120 2.21 7.50 -3.58
C TRP A 120 1.52 8.85 -3.46
N ALA A 121 1.93 9.63 -2.47
CA ALA A 121 1.36 10.95 -2.24
C ALA A 121 2.07 12.02 -3.08
N SER A 122 1.30 12.96 -3.62
CA SER A 122 1.85 14.02 -4.44
C SER A 122 2.93 14.78 -3.67
N ALA A 123 3.78 15.48 -4.42
CA ALA A 123 4.86 16.25 -3.82
C ALA A 123 4.33 17.21 -2.76
N ASP A 124 3.17 17.81 -3.04
CA ASP A 124 2.55 18.75 -2.10
C ASP A 124 2.04 18.02 -0.87
N ALA A 125 1.76 16.73 -1.02
CA ALA A 125 1.27 15.92 0.09
C ALA A 125 2.33 15.73 1.16
N ALA A 126 1.93 15.80 2.42
CA ALA A 126 2.85 15.62 3.53
C ALA A 126 2.99 14.15 3.92
N PRO A 127 4.06 13.83 4.65
CA PRO A 127 4.34 12.46 5.09
C PRO A 127 3.35 11.98 6.15
N ASP A 128 3.16 12.79 7.18
CA ASP A 128 2.24 12.46 8.26
C ASP A 128 0.79 12.57 7.79
N SER A 129 0.59 13.25 6.67
CA SER A 129 -0.75 13.44 6.12
C SER A 129 -1.16 12.24 5.26
N VAL A 130 -0.17 11.63 4.61
CA VAL A 130 -0.43 10.48 3.76
C VAL A 130 -0.18 9.17 4.51
N TYR A 131 0.77 9.20 5.44
CA TYR A 131 1.11 8.01 6.22
C TYR A 131 -0.08 7.56 7.06
N VAL A 132 -0.99 8.50 7.34
CA VAL A 132 -2.19 8.20 8.12
C VAL A 132 -3.29 7.64 7.25
N ASP A 133 -3.36 8.12 6.01
CA ASP A 133 -4.39 7.67 5.07
C ASP A 133 -4.06 6.27 4.54
N ILE A 134 -2.81 6.06 4.16
CA ILE A 134 -2.36 4.77 3.64
C ILE A 134 -2.78 3.64 4.58
N ASP A 135 -2.72 3.90 5.88
CA ASP A 135 -3.09 2.91 6.88
C ASP A 135 -4.50 2.42 6.67
N ARG A 136 -5.37 3.32 6.21
CA ARG A 136 -6.77 2.98 5.97
C ARG A 136 -6.92 2.10 4.73
N ALA A 137 -6.03 2.32 3.76
CA ALA A 137 -6.05 1.54 2.52
C ALA A 137 -4.90 0.55 2.48
N ALA A 138 -4.43 0.14 3.65
CA ALA A 138 -3.33 -0.82 3.75
C ALA A 138 -3.69 -1.99 4.64
N LYS A 139 -3.66 -1.77 5.95
CA LYS A 139 -3.99 -2.81 6.93
C LYS A 139 -5.50 -2.89 7.13
N ALA A 140 -6.26 -2.60 6.09
CA ALA A 140 -7.72 -2.64 6.16
C ALA A 140 -8.29 -3.58 5.10
N LEU A 141 -7.58 -3.70 3.98
CA LEU A 141 -8.02 -4.56 2.89
C LEU A 141 -7.11 -5.77 2.76
N LYS A 142 -6.13 -5.88 3.64
CA LYS A 142 -5.20 -6.99 3.62
C LYS A 142 -5.93 -8.32 3.52
N GLY A 143 -5.57 -9.12 2.52
CA GLY A 143 -6.21 -10.41 2.34
C GLY A 143 -6.67 -10.62 0.90
N LYS A 144 -7.01 -9.54 0.23
CA LYS A 144 -7.48 -9.62 -1.15
C LYS A 144 -6.46 -8.99 -2.10
N ILE A 145 -5.27 -9.57 -2.17
CA ILE A 145 -4.22 -9.07 -3.05
C ILE A 145 -3.37 -10.21 -3.59
N GLY A 1 -19.33 -23.92 27.97
CA GLY A 1 -19.46 -23.34 26.66
C GLY A 1 -20.87 -22.85 26.38
N MET A 2 -21.57 -23.54 25.48
CA MET A 2 -22.93 -23.17 25.13
C MET A 2 -22.99 -21.73 24.64
N ALA A 3 -21.97 -21.30 23.92
CA ALA A 3 -21.91 -19.95 23.39
C ALA A 3 -23.03 -19.70 22.39
N GLY A 4 -23.06 -18.49 21.82
CA GLY A 4 -24.08 -18.15 20.84
C GLY A 4 -23.50 -17.61 19.56
N TYR A 5 -23.81 -18.26 18.45
CA TYR A 5 -23.31 -17.84 17.15
C TYR A 5 -23.58 -16.34 16.92
N ASN A 6 -22.69 -15.70 16.18
CA ASN A 6 -22.82 -14.28 15.89
C ASN A 6 -22.87 -14.04 14.39
N LEU A 7 -22.77 -12.77 13.99
CA LEU A 7 -22.81 -12.41 12.58
C LEU A 7 -21.69 -13.11 11.80
N GLY A 8 -21.55 -12.75 10.53
CA GLY A 8 -20.52 -13.35 9.71
C GLY A 8 -21.01 -13.69 8.31
N THR A 9 -22.29 -14.05 8.21
CA THR A 9 -22.88 -14.41 6.93
C THR A 9 -23.18 -13.16 6.10
N GLU A 10 -22.38 -12.95 5.06
CA GLU A 10 -22.56 -11.79 4.18
C GLU A 10 -22.66 -10.51 5.00
N TRP A 11 -21.78 -10.35 5.98
CA TRP A 11 -21.77 -9.17 6.83
C TRP A 11 -20.39 -8.53 6.85
N ILE A 12 -19.35 -9.36 6.86
CA ILE A 12 -17.98 -8.86 6.88
C ILE A 12 -17.70 -8.05 8.14
N SER A 13 -18.33 -8.44 9.24
CA SER A 13 -18.15 -7.75 10.51
C SER A 13 -16.90 -8.23 11.22
N LEU A 14 -16.50 -9.47 10.94
CA LEU A 14 -15.32 -10.05 11.56
C LEU A 14 -14.18 -10.16 10.55
N ARG A 15 -13.87 -9.05 9.89
CA ARG A 15 -12.80 -9.01 8.90
C ARG A 15 -11.57 -9.74 9.41
N SER A 16 -11.33 -10.93 8.85
CA SER A 16 -10.17 -11.74 9.25
C SER A 16 -8.86 -11.02 8.92
N LYS A 17 -8.94 -10.08 7.99
CA LYS A 17 -7.77 -9.33 7.58
C LYS A 17 -6.79 -10.21 6.81
N LEU A 18 -7.33 -11.20 6.09
CA LEU A 18 -6.50 -12.11 5.32
C LEU A 18 -7.37 -13.17 4.63
N GLU A 19 -7.12 -13.38 3.34
CA GLU A 19 -7.88 -14.37 2.57
C GLU A 19 -9.34 -13.94 2.45
N MET A 20 -9.62 -12.69 2.78
CA MET A 20 -10.99 -12.17 2.70
C MET A 20 -11.23 -11.47 1.38
N SER A 21 -12.18 -11.99 0.60
CA SER A 21 -12.50 -11.41 -0.70
C SER A 21 -13.14 -10.04 -0.54
N ASP A 22 -12.30 -9.00 -0.44
CA ASP A 22 -12.79 -7.64 -0.29
C ASP A 22 -12.81 -6.91 -1.63
N PRO A 23 -13.63 -5.86 -1.71
CA PRO A 23 -13.77 -5.05 -2.93
C PRO A 23 -12.51 -4.24 -3.25
N VAL A 24 -11.75 -4.70 -4.23
CA VAL A 24 -10.53 -4.03 -4.62
C VAL A 24 -10.83 -2.71 -5.33
N MET A 25 -9.84 -1.84 -5.40
CA MET A 25 -10.00 -0.54 -6.06
C MET A 25 -10.81 0.41 -5.18
N GLU A 26 -11.16 -0.04 -3.98
CA GLU A 26 -11.94 0.77 -3.05
C GLU A 26 -11.02 1.64 -2.19
N ALA A 27 -9.85 1.11 -1.87
CA ALA A 27 -8.89 1.84 -1.05
C ALA A 27 -8.65 3.24 -1.61
N TYR A 28 -8.68 3.37 -2.92
CA TYR A 28 -8.47 4.65 -3.58
C TYR A 28 -9.36 5.73 -2.96
N THR A 29 -10.66 5.46 -2.93
CA THR A 29 -11.62 6.41 -2.37
C THR A 29 -11.53 6.45 -0.84
N GLN A 30 -11.20 5.31 -0.25
CA GLN A 30 -11.06 5.22 1.20
C GLN A 30 -10.08 6.26 1.73
N ALA A 31 -9.04 6.52 0.96
CA ALA A 31 -8.03 7.50 1.35
C ALA A 31 -8.25 8.83 0.64
N TYR A 32 -8.55 8.77 -0.65
CA TYR A 32 -8.78 9.97 -1.44
C TYR A 32 -9.85 10.84 -0.80
N GLU A 33 -10.83 10.20 -0.18
CA GLU A 33 -11.92 10.92 0.48
C GLU A 33 -11.37 12.00 1.41
N ALA A 34 -10.42 11.63 2.25
CA ALA A 34 -9.82 12.57 3.19
C ALA A 34 -8.62 13.27 2.56
N SER A 35 -8.04 12.65 1.55
CA SER A 35 -6.88 13.21 0.86
C SER A 35 -7.31 14.04 -0.34
N ASN A 36 -8.53 14.57 -0.29
CA ASN A 36 -9.07 15.38 -1.37
C ASN A 36 -8.10 16.52 -1.71
N GLN A 37 -7.26 16.88 -0.75
CA GLN A 37 -6.29 17.96 -0.96
C GLN A 37 -5.04 17.43 -1.66
N MET A 38 -4.68 16.18 -1.36
CA MET A 38 -3.50 15.57 -1.96
C MET A 38 -3.77 14.11 -2.31
N VAL A 39 -4.18 13.87 -3.54
CA VAL A 39 -4.47 12.52 -4.00
C VAL A 39 -3.21 11.68 -4.08
N GLN A 40 -3.28 10.46 -3.56
CA GLN A 40 -2.13 9.55 -3.57
C GLN A 40 -2.49 8.23 -4.24
N ALA A 41 -1.61 7.77 -5.12
CA ALA A 41 -1.83 6.50 -5.82
C ALA A 41 -1.73 5.32 -4.87
N PHE A 42 -2.38 4.21 -5.23
CA PHE A 42 -2.37 3.02 -4.41
C PHE A 42 -2.06 1.78 -5.26
N GLY A 43 -0.86 1.24 -5.10
CA GLY A 43 -0.48 0.06 -5.86
C GLY A 43 -0.07 -1.10 -4.97
N VAL A 44 -0.75 -2.23 -5.14
CA VAL A 44 -0.45 -3.42 -4.34
C VAL A 44 0.72 -4.20 -4.92
N ILE A 45 1.51 -4.81 -4.06
CA ILE A 45 2.67 -5.59 -4.48
C ILE A 45 2.68 -6.96 -3.81
N LYS A 46 2.60 -8.01 -4.62
CA LYS A 46 2.61 -9.37 -4.09
C LYS A 46 4.01 -9.97 -4.16
N ALA A 47 4.45 -10.56 -3.05
CA ALA A 47 5.77 -11.16 -2.98
C ALA A 47 6.01 -12.09 -4.17
N ASP A 48 4.92 -12.59 -4.74
CA ASP A 48 5.01 -13.49 -5.89
C ASP A 48 5.71 -12.82 -7.07
N GLY A 49 5.80 -11.49 -7.01
CA GLY A 49 6.43 -10.75 -8.07
C GLY A 49 5.44 -10.06 -8.98
N SER A 50 4.15 -10.21 -8.67
CA SER A 50 3.09 -9.60 -9.46
C SER A 50 2.38 -8.51 -8.67
N VAL A 51 1.79 -7.56 -9.37
CA VAL A 51 1.08 -6.46 -8.73
C VAL A 51 -0.37 -6.39 -9.21
N LEU A 52 -1.29 -6.17 -8.28
CA LEU A 52 -2.70 -6.08 -8.60
C LEU A 52 -3.28 -4.74 -8.19
N TRP A 53 -3.08 -3.73 -9.04
CA TRP A 53 -3.59 -2.39 -8.77
C TRP A 53 -4.00 -1.70 -10.05
N GLN A 54 -4.75 -0.59 -9.92
CA GLN A 54 -5.21 0.16 -11.07
C GLN A 54 -5.22 1.65 -10.77
N SER A 55 -4.03 2.23 -10.60
CA SER A 55 -3.91 3.65 -10.30
C SER A 55 -3.58 4.45 -11.56
N ASN A 56 -2.89 3.80 -12.49
CA ASN A 56 -2.50 4.44 -13.74
C ASN A 56 -1.69 5.71 -13.48
N ASN A 57 -1.04 5.76 -12.32
CA ASN A 57 -0.22 6.90 -11.95
C ASN A 57 1.26 6.57 -12.02
N TRP A 58 1.60 5.37 -11.55
CA TRP A 58 3.00 4.92 -11.54
C TRP A 58 3.09 3.47 -12.01
N ASP A 59 3.97 3.22 -12.98
CA ASP A 59 4.16 1.89 -13.51
C ASP A 59 4.72 0.95 -12.44
N LEU A 60 3.81 0.27 -11.73
CA LEU A 60 4.21 -0.66 -10.68
C LEU A 60 4.35 -2.07 -11.22
N SER A 61 3.64 -2.35 -12.30
CA SER A 61 3.69 -3.68 -12.92
C SER A 61 4.89 -3.80 -13.84
N ALA A 62 5.34 -2.67 -14.37
CA ALA A 62 6.50 -2.65 -15.27
C ALA A 62 7.63 -3.52 -14.73
N ASP A 63 7.92 -3.37 -13.44
CA ASP A 63 8.97 -4.13 -12.79
C ASP A 63 8.53 -4.64 -11.42
N ALA A 64 7.31 -5.15 -11.36
CA ALA A 64 6.76 -5.67 -10.10
C ALA A 64 7.79 -6.53 -9.38
N GLN A 65 8.62 -7.24 -10.15
CA GLN A 65 9.64 -8.11 -9.58
C GLN A 65 10.66 -7.29 -8.79
N GLN A 66 11.10 -6.18 -9.37
CA GLN A 66 12.08 -5.32 -8.71
C GLN A 66 11.41 -4.42 -7.67
N LEU A 67 10.18 -4.02 -7.95
CA LEU A 67 9.43 -3.16 -7.04
C LEU A 67 9.48 -3.71 -5.62
N ILE A 68 9.52 -5.03 -5.50
CA ILE A 68 9.57 -5.68 -4.20
C ILE A 68 11.02 -5.91 -3.75
N SER A 69 11.93 -5.99 -4.72
CA SER A 69 13.34 -6.21 -4.42
C SER A 69 13.90 -5.06 -3.59
N ALA A 70 13.39 -3.85 -3.83
CA ALA A 70 13.85 -2.67 -3.10
C ALA A 70 13.74 -2.89 -1.60
N VAL A 71 12.83 -3.77 -1.19
CA VAL A 71 12.63 -4.06 0.22
C VAL A 71 13.06 -5.49 0.56
N ASN A 72 12.85 -6.40 -0.38
CA ASN A 72 13.22 -7.80 -0.20
C ASN A 72 14.63 -7.91 0.37
N ASN A 73 15.51 -7.01 -0.05
CA ASN A 73 16.89 -7.00 0.41
C ASN A 73 17.30 -5.62 0.90
N GLN A 74 16.35 -4.90 1.47
CA GLN A 74 16.61 -3.55 1.98
C GLN A 74 17.49 -2.77 1.00
N SER A 75 17.09 -2.74 -0.27
CA SER A 75 17.84 -2.04 -1.29
C SER A 75 17.66 -0.53 -1.17
N ALA A 76 16.40 -0.09 -1.21
CA ALA A 76 16.08 1.33 -1.11
C ALA A 76 16.60 2.11 -2.31
N SER A 77 15.92 1.94 -3.44
CA SER A 77 16.31 2.62 -4.68
C SER A 77 15.61 2.01 -5.88
N VAL A 78 14.47 2.60 -6.25
CA VAL A 78 13.70 2.11 -7.39
C VAL A 78 13.03 3.26 -8.13
N LYS A 79 13.00 3.17 -9.45
CA LYS A 79 12.39 4.21 -10.28
C LYS A 79 11.14 3.67 -10.98
N GLN A 80 10.02 4.35 -10.79
CA GLN A 80 8.77 3.95 -11.41
C GLN A 80 8.12 5.12 -12.15
N ASN A 81 8.01 4.99 -13.47
CA ASN A 81 7.42 6.04 -14.30
C ASN A 81 8.30 7.27 -14.31
N ASP A 82 9.60 7.08 -14.52
CA ASP A 82 10.54 8.18 -14.57
C ASP A 82 10.60 8.90 -13.22
N VAL A 83 10.33 8.16 -12.14
CA VAL A 83 10.37 8.73 -10.80
C VAL A 83 11.16 7.85 -9.85
N LYS A 84 12.35 8.32 -9.50
CA LYS A 84 13.24 7.58 -8.59
C LYS A 84 12.93 7.93 -7.14
N TYR A 85 12.59 6.92 -6.35
CA TYR A 85 12.28 7.13 -4.94
C TYR A 85 13.01 6.11 -4.07
N SER A 86 13.88 6.61 -3.20
CA SER A 86 14.65 5.76 -2.30
C SER A 86 14.23 5.96 -0.85
N THR A 87 14.41 4.93 -0.03
CA THR A 87 14.05 5.00 1.37
C THR A 87 15.29 5.05 2.26
N ILE A 88 15.45 6.14 2.98
CA ILE A 88 16.60 6.32 3.87
C ILE A 88 16.33 5.70 5.24
N ARG A 89 15.70 4.53 5.24
CA ARG A 89 15.38 3.84 6.49
C ARG A 89 14.80 2.45 6.21
N THR A 90 15.68 1.46 6.08
CA THR A 90 15.25 0.10 5.81
C THR A 90 14.98 -0.66 7.11
N SER A 91 13.71 -0.71 7.50
CA SER A 91 13.31 -1.40 8.72
C SER A 91 12.54 -2.68 8.40
N PRO A 92 12.57 -3.64 9.34
CA PRO A 92 11.87 -4.92 9.18
C PRO A 92 10.36 -4.76 9.23
N GLU A 93 9.89 -3.53 9.36
CA GLU A 93 8.46 -3.25 9.41
C GLU A 93 7.99 -2.54 8.15
N SER A 94 8.73 -1.51 7.75
CA SER A 94 8.39 -0.74 6.56
C SER A 94 9.57 0.11 6.10
N LEU A 95 9.43 0.74 4.95
CA LEU A 95 10.48 1.59 4.40
C LEU A 95 9.91 2.91 3.91
N VAL A 96 10.41 4.01 4.46
CA VAL A 96 9.94 5.34 4.07
C VAL A 96 10.79 5.90 2.92
N ALA A 97 10.18 6.00 1.74
CA ALA A 97 10.87 6.52 0.57
C ALA A 97 10.65 8.01 0.43
N ARG A 98 11.71 8.73 0.03
CA ARG A 98 11.63 10.17 -0.14
C ARG A 98 12.64 10.64 -1.18
N ASN A 99 12.20 11.55 -2.05
CA ASN A 99 13.07 12.09 -3.09
C ASN A 99 13.95 13.22 -2.55
N VAL A 100 15.15 13.33 -3.10
CA VAL A 100 16.09 14.37 -2.67
C VAL A 100 15.44 15.75 -2.71
N GLN A 101 14.63 15.98 -3.74
CA GLN A 101 13.95 17.27 -3.91
C GLN A 101 12.53 17.20 -3.34
N GLY A 102 11.77 16.19 -3.75
CA GLY A 102 10.42 16.03 -3.27
C GLY A 102 9.45 15.66 -4.37
N ASN A 103 9.92 14.87 -5.32
CA ASN A 103 9.09 14.44 -6.44
C ASN A 103 8.88 12.93 -6.42
N GLY A 104 7.84 12.49 -5.72
CA GLY A 104 7.56 11.07 -5.63
C GLY A 104 7.64 10.55 -4.21
N THR A 105 6.57 10.75 -3.44
CA THR A 105 6.53 10.30 -2.06
C THR A 105 5.84 8.93 -1.94
N LEU A 106 6.64 7.88 -1.79
CA LEU A 106 6.10 6.53 -1.66
C LEU A 106 6.27 6.02 -0.24
N ILE A 107 5.20 5.44 0.30
CA ILE A 107 5.23 4.89 1.65
C ILE A 107 4.95 3.40 1.65
N LEU A 108 5.87 2.63 2.21
CA LEU A 108 5.72 1.18 2.28
C LEU A 108 4.98 0.76 3.54
N ALA A 109 4.18 -0.30 3.44
CA ALA A 109 3.42 -0.80 4.57
C ALA A 109 3.25 -2.31 4.50
N ARG A 110 3.77 -3.01 5.50
CA ARG A 110 3.69 -4.47 5.53
C ARG A 110 2.41 -4.92 6.25
N ILE A 111 1.31 -4.96 5.51
CA ILE A 111 0.03 -5.37 6.07
C ILE A 111 0.08 -6.81 6.58
N GLU A 112 0.95 -7.61 5.97
CA GLU A 112 1.10 -9.01 6.35
C GLU A 112 2.47 -9.54 5.97
N ASP A 113 2.64 -10.85 6.04
CA ASP A 113 3.91 -11.49 5.70
C ASP A 113 4.28 -11.21 4.25
N ASP A 114 3.64 -11.94 3.33
CA ASP A 114 3.90 -11.78 1.90
C ASP A 114 2.90 -10.80 1.28
N LYS A 115 2.34 -9.93 2.11
CA LYS A 115 1.37 -8.94 1.64
C LYS A 115 1.69 -7.57 2.22
N TRP A 116 1.90 -6.60 1.35
CA TRP A 116 2.20 -5.23 1.77
C TRP A 116 1.63 -4.22 0.79
N VAL A 117 0.99 -3.18 1.32
CA VAL A 117 0.40 -2.14 0.49
C VAL A 117 1.23 -0.86 0.54
N VAL A 118 1.30 -0.16 -0.59
CA VAL A 118 2.07 1.07 -0.69
C VAL A 118 1.31 2.13 -1.48
N ALA A 119 1.44 3.39 -1.06
CA ALA A 119 0.77 4.49 -1.75
C ALA A 119 1.77 5.56 -2.17
N TRP A 120 1.34 6.43 -3.08
CA TRP A 120 2.20 7.49 -3.57
C TRP A 120 1.51 8.84 -3.45
N ALA A 121 1.92 9.63 -2.47
CA ALA A 121 1.35 10.95 -2.23
C ALA A 121 2.06 12.01 -3.07
N SER A 122 1.29 12.95 -3.61
CA SER A 122 1.86 14.02 -4.43
C SER A 122 2.93 14.78 -3.67
N ALA A 123 3.79 15.48 -4.41
CA ALA A 123 4.86 16.26 -3.81
C ALA A 123 4.33 17.22 -2.75
N ASP A 124 3.17 17.80 -3.03
CA ASP A 124 2.55 18.74 -2.10
C ASP A 124 2.03 18.02 -0.86
N ALA A 125 1.77 16.72 -1.01
CA ALA A 125 1.26 15.91 0.10
C ALA A 125 2.34 15.72 1.17
N ALA A 126 1.93 15.79 2.43
CA ALA A 126 2.86 15.62 3.54
C ALA A 126 3.00 14.14 3.92
N PRO A 127 4.08 13.82 4.66
CA PRO A 127 4.34 12.45 5.10
C PRO A 127 3.35 11.98 6.16
N ASP A 128 3.17 12.79 7.19
CA ASP A 128 2.24 12.45 8.27
C ASP A 128 0.79 12.57 7.81
N SER A 129 0.59 13.25 6.68
CA SER A 129 -0.74 13.43 6.13
C SER A 129 -1.15 12.24 5.27
N VAL A 130 -0.17 11.63 4.63
CA VAL A 130 -0.42 10.47 3.77
C VAL A 130 -0.18 9.16 4.52
N TYR A 131 0.77 9.19 5.44
CA TYR A 131 1.10 8.00 6.23
C TYR A 131 -0.09 7.56 7.07
N VAL A 132 -1.00 8.50 7.34
CA VAL A 132 -2.18 8.19 8.12
C VAL A 132 -3.30 7.65 7.25
N ASP A 133 -3.36 8.12 6.01
CA ASP A 133 -4.39 7.67 5.07
C ASP A 133 -4.06 6.27 4.54
N ILE A 134 -2.81 6.06 4.17
CA ILE A 134 -2.37 4.77 3.65
C ILE A 134 -2.79 3.64 4.59
N ASP A 135 -2.72 3.89 5.89
CA ASP A 135 -3.09 2.90 6.89
C ASP A 135 -4.52 2.41 6.67
N ARG A 136 -5.39 3.32 6.21
CA ARG A 136 -6.79 2.98 5.97
C ARG A 136 -6.92 2.10 4.73
N ALA A 137 -6.04 2.32 3.75
CA ALA A 137 -6.06 1.54 2.52
C ALA A 137 -4.90 0.55 2.48
N ALA A 138 -4.44 0.13 3.65
CA ALA A 138 -3.33 -0.82 3.75
C ALA A 138 -3.70 -2.00 4.64
N LYS A 139 -3.68 -1.77 5.95
CA LYS A 139 -4.00 -2.82 6.91
C LYS A 139 -5.51 -2.89 7.13
N ALA A 140 -6.28 -2.60 6.09
CA ALA A 140 -7.72 -2.65 6.16
C ALA A 140 -8.30 -3.58 5.09
N LEU A 141 -7.59 -3.70 3.97
CA LEU A 141 -8.03 -4.55 2.88
C LEU A 141 -7.13 -5.77 2.74
N LYS A 142 -6.14 -5.87 3.63
CA LYS A 142 -5.20 -6.99 3.62
C LYS A 142 -5.94 -8.33 3.51
N GLY A 143 -5.58 -9.12 2.51
CA GLY A 143 -6.22 -10.41 2.32
C GLY A 143 -6.68 -10.63 0.90
N LYS A 144 -7.02 -9.54 0.21
CA LYS A 144 -7.48 -9.61 -1.17
C LYS A 144 -6.46 -8.98 -2.12
N ILE A 145 -5.27 -9.57 -2.19
CA ILE A 145 -4.22 -9.07 -3.05
C ILE A 145 -3.36 -10.21 -3.60
N GLY A 1 -20.19 -23.65 28.25
CA GLY A 1 -20.27 -23.08 26.91
C GLY A 1 -21.66 -22.55 26.60
N MET A 2 -22.35 -23.23 25.68
CA MET A 2 -23.69 -22.83 25.28
C MET A 2 -23.69 -21.39 24.79
N ALA A 3 -22.64 -21.01 24.07
CA ALA A 3 -22.51 -19.66 23.53
C ALA A 3 -23.60 -19.39 22.49
N GLY A 4 -23.57 -18.19 21.91
CA GLY A 4 -24.56 -17.82 20.92
C GLY A 4 -23.92 -17.32 19.63
N TYR A 5 -24.24 -17.98 18.52
CA TYR A 5 -23.69 -17.60 17.22
C TYR A 5 -23.89 -16.11 16.96
N ASN A 6 -22.95 -15.50 16.24
CA ASN A 6 -23.02 -14.09 15.93
C ASN A 6 -23.03 -13.87 14.42
N LEU A 7 -22.86 -12.61 14.00
CA LEU A 7 -22.85 -12.27 12.59
C LEU A 7 -21.74 -13.02 11.86
N GLY A 8 -21.56 -12.69 10.57
CA GLY A 8 -20.53 -13.35 9.79
C GLY A 8 -21.02 -13.71 8.40
N THR A 9 -22.30 -14.04 8.29
CA THR A 9 -22.89 -14.42 7.00
C THR A 9 -23.17 -13.18 6.15
N GLU A 10 -22.37 -13.00 5.11
CA GLU A 10 -22.52 -11.87 4.22
C GLU A 10 -22.62 -10.56 5.00
N TRP A 11 -21.73 -10.39 5.98
CA TRP A 11 -21.71 -9.21 6.80
C TRP A 11 -20.33 -8.57 6.82
N ILE A 12 -19.29 -9.41 6.84
CA ILE A 12 -17.92 -8.93 6.85
C ILE A 12 -17.64 -8.09 8.10
N SER A 13 -18.26 -8.47 9.21
CA SER A 13 -18.08 -7.76 10.46
C SER A 13 -16.82 -8.23 11.18
N LEU A 14 -16.44 -9.48 10.92
CA LEU A 14 -15.26 -10.06 11.54
C LEU A 14 -14.12 -10.18 10.52
N ARG A 15 -13.81 -9.08 9.86
CA ARG A 15 -12.74 -9.06 8.87
C ARG A 15 -11.51 -9.79 9.38
N SER A 16 -11.26 -10.98 8.84
CA SER A 16 -10.12 -11.78 9.25
C SER A 16 -8.80 -11.07 8.92
N LYS A 17 -8.87 -10.13 7.99
CA LYS A 17 -7.70 -9.36 7.57
C LYS A 17 -6.72 -10.25 6.81
N LEU A 18 -7.25 -11.24 6.10
CA LEU A 18 -6.43 -12.16 5.33
C LEU A 18 -7.29 -13.23 4.64
N GLU A 19 -7.04 -13.44 3.35
CA GLU A 19 -7.78 -14.43 2.59
C GLU A 19 -9.25 -14.03 2.48
N MET A 20 -9.54 -12.77 2.79
CA MET A 20 -10.91 -12.26 2.71
C MET A 20 -11.16 -11.56 1.38
N SER A 21 -12.10 -12.09 0.62
CA SER A 21 -12.42 -11.52 -0.69
C SER A 21 -13.08 -10.14 -0.53
N ASP A 22 -12.24 -9.11 -0.44
CA ASP A 22 -12.74 -7.74 -0.29
C ASP A 22 -12.77 -7.02 -1.62
N PRO A 23 -13.58 -5.97 -1.71
CA PRO A 23 -13.73 -5.16 -2.94
C PRO A 23 -12.47 -4.35 -3.24
N VAL A 24 -11.71 -4.80 -4.22
CA VAL A 24 -10.49 -4.11 -4.61
C VAL A 24 -10.80 -2.80 -5.32
N MET A 25 -9.80 -1.91 -5.38
CA MET A 25 -9.97 -0.61 -6.03
C MET A 25 -10.79 0.33 -5.15
N GLU A 26 -11.14 -0.14 -3.96
CA GLU A 26 -11.93 0.67 -3.03
C GLU A 26 -11.02 1.54 -2.17
N ALA A 27 -9.84 1.02 -1.85
CA ALA A 27 -8.89 1.75 -1.03
C ALA A 27 -8.67 3.16 -1.57
N TYR A 28 -8.68 3.28 -2.89
CA TYR A 28 -8.48 4.58 -3.54
C TYR A 28 -9.37 5.64 -2.92
N THR A 29 -10.67 5.37 -2.89
CA THR A 29 -11.64 6.31 -2.32
C THR A 29 -11.54 6.34 -0.80
N GLN A 30 -11.20 5.21 -0.21
CA GLN A 30 -11.08 5.11 1.24
C GLN A 30 -10.10 6.16 1.77
N ALA A 31 -9.05 6.42 1.00
CA ALA A 31 -8.04 7.40 1.40
C ALA A 31 -8.27 8.73 0.70
N TYR A 32 -8.57 8.68 -0.60
CA TYR A 32 -8.82 9.89 -1.38
C TYR A 32 -9.89 10.75 -0.74
N GLU A 33 -10.87 10.09 -0.10
CA GLU A 33 -11.96 10.81 0.56
C GLU A 33 -11.41 11.90 1.48
N ALA A 34 -10.45 11.52 2.32
CA ALA A 34 -9.85 12.46 3.26
C ALA A 34 -8.66 13.17 2.63
N SER A 35 -8.07 12.55 1.61
CA SER A 35 -6.92 13.13 0.93
C SER A 35 -7.36 13.97 -0.27
N ASN A 36 -8.59 14.48 -0.21
CA ASN A 36 -9.13 15.30 -1.29
C ASN A 36 -8.18 16.43 -1.64
N GLN A 37 -7.33 16.80 -0.68
CA GLN A 37 -6.37 17.89 -0.89
C GLN A 37 -5.12 17.37 -1.58
N MET A 38 -4.75 16.13 -1.28
CA MET A 38 -3.57 15.52 -1.89
C MET A 38 -3.82 14.06 -2.24
N VAL A 39 -4.24 13.83 -3.49
CA VAL A 39 -4.52 12.48 -3.95
C VAL A 39 -3.25 11.64 -4.04
N GLN A 40 -3.31 10.42 -3.51
CA GLN A 40 -2.16 9.53 -3.53
C GLN A 40 -2.51 8.19 -4.20
N ALA A 41 -1.63 7.74 -5.08
CA ALA A 41 -1.85 6.49 -5.80
C ALA A 41 -1.74 5.30 -4.84
N PHE A 42 -2.39 4.20 -5.21
CA PHE A 42 -2.38 2.99 -4.39
C PHE A 42 -2.06 1.76 -5.24
N GLY A 43 -0.87 1.22 -5.09
CA GLY A 43 -0.46 0.05 -5.85
C GLY A 43 -0.06 -1.10 -4.97
N VAL A 44 -0.72 -2.25 -5.14
CA VAL A 44 -0.42 -3.43 -4.35
C VAL A 44 0.75 -4.21 -4.94
N ILE A 45 1.55 -4.82 -4.07
CA ILE A 45 2.71 -5.59 -4.50
C ILE A 45 2.74 -6.96 -3.83
N LYS A 46 2.66 -8.01 -4.64
CA LYS A 46 2.68 -9.37 -4.12
C LYS A 46 4.08 -9.95 -4.20
N ALA A 47 4.53 -10.55 -3.10
CA ALA A 47 5.86 -11.15 -3.04
C ALA A 47 6.09 -12.08 -4.22
N ASP A 48 5.00 -12.58 -4.79
CA ASP A 48 5.10 -13.48 -5.94
C ASP A 48 5.78 -12.79 -7.12
N GLY A 49 5.86 -11.47 -7.06
CA GLY A 49 6.50 -10.72 -8.12
C GLY A 49 5.50 -10.02 -9.02
N SER A 50 4.22 -10.19 -8.71
CA SER A 50 3.15 -9.58 -9.50
C SER A 50 2.44 -8.49 -8.69
N VAL A 51 1.84 -7.54 -9.40
CA VAL A 51 1.12 -6.45 -8.76
C VAL A 51 -0.33 -6.39 -9.23
N LEU A 52 -1.25 -6.18 -8.29
CA LEU A 52 -2.67 -6.10 -8.60
C LEU A 52 -3.25 -4.75 -8.19
N TRP A 53 -3.06 -3.75 -9.04
CA TRP A 53 -3.56 -2.42 -8.76
C TRP A 53 -3.99 -1.71 -10.05
N GLN A 54 -4.73 -0.62 -9.90
CA GLN A 54 -5.20 0.14 -11.05
C GLN A 54 -5.23 1.64 -10.75
N SER A 55 -4.04 2.21 -10.57
CA SER A 55 -3.92 3.63 -10.26
C SER A 55 -3.61 4.43 -11.53
N ASN A 56 -2.91 3.80 -12.47
CA ASN A 56 -2.55 4.45 -13.72
C ASN A 56 -1.74 5.71 -13.46
N ASN A 57 -1.07 5.76 -12.32
CA ASN A 57 -0.26 6.92 -11.94
C ASN A 57 1.22 6.58 -12.01
N TRP A 58 1.58 5.38 -11.55
CA TRP A 58 2.96 4.94 -11.56
C TRP A 58 3.07 3.50 -12.02
N ASP A 59 3.94 3.25 -13.00
CA ASP A 59 4.14 1.90 -13.53
C ASP A 59 4.70 0.98 -12.45
N LEU A 60 3.80 0.30 -11.75
CA LEU A 60 4.21 -0.63 -10.70
C LEU A 60 4.35 -2.04 -11.24
N SER A 61 3.64 -2.34 -12.32
CA SER A 61 3.69 -3.65 -12.94
C SER A 61 4.90 -3.77 -13.87
N ALA A 62 5.35 -2.63 -14.39
CA ALA A 62 6.49 -2.61 -15.29
C ALA A 62 7.63 -3.46 -14.76
N ASP A 63 7.92 -3.33 -13.47
CA ASP A 63 8.98 -4.09 -12.83
C ASP A 63 8.55 -4.59 -11.46
N ALA A 64 7.34 -5.11 -11.39
CA ALA A 64 6.79 -5.65 -10.14
C ALA A 64 7.82 -6.50 -9.42
N GLN A 65 8.66 -7.19 -10.19
CA GLN A 65 9.69 -8.05 -9.62
C GLN A 65 10.71 -7.23 -8.83
N GLN A 66 11.15 -6.13 -9.41
CA GLN A 66 12.12 -5.25 -8.76
C GLN A 66 11.45 -4.37 -7.72
N LEU A 67 10.21 -3.97 -8.00
CA LEU A 67 9.46 -3.12 -7.07
C LEU A 67 9.51 -3.68 -5.65
N ILE A 68 9.56 -4.99 -5.54
CA ILE A 68 9.62 -5.65 -4.24
C ILE A 68 11.07 -5.87 -3.80
N SER A 69 11.97 -5.93 -4.77
CA SER A 69 13.38 -6.15 -4.48
C SER A 69 13.94 -5.00 -3.64
N ALA A 70 13.43 -3.80 -3.89
CA ALA A 70 13.88 -2.62 -3.15
C ALA A 70 13.78 -2.84 -1.65
N VAL A 71 12.87 -3.73 -1.24
CA VAL A 71 12.68 -4.03 0.18
C VAL A 71 13.14 -5.45 0.50
N ASN A 72 12.93 -6.36 -0.45
CA ASN A 72 13.31 -7.75 -0.26
C ASN A 72 14.72 -7.86 0.30
N ASN A 73 15.59 -6.95 -0.12
CA ASN A 73 16.98 -6.94 0.34
C ASN A 73 17.38 -5.55 0.83
N GLN A 74 16.42 -4.83 1.41
CA GLN A 74 16.68 -3.49 1.91
C GLN A 74 17.55 -2.70 0.94
N SER A 75 17.14 -2.68 -0.33
CA SER A 75 17.89 -1.96 -1.35
C SER A 75 17.68 -0.45 -1.22
N ALA A 76 16.43 -0.03 -1.26
CA ALA A 76 16.10 1.39 -1.13
C ALA A 76 16.61 2.17 -2.35
N SER A 77 15.93 2.01 -3.48
CA SER A 77 16.31 2.70 -4.71
C SER A 77 15.61 2.09 -5.92
N VAL A 78 14.47 2.66 -6.28
CA VAL A 78 13.70 2.18 -7.42
C VAL A 78 13.02 3.33 -8.15
N LYS A 79 12.98 3.24 -9.48
CA LYS A 79 12.36 4.27 -10.30
C LYS A 79 11.12 3.73 -11.01
N GLN A 80 9.99 4.41 -10.80
CA GLN A 80 8.74 4.00 -11.41
C GLN A 80 8.08 5.15 -12.15
N ASN A 81 7.96 5.03 -13.47
CA ASN A 81 7.36 6.08 -14.29
C ASN A 81 8.23 7.32 -14.30
N ASP A 82 9.53 7.14 -14.51
CA ASP A 82 10.47 8.25 -14.56
C ASP A 82 10.53 8.96 -13.21
N VAL A 83 10.27 8.22 -12.15
CA VAL A 83 10.30 8.78 -10.80
C VAL A 83 11.11 7.91 -9.86
N LYS A 84 12.31 8.38 -9.50
CA LYS A 84 13.19 7.66 -8.60
C LYS A 84 12.88 7.99 -7.15
N TYR A 85 12.56 6.98 -6.36
CA TYR A 85 12.25 7.18 -4.95
C TYR A 85 12.99 6.16 -4.07
N SER A 86 13.86 6.67 -3.21
CA SER A 86 14.65 5.81 -2.32
C SER A 86 14.23 6.01 -0.87
N THR A 87 14.42 4.97 -0.05
CA THR A 87 14.06 5.04 1.36
C THR A 87 15.30 5.10 2.23
N ILE A 88 15.46 6.20 2.97
CA ILE A 88 16.61 6.36 3.85
C ILE A 88 16.34 5.75 5.22
N ARG A 89 15.73 4.57 5.23
CA ARG A 89 15.42 3.87 6.46
C ARG A 89 14.84 2.49 6.18
N THR A 90 15.72 1.50 6.05
CA THR A 90 15.31 0.13 5.77
C THR A 90 15.04 -0.63 7.07
N SER A 91 13.77 -0.69 7.45
CA SER A 91 13.38 -1.39 8.68
C SER A 91 12.61 -2.67 8.36
N PRO A 92 12.64 -3.62 9.29
CA PRO A 92 11.95 -4.91 9.13
C PRO A 92 10.43 -4.77 9.18
N GLU A 93 9.96 -3.54 9.33
CA GLU A 93 8.54 -3.27 9.38
C GLU A 93 8.06 -2.55 8.12
N SER A 94 8.80 -1.52 7.72
CA SER A 94 8.45 -0.75 6.53
C SER A 94 9.63 0.12 6.09
N LEU A 95 9.47 0.75 4.93
CA LEU A 95 10.52 1.61 4.39
C LEU A 95 9.94 2.93 3.89
N VAL A 96 10.42 4.04 4.45
CA VAL A 96 9.96 5.36 4.07
C VAL A 96 10.80 5.92 2.92
N ALA A 97 10.19 6.02 1.74
CA ALA A 97 10.87 6.54 0.57
C ALA A 97 10.64 8.05 0.43
N ARG A 98 11.69 8.76 0.03
CA ARG A 98 11.60 10.20 -0.14
C ARG A 98 12.61 10.69 -1.18
N ASN A 99 12.17 11.60 -2.04
CA ASN A 99 13.02 12.14 -3.09
C ASN A 99 13.90 13.27 -2.54
N VAL A 100 15.10 13.41 -3.09
CA VAL A 100 16.03 14.45 -2.66
C VAL A 100 15.36 15.82 -2.70
N GLN A 101 14.56 16.05 -3.73
CA GLN A 101 13.87 17.33 -3.89
C GLN A 101 12.46 17.26 -3.31
N GLY A 102 11.71 16.23 -3.72
CA GLY A 102 10.35 16.07 -3.23
C GLY A 102 9.38 15.69 -4.33
N ASN A 103 9.85 14.90 -5.30
CA ASN A 103 9.01 14.48 -6.41
C ASN A 103 8.83 12.96 -6.39
N GLY A 104 7.79 12.51 -5.69
CA GLY A 104 7.51 11.10 -5.61
C GLY A 104 7.60 10.57 -4.19
N THR A 105 6.54 10.76 -3.42
CA THR A 105 6.50 10.30 -2.03
C THR A 105 5.82 8.94 -1.92
N LEU A 106 6.62 7.89 -1.77
CA LEU A 106 6.10 6.54 -1.65
C LEU A 106 6.26 6.01 -0.23
N ILE A 107 5.20 5.43 0.31
CA ILE A 107 5.23 4.88 1.66
C ILE A 107 4.96 3.38 1.65
N LEU A 108 5.89 2.62 2.22
CA LEU A 108 5.75 1.17 2.27
C LEU A 108 5.02 0.74 3.54
N ALA A 109 4.22 -0.32 3.43
CA ALA A 109 3.47 -0.83 4.56
C ALA A 109 3.30 -2.34 4.48
N ARG A 110 3.84 -3.05 5.48
CA ARG A 110 3.76 -4.50 5.51
C ARG A 110 2.48 -4.95 6.22
N ILE A 111 1.39 -5.01 5.49
CA ILE A 111 0.11 -5.42 6.05
C ILE A 111 0.17 -6.86 6.55
N GLU A 112 1.03 -7.66 5.93
CA GLU A 112 1.20 -9.05 6.31
C GLU A 112 2.58 -9.57 5.92
N ASP A 113 2.75 -10.89 6.00
CA ASP A 113 4.02 -11.51 5.64
C ASP A 113 4.38 -11.24 4.19
N ASP A 114 3.75 -11.96 3.27
CA ASP A 114 4.00 -11.79 1.85
C ASP A 114 3.00 -10.82 1.23
N LYS A 115 2.43 -9.95 2.07
CA LYS A 115 1.46 -8.98 1.60
C LYS A 115 1.75 -7.59 2.19
N TRP A 116 1.97 -6.61 1.31
CA TRP A 116 2.26 -5.25 1.75
C TRP A 116 1.68 -4.23 0.78
N VAL A 117 1.04 -3.21 1.31
CA VAL A 117 0.43 -2.16 0.49
C VAL A 117 1.26 -0.88 0.54
N VAL A 118 1.33 -0.19 -0.59
CA VAL A 118 2.08 1.06 -0.68
C VAL A 118 1.32 2.11 -1.48
N ALA A 119 1.45 3.36 -1.05
CA ALA A 119 0.78 4.47 -1.72
C ALA A 119 1.76 5.54 -2.15
N TRP A 120 1.33 6.41 -3.06
CA TRP A 120 2.18 7.49 -3.55
C TRP A 120 1.49 8.84 -3.42
N ALA A 121 1.90 9.62 -2.42
CA ALA A 121 1.32 10.94 -2.20
C ALA A 121 2.02 12.00 -3.03
N SER A 122 1.24 12.94 -3.56
CA SER A 122 1.80 14.01 -4.38
C SER A 122 2.87 14.77 -3.62
N ALA A 123 3.72 15.48 -4.36
CA ALA A 123 4.80 16.27 -3.75
C ALA A 123 4.26 17.21 -2.69
N ASP A 124 3.09 17.80 -2.96
CA ASP A 124 2.47 18.73 -2.03
C ASP A 124 1.96 18.00 -0.79
N ALA A 125 1.69 16.71 -0.94
CA ALA A 125 1.20 15.89 0.17
C ALA A 125 2.27 15.69 1.23
N ALA A 126 1.88 15.75 2.49
CA ALA A 126 2.80 15.58 3.60
C ALA A 126 2.96 14.12 3.97
N PRO A 127 4.03 13.79 4.70
CA PRO A 127 4.32 12.41 5.14
C PRO A 127 3.33 11.93 6.19
N ASP A 128 3.14 12.74 7.23
CA ASP A 128 2.22 12.39 8.32
C ASP A 128 0.78 12.50 7.85
N SER A 129 0.57 13.19 6.73
CA SER A 129 -0.77 13.37 6.19
C SER A 129 -1.18 12.18 5.33
N VAL A 130 -0.20 11.57 4.68
CA VAL A 130 -0.45 10.42 3.82
C VAL A 130 -0.20 9.11 4.55
N TYR A 131 0.76 9.14 5.48
CA TYR A 131 1.10 7.96 6.26
C TYR A 131 -0.09 7.50 7.10
N VAL A 132 -1.00 8.42 7.38
CA VAL A 132 -2.19 8.11 8.17
C VAL A 132 -3.30 7.56 7.29
N ASP A 133 -3.37 8.04 6.05
CA ASP A 133 -4.39 7.59 5.11
C ASP A 133 -4.06 6.19 4.58
N ILE A 134 -2.80 5.99 4.20
CA ILE A 134 -2.37 4.71 3.68
C ILE A 134 -2.77 3.57 4.60
N ASP A 135 -2.70 3.83 5.90
CA ASP A 135 -3.06 2.82 6.90
C ASP A 135 -4.49 2.33 6.69
N ARG A 136 -5.36 3.24 6.24
CA ARG A 136 -6.75 2.89 6.00
C ARG A 136 -6.89 2.01 4.75
N ALA A 137 -6.02 2.23 3.78
CA ALA A 137 -6.04 1.46 2.54
C ALA A 137 -4.87 0.48 2.50
N ALA A 138 -4.40 0.06 3.67
CA ALA A 138 -3.30 -0.89 3.75
C ALA A 138 -3.64 -2.07 4.64
N LYS A 139 -3.62 -1.84 5.95
CA LYS A 139 -3.94 -2.89 6.91
C LYS A 139 -5.44 -2.99 7.13
N ALA A 140 -6.21 -2.69 6.09
CA ALA A 140 -7.66 -2.75 6.17
C ALA A 140 -8.24 -3.68 5.11
N LEU A 141 -7.53 -3.79 3.99
CA LEU A 141 -7.97 -4.65 2.89
C LEU A 141 -7.05 -5.86 2.75
N LYS A 142 -6.07 -5.96 3.63
CA LYS A 142 -5.12 -7.07 3.61
C LYS A 142 -5.85 -8.41 3.51
N GLY A 143 -5.50 -9.20 2.51
CA GLY A 143 -6.12 -10.48 2.31
C GLY A 143 -6.59 -10.70 0.88
N LYS A 144 -6.94 -9.62 0.21
CA LYS A 144 -7.40 -9.68 -1.17
C LYS A 144 -6.40 -9.04 -2.12
N ILE A 145 -5.20 -9.63 -2.19
CA ILE A 145 -4.15 -9.11 -3.06
C ILE A 145 -3.30 -10.24 -3.62
N GLY A 1 -19.61 -24.24 27.83
CA GLY A 1 -19.70 -23.51 26.58
C GLY A 1 -21.11 -23.01 26.30
N MET A 2 -21.80 -23.68 25.38
CA MET A 2 -23.15 -23.31 25.02
C MET A 2 -23.22 -21.85 24.57
N ALA A 3 -22.18 -21.41 23.86
CA ALA A 3 -22.11 -20.04 23.37
C ALA A 3 -23.22 -19.78 22.35
N GLY A 4 -23.23 -18.56 21.80
CA GLY A 4 -24.23 -18.20 20.82
C GLY A 4 -23.64 -17.65 19.54
N TYR A 5 -23.93 -18.29 18.42
CA TYR A 5 -23.42 -17.87 17.13
C TYR A 5 -23.66 -16.38 16.90
N ASN A 6 -22.76 -15.73 16.18
CA ASN A 6 -22.88 -14.31 15.89
C ASN A 6 -22.91 -14.07 14.38
N LEU A 7 -22.80 -12.80 13.99
CA LEU A 7 -22.81 -12.43 12.58
C LEU A 7 -21.69 -13.13 11.83
N GLY A 8 -21.53 -12.78 10.55
CA GLY A 8 -20.50 -13.38 9.74
C GLY A 8 -20.98 -13.72 8.34
N THR A 9 -22.26 -14.09 8.23
CA THR A 9 -22.84 -14.44 6.94
C THR A 9 -23.14 -13.19 6.11
N GLU A 10 -22.34 -12.97 5.06
CA GLU A 10 -22.52 -11.82 4.20
C GLU A 10 -22.63 -10.53 5.03
N TRP A 11 -21.75 -10.38 6.00
CA TRP A 11 -21.75 -9.20 6.85
C TRP A 11 -20.37 -8.55 6.88
N ILE A 12 -19.33 -9.37 6.89
CA ILE A 12 -17.96 -8.87 6.91
C ILE A 12 -17.69 -8.06 8.17
N SER A 13 -18.32 -8.46 9.27
CA SER A 13 -18.16 -7.77 10.54
C SER A 13 -16.89 -8.25 11.26
N LEU A 14 -16.50 -9.48 10.98
CA LEU A 14 -15.30 -10.06 11.59
C LEU A 14 -14.16 -10.16 10.60
N ARG A 15 -13.86 -9.05 9.94
CA ARG A 15 -12.79 -9.00 8.95
C ARG A 15 -11.56 -9.74 9.46
N SER A 16 -11.30 -10.92 8.91
CA SER A 16 -10.15 -11.72 9.30
C SER A 16 -8.84 -11.01 8.96
N LYS A 17 -8.92 -10.07 8.03
CA LYS A 17 -7.74 -9.30 7.61
C LYS A 17 -6.78 -10.19 6.84
N LEU A 18 -7.31 -11.18 6.13
CA LEU A 18 -6.49 -12.10 5.35
C LEU A 18 -7.35 -13.16 4.66
N GLU A 19 -7.11 -13.37 3.38
CA GLU A 19 -7.85 -14.35 2.61
C GLU A 19 -9.32 -13.94 2.50
N MET A 20 -9.61 -12.69 2.82
CA MET A 20 -10.97 -12.17 2.75
C MET A 20 -11.22 -11.47 1.42
N SER A 21 -12.17 -11.99 0.64
CA SER A 21 -12.50 -11.41 -0.65
C SER A 21 -13.14 -10.04 -0.49
N ASP A 22 -12.30 -9.01 -0.40
CA ASP A 22 -12.78 -7.65 -0.25
C ASP A 22 -12.81 -6.92 -1.60
N PRO A 23 -13.63 -5.86 -1.68
CA PRO A 23 -13.77 -5.07 -2.90
C PRO A 23 -12.52 -4.25 -3.22
N VAL A 24 -11.75 -4.71 -4.20
CA VAL A 24 -10.54 -4.03 -4.60
C VAL A 24 -10.84 -2.71 -5.31
N MET A 25 -9.85 -1.84 -5.39
CA MET A 25 -10.02 -0.54 -6.04
C MET A 25 -10.83 0.40 -5.16
N GLU A 26 -11.18 -0.05 -3.96
CA GLU A 26 -11.95 0.76 -3.03
C GLU A 26 -11.04 1.64 -2.18
N ALA A 27 -9.85 1.11 -1.85
CA ALA A 27 -8.89 1.84 -1.04
C ALA A 27 -8.66 3.24 -1.60
N TYR A 28 -8.68 3.36 -2.92
CA TYR A 28 -8.46 4.64 -3.57
C TYR A 28 -9.35 5.72 -2.96
N THR A 29 -10.65 5.46 -2.92
CA THR A 29 -11.61 6.40 -2.36
C THR A 29 -11.51 6.46 -0.84
N GLN A 30 -11.18 5.31 -0.24
CA GLN A 30 -11.06 5.22 1.21
C GLN A 30 -10.08 6.27 1.73
N ALA A 31 -9.02 6.53 0.97
CA ALA A 31 -8.02 7.50 1.35
C ALA A 31 -8.24 8.84 0.65
N TYR A 32 -8.54 8.77 -0.65
CA TYR A 32 -8.77 9.97 -1.45
C TYR A 32 -9.85 10.84 -0.80
N GLU A 33 -10.82 10.21 -0.16
CA GLU A 33 -11.91 10.92 0.48
C GLU A 33 -11.36 12.01 1.41
N ALA A 34 -10.40 11.64 2.26
CA ALA A 34 -9.80 12.57 3.19
C ALA A 34 -8.61 13.27 2.56
N SER A 35 -8.02 12.65 1.54
CA SER A 35 -6.87 13.21 0.86
C SER A 35 -7.30 14.05 -0.34
N ASN A 36 -8.52 14.57 -0.28
CA ASN A 36 -9.05 15.39 -1.37
C ASN A 36 -8.10 16.52 -1.72
N GLN A 37 -7.25 16.90 -0.76
CA GLN A 37 -6.28 17.96 -0.97
C GLN A 37 -5.03 17.44 -1.66
N MET A 38 -4.67 16.20 -1.36
CA MET A 38 -3.49 15.57 -1.96
C MET A 38 -3.76 14.12 -2.32
N VAL A 39 -4.18 13.88 -3.55
CA VAL A 39 -4.47 12.53 -4.01
C VAL A 39 -3.19 11.68 -4.10
N GLN A 40 -3.27 10.47 -3.56
CA GLN A 40 -2.12 9.56 -3.57
C GLN A 40 -2.48 8.23 -4.24
N ALA A 41 -1.61 7.77 -5.12
CA ALA A 41 -1.83 6.52 -5.82
C ALA A 41 -1.73 5.32 -4.87
N PHE A 42 -2.38 4.23 -5.23
CA PHE A 42 -2.36 3.02 -4.41
C PHE A 42 -2.07 1.79 -5.26
N GLY A 43 -0.86 1.24 -5.10
CA GLY A 43 -0.48 0.07 -5.85
C GLY A 43 -0.08 -1.09 -4.97
N VAL A 44 -0.75 -2.23 -5.13
CA VAL A 44 -0.46 -3.41 -4.34
C VAL A 44 0.71 -4.20 -4.92
N ILE A 45 1.51 -4.80 -4.04
CA ILE A 45 2.66 -5.58 -4.48
C ILE A 45 2.68 -6.95 -3.80
N LYS A 46 2.59 -8.00 -4.60
CA LYS A 46 2.61 -9.37 -4.08
C LYS A 46 4.00 -9.96 -4.14
N ALA A 47 4.45 -10.55 -3.04
CA ALA A 47 5.77 -11.16 -2.97
C ALA A 47 6.01 -12.10 -4.15
N ASP A 48 4.92 -12.59 -4.73
CA ASP A 48 5.01 -13.49 -5.88
C ASP A 48 5.70 -12.81 -7.05
N GLY A 49 5.79 -11.49 -6.99
CA GLY A 49 6.43 -10.74 -8.06
C GLY A 49 5.42 -10.05 -8.96
N SER A 50 4.14 -10.21 -8.65
CA SER A 50 3.08 -9.60 -9.44
C SER A 50 2.37 -8.50 -8.65
N VAL A 51 1.78 -7.55 -9.36
CA VAL A 51 1.06 -6.45 -8.72
C VAL A 51 -0.39 -6.38 -9.20
N LEU A 52 -1.29 -6.16 -8.26
CA LEU A 52 -2.71 -6.08 -8.58
C LEU A 52 -3.29 -4.73 -8.18
N TRP A 53 -3.09 -3.73 -9.03
CA TRP A 53 -3.59 -2.39 -8.75
C TRP A 53 -4.00 -1.68 -10.05
N GLN A 54 -4.74 -0.59 -9.91
CA GLN A 54 -5.20 0.16 -11.06
C GLN A 54 -5.22 1.66 -10.78
N SER A 55 -4.03 2.23 -10.59
CA SER A 55 -3.90 3.65 -10.31
C SER A 55 -3.58 4.45 -11.57
N ASN A 56 -2.88 3.80 -12.49
CA ASN A 56 -2.51 4.43 -13.75
C ASN A 56 -1.68 5.70 -13.50
N ASN A 57 -1.03 5.75 -12.34
CA ASN A 57 -0.21 6.91 -11.98
C ASN A 57 1.27 6.56 -12.03
N TRP A 58 1.61 5.37 -11.57
CA TRP A 58 3.00 4.91 -11.57
C TRP A 58 3.10 3.46 -12.02
N ASP A 59 3.96 3.21 -13.00
CA ASP A 59 4.15 1.86 -13.53
C ASP A 59 4.71 0.94 -12.45
N LEU A 60 3.81 0.26 -11.75
CA LEU A 60 4.20 -0.66 -10.69
C LEU A 60 4.35 -2.08 -11.22
N SER A 61 3.63 -2.37 -12.31
CA SER A 61 3.68 -3.69 -12.92
C SER A 61 4.88 -3.82 -13.85
N ALA A 62 5.34 -2.69 -14.37
CA ALA A 62 6.48 -2.68 -15.27
C ALA A 62 7.62 -3.53 -14.73
N ASP A 63 7.90 -3.39 -13.44
CA ASP A 63 8.97 -4.15 -12.79
C ASP A 63 8.53 -4.64 -11.43
N ALA A 64 7.30 -5.16 -11.36
CA ALA A 64 6.76 -5.67 -10.10
C ALA A 64 7.78 -6.53 -9.37
N GLN A 65 8.61 -7.23 -10.14
CA GLN A 65 9.63 -8.10 -9.56
C GLN A 65 10.65 -7.28 -8.77
N GLN A 66 11.09 -6.18 -9.36
CA GLN A 66 12.07 -5.31 -8.72
C GLN A 66 11.41 -4.42 -7.67
N LEU A 67 10.18 -4.02 -7.95
CA LEU A 67 9.43 -3.15 -7.04
C LEU A 67 9.48 -3.71 -5.62
N ILE A 68 9.51 -5.03 -5.50
CA ILE A 68 9.58 -5.68 -4.19
C ILE A 68 11.01 -5.90 -3.75
N SER A 69 11.92 -5.98 -4.71
CA SER A 69 13.33 -6.20 -4.43
C SER A 69 13.90 -5.05 -3.59
N ALA A 70 13.39 -3.85 -3.83
CA ALA A 70 13.84 -2.66 -3.11
C ALA A 70 13.74 -2.89 -1.60
N VAL A 71 12.83 -3.77 -1.19
CA VAL A 71 12.64 -4.07 0.22
C VAL A 71 13.08 -5.49 0.56
N ASN A 72 12.86 -6.40 -0.39
CA ASN A 72 13.24 -7.79 -0.20
C ASN A 72 14.65 -7.91 0.37
N ASN A 73 15.52 -7.00 -0.06
CA ASN A 73 16.90 -7.00 0.41
C ASN A 73 17.31 -5.61 0.89
N GLN A 74 16.36 -4.88 1.46
CA GLN A 74 16.63 -3.54 1.96
C GLN A 74 17.50 -2.76 0.98
N SER A 75 17.10 -2.75 -0.28
CA SER A 75 17.85 -2.04 -1.32
C SER A 75 17.67 -0.53 -1.18
N ALA A 76 16.41 -0.09 -1.23
CA ALA A 76 16.10 1.33 -1.11
C ALA A 76 16.60 2.11 -2.31
N SER A 77 15.93 1.95 -3.45
CA SER A 77 16.32 2.62 -4.68
C SER A 77 15.61 2.02 -5.89
N VAL A 78 14.48 2.60 -6.25
CA VAL A 78 13.70 2.11 -7.39
C VAL A 78 13.04 3.26 -8.13
N LYS A 79 13.00 3.17 -9.45
CA LYS A 79 12.39 4.19 -10.28
C LYS A 79 11.15 3.67 -10.99
N GLN A 80 10.02 4.35 -10.80
CA GLN A 80 8.77 3.94 -11.41
C GLN A 80 8.12 5.11 -12.15
N ASN A 81 8.00 4.97 -13.47
CA ASN A 81 7.41 6.02 -14.30
C ASN A 81 8.29 7.26 -14.32
N ASP A 82 9.59 7.06 -14.53
CA ASP A 82 10.54 8.17 -14.58
C ASP A 82 10.59 8.89 -13.23
N VAL A 83 10.33 8.15 -12.15
CA VAL A 83 10.35 8.72 -10.81
C VAL A 83 11.17 7.85 -9.86
N LYS A 84 12.36 8.31 -9.51
CA LYS A 84 13.23 7.57 -8.61
C LYS A 84 12.92 7.93 -7.15
N TYR A 85 12.60 6.92 -6.36
CA TYR A 85 12.28 7.12 -4.95
C TYR A 85 13.01 6.11 -4.08
N SER A 86 13.88 6.61 -3.21
CA SER A 86 14.65 5.76 -2.31
C SER A 86 14.24 5.97 -0.86
N THR A 87 14.42 4.93 -0.04
CA THR A 87 14.06 5.01 1.37
C THR A 87 15.31 5.06 2.25
N ILE A 88 15.46 6.16 2.98
CA ILE A 88 16.61 6.33 3.87
C ILE A 88 16.34 5.71 5.24
N ARG A 89 15.71 4.55 5.24
CA ARG A 89 15.41 3.86 6.48
C ARG A 89 14.82 2.47 6.21
N THR A 90 15.70 1.48 6.09
CA THR A 90 15.28 0.11 5.82
C THR A 90 15.00 -0.65 7.11
N SER A 91 13.73 -0.70 7.49
CA SER A 91 13.33 -1.40 8.72
C SER A 91 12.56 -2.67 8.39
N PRO A 92 12.58 -3.62 9.34
CA PRO A 92 11.89 -4.91 9.17
C PRO A 92 10.36 -4.76 9.22
N GLU A 93 9.90 -3.52 9.36
CA GLU A 93 8.47 -3.24 9.42
C GLU A 93 8.01 -2.53 8.15
N SER A 94 8.74 -1.50 7.75
CA SER A 94 8.40 -0.73 6.56
C SER A 94 9.59 0.12 6.10
N LEU A 95 9.44 0.76 4.95
CA LEU A 95 10.49 1.61 4.40
C LEU A 95 9.92 2.93 3.90
N VAL A 96 10.42 4.03 4.46
CA VAL A 96 9.95 5.36 4.06
C VAL A 96 10.80 5.91 2.92
N ALA A 97 10.19 6.00 1.75
CA ALA A 97 10.88 6.52 0.57
C ALA A 97 10.66 8.02 0.42
N ARG A 98 11.72 8.74 0.02
CA ARG A 98 11.64 10.18 -0.16
C ARG A 98 12.64 10.65 -1.19
N ASN A 99 12.21 11.56 -2.06
CA ASN A 99 13.07 12.09 -3.11
C ASN A 99 13.95 13.23 -2.57
N VAL A 100 15.15 13.34 -3.12
CA VAL A 100 16.08 14.38 -2.69
C VAL A 100 15.43 15.76 -2.73
N GLN A 101 14.63 15.99 -3.76
CA GLN A 101 13.94 17.27 -3.92
C GLN A 101 12.53 17.20 -3.35
N GLY A 102 11.77 16.19 -3.76
CA GLY A 102 10.42 16.03 -3.28
C GLY A 102 9.45 15.66 -4.38
N ASN A 103 9.92 14.86 -5.34
CA ASN A 103 9.09 14.44 -6.46
C ASN A 103 8.88 12.93 -6.43
N GLY A 104 7.84 12.49 -5.73
CA GLY A 104 7.56 11.07 -5.64
C GLY A 104 7.64 10.54 -4.22
N THR A 105 6.58 10.75 -3.45
CA THR A 105 6.53 10.29 -2.07
C THR A 105 5.85 8.94 -1.95
N LEU A 106 6.65 7.89 -1.80
CA LEU A 106 6.11 6.53 -1.67
C LEU A 106 6.28 6.02 -0.25
N ILE A 107 5.20 5.45 0.29
CA ILE A 107 5.23 4.91 1.66
C ILE A 107 4.95 3.41 1.65
N LEU A 108 5.88 2.64 2.21
CA LEU A 108 5.73 1.19 2.28
C LEU A 108 4.98 0.78 3.55
N ALA A 109 4.19 -0.29 3.43
CA ALA A 109 3.43 -0.78 4.58
C ALA A 109 3.26 -2.30 4.50
N ARG A 110 3.78 -3.00 5.50
CA ARG A 110 3.69 -4.46 5.53
C ARG A 110 2.42 -4.89 6.25
N ILE A 111 1.32 -4.95 5.51
CA ILE A 111 0.03 -5.35 6.08
C ILE A 111 0.09 -6.79 6.59
N GLU A 112 0.95 -7.59 5.97
CA GLU A 112 1.10 -8.99 6.36
C GLU A 112 2.48 -9.52 5.97
N ASP A 113 2.64 -10.84 6.05
CA ASP A 113 3.91 -11.47 5.71
C ASP A 113 4.28 -11.20 4.25
N ASP A 114 3.64 -11.93 3.34
CA ASP A 114 3.89 -11.77 1.91
C ASP A 114 2.91 -10.79 1.29
N LYS A 115 2.35 -9.91 2.11
CA LYS A 115 1.38 -8.93 1.65
C LYS A 115 1.68 -7.55 2.23
N TRP A 116 1.90 -6.58 1.35
CA TRP A 116 2.20 -5.22 1.77
C TRP A 116 1.64 -4.20 0.80
N VAL A 117 0.99 -3.17 1.33
CA VAL A 117 0.40 -2.13 0.49
C VAL A 117 1.23 -0.84 0.54
N VAL A 118 1.30 -0.16 -0.59
CA VAL A 118 2.07 1.09 -0.69
C VAL A 118 1.32 2.14 -1.48
N ALA A 119 1.45 3.39 -1.07
CA ALA A 119 0.77 4.50 -1.75
C ALA A 119 1.78 5.57 -2.18
N TRP A 120 1.35 6.43 -3.09
CA TRP A 120 2.21 7.50 -3.58
C TRP A 120 1.52 8.86 -3.46
N ALA A 121 1.94 9.64 -2.47
CA ALA A 121 1.36 10.96 -2.25
C ALA A 121 2.07 12.02 -3.08
N SER A 122 1.30 12.95 -3.62
CA SER A 122 1.86 14.03 -4.44
C SER A 122 2.94 14.79 -3.68
N ALA A 123 3.79 15.49 -4.42
CA ALA A 123 4.88 16.26 -3.81
C ALA A 123 4.34 17.22 -2.76
N ASP A 124 3.18 17.82 -3.03
CA ASP A 124 2.56 18.75 -2.10
C ASP A 124 2.04 18.02 -0.87
N ALA A 125 1.77 16.73 -1.02
CA ALA A 125 1.27 15.93 0.10
C ALA A 125 2.34 15.73 1.16
N ALA A 126 1.93 15.80 2.42
CA ALA A 126 2.86 15.63 3.54
C ALA A 126 3.00 14.16 3.92
N PRO A 127 4.07 13.84 4.65
CA PRO A 127 4.34 12.47 5.10
C PRO A 127 3.35 12.00 6.16
N ASP A 128 3.16 12.80 7.19
CA ASP A 128 2.24 12.46 8.27
C ASP A 128 0.79 12.58 7.80
N SER A 129 0.59 13.26 6.68
CA SER A 129 -0.74 13.44 6.13
C SER A 129 -1.15 12.25 5.27
N VAL A 130 -0.16 11.64 4.62
CA VAL A 130 -0.42 10.48 3.76
C VAL A 130 -0.18 9.17 4.51
N TYR A 131 0.78 9.20 5.44
CA TYR A 131 1.11 8.03 6.23
C TYR A 131 -0.08 7.57 7.06
N VAL A 132 -0.99 8.51 7.33
CA VAL A 132 -2.18 8.21 8.12
C VAL A 132 -3.29 7.64 7.25
N ASP A 133 -3.36 8.12 6.01
CA ASP A 133 -4.37 7.68 5.07
C ASP A 133 -4.06 6.28 4.55
N ILE A 134 -2.80 6.07 4.16
CA ILE A 134 -2.37 4.78 3.64
C ILE A 134 -2.77 3.65 4.58
N ASP A 135 -2.72 3.91 5.88
CA ASP A 135 -3.08 2.91 6.88
C ASP A 135 -4.51 2.43 6.67
N ARG A 136 -5.38 3.33 6.21
CA ARG A 136 -6.77 2.99 5.96
C ARG A 136 -6.91 2.11 4.73
N ALA A 137 -6.03 2.33 3.76
CA ALA A 137 -6.05 1.55 2.52
C ALA A 137 -4.90 0.56 2.47
N ALA A 138 -4.44 0.15 3.65
CA ALA A 138 -3.34 -0.81 3.74
C ALA A 138 -3.70 -1.98 4.65
N LYS A 139 -3.68 -1.75 5.95
CA LYS A 139 -4.00 -2.79 6.92
C LYS A 139 -5.51 -2.88 7.14
N ALA A 140 -6.27 -2.57 6.09
CA ALA A 140 -7.72 -2.63 6.17
C ALA A 140 -8.30 -3.55 5.11
N LEU A 141 -7.59 -3.68 3.99
CA LEU A 141 -8.03 -4.54 2.89
C LEU A 141 -7.11 -5.76 2.75
N LYS A 142 -6.14 -5.86 3.65
CA LYS A 142 -5.20 -6.97 3.63
C LYS A 142 -5.94 -8.31 3.53
N GLY A 143 -5.59 -9.10 2.53
CA GLY A 143 -6.22 -10.40 2.34
C GLY A 143 -6.68 -10.62 0.92
N LYS A 144 -7.02 -9.53 0.23
CA LYS A 144 -7.48 -9.60 -1.14
C LYS A 144 -6.47 -8.97 -2.09
N ILE A 145 -5.28 -9.56 -2.16
CA ILE A 145 -4.23 -9.05 -3.04
C ILE A 145 -3.37 -10.18 -3.58
#